data_9E8Z
#
_entry.id   9E8Z
#
_cell.length_a   1.00
_cell.length_b   1.00
_cell.length_c   1.00
_cell.angle_alpha   90.00
_cell.angle_beta   90.00
_cell.angle_gamma   90.00
#
_symmetry.space_group_name_H-M   'P 1'
#
loop_
_entity.id
_entity.type
_entity.pdbx_description
1 polymer 'Retron Ec83 probable ATPase'
2 polymer 'Retron Ec83 putative HNH endonuclease'
3 polymer 'Retron Ec83 reverse transcriptase'
4 polymer 'DNA (79-MER), msDNA'
5 polymer 'RNA (38-MER)'
6 non-polymer "ADENOSINE-5'-DIPHOSPHATE"
7 non-polymer 'ZINC ION'
#
loop_
_entity_poly.entity_id
_entity_poly.type
_entity_poly.pdbx_seq_one_letter_code
_entity_poly.pdbx_strand_id
1 'polypeptide(L)'
;MEQNLPSRITKLIKKSESGDFASSYQLYKVFGSKEYGVEPDEKMSDYFKELSAKQLEGGQLRVADIHLENYKGFESLIMD
FSMKKNSTILVGNNGCGKSTILDAIQKGLTHLSSRLSTRSHNGDGIEKHELRKGQNYASIAINYDYMGIRFPMIIATTEP
GYEDRAKSNYSGINELGSIFKTAHSINPNVSFPLIAMYTVERANDVSTRDIENSEEIKEAQIWDKFKAYNKSLTGKADFK
LFFRWFKELIEIENSDNADITALRAEIRAKEKDLDNPLLKALLAENKNSETTKKLLEDHQNSLKVLKEKLNSYYSVNSKT
LHTVEDAMYSFLPGFSNLKLQRAPLDLIVDKNNVSLSVLQLSQGEKTILALIADIARRLTLLNPNSVNPLDGTGIVLIDE
IDLHLHPSWQQNIIPRLEKTFKNIQFIVTTHSPQVCHTIDSQNIWLLKNGQKFKAPKGVRGAISSWVLENLFEVAQRPPE
DKYTKLLQEYKNLVFSEKYASEDARKLGATLSQHFGPDDETLVELKLEIEKRIWEDDFEKDQ
;
C,A,D,F
2 'polypeptide(L)'
;MILKRINKTAEDQFLINFKAQNPNGTWDEFRNHEQGILYKRLKQHICNDQMYLCAYCEIDLDRENEHEIKVEHFKSKSGS
LPGGSNWHLEWSNLLAVCLGGTNTGDDFELPANLSCDSYKSHYEDKNKINDKDWTGKILLPLTLPDAHNFFTFEKVTGKL
LPNESYCNTISIDGKPAAETLSIVTKTIEVLNLNCSRLNNARRKLLFHFNNCARERNLRKLHNLLLQWNQGEPKFFQTTR
DIIIRDDRICQGLLNGTIRY
;
E,B
3 'polypeptide(L)'
;MSIDIETTLQKAYPDFDVLLKSRPATHYKVYKIPKRTIGYRIIAQPTPRVKAIQRDIIEILKQHTHIHDAATAYVDGKNI
LDNAKIHQSSVYLLKLDLVNFFNKITPELLFKALARQKVDISDTNKNLLKQFCFWNRTKRKNGALVLSVGAPSSPFISNI
VMSSFDEEISSFCKENKISYSRYADDLTFSTNERDVLGLAHQKVKTTLIRFFGTRIIINNNKIVYSSKAHNRHVTGVTLT
NNNKLSLGRERKRYITSLVFKFKEGKLSNVDINHLRGLIGFAYNIEPAFIERLEKKYGESTIKSIKKYSEGG
;
H
4 'polydeoxyribonucleotide'
;(DT)(DT)(DG)(DA)(DA)(DG)(DC)(DC)(DG)(DC)(DG)(DG)(DA)(DA)(DC)(DA)(DA)(DA)(DC)(DT)
(DT)(DT)(DT)(DT)(DG)(DA)(DT)(DC)(DC)(DG)(DC)(DA)(DA)(DC)(DC)(DT)(DA)(DC)(DT)(DG)
(DG)(DA)(DT)(DT)(DG)(DC)(DG)(DG)(DC)(DT)(DC)(DA)(DA)(DA)(DA)(DA)(DG)(DT)(DT)(DT)
(DG)(DT)(DT)(DC)(DC)(DG)(DC)(DA)(DA)(DC)(DT)(DG)(DT)(DA)(DA)(DA)(DT)(DG)(DT)(DA)
(DA)(DT)(DC)
;
I
5 'polyribonucleotide' GUUGGGCGUUGCGCCAAACUCUAAUUUAUUGAUUACAU J
#
# COMPACT_ATOMS: atom_id res chain seq x y z
N GLN A 3 -24.84 -24.43 -46.35
CA GLN A 3 -25.72 -24.03 -45.24
C GLN A 3 -26.04 -22.54 -45.34
N ASN A 4 -25.55 -21.91 -46.41
CA ASN A 4 -25.83 -20.51 -46.73
C ASN A 4 -25.39 -19.59 -45.59
N LEU A 5 -24.08 -19.55 -45.37
CA LEU A 5 -23.51 -18.59 -44.43
C LEU A 5 -23.82 -17.17 -44.91
N PRO A 6 -24.28 -16.29 -44.03
CA PRO A 6 -24.66 -14.94 -44.47
C PRO A 6 -23.49 -14.18 -45.07
N SER A 7 -23.83 -13.26 -45.98
CA SER A 7 -22.80 -12.52 -46.70
C SER A 7 -21.93 -11.69 -45.76
N ARG A 8 -22.54 -11.11 -44.73
CA ARG A 8 -21.75 -10.35 -43.76
C ARG A 8 -20.76 -11.25 -43.02
N ILE A 9 -21.16 -12.49 -42.74
CA ILE A 9 -20.25 -13.44 -42.11
C ILE A 9 -19.07 -13.74 -43.03
N THR A 10 -19.35 -13.92 -44.32
CA THR A 10 -18.28 -14.16 -45.29
C THR A 10 -17.34 -12.97 -45.37
N LYS A 11 -17.90 -11.74 -45.33
CA LYS A 11 -17.06 -10.55 -45.35
C LYS A 11 -16.17 -10.49 -44.11
N LEU A 12 -16.72 -10.82 -42.94
CA LEU A 12 -15.92 -10.83 -41.72
C LEU A 12 -14.82 -11.89 -41.79
N ILE A 13 -15.13 -13.06 -42.36
CA ILE A 13 -14.13 -14.10 -42.50
C ILE A 13 -13.01 -13.65 -43.44
N LYS A 14 -13.38 -12.97 -44.54
CA LYS A 14 -12.37 -12.45 -45.45
C LYS A 14 -11.50 -11.40 -44.76
N LYS A 15 -12.11 -10.53 -43.96
CA LYS A 15 -11.35 -9.53 -43.22
C LYS A 15 -10.40 -10.19 -42.23
N SER A 16 -10.85 -11.24 -41.55
CA SER A 16 -9.98 -11.97 -40.63
C SER A 16 -8.83 -12.64 -41.36
N GLU A 17 -9.11 -13.19 -42.56
CA GLU A 17 -8.05 -13.77 -43.37
C GLU A 17 -7.02 -12.72 -43.77
N SER A 18 -7.49 -11.52 -44.13
CA SER A 18 -6.56 -10.41 -44.36
C SER A 18 -5.84 -10.04 -43.08
N GLY A 19 -6.53 -10.09 -41.94
CA GLY A 19 -5.92 -9.88 -40.65
C GLY A 19 -6.39 -8.62 -39.94
N ASP A 20 -7.35 -8.78 -39.04
CA ASP A 20 -7.87 -7.72 -38.19
C ASP A 20 -8.23 -8.31 -36.83
N PHE A 21 -8.27 -7.46 -35.82
CA PHE A 21 -8.58 -7.93 -34.47
C PHE A 21 -10.06 -7.88 -34.14
N ALA A 22 -10.79 -6.88 -34.65
CA ALA A 22 -12.23 -6.81 -34.43
C ALA A 22 -12.98 -7.79 -35.32
N SER A 23 -12.46 -8.07 -36.52
CA SER A 23 -13.13 -8.97 -37.44
C SER A 23 -13.28 -10.36 -36.85
N SER A 24 -12.32 -10.80 -36.03
CA SER A 24 -12.42 -12.08 -35.35
C SER A 24 -13.07 -11.97 -33.98
N TYR A 25 -13.08 -10.78 -33.37
CA TYR A 25 -13.85 -10.59 -32.14
C TYR A 25 -15.35 -10.78 -32.41
N GLN A 26 -15.86 -10.05 -33.40
CA GLN A 26 -17.24 -10.19 -33.80
C GLN A 26 -17.49 -11.47 -34.57
N LEU A 27 -16.46 -12.32 -34.68
CA LEU A 27 -16.62 -13.67 -35.17
C LEU A 27 -16.63 -14.73 -34.09
N TYR A 28 -15.97 -14.51 -32.95
CA TYR A 28 -16.18 -15.49 -31.88
C TYR A 28 -17.37 -15.13 -31.01
N LYS A 29 -17.90 -13.91 -31.13
CA LYS A 29 -19.20 -13.65 -30.51
C LYS A 29 -20.39 -13.81 -31.46
N VAL A 30 -20.16 -14.09 -32.75
CA VAL A 30 -21.29 -14.45 -33.61
C VAL A 30 -21.51 -15.95 -33.64
N PHE A 31 -20.48 -16.75 -33.37
CA PHE A 31 -20.56 -18.20 -33.40
C PHE A 31 -20.68 -18.80 -32.01
N GLY A 32 -20.82 -17.98 -30.97
CA GLY A 32 -20.94 -18.47 -29.62
C GLY A 32 -22.30 -18.19 -29.02
N SER A 33 -23.23 -17.65 -29.81
CA SER A 33 -24.57 -17.36 -29.34
C SER A 33 -25.55 -17.47 -30.49
N LYS A 34 -26.81 -17.67 -30.15
CA LYS A 34 -27.88 -17.76 -31.13
C LYS A 34 -28.49 -16.41 -31.50
N GLU A 35 -28.09 -15.34 -30.80
CA GLU A 35 -28.74 -14.05 -31.00
C GLU A 35 -28.37 -13.44 -32.35
N TYR A 36 -27.11 -13.56 -32.77
CA TYR A 36 -26.66 -12.85 -33.96
C TYR A 36 -27.21 -13.44 -35.26
N GLY A 37 -27.85 -14.60 -35.21
CA GLY A 37 -28.56 -15.14 -36.35
C GLY A 37 -27.97 -16.39 -36.96
N VAL A 38 -26.81 -16.85 -36.48
CA VAL A 38 -26.17 -18.06 -37.00
C VAL A 38 -26.12 -19.09 -35.88
N GLU A 39 -26.17 -20.36 -36.26
CA GLU A 39 -26.13 -21.43 -35.27
C GLU A 39 -24.82 -21.40 -34.51
N PRO A 40 -24.83 -21.64 -33.19
CA PRO A 40 -23.60 -21.55 -32.39
C PRO A 40 -22.72 -22.78 -32.60
N ASP A 41 -21.51 -22.55 -33.09
CA ASP A 41 -20.48 -23.58 -33.20
C ASP A 41 -19.34 -23.20 -32.26
N GLU A 42 -18.99 -24.11 -31.35
CA GLU A 42 -18.07 -23.76 -30.28
C GLU A 42 -16.61 -23.84 -30.72
N LYS A 43 -16.24 -24.89 -31.45
CA LYS A 43 -14.85 -25.05 -31.87
C LYS A 43 -14.43 -23.94 -32.83
N MET A 44 -15.25 -23.68 -33.84
CA MET A 44 -14.93 -22.68 -34.84
C MET A 44 -15.13 -21.26 -34.33
N SER A 45 -15.74 -21.09 -33.16
CA SER A 45 -15.71 -19.81 -32.46
C SER A 45 -14.45 -19.69 -31.60
N ASP A 46 -14.01 -20.79 -31.00
CA ASP A 46 -12.78 -20.77 -30.22
C ASP A 46 -11.58 -20.47 -31.12
N TYR A 47 -11.58 -21.00 -32.34
CA TYR A 47 -10.51 -20.69 -33.27
C TYR A 47 -10.46 -19.20 -33.58
N PHE A 48 -11.62 -18.59 -33.82
CA PHE A 48 -11.66 -17.16 -34.11
C PHE A 48 -11.23 -16.34 -32.90
N LYS A 49 -11.61 -16.77 -31.70
CA LYS A 49 -11.17 -16.06 -30.49
C LYS A 49 -9.66 -16.12 -30.33
N GLU A 50 -9.07 -17.30 -30.56
CA GLU A 50 -7.62 -17.44 -30.47
C GLU A 50 -6.93 -16.56 -31.50
N LEU A 51 -7.45 -16.55 -32.74
CA LEU A 51 -6.84 -15.72 -33.77
C LEU A 51 -6.96 -14.24 -33.45
N SER A 52 -8.12 -13.81 -32.92
CA SER A 52 -8.30 -12.41 -32.54
C SER A 52 -7.30 -12.01 -31.46
N ALA A 53 -7.11 -12.87 -30.47
CA ALA A 53 -6.15 -12.54 -29.41
C ALA A 53 -4.72 -12.55 -29.94
N LYS A 54 -4.41 -13.47 -30.86
CA LYS A 54 -3.05 -13.53 -31.40
C LYS A 54 -2.72 -12.33 -32.27
N GLN A 55 -3.71 -11.78 -32.97
CA GLN A 55 -3.46 -10.68 -33.88
C GLN A 55 -3.40 -9.31 -33.19
N LEU A 56 -3.60 -9.25 -31.88
CA LEU A 56 -3.56 -7.98 -31.17
C LEU A 56 -2.15 -7.44 -30.95
N GLU A 57 -1.14 -8.31 -31.01
CA GLU A 57 0.22 -7.88 -30.72
C GLU A 57 0.74 -6.96 -31.82
N GLY A 58 1.60 -6.01 -31.43
CA GLY A 58 2.21 -5.08 -32.35
C GLY A 58 1.44 -3.82 -32.61
N GLY A 59 0.28 -3.63 -31.99
CA GLY A 59 -0.54 -2.46 -32.21
C GLY A 59 -0.34 -1.41 -31.13
N GLN A 60 -0.47 -0.15 -31.53
CA GLN A 60 -0.32 0.99 -30.64
C GLN A 60 -1.67 1.67 -30.44
N LEU A 61 -1.96 2.02 -29.19
CA LEU A 61 -3.22 2.66 -28.83
C LEU A 61 -2.98 4.16 -28.67
N ARG A 62 -3.65 4.96 -29.49
CA ARG A 62 -3.45 6.39 -29.52
C ARG A 62 -4.79 7.12 -29.54
N VAL A 63 -4.79 8.36 -29.09
CA VAL A 63 -5.96 9.23 -29.14
C VAL A 63 -5.92 9.99 -30.45
N ALA A 64 -7.00 9.89 -31.23
CA ALA A 64 -7.05 10.46 -32.57
C ALA A 64 -7.56 11.89 -32.58
N ASP A 65 -8.79 12.10 -32.10
CA ASP A 65 -9.41 13.41 -32.14
C ASP A 65 -10.13 13.65 -30.81
N ILE A 66 -10.64 14.88 -30.64
CA ILE A 66 -11.27 15.28 -29.39
C ILE A 66 -12.21 16.43 -29.71
N HIS A 67 -13.34 16.48 -28.99
CA HIS A 67 -14.38 17.48 -29.23
C HIS A 67 -14.86 18.04 -27.89
N LEU A 68 -14.49 19.27 -27.60
CA LEU A 68 -14.96 19.97 -26.41
C LEU A 68 -16.11 20.89 -26.79
N GLU A 69 -17.16 20.89 -25.97
CA GLU A 69 -18.30 21.77 -26.17
C GLU A 69 -18.75 22.31 -24.83
N ASN A 70 -18.63 23.63 -24.66
CA ASN A 70 -19.02 24.31 -23.42
C ASN A 70 -18.32 23.71 -22.20
N TYR A 71 -17.04 23.41 -22.34
CA TYR A 71 -16.24 22.95 -21.22
C TYR A 71 -15.70 24.20 -20.49
N LYS A 72 -14.65 24.02 -19.68
CA LYS A 72 -14.11 25.09 -18.85
C LYS A 72 -14.00 26.44 -19.57
N GLY A 73 -13.25 26.51 -20.66
CA GLY A 73 -13.03 27.78 -21.31
C GLY A 73 -13.21 27.77 -22.82
N PHE A 74 -13.52 26.61 -23.39
CA PHE A 74 -13.65 26.46 -24.83
C PHE A 74 -15.11 26.28 -25.21
N GLU A 75 -15.58 27.08 -26.15
CA GLU A 75 -16.96 26.96 -26.63
C GLU A 75 -17.12 25.75 -27.54
N SER A 76 -16.30 25.68 -28.58
CA SER A 76 -16.34 24.55 -29.51
C SER A 76 -14.93 24.31 -30.03
N LEU A 77 -14.35 23.16 -29.69
CA LEU A 77 -12.98 22.83 -30.04
C LEU A 77 -12.94 21.48 -30.75
N ILE A 78 -12.20 21.42 -31.85
CA ILE A 78 -11.97 20.18 -32.58
C ILE A 78 -10.48 20.10 -32.89
N MET A 79 -9.82 19.03 -32.43
CA MET A 79 -8.41 18.81 -32.70
C MET A 79 -8.21 17.38 -33.18
N ASP A 80 -7.18 17.19 -34.00
CA ASP A 80 -6.81 15.87 -34.51
C ASP A 80 -5.32 15.67 -34.26
N PHE A 81 -4.99 14.64 -33.48
CA PHE A 81 -3.61 14.34 -33.14
C PHE A 81 -2.99 13.43 -34.19
N SER A 82 -1.75 13.72 -34.54
CA SER A 82 -1.06 12.96 -35.57
C SER A 82 -0.81 11.53 -35.12
N MET A 83 -0.89 10.60 -36.08
CA MET A 83 -0.67 9.19 -35.80
C MET A 83 0.70 8.70 -36.23
N LYS A 84 1.26 9.26 -37.30
CA LYS A 84 2.62 8.95 -37.70
C LYS A 84 3.67 9.62 -36.83
N LYS A 85 3.27 10.58 -36.00
CA LYS A 85 4.15 11.25 -35.06
C LYS A 85 3.75 10.89 -33.63
N ASN A 86 4.75 10.77 -32.76
CA ASN A 86 4.55 10.28 -31.41
C ASN A 86 4.74 11.37 -30.35
N SER A 87 4.53 12.63 -30.73
CA SER A 87 4.70 13.73 -29.77
C SER A 87 3.88 14.92 -30.24
N THR A 88 2.97 15.38 -29.39
CA THR A 88 2.18 16.58 -29.63
C THR A 88 2.41 17.57 -28.51
N ILE A 89 2.63 18.83 -28.86
CA ILE A 89 3.00 19.87 -27.92
C ILE A 89 1.96 20.98 -27.98
N LEU A 90 1.46 21.39 -26.81
CA LEU A 90 0.53 22.49 -26.69
C LEU A 90 1.25 23.72 -26.16
N VAL A 91 1.16 24.83 -26.89
CA VAL A 91 1.87 26.06 -26.55
C VAL A 91 0.86 27.20 -26.54
N GLY A 92 0.88 28.02 -25.50
CA GLY A 92 -0.03 29.13 -25.40
C GLY A 92 0.20 29.93 -24.14
N ASN A 93 -0.56 31.00 -24.01
CA ASN A 93 -0.45 31.87 -22.84
C ASN A 93 -1.05 31.19 -21.61
N ASN A 94 -0.71 31.72 -20.44
CA ASN A 94 -1.30 31.26 -19.19
C ASN A 94 -2.69 31.85 -19.06
N GLY A 95 -3.70 31.08 -19.44
CA GLY A 95 -5.07 31.54 -19.42
C GLY A 95 -5.82 31.27 -20.70
N CYS A 96 -5.25 30.46 -21.58
CA CYS A 96 -5.89 30.08 -22.84
C CYS A 96 -6.62 28.75 -22.75
N GLY A 97 -6.07 27.77 -22.05
CA GLY A 97 -6.77 26.53 -21.83
C GLY A 97 -6.05 25.26 -22.27
N LYS A 98 -4.72 25.29 -22.32
CA LYS A 98 -3.99 24.06 -22.62
C LYS A 98 -4.18 23.01 -21.52
N SER A 99 -4.31 23.44 -20.27
CA SER A 99 -4.61 22.50 -19.19
C SER A 99 -6.01 21.93 -19.33
N THR A 100 -6.93 22.70 -19.91
CA THR A 100 -8.30 22.24 -20.08
C THR A 100 -8.36 21.02 -21.01
N ILE A 101 -7.57 21.03 -22.09
CA ILE A 101 -7.59 19.90 -23.01
C ILE A 101 -7.04 18.64 -22.34
N LEU A 102 -6.00 18.77 -21.52
CA LEU A 102 -5.49 17.61 -20.79
C LEU A 102 -6.49 17.12 -19.75
N ASP A 103 -7.17 18.05 -19.07
CA ASP A 103 -8.21 17.67 -18.13
C ASP A 103 -9.41 17.05 -18.83
N ALA A 104 -9.60 17.32 -20.12
CA ALA A 104 -10.64 16.67 -20.90
C ALA A 104 -10.22 15.33 -21.45
N ILE A 105 -8.92 15.14 -21.72
CA ILE A 105 -8.42 13.81 -22.07
C ILE A 105 -8.53 12.87 -20.89
N GLN A 106 -8.18 13.35 -19.68
CA GLN A 106 -8.65 12.62 -18.52
C GLN A 106 -10.14 12.85 -18.33
N LYS A 107 -10.73 12.11 -17.39
CA LYS A 107 -12.17 11.96 -17.22
C LYS A 107 -12.73 11.09 -18.33
N GLY A 108 -11.90 10.78 -19.33
CA GLY A 108 -12.21 9.75 -20.29
C GLY A 108 -11.15 8.67 -20.26
N LEU A 109 -9.90 9.07 -20.03
CA LEU A 109 -8.88 8.08 -19.78
C LEU A 109 -9.12 7.35 -18.47
N THR A 110 -9.66 8.05 -17.46
CA THR A 110 -10.05 7.38 -16.23
C THR A 110 -11.11 6.32 -16.50
N HIS A 111 -12.09 6.65 -17.33
CA HIS A 111 -13.14 5.68 -17.66
C HIS A 111 -12.56 4.48 -18.42
N LEU A 112 -11.67 4.73 -19.36
CA LEU A 112 -11.04 3.65 -20.11
C LEU A 112 -10.24 2.74 -19.18
N SER A 113 -9.45 3.31 -18.28
CA SER A 113 -8.68 2.51 -17.34
C SER A 113 -9.60 1.72 -16.42
N SER A 114 -10.68 2.34 -15.95
CA SER A 114 -11.61 1.67 -15.05
C SER A 114 -12.26 0.47 -15.73
N ARG A 115 -12.67 0.61 -16.98
CA ARG A 115 -13.29 -0.52 -17.66
C ARG A 115 -12.28 -1.47 -18.29
N LEU A 116 -11.00 -1.13 -18.30
CA LEU A 116 -9.99 -2.07 -18.76
C LEU A 116 -9.39 -2.89 -17.62
N SER A 117 -9.43 -2.37 -16.40
CA SER A 117 -8.86 -3.06 -15.24
C SER A 117 -9.90 -3.60 -14.28
N THR A 118 -10.85 -2.76 -13.86
CA THR A 118 -11.84 -3.13 -12.86
C THR A 118 -13.18 -3.45 -13.51
N ARG A 119 -14.08 -3.98 -12.68
CA ARG A 119 -15.46 -4.26 -13.08
C ARG A 119 -16.42 -3.16 -12.65
N SER A 120 -15.90 -2.05 -12.12
CA SER A 120 -16.75 -1.03 -11.51
C SER A 120 -17.68 -0.39 -12.53
N HIS A 121 -17.18 -0.17 -13.75
CA HIS A 121 -17.92 0.56 -14.78
C HIS A 121 -18.30 1.96 -14.31
N ASN A 122 -17.36 2.62 -13.62
CA ASN A 122 -17.55 3.99 -13.16
C ASN A 122 -16.31 4.80 -13.48
N GLY A 123 -16.33 6.08 -13.13
CA GLY A 123 -15.20 6.95 -13.36
C GLY A 123 -15.47 8.40 -13.03
N ASP A 124 -14.82 9.30 -13.76
CA ASP A 124 -14.97 10.73 -13.54
C ASP A 124 -16.14 11.27 -14.36
N GLY A 125 -16.41 12.56 -14.19
CA GLY A 125 -17.49 13.21 -14.91
C GLY A 125 -17.36 14.71 -14.79
N ILE A 126 -18.20 15.42 -15.55
CA ILE A 126 -18.18 16.87 -15.57
C ILE A 126 -18.92 17.39 -14.35
N GLU A 127 -18.20 18.08 -13.47
CA GLU A 127 -18.80 18.64 -12.27
C GLU A 127 -19.53 19.95 -12.59
N LYS A 128 -20.33 20.41 -11.63
CA LYS A 128 -21.11 21.63 -11.82
C LYS A 128 -20.22 22.85 -11.97
N HIS A 129 -19.09 22.88 -11.27
CA HIS A 129 -18.18 24.02 -11.31
C HIS A 129 -17.41 24.11 -12.63
N GLU A 130 -17.37 23.05 -13.42
CA GLU A 130 -16.66 23.08 -14.70
C GLU A 130 -17.54 23.51 -15.86
N LEU A 131 -18.83 23.73 -15.63
CA LEU A 131 -19.71 24.22 -16.68
C LEU A 131 -19.32 25.63 -17.09
N ARG A 132 -19.39 25.91 -18.39
CA ARG A 132 -19.14 27.25 -18.87
C ARG A 132 -20.18 28.21 -18.30
N LYS A 133 -19.71 29.35 -17.79
CA LYS A 133 -20.58 30.28 -17.10
C LYS A 133 -21.65 30.83 -18.03
N GLY A 134 -22.91 30.45 -17.78
CA GLY A 134 -24.05 30.87 -18.57
C GLY A 134 -24.74 29.75 -19.31
N GLN A 135 -23.98 28.73 -19.72
CA GLN A 135 -24.54 27.61 -20.46
C GLN A 135 -25.15 26.59 -19.51
N ASN A 136 -25.69 25.51 -20.08
CA ASN A 136 -26.35 24.49 -19.28
C ASN A 136 -25.83 23.10 -19.59
N TYR A 137 -25.36 22.89 -20.82
CA TYR A 137 -24.93 21.57 -21.26
C TYR A 137 -23.46 21.59 -21.65
N ALA A 138 -22.79 20.47 -21.41
CA ALA A 138 -21.40 20.29 -21.81
C ALA A 138 -21.23 18.87 -22.34
N SER A 139 -20.20 18.68 -23.17
CA SER A 139 -19.97 17.38 -23.79
C SER A 139 -18.50 17.27 -24.18
N ILE A 140 -17.90 16.12 -23.89
CA ILE A 140 -16.55 15.80 -24.32
C ILE A 140 -16.60 14.48 -25.09
N ALA A 141 -16.03 14.48 -26.29
CA ALA A 141 -15.99 13.29 -27.14
C ALA A 141 -14.55 12.98 -27.50
N ILE A 142 -14.17 11.71 -27.35
CA ILE A 142 -12.82 11.25 -27.64
C ILE A 142 -12.91 9.99 -28.47
N ASN A 143 -12.12 9.91 -29.53
CA ASN A 143 -12.04 8.72 -30.38
C ASN A 143 -10.70 8.03 -30.14
N TYR A 144 -10.74 6.77 -29.73
CA TYR A 144 -9.55 5.99 -29.44
C TYR A 144 -9.20 5.13 -30.64
N ASP A 145 -7.91 5.04 -30.96
CA ASP A 145 -7.45 4.33 -32.13
C ASP A 145 -6.63 3.11 -31.73
N TYR A 146 -6.76 2.06 -32.53
CA TYR A 146 -5.98 0.84 -32.34
C TYR A 146 -5.88 0.12 -33.68
N MET A 147 -4.67 0.09 -34.26
CA MET A 147 -4.40 -0.61 -35.51
C MET A 147 -5.34 -0.15 -36.62
N GLY A 148 -5.61 1.15 -36.67
CA GLY A 148 -6.44 1.72 -37.71
C GLY A 148 -7.93 1.54 -37.51
N ILE A 149 -8.36 0.99 -36.39
CA ILE A 149 -9.77 0.75 -36.10
C ILE A 149 -10.14 1.54 -34.85
N ARG A 150 -11.18 2.36 -34.96
CA ARG A 150 -11.44 3.44 -34.01
C ARG A 150 -12.60 3.11 -33.08
N PHE A 151 -12.55 3.67 -31.88
CA PHE A 151 -13.57 3.46 -30.84
C PHE A 151 -14.18 4.79 -30.45
N PRO A 152 -15.51 4.96 -30.55
CA PRO A 152 -16.12 6.23 -30.15
C PRO A 152 -16.28 6.35 -28.65
N MET A 153 -16.54 7.58 -28.21
CA MET A 153 -16.82 7.88 -26.81
C MET A 153 -17.43 9.27 -26.73
N ILE A 154 -18.25 9.47 -25.71
CA ILE A 154 -18.83 10.78 -25.40
C ILE A 154 -19.28 10.82 -23.95
N ILE A 155 -18.90 11.89 -23.24
CA ILE A 155 -19.28 12.08 -21.84
C ILE A 155 -19.87 13.48 -21.72
N ALA A 156 -21.08 13.57 -21.18
CA ALA A 156 -21.83 14.81 -21.18
C ALA A 156 -22.58 14.98 -19.88
N THR A 157 -23.09 16.18 -19.66
CA THR A 157 -23.84 16.50 -18.45
C THR A 157 -24.84 17.62 -18.77
N THR A 158 -25.83 17.76 -17.89
CA THR A 158 -26.83 18.80 -18.02
C THR A 158 -27.24 19.25 -16.63
N GLU A 159 -27.41 20.55 -16.46
CA GLU A 159 -27.79 21.09 -15.15
C GLU A 159 -29.16 20.55 -14.75
N PRO A 160 -29.36 20.22 -13.48
CA PRO A 160 -30.61 19.54 -13.07
C PRO A 160 -31.80 20.47 -12.96
N GLY A 161 -32.00 21.32 -13.96
CA GLY A 161 -33.18 22.16 -14.02
C GLY A 161 -33.89 22.01 -15.34
N TYR A 162 -33.16 21.55 -16.36
CA TYR A 162 -33.69 21.30 -17.69
C TYR A 162 -33.51 19.83 -18.03
N GLU A 163 -34.38 19.33 -18.90
CA GLU A 163 -34.26 17.95 -19.35
C GLU A 163 -32.94 17.76 -20.08
N ASP A 164 -32.25 16.66 -19.78
CA ASP A 164 -30.93 16.43 -20.33
C ASP A 164 -30.98 16.33 -21.85
N ARG A 165 -30.13 17.10 -22.51
CA ARG A 165 -30.04 17.10 -23.98
C ARG A 165 -28.78 16.43 -24.48
N ALA A 166 -28.08 15.68 -23.62
CA ALA A 166 -26.90 14.94 -24.05
C ALA A 166 -26.68 13.78 -23.07
N LYS A 167 -27.07 12.58 -23.48
CA LYS A 167 -26.93 11.40 -22.63
C LYS A 167 -25.58 10.73 -22.87
N SER A 168 -25.02 10.18 -21.80
CA SER A 168 -23.70 9.56 -21.89
C SER A 168 -23.75 8.30 -22.73
N ASN A 169 -22.63 8.01 -23.39
CA ASN A 169 -22.51 6.82 -24.22
C ASN A 169 -21.06 6.34 -24.18
N TYR A 170 -20.86 5.04 -23.97
CA TYR A 170 -19.53 4.46 -23.86
C TYR A 170 -19.45 3.18 -24.69
N SER A 171 -19.91 3.26 -25.95
CA SER A 171 -20.04 2.06 -26.76
C SER A 171 -18.68 1.44 -27.08
N GLY A 172 -17.68 2.25 -27.42
CA GLY A 172 -16.43 1.71 -27.91
C GLY A 172 -15.45 1.31 -26.84
N ILE A 173 -15.47 2.00 -25.69
CA ILE A 173 -14.52 1.67 -24.64
C ILE A 173 -14.88 0.34 -23.97
N ASN A 174 -16.16 0.01 -23.88
CA ASN A 174 -16.55 -1.33 -23.43
C ASN A 174 -16.02 -2.39 -24.39
N GLU A 175 -16.13 -2.13 -25.69
CA GLU A 175 -15.53 -2.99 -26.71
C GLU A 175 -14.05 -3.20 -26.47
N LEU A 176 -13.30 -2.11 -26.30
CA LEU A 176 -11.86 -2.21 -26.14
C LEU A 176 -11.49 -2.99 -24.88
N GLY A 177 -12.17 -2.70 -23.77
CA GLY A 177 -11.93 -3.43 -22.55
C GLY A 177 -12.23 -4.91 -22.68
N SER A 178 -13.33 -5.25 -23.35
CA SER A 178 -13.67 -6.65 -23.55
C SER A 178 -12.64 -7.36 -24.41
N ILE A 179 -12.17 -6.69 -25.47
CA ILE A 179 -11.15 -7.28 -26.33
C ILE A 179 -9.89 -7.59 -25.52
N PHE A 180 -9.43 -6.61 -24.74
CA PHE A 180 -8.21 -6.80 -23.98
C PHE A 180 -8.38 -7.87 -22.90
N LYS A 181 -9.54 -7.90 -22.24
CA LYS A 181 -9.78 -8.90 -21.21
C LYS A 181 -9.81 -10.30 -21.81
N THR A 182 -10.44 -10.47 -22.99
CA THR A 182 -10.43 -11.77 -23.63
C THR A 182 -9.02 -12.20 -24.03
N ALA A 183 -8.23 -11.26 -24.56
CA ALA A 183 -6.85 -11.56 -24.89
C ALA A 183 -6.07 -12.01 -23.66
N HIS A 184 -6.30 -11.35 -22.53
CA HIS A 184 -5.67 -11.78 -21.28
C HIS A 184 -6.16 -13.16 -20.87
N SER A 185 -7.46 -13.43 -21.06
CA SER A 185 -8.02 -14.71 -20.64
C SER A 185 -7.37 -15.86 -21.38
N ILE A 186 -7.23 -15.74 -22.70
CA ILE A 186 -6.63 -16.84 -23.45
C ILE A 186 -5.12 -16.92 -23.19
N ASN A 187 -4.47 -15.78 -22.94
CA ASN A 187 -3.04 -15.76 -22.73
C ASN A 187 -2.70 -14.76 -21.62
N PRO A 188 -2.15 -15.24 -20.49
CA PRO A 188 -1.93 -14.34 -19.34
C PRO A 188 -0.88 -13.27 -19.56
N ASN A 189 -0.08 -13.36 -20.62
CA ASN A 189 1.03 -12.42 -20.78
C ASN A 189 0.86 -11.55 -22.02
N VAL A 190 -0.35 -11.02 -22.24
CA VAL A 190 -0.62 -10.12 -23.36
C VAL A 190 -0.36 -8.69 -22.92
N SER A 191 0.43 -7.96 -23.71
CA SER A 191 0.78 -6.60 -23.37
C SER A 191 -0.44 -5.69 -23.43
N PHE A 192 -0.57 -4.81 -22.42
CA PHE A 192 -1.67 -3.87 -22.32
C PHE A 192 -1.16 -2.44 -22.37
N PRO A 193 -1.99 -1.50 -22.83
CA PRO A 193 -1.56 -0.10 -22.91
C PRO A 193 -1.42 0.53 -21.53
N LEU A 194 -0.67 1.63 -21.50
CA LEU A 194 -0.42 2.37 -20.28
C LEU A 194 -1.19 3.69 -20.32
N ILE A 195 -1.91 3.99 -19.25
CA ILE A 195 -2.68 5.23 -19.13
C ILE A 195 -2.22 5.92 -17.85
N ALA A 196 -1.74 7.16 -17.99
CA ALA A 196 -1.27 7.92 -16.83
C ALA A 196 -1.06 9.38 -17.24
N MET A 197 -1.27 10.28 -16.28
CA MET A 197 -0.95 11.68 -16.43
C MET A 197 -0.11 12.12 -15.24
N TYR A 198 0.80 13.06 -15.47
CA TYR A 198 1.66 13.61 -14.44
C TYR A 198 1.38 15.10 -14.31
N THR A 199 0.63 15.47 -13.28
CA THR A 199 0.25 16.84 -13.02
C THR A 199 1.44 17.59 -12.39
N VAL A 200 1.35 18.93 -12.35
CA VAL A 200 2.39 19.75 -11.75
C VAL A 200 2.68 19.37 -10.32
N GLU A 201 1.76 18.66 -9.65
CA GLU A 201 1.95 18.25 -8.27
C GLU A 201 3.08 17.26 -8.08
N ARG A 202 3.76 16.84 -9.14
CA ARG A 202 4.94 15.99 -9.01
C ARG A 202 6.17 16.79 -8.57
N ALA A 203 6.02 18.07 -8.26
CA ALA A 203 7.15 18.85 -7.76
C ALA A 203 7.63 18.32 -6.41
N ASN A 204 6.69 17.99 -5.52
CA ASN A 204 6.99 17.47 -4.19
C ASN A 204 6.84 15.96 -4.11
N ASP A 205 7.16 15.25 -5.19
CA ASP A 205 6.93 13.81 -5.25
C ASP A 205 7.80 13.06 -4.24
N VAL A 206 9.10 13.33 -4.26
CA VAL A 206 10.06 12.59 -3.43
C VAL A 206 10.26 13.32 -2.12
N SER A 207 10.06 12.61 -1.01
CA SER A 207 10.27 13.17 0.32
C SER A 207 10.65 12.05 1.27
N THR A 208 11.29 12.44 2.38
CA THR A 208 11.69 11.46 3.39
C THR A 208 10.47 10.80 4.03
N ARG A 209 9.36 11.52 4.12
CA ARG A 209 8.15 10.95 4.71
C ARG A 209 7.65 9.75 3.93
N ASP A 210 7.66 9.85 2.59
CA ASP A 210 7.18 8.75 1.76
C ASP A 210 8.06 7.51 1.90
N ILE A 211 9.37 7.69 1.94
CA ILE A 211 10.29 6.55 2.02
C ILE A 211 10.34 5.95 3.41
N GLU A 212 9.94 6.70 4.43
CA GLU A 212 10.03 6.21 5.82
C GLU A 212 9.16 4.97 6.03
N ASN A 213 7.93 4.99 5.50
CA ASN A 213 6.96 3.93 5.74
C ASN A 213 6.60 3.19 4.45
N SER A 214 7.52 3.11 3.50
CA SER A 214 7.27 2.39 2.27
C SER A 214 7.34 0.87 2.44
N GLU A 215 7.89 0.39 3.55
CA GLU A 215 7.93 -1.03 3.85
C GLU A 215 6.77 -1.46 4.76
N GLU A 216 5.71 -0.65 4.81
CA GLU A 216 4.57 -0.91 5.67
C GLU A 216 3.26 -0.88 4.89
N ILE A 217 3.30 -1.27 3.61
CA ILE A 217 2.14 -1.26 2.75
C ILE A 217 1.74 -2.71 2.43
N LYS A 218 0.59 -2.86 1.80
CA LYS A 218 0.09 -4.18 1.46
C LYS A 218 0.97 -4.83 0.40
N GLU A 219 1.12 -6.15 0.50
CA GLU A 219 2.02 -6.88 -0.40
C GLU A 219 1.40 -7.13 -1.77
N ALA A 220 0.08 -7.22 -1.87
CA ALA A 220 -0.60 -7.57 -3.12
C ALA A 220 -1.00 -6.36 -3.94
N GLN A 221 -0.45 -5.18 -3.65
CA GLN A 221 -0.82 -3.95 -4.34
C GLN A 221 0.15 -3.55 -5.43
N ILE A 222 1.21 -4.33 -5.68
CA ILE A 222 2.22 -3.88 -6.63
C ILE A 222 2.48 -4.91 -7.72
N TRP A 223 2.30 -6.20 -7.43
CA TRP A 223 2.73 -7.27 -8.33
C TRP A 223 1.53 -8.02 -8.91
N ASP A 224 0.98 -7.47 -9.98
CA ASP A 224 0.08 -8.13 -10.93
C ASP A 224 -0.16 -7.16 -12.08
N LYS A 225 -0.50 -7.71 -13.24
CA LYS A 225 -0.67 -6.88 -14.44
C LYS A 225 -1.75 -5.83 -14.24
N PHE A 226 -2.88 -6.23 -13.67
CA PHE A 226 -4.04 -5.36 -13.55
C PHE A 226 -3.95 -4.38 -12.40
N LYS A 227 -2.76 -4.20 -11.82
CA LYS A 227 -2.60 -3.35 -10.65
C LYS A 227 -1.85 -2.06 -10.95
N ALA A 228 -1.18 -1.96 -12.10
CA ALA A 228 -0.51 -0.71 -12.47
C ALA A 228 -1.52 0.26 -13.06
N TYR A 229 -2.64 0.45 -12.36
CA TYR A 229 -3.66 1.40 -12.77
C TYR A 229 -4.22 2.22 -11.62
N ASN A 230 -3.98 1.84 -10.37
CA ASN A 230 -4.52 2.55 -9.22
C ASN A 230 -3.66 3.77 -8.91
N LYS A 231 -4.31 4.91 -8.70
CA LYS A 231 -3.63 6.17 -8.40
C LYS A 231 -2.61 6.51 -9.48
N SER A 232 -2.95 6.22 -10.73
CA SER A 232 -2.05 6.46 -11.85
C SER A 232 -2.45 7.65 -12.72
N LEU A 233 -3.71 8.06 -12.70
CA LEU A 233 -4.15 9.27 -13.39
C LEU A 233 -4.42 10.42 -12.43
N THR A 234 -4.00 10.30 -11.17
CA THR A 234 -4.16 11.36 -10.19
C THR A 234 -2.96 12.29 -10.14
N GLY A 235 -2.03 12.16 -11.08
CA GLY A 235 -0.78 12.88 -10.96
C GLY A 235 0.05 12.30 -9.82
N LYS A 236 1.01 13.09 -9.37
CA LYS A 236 1.83 12.76 -8.21
C LYS A 236 2.50 11.40 -8.39
N ALA A 237 3.39 11.35 -9.39
CA ALA A 237 4.14 10.14 -9.73
C ALA A 237 4.60 9.42 -8.48
N ASP A 238 4.09 8.19 -8.30
CA ASP A 238 4.29 7.46 -7.06
C ASP A 238 5.75 7.06 -6.88
N PHE A 239 6.28 7.29 -5.69
CA PHE A 239 7.65 6.91 -5.34
C PHE A 239 7.73 5.93 -4.18
N LYS A 240 6.74 5.92 -3.29
CA LYS A 240 6.69 4.94 -2.21
C LYS A 240 6.57 3.52 -2.76
N LEU A 241 5.59 3.31 -3.65
CA LEU A 241 5.44 2.02 -4.28
C LEU A 241 6.67 1.65 -5.10
N PHE A 242 7.29 2.65 -5.73
CA PHE A 242 8.54 2.39 -6.45
C PHE A 242 9.64 1.96 -5.49
N PHE A 243 9.71 2.56 -4.31
CA PHE A 243 10.73 2.16 -3.34
C PHE A 243 10.50 0.72 -2.88
N ARG A 244 9.24 0.35 -2.63
CA ARG A 244 8.94 -1.04 -2.28
C ARG A 244 9.32 -1.99 -3.41
N TRP A 245 8.99 -1.62 -4.65
CA TRP A 245 9.31 -2.45 -5.80
C TRP A 245 10.83 -2.61 -5.98
N PHE A 246 11.57 -1.52 -5.80
CA PHE A 246 13.02 -1.57 -5.92
C PHE A 246 13.62 -2.45 -4.82
N LYS A 247 13.08 -2.35 -3.60
CA LYS A 247 13.52 -3.24 -2.53
C LYS A 247 13.29 -4.70 -2.90
N GLU A 248 12.11 -5.01 -3.43
CA GLU A 248 11.83 -6.41 -3.76
C GLU A 248 12.73 -6.92 -4.87
N LEU A 249 12.98 -6.12 -5.92
CA LEU A 249 13.85 -6.58 -6.98
C LEU A 249 15.29 -6.74 -6.50
N ILE A 250 15.81 -5.78 -5.74
CA ILE A 250 17.17 -5.92 -5.22
C ILE A 250 17.25 -7.09 -4.25
N GLU A 251 16.14 -7.40 -3.57
CA GLU A 251 16.13 -8.54 -2.66
C GLU A 251 16.11 -9.85 -3.44
N ILE A 252 15.42 -9.88 -4.58
CA ILE A 252 15.47 -11.06 -5.43
C ILE A 252 16.89 -11.28 -5.93
N GLU A 253 17.58 -10.21 -6.28
CA GLU A 253 18.97 -10.35 -6.72
C GLU A 253 19.88 -10.77 -5.56
N ASN A 254 19.63 -10.27 -4.35
CA ASN A 254 20.49 -10.56 -3.20
C ASN A 254 20.09 -11.83 -2.45
N SER A 255 18.98 -12.47 -2.83
CA SER A 255 18.52 -13.70 -2.22
C SER A 255 18.75 -14.89 -3.13
N ASP A 256 18.38 -14.77 -4.40
CA ASP A 256 18.92 -15.65 -5.42
C ASP A 256 20.35 -15.21 -5.73
N ASN A 257 21.01 -15.92 -6.65
CA ASN A 257 22.40 -15.68 -7.01
C ASN A 257 23.32 -16.02 -5.84
N ALA A 258 22.73 -16.36 -4.71
CA ALA A 258 23.42 -16.97 -3.57
C ALA A 258 23.04 -18.42 -3.40
N ASP A 259 21.77 -18.75 -3.62
CA ASP A 259 21.40 -20.15 -3.83
C ASP A 259 22.06 -20.70 -5.08
N ILE A 260 22.36 -19.83 -6.05
CA ILE A 260 23.16 -20.24 -7.20
C ILE A 260 24.60 -20.49 -6.78
N THR A 261 25.17 -19.59 -5.97
CA THR A 261 26.50 -19.81 -5.43
C THR A 261 26.53 -21.04 -4.54
N ALA A 262 25.50 -21.22 -3.71
CA ALA A 262 25.41 -22.41 -2.87
C ALA A 262 25.31 -23.66 -3.72
N LEU A 263 24.56 -23.61 -4.81
CA LEU A 263 24.45 -24.76 -5.71
C LEU A 263 25.78 -25.08 -6.37
N ARG A 264 26.53 -24.05 -6.79
CA ARG A 264 27.86 -24.28 -7.36
C ARG A 264 28.80 -24.90 -6.35
N ALA A 265 28.75 -24.40 -5.10
CA ALA A 265 29.56 -25.00 -4.04
C ALA A 265 29.16 -26.44 -3.79
N GLU A 266 27.86 -26.73 -3.85
CA GLU A 266 27.39 -28.10 -3.68
C GLU A 266 27.87 -29.00 -4.80
N ILE A 267 27.87 -28.50 -6.04
CA ILE A 267 28.40 -29.29 -7.16
C ILE A 267 29.89 -29.56 -6.97
N ARG A 268 30.64 -28.55 -6.52
CA ARG A 268 32.06 -28.77 -6.26
C ARG A 268 32.27 -29.81 -5.16
N ALA A 269 31.47 -29.72 -4.09
CA ALA A 269 31.60 -30.68 -2.99
C ALA A 269 31.22 -32.08 -3.45
N LYS A 270 30.19 -32.21 -4.29
CA LYS A 270 29.79 -33.51 -4.80
C LYS A 270 30.85 -34.09 -5.73
N GLU A 271 31.48 -33.23 -6.53
CA GLU A 271 32.59 -33.69 -7.37
C GLU A 271 33.74 -34.19 -6.52
N LYS A 272 34.06 -33.48 -5.43
CA LYS A 272 35.09 -33.95 -4.52
C LYS A 272 34.69 -35.27 -3.87
N ASP A 273 33.41 -35.40 -3.49
CA ASP A 273 32.93 -36.64 -2.86
C ASP A 273 33.02 -37.81 -3.82
N LEU A 274 32.71 -37.59 -5.10
CA LEU A 274 32.80 -38.66 -6.09
C LEU A 274 34.26 -39.01 -6.38
N ASP A 275 35.12 -38.00 -6.54
CA ASP A 275 36.53 -38.26 -6.78
C ASP A 275 37.15 -38.96 -5.58
N ASN A 276 37.24 -38.25 -4.44
CA ASN A 276 37.55 -38.75 -3.10
C ASN A 276 38.47 -39.97 -3.13
N PRO A 277 39.75 -39.79 -3.48
CA PRO A 277 40.65 -40.93 -3.72
C PRO A 277 40.51 -42.07 -2.71
N LEU A 278 40.33 -41.73 -1.43
CA LEU A 278 40.10 -42.76 -0.42
C LEU A 278 38.80 -43.51 -0.68
N LEU A 279 37.72 -42.78 -0.95
CA LEU A 279 36.43 -43.42 -1.21
C LEU A 279 36.47 -44.24 -2.49
N LYS A 280 37.12 -43.71 -3.53
CA LYS A 280 37.25 -44.46 -4.78
C LYS A 280 38.04 -45.75 -4.56
N ALA A 281 39.14 -45.67 -3.79
CA ALA A 281 39.92 -46.87 -3.51
C ALA A 281 39.10 -47.88 -2.72
N LEU A 282 38.31 -47.42 -1.75
CA LEU A 282 37.47 -48.33 -0.98
C LEU A 282 36.41 -48.99 -1.86
N LEU A 283 35.79 -48.22 -2.75
CA LEU A 283 34.78 -48.80 -3.63
C LEU A 283 35.39 -49.74 -4.66
N ALA A 284 36.66 -49.54 -5.01
CA ALA A 284 37.32 -50.43 -5.96
C ALA A 284 37.49 -51.84 -5.41
N GLU A 285 37.39 -52.02 -4.09
CA GLU A 285 37.52 -53.35 -3.51
C GLU A 285 36.39 -54.26 -3.97
N ASN A 286 35.16 -53.75 -4.01
CA ASN A 286 33.98 -54.52 -4.42
C ASN A 286 33.25 -53.71 -5.49
N LYS A 287 33.63 -53.92 -6.75
CA LYS A 287 33.00 -53.22 -7.87
C LYS A 287 31.79 -53.98 -8.41
N ASN A 288 31.86 -55.31 -8.42
CA ASN A 288 30.76 -56.12 -8.95
C ASN A 288 29.56 -56.15 -8.04
N SER A 289 29.67 -55.64 -6.81
CA SER A 289 28.54 -55.65 -5.88
C SER A 289 27.39 -54.83 -6.43
N GLU A 290 26.17 -55.37 -6.31
CA GLU A 290 25.00 -54.68 -6.82
C GLU A 290 24.74 -53.39 -6.05
N THR A 291 24.92 -53.42 -4.72
CA THR A 291 24.66 -52.24 -3.91
C THR A 291 25.62 -51.10 -4.27
N THR A 292 26.90 -51.42 -4.47
CA THR A 292 27.86 -50.39 -4.84
C THR A 292 27.53 -49.76 -6.18
N LYS A 293 27.17 -50.58 -7.17
CA LYS A 293 26.78 -50.05 -8.47
C LYS A 293 25.53 -49.18 -8.35
N LYS A 294 24.55 -49.63 -7.57
CA LYS A 294 23.34 -48.84 -7.38
C LYS A 294 23.65 -47.49 -6.77
N LEU A 295 24.46 -47.48 -5.71
CA LEU A 295 24.79 -46.23 -5.03
C LEU A 295 25.57 -45.30 -5.94
N LEU A 296 26.54 -45.83 -6.68
CA LEU A 296 27.33 -44.98 -7.58
C LEU A 296 26.47 -44.40 -8.70
N GLU A 297 25.59 -45.22 -9.29
CA GLU A 297 24.71 -44.74 -10.35
C GLU A 297 23.75 -43.68 -9.83
N ASP A 298 23.22 -43.88 -8.61
CA ASP A 298 22.34 -42.88 -8.03
C ASP A 298 23.08 -41.58 -7.73
N HIS A 299 24.33 -41.66 -7.28
CA HIS A 299 25.12 -40.45 -7.08
C HIS A 299 25.37 -39.72 -8.40
N GLN A 300 25.68 -40.47 -9.47
CA GLN A 300 25.88 -39.82 -10.77
C GLN A 300 24.60 -39.16 -11.26
N ASN A 301 23.46 -39.84 -11.11
CA ASN A 301 22.18 -39.26 -11.52
C ASN A 301 21.85 -38.02 -10.70
N SER A 302 22.14 -38.06 -9.40
CA SER A 302 21.91 -36.89 -8.55
C SER A 302 22.81 -35.73 -8.95
N LEU A 303 24.05 -36.01 -9.31
CA LEU A 303 24.94 -34.95 -9.79
C LEU A 303 24.43 -34.34 -11.09
N LYS A 304 23.94 -35.18 -12.00
CA LYS A 304 23.36 -34.67 -13.24
C LYS A 304 22.12 -33.81 -12.96
N VAL A 305 21.28 -34.26 -12.02
CA VAL A 305 20.09 -33.49 -11.65
C VAL A 305 20.50 -32.16 -11.02
N LEU A 306 21.56 -32.16 -10.21
CA LEU A 306 22.05 -30.91 -9.62
C LEU A 306 22.56 -29.96 -10.69
N LYS A 307 23.26 -30.49 -11.71
CA LYS A 307 23.69 -29.66 -12.82
C LYS A 307 22.49 -29.07 -13.57
N GLU A 308 21.45 -29.88 -13.76
CA GLU A 308 20.23 -29.37 -14.38
C GLU A 308 19.59 -28.27 -13.52
N LYS A 309 19.58 -28.46 -12.21
CA LYS A 309 19.04 -27.45 -11.30
C LYS A 309 19.83 -26.15 -11.40
N LEU A 310 21.15 -26.25 -11.48
CA LEU A 310 21.98 -25.06 -11.67
C LEU A 310 21.66 -24.38 -13.00
N ASN A 311 21.49 -25.17 -14.06
CA ASN A 311 21.14 -24.61 -15.36
C ASN A 311 19.76 -23.94 -15.32
N SER A 312 18.88 -24.41 -14.43
CA SER A 312 17.54 -23.83 -14.33
C SER A 312 17.61 -22.34 -13.97
N TYR A 313 18.42 -22.00 -12.99
CA TYR A 313 18.63 -20.59 -12.63
C TYR A 313 19.74 -19.93 -13.44
N TYR A 314 20.50 -20.70 -14.22
CA TYR A 314 21.49 -20.12 -15.11
C TYR A 314 20.88 -19.28 -16.22
N SER A 315 19.57 -19.39 -16.46
CA SER A 315 18.89 -18.68 -17.54
C SER A 315 17.73 -17.88 -16.99
N VAL A 316 17.95 -17.17 -15.88
CA VAL A 316 16.94 -16.28 -15.32
C VAL A 316 17.11 -14.88 -15.92
N ASN A 317 18.28 -14.28 -15.68
CA ASN A 317 18.64 -12.97 -16.23
C ASN A 317 17.56 -11.92 -15.93
N SER A 318 17.35 -11.71 -14.64
CA SER A 318 16.33 -10.79 -14.14
C SER A 318 16.69 -9.38 -14.58
N LYS A 319 16.39 -9.09 -15.84
CA LYS A 319 16.61 -7.76 -16.40
C LYS A 319 15.56 -6.76 -15.95
N THR A 320 14.61 -7.16 -15.10
CA THR A 320 13.61 -6.23 -14.59
C THR A 320 14.25 -5.04 -13.89
N LEU A 321 15.39 -5.26 -13.24
CA LEU A 321 16.15 -4.19 -12.60
C LEU A 321 17.11 -3.51 -13.56
N HIS A 322 17.81 -4.30 -14.39
CA HIS A 322 18.84 -3.75 -15.26
C HIS A 322 18.24 -2.80 -16.30
N THR A 323 17.11 -3.17 -16.90
CA THR A 323 16.50 -2.33 -17.91
C THR A 323 16.07 -0.99 -17.32
N VAL A 324 15.44 -1.02 -16.14
CA VAL A 324 15.00 0.21 -15.48
C VAL A 324 16.20 1.07 -15.14
N GLU A 325 17.24 0.46 -14.57
CA GLU A 325 18.42 1.22 -14.18
C GLU A 325 19.11 1.85 -15.38
N ASP A 326 19.22 1.11 -16.49
CA ASP A 326 19.88 1.65 -17.67
C ASP A 326 19.05 2.75 -18.33
N ALA A 327 17.73 2.56 -18.39
CA ALA A 327 16.87 3.59 -18.99
C ALA A 327 16.76 4.83 -18.12
N MET A 328 16.99 4.70 -16.82
CA MET A 328 16.93 5.85 -15.93
C MET A 328 18.29 6.54 -15.76
N TYR A 329 19.39 5.81 -15.96
CA TYR A 329 20.71 6.42 -15.90
C TYR A 329 20.96 7.33 -17.11
N SER A 330 20.50 6.90 -18.29
CA SER A 330 20.75 7.68 -19.50
C SER A 330 20.02 9.02 -19.46
N PHE A 331 18.80 9.03 -18.90
CA PHE A 331 18.02 10.26 -18.89
C PHE A 331 18.62 11.31 -17.97
N LEU A 332 19.23 10.89 -16.85
CA LEU A 332 19.88 11.80 -15.92
C LEU A 332 21.39 11.68 -16.08
N PRO A 333 22.05 12.63 -16.71
CA PRO A 333 23.48 12.47 -17.03
C PRO A 333 24.33 12.33 -15.79
N GLY A 334 25.37 11.51 -15.90
CA GLY A 334 26.37 11.34 -14.85
C GLY A 334 26.03 10.36 -13.74
N PHE A 335 24.77 10.34 -13.33
CA PHE A 335 24.37 9.50 -12.21
C PHE A 335 24.46 8.03 -12.56
N SER A 336 25.01 7.25 -11.65
CA SER A 336 25.18 5.80 -11.85
C SER A 336 25.34 5.13 -10.50
N ASN A 337 25.21 3.80 -10.51
CA ASN A 337 25.40 2.96 -9.32
C ASN A 337 24.43 3.35 -8.21
N LEU A 338 23.14 3.16 -8.49
CA LEU A 338 22.09 3.39 -7.51
C LEU A 338 21.92 2.12 -6.67
N LYS A 339 22.21 2.23 -5.37
CA LYS A 339 22.09 1.09 -4.46
C LYS A 339 21.19 1.45 -3.29
N LEU A 340 21.10 0.56 -2.31
CA LEU A 340 20.27 0.77 -1.13
C LEU A 340 21.12 0.72 0.13
N GLN A 341 20.76 1.54 1.10
CA GLN A 341 21.42 1.58 2.41
C GLN A 341 20.35 1.37 3.46
N ARG A 342 20.53 0.34 4.29
CA ARG A 342 19.45 -0.14 5.16
C ARG A 342 19.44 0.51 6.53
N ALA A 343 20.35 1.43 6.84
CA ALA A 343 20.32 1.95 8.20
C ALA A 343 19.09 2.83 8.40
N PRO A 344 18.94 4.04 7.75
CA PRO A 344 17.63 4.68 7.78
C PRO A 344 16.77 4.35 6.56
N LEU A 345 16.79 3.10 6.12
CA LEU A 345 16.01 2.61 4.98
C LEU A 345 15.93 3.64 3.85
N ASP A 346 17.11 4.03 3.33
CA ASP A 346 17.20 5.04 2.29
C ASP A 346 18.02 4.55 1.12
N LEU A 347 17.80 5.16 -0.04
CA LEU A 347 18.54 4.86 -1.25
C LEU A 347 19.77 5.75 -1.37
N ILE A 348 20.79 5.24 -2.06
CA ILE A 348 22.04 5.95 -2.29
C ILE A 348 22.34 5.94 -3.78
N VAL A 349 22.66 7.11 -4.33
CA VAL A 349 23.04 7.23 -5.73
C VAL A 349 24.34 8.02 -5.80
N ASP A 350 25.19 7.66 -6.75
CA ASP A 350 26.53 8.22 -6.88
C ASP A 350 26.58 9.20 -8.04
N LYS A 351 27.10 10.40 -7.77
CA LYS A 351 27.35 11.40 -8.80
C LYS A 351 28.74 11.98 -8.60
N ASN A 352 29.48 12.11 -9.70
CA ASN A 352 30.82 12.69 -9.68
C ASN A 352 31.70 12.07 -8.58
N ASN A 353 31.57 10.76 -8.42
CA ASN A 353 32.26 10.01 -7.37
C ASN A 353 31.94 10.63 -6.00
N VAL A 354 30.65 10.82 -5.74
CA VAL A 354 30.16 11.29 -4.45
C VAL A 354 28.85 10.55 -4.16
N SER A 355 28.77 9.90 -3.00
CA SER A 355 27.60 9.14 -2.62
C SER A 355 26.62 10.04 -1.88
N LEU A 356 25.39 10.11 -2.37
CA LEU A 356 24.36 10.96 -1.80
C LEU A 356 23.05 10.19 -1.74
N SER A 357 22.17 10.62 -0.83
CA SER A 357 20.84 10.05 -0.74
C SER A 357 19.91 10.76 -1.72
N VAL A 358 18.90 10.01 -2.19
CA VAL A 358 17.94 10.58 -3.14
C VAL A 358 17.13 11.68 -2.48
N LEU A 359 16.81 11.53 -1.19
CA LEU A 359 15.99 12.51 -0.49
C LEU A 359 16.66 13.87 -0.35
N GLN A 360 17.98 13.97 -0.56
CA GLN A 360 18.70 15.22 -0.43
C GLN A 360 19.17 15.77 -1.77
N LEU A 361 18.76 15.16 -2.88
CA LEU A 361 19.20 15.61 -4.20
C LEU A 361 18.52 16.93 -4.56
N SER A 362 18.97 17.50 -5.68
CA SER A 362 18.39 18.75 -6.16
C SER A 362 16.93 18.55 -6.56
N GLN A 363 16.13 19.61 -6.35
CA GLN A 363 14.72 19.54 -6.69
C GLN A 363 14.51 19.33 -8.19
N GLY A 364 15.46 19.78 -9.01
CA GLY A 364 15.38 19.60 -10.44
C GLY A 364 15.81 18.24 -10.94
N GLU A 365 16.21 17.34 -10.05
CA GLU A 365 16.65 16.02 -10.45
C GLU A 365 15.88 14.89 -9.79
N LYS A 366 15.00 15.18 -8.83
CA LYS A 366 14.16 14.15 -8.24
C LYS A 366 12.81 14.04 -8.95
N THR A 367 12.28 15.14 -9.49
CA THR A 367 11.04 15.08 -10.24
C THR A 367 11.21 14.21 -11.48
N ILE A 368 12.28 14.47 -12.25
CA ILE A 368 12.56 13.67 -13.44
C ILE A 368 12.83 12.22 -13.04
N LEU A 369 13.58 12.03 -11.95
CA LEU A 369 13.89 10.68 -11.47
C LEU A 369 12.60 9.90 -11.20
N ALA A 370 11.68 10.49 -10.44
CA ALA A 370 10.43 9.81 -10.11
C ALA A 370 9.57 9.59 -11.34
N LEU A 371 9.54 10.57 -12.26
CA LEU A 371 8.77 10.41 -13.49
C LEU A 371 9.26 9.21 -14.30
N ILE A 372 10.57 9.15 -14.54
CA ILE A 372 11.12 8.04 -15.32
C ILE A 372 10.93 6.72 -14.60
N ALA A 373 11.13 6.72 -13.28
CA ALA A 373 10.97 5.49 -12.50
C ALA A 373 9.53 4.99 -12.57
N ASP A 374 8.55 5.89 -12.45
CA ASP A 374 7.15 5.48 -12.50
C ASP A 374 6.80 4.93 -13.87
N ILE A 375 7.25 5.59 -14.95
CA ILE A 375 6.95 5.08 -16.29
C ILE A 375 7.58 3.71 -16.49
N ALA A 376 8.84 3.55 -16.08
CA ALA A 376 9.51 2.27 -16.27
C ALA A 376 8.84 1.16 -15.47
N ARG A 377 8.49 1.43 -14.21
CA ARG A 377 7.85 0.42 -13.39
C ARG A 377 6.48 0.04 -13.94
N ARG A 378 5.70 1.03 -14.39
CA ARG A 378 4.38 0.72 -14.92
C ARG A 378 4.47 -0.05 -16.23
N LEU A 379 5.43 0.29 -17.09
CA LEU A 379 5.61 -0.48 -18.32
C LEU A 379 6.05 -1.91 -18.02
N THR A 380 6.94 -2.09 -17.05
CA THR A 380 7.37 -3.44 -16.69
C THR A 380 6.21 -4.26 -16.11
N LEU A 381 5.40 -3.64 -15.26
CA LEU A 381 4.26 -4.34 -14.67
C LEU A 381 3.22 -4.70 -15.72
N LEU A 382 2.90 -3.75 -16.61
CA LEU A 382 1.85 -3.98 -17.59
C LEU A 382 2.30 -4.94 -18.67
N ASN A 383 3.60 -4.97 -18.98
CA ASN A 383 4.12 -5.84 -20.03
C ASN A 383 4.88 -6.99 -19.38
N PRO A 384 4.35 -8.21 -19.44
CA PRO A 384 5.07 -9.35 -18.85
C PRO A 384 6.34 -9.71 -19.62
N ASN A 385 7.00 -10.78 -19.19
CA ASN A 385 8.26 -11.27 -19.74
C ASN A 385 8.35 -11.08 -21.25
N SER A 386 9.34 -10.32 -21.69
CA SER A 386 9.53 -10.02 -23.09
C SER A 386 10.98 -9.60 -23.30
N VAL A 387 11.38 -9.53 -24.57
CA VAL A 387 12.75 -9.13 -24.90
C VAL A 387 13.00 -7.70 -24.44
N ASN A 388 12.05 -6.80 -24.71
CA ASN A 388 12.15 -5.41 -24.29
C ASN A 388 10.82 -5.01 -23.65
N PRO A 389 10.78 -4.79 -22.34
CA PRO A 389 9.51 -4.47 -21.67
C PRO A 389 9.17 -2.99 -21.64
N LEU A 390 10.02 -2.12 -22.20
CA LEU A 390 9.75 -0.70 -22.25
C LEU A 390 9.19 -0.25 -23.60
N ASP A 391 8.86 -1.21 -24.48
CA ASP A 391 8.36 -0.91 -25.81
C ASP A 391 6.83 -0.97 -25.87
N GLY A 392 6.16 -0.70 -24.75
CA GLY A 392 4.72 -0.76 -24.70
C GLY A 392 4.08 0.47 -25.33
N THR A 393 2.75 0.44 -25.35
CA THR A 393 1.96 1.51 -25.94
C THR A 393 1.11 2.16 -24.85
N GLY A 394 0.44 3.24 -25.22
CA GLY A 394 -0.46 3.92 -24.34
C GLY A 394 -0.31 5.43 -24.44
N ILE A 395 -1.00 6.13 -23.54
CA ILE A 395 -1.00 7.59 -23.52
C ILE A 395 -0.31 8.04 -22.24
N VAL A 396 0.72 8.87 -22.39
CA VAL A 396 1.38 9.52 -21.26
C VAL A 396 1.20 11.01 -21.44
N LEU A 397 0.64 11.66 -20.42
CA LEU A 397 0.34 13.09 -20.47
C LEU A 397 1.25 13.80 -19.47
N ILE A 398 2.37 14.31 -19.96
CA ILE A 398 3.30 15.06 -19.13
C ILE A 398 2.89 16.53 -19.20
N ASP A 399 2.33 17.04 -18.10
CA ASP A 399 1.79 18.39 -18.05
C ASP A 399 2.83 19.33 -17.45
N GLU A 400 3.08 20.45 -18.12
CA GLU A 400 4.08 21.43 -17.71
C GLU A 400 5.46 20.78 -17.55
N ILE A 401 5.98 20.32 -18.68
CA ILE A 401 7.28 19.65 -18.71
C ILE A 401 8.41 20.58 -18.29
N ASP A 402 8.22 21.89 -18.42
CA ASP A 402 9.28 22.86 -18.11
C ASP A 402 9.58 22.98 -16.63
N LEU A 403 8.95 22.18 -15.76
CA LEU A 403 9.17 22.29 -14.33
C LEU A 403 10.55 21.75 -13.96
N HIS A 404 11.28 22.53 -13.15
CA HIS A 404 12.55 22.10 -12.54
C HIS A 404 13.54 21.61 -13.59
N LEU A 405 13.66 22.33 -14.70
CA LEU A 405 14.59 21.98 -15.75
C LEU A 405 15.41 23.18 -16.16
N HIS A 406 16.73 23.02 -16.13
CA HIS A 406 17.62 24.02 -16.73
C HIS A 406 17.40 24.03 -18.24
N PRO A 407 17.51 25.20 -18.88
CA PRO A 407 17.36 25.23 -20.34
C PRO A 407 18.56 24.66 -21.07
N SER A 408 18.97 23.46 -20.67
CA SER A 408 19.99 22.69 -21.37
C SER A 408 19.50 21.27 -21.55
N TRP A 409 18.59 20.83 -20.67
CA TRP A 409 17.93 19.55 -20.80
C TRP A 409 16.63 19.62 -21.58
N GLN A 410 16.09 20.82 -21.77
CA GLN A 410 14.85 20.97 -22.52
C GLN A 410 15.04 20.64 -23.99
N GLN A 411 16.26 20.79 -24.50
CA GLN A 411 16.57 20.40 -25.88
C GLN A 411 16.86 18.91 -26.01
N ASN A 412 16.88 18.17 -24.90
CA ASN A 412 17.16 16.74 -24.94
C ASN A 412 16.18 15.93 -24.11
N ILE A 413 15.04 16.50 -23.74
CA ILE A 413 14.05 15.76 -22.96
C ILE A 413 13.07 15.01 -23.85
N ILE A 414 12.43 15.68 -24.81
CA ILE A 414 11.50 15.00 -25.71
C ILE A 414 12.20 13.93 -26.56
N PRO A 415 13.29 14.22 -27.28
CA PRO A 415 13.92 13.17 -28.08
C PRO A 415 14.47 12.01 -27.26
N ARG A 416 14.90 12.25 -26.02
CA ARG A 416 15.37 11.14 -25.19
C ARG A 416 14.22 10.27 -24.71
N LEU A 417 13.09 10.87 -24.35
CA LEU A 417 11.91 10.08 -24.02
C LEU A 417 11.46 9.27 -25.23
N GLU A 418 11.52 9.85 -26.43
CA GLU A 418 11.12 9.11 -27.61
C GLU A 418 12.13 8.03 -27.99
N LYS A 419 13.41 8.22 -27.68
CA LYS A 419 14.41 7.21 -27.98
C LYS A 419 14.31 6.04 -27.00
N THR A 420 14.19 6.32 -25.71
CA THR A 420 14.05 5.26 -24.72
C THR A 420 12.69 4.57 -24.85
N PHE A 421 11.62 5.36 -24.94
CA PHE A 421 10.27 4.85 -25.13
C PHE A 421 9.83 5.24 -26.54
N LYS A 422 9.91 4.30 -27.48
CA LYS A 422 9.70 4.59 -28.88
C LYS A 422 8.31 4.18 -29.38
N ASN A 423 7.40 3.82 -28.49
CA ASN A 423 6.06 3.42 -28.90
C ASN A 423 4.99 3.98 -27.99
N ILE A 424 5.24 5.14 -27.37
CA ILE A 424 4.29 5.77 -26.46
C ILE A 424 3.98 7.17 -26.95
N GLN A 425 2.69 7.50 -27.00
CA GLN A 425 2.27 8.85 -27.32
C GLN A 425 2.56 9.78 -26.14
N PHE A 426 2.97 11.01 -26.45
CA PHE A 426 3.51 11.94 -25.46
C PHE A 426 2.89 13.32 -25.62
N ILE A 427 1.56 13.38 -25.64
CA ILE A 427 0.89 14.68 -25.65
C ILE A 427 1.29 15.46 -24.40
N VAL A 428 1.98 16.58 -24.61
CA VAL A 428 2.53 17.38 -23.53
C VAL A 428 2.19 18.85 -23.75
N THR A 429 2.34 19.64 -22.69
CA THR A 429 2.20 21.07 -22.75
C THR A 429 3.45 21.73 -22.17
N THR A 430 3.80 22.89 -22.70
CA THR A 430 5.04 23.55 -22.30
C THR A 430 4.92 25.05 -22.47
N HIS A 431 5.79 25.77 -21.77
CA HIS A 431 5.91 27.21 -21.90
C HIS A 431 7.35 27.66 -22.15
N SER A 432 8.31 26.74 -22.15
CA SER A 432 9.70 27.09 -22.39
C SER A 432 9.99 27.03 -23.89
N PRO A 433 10.46 28.12 -24.50
CA PRO A 433 10.67 28.12 -25.95
C PRO A 433 11.90 27.34 -26.41
N GLN A 434 12.56 26.63 -25.50
CA GLN A 434 13.65 25.73 -25.88
C GLN A 434 13.23 24.26 -25.90
N VAL A 435 11.93 24.00 -25.78
CA VAL A 435 11.38 22.65 -25.97
C VAL A 435 10.73 22.59 -27.34
N CYS A 436 10.23 23.73 -27.80
CA CYS A 436 9.48 23.77 -29.05
C CYS A 436 10.37 23.48 -30.25
N HIS A 437 11.60 24.02 -30.26
CA HIS A 437 12.46 23.89 -31.43
C HIS A 437 13.19 22.55 -31.45
N THR A 438 12.44 21.46 -31.26
CA THR A 438 12.93 20.12 -31.52
C THR A 438 11.85 19.23 -32.12
N ILE A 439 10.67 19.76 -32.41
CA ILE A 439 9.54 19.00 -32.93
C ILE A 439 9.05 19.67 -34.20
N ASP A 440 8.49 18.88 -35.11
CA ASP A 440 8.01 19.41 -36.38
C ASP A 440 6.92 20.46 -36.16
N SER A 441 6.84 21.40 -37.10
CA SER A 441 5.88 22.49 -36.99
C SER A 441 4.43 22.00 -37.05
N GLN A 442 4.20 20.88 -37.75
CA GLN A 442 2.84 20.37 -37.92
C GLN A 442 2.26 19.78 -36.63
N ASN A 443 3.08 19.55 -35.61
CA ASN A 443 2.61 18.95 -34.37
C ASN A 443 2.25 19.97 -33.30
N ILE A 444 2.96 21.09 -33.22
CA ILE A 444 2.68 22.09 -32.20
C ILE A 444 1.35 22.75 -32.50
N TRP A 445 0.50 22.86 -31.48
CA TRP A 445 -0.88 23.34 -31.62
C TRP A 445 -1.03 24.58 -30.73
N LEU A 446 -0.85 25.75 -31.32
CA LEU A 446 -0.97 26.99 -30.57
C LEU A 446 -2.43 27.20 -30.12
N LEU A 447 -2.58 27.84 -28.95
CA LEU A 447 -3.89 28.06 -28.36
C LEU A 447 -3.97 29.50 -27.88
N LYS A 448 -4.97 30.24 -28.36
CA LYS A 448 -5.27 31.56 -27.83
C LYS A 448 -6.74 31.88 -28.07
N ASN A 449 -7.33 32.60 -27.12
CA ASN A 449 -8.71 33.11 -27.22
C ASN A 449 -9.70 31.98 -27.53
N GLY A 450 -9.46 30.82 -26.93
CA GLY A 450 -10.34 29.67 -27.15
C GLY A 450 -10.39 29.20 -28.58
N GLN A 451 -9.25 29.13 -29.25
CA GLN A 451 -9.19 28.70 -30.64
C GLN A 451 -7.85 28.03 -30.90
N LYS A 452 -7.82 27.17 -31.90
CA LYS A 452 -6.61 26.42 -32.26
C LYS A 452 -5.98 27.05 -33.49
N PHE A 453 -4.69 27.38 -33.39
CA PHE A 453 -3.92 27.94 -34.48
C PHE A 453 -2.72 27.04 -34.76
N LYS A 454 -2.50 26.72 -36.03
CA LYS A 454 -1.35 25.91 -36.39
C LYS A 454 -0.06 26.72 -36.31
N ALA A 455 1.04 26.03 -36.04
CA ALA A 455 2.33 26.69 -35.93
C ALA A 455 2.82 27.14 -37.31
N PRO A 456 3.60 28.21 -37.36
CA PRO A 456 4.17 28.65 -38.65
C PRO A 456 5.15 27.62 -39.20
N LYS A 457 5.50 27.81 -40.47
CA LYS A 457 6.38 26.86 -41.14
C LYS A 457 7.79 26.90 -40.55
N GLY A 458 8.36 25.72 -40.35
CA GLY A 458 9.73 25.60 -39.89
C GLY A 458 9.95 25.90 -38.42
N VAL A 459 9.24 25.19 -37.54
CA VAL A 459 9.42 25.36 -36.10
C VAL A 459 10.48 24.41 -35.56
N ARG A 460 11.02 23.52 -36.39
CA ARG A 460 12.09 22.63 -35.96
C ARG A 460 13.37 23.45 -35.79
N GLY A 461 14.49 22.76 -35.57
CA GLY A 461 15.72 23.39 -35.12
C GLY A 461 16.06 24.69 -35.83
N ALA A 462 15.97 25.79 -35.08
CA ALA A 462 16.12 27.12 -35.63
C ALA A 462 16.57 28.05 -34.50
N ILE A 463 16.69 29.33 -34.81
CA ILE A 463 17.10 30.31 -33.82
C ILE A 463 15.98 30.47 -32.80
N SER A 464 16.35 30.44 -31.51
CA SER A 464 15.35 30.48 -30.45
C SER A 464 14.56 31.79 -30.45
N SER A 465 15.18 32.88 -30.91
CA SER A 465 14.46 34.14 -30.97
C SER A 465 13.30 34.07 -31.96
N TRP A 466 13.50 33.35 -33.07
CA TRP A 466 12.46 33.30 -34.10
C TRP A 466 11.26 32.48 -33.62
N VAL A 467 11.53 31.33 -32.98
CA VAL A 467 10.42 30.54 -32.44
C VAL A 467 9.71 31.31 -31.34
N LEU A 468 10.47 32.01 -30.50
CA LEU A 468 9.86 32.81 -29.44
C LEU A 468 8.94 33.87 -30.04
N GLU A 469 9.44 34.63 -31.01
CA GLU A 469 8.67 35.73 -31.59
C GLU A 469 7.44 35.21 -32.32
N ASN A 470 7.56 34.10 -33.07
CA ASN A 470 6.49 33.65 -33.93
C ASN A 470 5.59 32.61 -33.28
N LEU A 471 5.83 32.21 -32.04
CA LEU A 471 4.93 31.31 -31.35
C LEU A 471 4.42 31.84 -30.01
N PHE A 472 5.09 32.82 -29.40
CA PHE A 472 4.65 33.36 -28.13
C PHE A 472 4.28 34.84 -28.20
N GLU A 473 4.52 35.50 -29.34
CA GLU A 473 4.24 36.93 -29.51
C GLU A 473 4.97 37.75 -28.44
N VAL A 474 6.20 37.37 -28.15
CA VAL A 474 7.05 38.06 -27.18
C VAL A 474 8.32 38.51 -27.91
N ALA A 475 8.66 39.79 -27.76
CA ALA A 475 9.80 40.35 -28.46
C ALA A 475 11.11 39.74 -27.97
N GLN A 476 12.08 39.67 -28.87
CA GLN A 476 13.40 39.14 -28.51
C GLN A 476 14.07 40.00 -27.45
N ARG A 477 14.05 41.31 -27.65
CA ARG A 477 14.60 42.27 -26.70
C ARG A 477 13.49 42.77 -25.78
N PRO A 478 13.84 43.33 -24.63
CA PRO A 478 12.83 43.80 -23.68
C PRO A 478 11.91 44.83 -24.34
N PRO A 479 10.61 44.77 -24.05
CA PRO A 479 9.68 45.72 -24.68
C PRO A 479 9.69 47.08 -24.01
N GLU A 480 10.03 47.11 -22.73
CA GLU A 480 10.10 48.36 -21.95
C GLU A 480 11.38 48.31 -21.12
N ASP A 481 12.47 48.80 -21.71
CA ASP A 481 13.75 48.90 -21.03
C ASP A 481 14.46 50.14 -21.55
N LYS A 482 15.16 50.83 -20.66
CA LYS A 482 15.76 52.11 -21.01
C LYS A 482 16.86 51.94 -22.05
N TYR A 483 17.73 50.93 -21.88
CA TYR A 483 18.77 50.69 -22.87
C TYR A 483 18.21 50.21 -24.20
N THR A 484 17.12 49.43 -24.18
CA THR A 484 16.47 49.04 -25.44
C THR A 484 15.91 50.26 -26.16
N LYS A 485 15.30 51.18 -25.41
CA LYS A 485 14.82 52.42 -26.01
C LYS A 485 15.96 53.24 -26.59
N LEU A 486 17.10 53.27 -25.90
CA LEU A 486 18.28 53.94 -26.45
C LEU A 486 18.75 53.25 -27.73
N LEU A 487 18.67 51.92 -27.78
CA LEU A 487 19.05 51.20 -29.00
C LEU A 487 18.14 51.60 -30.16
N GLN A 488 16.83 51.67 -29.91
CA GLN A 488 15.91 52.07 -30.98
C GLN A 488 16.15 53.52 -31.40
N GLU A 489 16.36 54.42 -30.44
CA GLU A 489 16.59 55.82 -30.73
C GLU A 489 17.95 56.05 -31.40
N TYR A 490 18.87 55.11 -31.25
CA TYR A 490 20.11 55.16 -32.03
C TYR A 490 19.88 54.65 -33.44
N LYS A 491 19.19 53.51 -33.57
CA LYS A 491 19.04 52.87 -34.87
C LYS A 491 18.24 53.74 -35.84
N ASN A 492 17.15 54.36 -35.38
CA ASN A 492 16.34 55.14 -36.31
C ASN A 492 17.09 56.38 -36.77
N LEU A 493 17.85 57.02 -35.89
CA LEU A 493 18.64 58.18 -36.28
C LEU A 493 19.81 57.80 -37.19
N VAL A 494 20.36 56.60 -37.05
CA VAL A 494 21.39 56.15 -37.97
C VAL A 494 20.83 56.06 -39.39
N PHE A 495 19.62 55.52 -39.53
CA PHE A 495 18.99 55.33 -40.83
C PHE A 495 18.20 56.55 -41.29
N SER A 496 18.51 57.74 -40.76
CA SER A 496 17.76 58.93 -41.08
C SER A 496 18.66 60.14 -40.82
N GLU A 497 18.05 61.33 -40.74
CA GLU A 497 18.79 62.55 -40.45
C GLU A 497 19.52 62.43 -39.11
N LYS A 498 20.48 63.34 -38.91
CA LYS A 498 21.30 63.40 -37.70
C LYS A 498 22.16 62.13 -37.57
N TYR A 499 22.94 61.86 -38.61
CA TYR A 499 23.84 60.71 -38.58
C TYR A 499 25.08 60.97 -37.74
N ALA A 500 25.54 62.22 -37.67
CA ALA A 500 26.66 62.60 -36.81
C ALA A 500 26.36 64.01 -36.29
N SER A 501 25.74 64.07 -35.12
CA SER A 501 25.17 65.30 -34.61
C SER A 501 25.23 65.30 -33.09
N GLU A 502 24.41 66.15 -32.47
CA GLU A 502 24.30 66.26 -31.02
C GLU A 502 24.24 64.91 -30.31
N ASP A 503 23.27 64.08 -30.69
CA ASP A 503 22.98 62.87 -29.92
C ASP A 503 23.61 61.61 -30.49
N ALA A 504 24.06 61.61 -31.74
CA ALA A 504 24.60 60.38 -32.33
C ALA A 504 25.80 59.90 -31.54
N ARG A 505 26.77 60.79 -31.28
CA ARG A 505 27.98 60.39 -30.56
C ARG A 505 27.68 59.99 -29.12
N LYS A 506 26.79 60.71 -28.45
CA LYS A 506 26.55 60.43 -27.04
C LYS A 506 25.83 59.10 -26.84
N LEU A 507 24.81 58.81 -27.65
CA LEU A 507 24.19 57.49 -27.59
C LEU A 507 25.15 56.40 -28.05
N GLY A 508 25.99 56.69 -29.04
CA GLY A 508 27.00 55.73 -29.43
C GLY A 508 27.90 55.34 -28.27
N ALA A 509 28.39 56.34 -27.54
CA ALA A 509 29.26 56.08 -26.39
C ALA A 509 28.49 55.36 -25.28
N THR A 510 27.25 55.78 -25.02
CA THR A 510 26.47 55.15 -23.95
C THR A 510 26.21 53.68 -24.24
N LEU A 511 25.87 53.35 -25.49
CA LEU A 511 25.64 51.96 -25.87
C LEU A 511 26.91 51.20 -26.16
N SER A 512 28.06 51.88 -26.25
CA SER A 512 29.33 51.18 -26.32
C SER A 512 29.88 50.84 -24.95
N GLN A 513 29.56 51.65 -23.93
CA GLN A 513 29.97 51.31 -22.57
C GLN A 513 29.30 50.01 -22.11
N HIS A 514 28.02 49.86 -22.40
CA HIS A 514 27.30 48.62 -22.13
C HIS A 514 27.21 47.82 -23.42
N PHE A 515 26.75 46.56 -23.30
CA PHE A 515 26.70 45.62 -24.42
C PHE A 515 28.08 45.36 -25.01
N GLY A 516 29.11 45.94 -24.43
CA GLY A 516 30.44 45.87 -24.98
C GLY A 516 30.57 46.69 -26.25
N PRO A 517 31.79 47.14 -26.55
CA PRO A 517 32.03 47.85 -27.81
C PRO A 517 32.17 46.94 -29.03
N ASP A 518 31.95 45.63 -28.86
CA ASP A 518 32.10 44.65 -29.93
C ASP A 518 31.01 43.57 -29.83
N ASP A 519 29.91 43.81 -30.53
CA ASP A 519 28.78 42.91 -30.54
C ASP A 519 28.24 42.85 -31.97
N GLU A 520 27.03 42.35 -32.13
CA GLU A 520 26.46 42.24 -33.48
C GLU A 520 25.88 43.57 -33.96
N THR A 521 24.86 44.08 -33.26
CA THR A 521 24.10 45.21 -33.78
C THR A 521 24.95 46.46 -33.93
N LEU A 522 25.77 46.77 -32.92
CA LEU A 522 26.49 48.05 -32.93
C LEU A 522 27.59 48.08 -33.99
N VAL A 523 28.25 46.95 -34.25
CA VAL A 523 29.23 46.93 -35.33
C VAL A 523 28.54 47.13 -36.68
N GLU A 524 27.37 46.53 -36.86
CA GLU A 524 26.58 46.78 -38.07
C GLU A 524 26.28 48.26 -38.23
N LEU A 525 25.77 48.89 -37.16
CA LEU A 525 25.40 50.30 -37.24
C LEU A 525 26.61 51.18 -37.50
N LYS A 526 27.73 50.89 -36.84
CA LYS A 526 28.95 51.67 -37.05
C LYS A 526 29.47 51.52 -38.47
N LEU A 527 29.44 50.30 -39.00
CA LEU A 527 29.90 50.09 -40.38
C LEU A 527 29.02 50.85 -41.36
N GLU A 528 27.69 50.80 -41.17
CA GLU A 528 26.82 51.49 -42.11
C GLU A 528 26.91 53.00 -41.98
N ILE A 529 27.13 53.52 -40.76
CA ILE A 529 27.31 54.96 -40.60
C ILE A 529 28.63 55.39 -41.24
N GLU A 530 29.67 54.57 -41.14
CA GLU A 530 30.91 54.88 -41.84
C GLU A 530 30.71 54.86 -43.35
N LYS A 531 29.95 53.88 -43.85
CA LYS A 531 29.68 53.79 -45.27
C LYS A 531 28.96 55.03 -45.78
N ARG A 532 27.92 55.46 -45.08
CA ARG A 532 27.08 56.54 -45.58
C ARG A 532 27.52 57.92 -45.06
N ILE A 533 28.62 57.99 -44.31
CA ILE A 533 29.29 59.27 -44.08
C ILE A 533 30.41 59.40 -45.10
N TRP A 534 30.95 58.27 -45.56
CA TRP A 534 31.93 58.32 -46.63
C TRP A 534 31.28 58.72 -47.96
N GLU A 535 30.04 58.28 -48.18
CA GLU A 535 29.33 58.63 -49.42
C GLU A 535 29.10 60.13 -49.52
N ASP A 536 28.77 60.77 -48.41
CA ASP A 536 28.55 62.22 -48.39
C ASP A 536 29.85 62.97 -48.68
N ALA B 10 4.61 -72.67 60.85
CA ALA B 10 5.22 -72.60 62.16
C ALA B 10 5.84 -71.23 62.41
N GLU B 11 6.12 -70.93 63.67
CA GLU B 11 6.72 -69.65 64.04
C GLU B 11 8.23 -69.71 63.86
N ASP B 12 8.89 -68.62 64.26
CA ASP B 12 10.36 -68.51 64.16
C ASP B 12 10.93 -68.37 65.56
N GLN B 13 11.72 -69.36 65.98
CA GLN B 13 12.36 -69.29 67.29
C GLN B 13 13.41 -68.20 67.32
N PHE B 14 14.06 -67.92 66.19
CA PHE B 14 15.02 -66.83 66.13
C PHE B 14 14.35 -65.49 66.38
N LEU B 15 13.13 -65.30 65.85
CA LEU B 15 12.39 -64.08 66.11
C LEU B 15 12.06 -63.95 67.60
N ILE B 16 11.69 -65.06 68.24
CA ILE B 16 11.41 -65.02 69.67
C ILE B 16 12.66 -64.66 70.46
N ASN B 17 13.81 -65.24 70.07
CA ASN B 17 15.06 -64.91 70.74
C ASN B 17 15.42 -63.44 70.57
N PHE B 18 15.22 -62.89 69.36
CA PHE B 18 15.48 -61.48 69.13
C PHE B 18 14.55 -60.60 69.95
N LYS B 19 13.28 -61.00 70.06
CA LYS B 19 12.35 -60.24 70.89
C LYS B 19 12.75 -60.29 72.36
N ALA B 20 13.30 -61.42 72.81
CA ALA B 20 13.71 -61.54 74.21
C ALA B 20 14.97 -60.74 74.48
N GLN B 21 15.91 -60.71 73.52
CA GLN B 21 17.19 -60.05 73.75
C GLN B 21 17.02 -58.55 73.92
N ASN B 22 16.33 -57.90 72.99
CA ASN B 22 16.10 -56.47 73.10
C ASN B 22 15.06 -56.18 74.18
N PRO B 23 15.10 -54.98 74.79
CA PRO B 23 14.25 -54.71 75.96
C PRO B 23 12.75 -54.88 75.71
N ASN B 24 12.20 -54.13 74.77
CA ASN B 24 10.77 -54.18 74.51
C ASN B 24 10.47 -54.24 73.02
N GLY B 25 11.38 -54.78 72.23
CA GLY B 25 11.24 -54.80 70.79
C GLY B 25 11.77 -53.54 70.13
N THR B 26 12.14 -53.69 68.86
CA THR B 26 12.70 -52.58 68.10
C THR B 26 12.27 -52.69 66.66
N TRP B 27 12.30 -51.55 65.96
CA TRP B 27 11.89 -51.49 64.56
C TRP B 27 13.04 -51.23 63.60
N ASP B 28 14.16 -50.67 64.08
CA ASP B 28 15.33 -50.53 63.22
C ASP B 28 15.86 -51.89 62.80
N GLU B 29 15.94 -52.83 63.74
CA GLU B 29 16.33 -54.19 63.39
C GLU B 29 15.27 -54.86 62.53
N PHE B 30 14.01 -54.44 62.64
CA PHE B 30 12.99 -54.94 61.73
C PHE B 30 13.26 -54.46 60.30
N ARG B 31 13.64 -53.19 60.15
CA ARG B 31 13.98 -52.67 58.84
C ARG B 31 15.22 -53.37 58.28
N ASN B 32 16.21 -53.60 59.13
CA ASN B 32 17.46 -54.27 58.74
C ASN B 32 17.75 -55.40 59.71
N HIS B 33 17.18 -56.58 59.45
CA HIS B 33 17.52 -57.78 60.20
C HIS B 33 18.91 -58.25 59.79
N GLU B 34 19.91 -57.96 60.63
CA GLU B 34 21.30 -58.29 60.33
C GLU B 34 21.71 -57.72 58.98
N GLN B 35 21.82 -58.59 57.97
CA GLN B 35 22.09 -58.17 56.60
C GLN B 35 20.84 -58.25 55.71
N GLY B 36 19.66 -58.21 56.32
CA GLY B 36 18.42 -58.35 55.59
C GLY B 36 18.01 -59.78 55.30
N ILE B 37 18.79 -60.77 55.74
CA ILE B 37 18.46 -62.16 55.48
C ILE B 37 17.20 -62.58 56.23
N LEU B 38 17.08 -62.17 57.50
CA LEU B 38 15.92 -62.58 58.29
C LEU B 38 14.66 -61.87 57.81
N TYR B 39 14.78 -60.60 57.41
CA TYR B 39 13.63 -59.89 56.84
C TYR B 39 13.10 -60.61 55.61
N LYS B 40 14.00 -60.93 54.66
CA LYS B 40 13.59 -61.59 53.44
C LYS B 40 12.98 -62.96 53.73
N ARG B 41 13.63 -63.73 54.61
CA ARG B 41 13.14 -65.07 54.93
C ARG B 41 11.76 -65.02 55.57
N LEU B 42 11.58 -64.14 56.57
CA LEU B 42 10.30 -64.03 57.26
C LEU B 42 9.21 -63.53 56.33
N LYS B 43 9.50 -62.52 55.52
CA LYS B 43 8.50 -62.00 54.59
C LYS B 43 8.10 -63.05 53.57
N GLN B 44 9.07 -63.82 53.07
CA GLN B 44 8.76 -64.90 52.14
C GLN B 44 7.92 -65.98 52.81
N HIS B 45 8.21 -66.29 54.08
CA HIS B 45 7.41 -67.26 54.80
C HIS B 45 5.97 -66.79 54.97
N ILE B 46 5.78 -65.51 55.32
CA ILE B 46 4.42 -64.97 55.44
C ILE B 46 3.70 -65.00 54.11
N CYS B 47 4.40 -64.63 53.03
CA CYS B 47 3.78 -64.66 51.70
C CYS B 47 3.39 -66.09 51.31
N ASN B 48 4.23 -67.06 51.65
CA ASN B 48 3.89 -68.45 51.40
C ASN B 48 2.67 -68.88 52.21
N ASP B 49 2.59 -68.42 53.46
CA ASP B 49 1.44 -68.75 54.30
C ASP B 49 0.14 -68.19 53.72
N GLN B 50 0.19 -66.97 53.20
CA GLN B 50 -0.98 -66.33 52.61
C GLN B 50 -1.18 -66.69 51.14
N MET B 51 -0.48 -67.72 50.66
CA MET B 51 -0.63 -68.21 49.28
C MET B 51 -0.34 -67.11 48.26
N TYR B 52 0.68 -66.29 48.54
CA TYR B 52 1.09 -65.20 47.65
C TYR B 52 -0.07 -64.24 47.38
N LEU B 53 -0.85 -63.95 48.41
CA LEU B 53 -2.06 -63.15 48.26
C LEU B 53 -2.14 -62.09 49.35
N CYS B 54 -2.85 -61.02 49.05
CA CYS B 54 -3.13 -59.99 50.03
C CYS B 54 -4.27 -60.41 50.95
N ALA B 55 -4.47 -59.62 52.01
CA ALA B 55 -5.55 -59.86 52.96
C ALA B 55 -6.73 -58.91 52.77
N TYR B 56 -6.47 -57.68 52.33
CA TYR B 56 -7.53 -56.69 52.15
C TYR B 56 -7.88 -56.44 50.68
N CYS B 57 -7.13 -57.00 49.74
CA CYS B 57 -7.60 -57.02 48.35
C CYS B 57 -7.39 -58.35 47.65
N GLU B 58 -6.53 -59.24 48.16
CA GLU B 58 -6.35 -60.59 47.64
C GLU B 58 -5.96 -60.57 46.15
N ILE B 59 -4.77 -60.03 45.90
CA ILE B 59 -4.15 -60.10 44.58
C ILE B 59 -2.84 -60.86 44.70
N ASP B 60 -2.35 -61.32 43.55
CA ASP B 60 -1.12 -62.12 43.50
C ASP B 60 0.08 -61.25 43.87
N LEU B 61 0.71 -61.56 45.00
CA LEU B 61 1.94 -60.88 45.38
C LEU B 61 3.05 -61.24 44.41
N ASP B 62 3.89 -60.25 44.07
CA ASP B 62 4.93 -60.45 43.09
C ASP B 62 5.98 -61.42 43.63
N ARG B 63 6.21 -62.51 42.89
CA ARG B 63 7.15 -63.52 43.35
C ARG B 63 8.58 -63.00 43.38
N GLU B 64 8.97 -62.22 42.37
CA GLU B 64 10.35 -61.73 42.27
C GLU B 64 10.53 -60.39 42.97
N ASN B 65 9.77 -59.39 42.54
CA ASN B 65 9.87 -58.06 43.15
C ASN B 65 9.28 -58.07 44.56
N GLU B 66 10.01 -57.48 45.50
CA GLU B 66 9.58 -57.41 46.88
C GLU B 66 9.61 -56.01 47.46
N HIS B 67 10.10 -55.01 46.70
CA HIS B 67 10.13 -53.64 47.21
C HIS B 67 8.71 -53.12 47.46
N GLU B 68 7.78 -53.41 46.55
CA GLU B 68 6.41 -52.98 46.74
C GLU B 68 5.73 -53.72 47.89
N ILE B 69 6.07 -55.00 48.07
CA ILE B 69 5.47 -55.79 49.14
C ILE B 69 5.94 -55.25 50.48
N LYS B 70 5.01 -54.83 51.32
CA LYS B 70 5.31 -54.27 52.63
C LYS B 70 4.44 -54.94 53.69
N VAL B 71 5.01 -55.17 54.86
CA VAL B 71 4.36 -55.88 55.95
C VAL B 71 3.71 -54.88 56.89
N GLU B 72 2.44 -55.14 57.24
CA GLU B 72 1.69 -54.27 58.13
C GLU B 72 1.14 -55.08 59.30
N HIS B 73 0.95 -54.39 60.43
CA HIS B 73 0.43 -55.02 61.63
C HIS B 73 -1.08 -54.80 61.71
N PHE B 74 -1.82 -55.88 62.01
CA PHE B 74 -3.26 -55.76 62.19
C PHE B 74 -3.60 -54.85 63.37
N LYS B 75 -2.86 -54.99 64.46
CA LYS B 75 -3.08 -54.21 65.67
C LYS B 75 -2.15 -53.01 65.77
N SER B 76 -1.53 -52.61 64.65
CA SER B 76 -0.86 -51.33 64.48
C SER B 76 0.44 -51.20 65.26
N LYS B 77 1.30 -50.27 64.83
CA LYS B 77 2.56 -49.95 65.49
C LYS B 77 2.50 -48.64 66.26
N SER B 78 1.72 -47.67 65.76
CA SER B 78 1.66 -46.34 66.35
C SER B 78 1.00 -46.33 67.72
N GLY B 79 0.39 -47.44 68.14
CA GLY B 79 -0.21 -47.50 69.46
C GLY B 79 0.78 -47.34 70.60
N SER B 80 2.06 -47.62 70.33
CA SER B 80 3.15 -47.40 71.30
C SER B 80 2.90 -48.28 72.52
N LEU B 81 3.34 -47.81 73.69
CA LEU B 81 3.27 -48.57 74.93
C LEU B 81 3.89 -49.97 74.79
N PRO B 82 5.18 -50.06 74.46
CA PRO B 82 5.80 -51.38 74.25
C PRO B 82 5.77 -52.25 75.50
N GLY B 83 5.88 -51.66 76.69
CA GLY B 83 5.91 -52.45 77.91
C GLY B 83 4.65 -53.22 78.18
N GLY B 84 4.77 -54.54 78.31
CA GLY B 84 3.62 -55.39 78.55
C GLY B 84 2.74 -55.57 77.34
N SER B 85 2.22 -54.46 76.82
CA SER B 85 1.36 -54.47 75.63
C SER B 85 2.22 -54.26 74.39
N ASN B 86 3.02 -55.29 74.08
CA ASN B 86 3.98 -55.23 72.99
C ASN B 86 3.34 -55.81 71.73
N TRP B 87 2.92 -54.92 70.82
CA TRP B 87 2.45 -55.36 69.50
C TRP B 87 3.53 -55.24 68.42
N HIS B 88 4.66 -54.62 68.73
CA HIS B 88 5.65 -54.33 67.69
C HIS B 88 6.29 -55.60 67.15
N LEU B 89 6.74 -56.48 68.03
CA LEU B 89 7.45 -57.69 67.63
C LEU B 89 6.60 -58.94 67.80
N GLU B 90 5.33 -58.80 68.18
CA GLU B 90 4.48 -59.96 68.41
C GLU B 90 4.25 -60.72 67.11
N TRP B 91 4.15 -62.04 67.22
CA TRP B 91 3.97 -62.88 66.05
C TRP B 91 2.62 -62.60 65.37
N SER B 92 1.55 -62.46 66.17
CA SER B 92 0.23 -62.32 65.57
C SER B 92 -0.03 -60.89 65.11
N ASN B 93 0.97 -60.28 64.46
CA ASN B 93 0.79 -59.04 63.72
C ASN B 93 1.43 -59.05 62.34
N LEU B 94 2.40 -59.93 62.08
CA LEU B 94 3.12 -59.91 60.82
C LEU B 94 2.25 -60.50 59.71
N LEU B 95 1.96 -59.69 58.69
CA LEU B 95 1.11 -60.10 57.59
C LEU B 95 1.68 -59.59 56.28
N ALA B 96 1.22 -60.19 55.18
CA ALA B 96 1.64 -59.81 53.84
C ALA B 96 0.57 -58.92 53.21
N VAL B 97 0.99 -57.74 52.77
CA VAL B 97 0.09 -56.75 52.18
C VAL B 97 0.68 -56.29 50.85
N CYS B 98 -0.03 -55.37 50.19
CA CYS B 98 0.38 -54.85 48.90
C CYS B 98 1.18 -53.57 49.07
N LEU B 99 1.43 -52.87 47.96
CA LEU B 99 2.16 -51.61 47.99
C LEU B 99 1.27 -50.50 48.56
N PRO B 111 -6.14 -39.12 45.77
CA PRO B 111 -6.20 -39.36 47.21
C PRO B 111 -7.07 -40.56 47.57
N ALA B 112 -7.49 -41.33 46.57
CA ALA B 112 -8.31 -42.50 46.81
C ALA B 112 -7.87 -43.71 45.99
N ASN B 113 -6.75 -43.62 45.26
CA ASN B 113 -6.24 -44.73 44.47
C ASN B 113 -5.40 -45.70 45.29
N LEU B 114 -5.54 -45.69 46.61
CA LEU B 114 -4.82 -46.59 47.49
C LEU B 114 -5.81 -47.35 48.36
N SER B 115 -5.43 -48.57 48.73
CA SER B 115 -6.30 -49.46 49.50
C SER B 115 -5.42 -50.33 50.38
N CYS B 116 -5.98 -51.44 50.86
CA CYS B 116 -5.30 -52.40 51.72
C CYS B 116 -4.96 -51.78 53.06
N ASP B 117 -3.83 -52.18 53.64
CA ASP B 117 -3.43 -51.66 54.95
C ASP B 117 -3.09 -50.18 54.88
N SER B 118 -2.72 -49.68 53.71
CA SER B 118 -2.45 -48.25 53.56
C SER B 118 -3.72 -47.43 53.81
N TYR B 119 -4.88 -47.96 53.40
CA TYR B 119 -6.13 -47.26 53.67
C TYR B 119 -6.35 -47.09 55.17
N LYS B 120 -6.26 -48.19 55.92
CA LYS B 120 -6.34 -48.10 57.37
C LYS B 120 -5.19 -47.27 57.93
N SER B 121 -4.05 -47.26 57.25
CA SER B 121 -2.91 -46.47 57.71
C SER B 121 -3.24 -44.99 57.74
N HIS B 122 -3.73 -44.45 56.61
CA HIS B 122 -4.05 -43.02 56.64
C HIS B 122 -5.33 -42.74 57.42
N TYR B 123 -6.23 -43.71 57.51
CA TYR B 123 -7.40 -43.55 58.37
C TYR B 123 -6.99 -43.34 59.83
N GLU B 124 -6.05 -44.16 60.31
CA GLU B 124 -5.52 -43.95 61.65
C GLU B 124 -4.67 -42.69 61.74
N ASP B 125 -4.02 -42.31 60.65
CA ASP B 125 -3.19 -41.11 60.65
C ASP B 125 -4.04 -39.87 60.90
N LYS B 126 -4.96 -39.56 59.98
CA LYS B 126 -5.81 -38.37 60.17
C LYS B 126 -6.81 -38.56 61.31
N ASN B 127 -7.53 -39.69 61.33
CA ASN B 127 -8.48 -39.95 62.40
C ASN B 127 -7.73 -40.54 63.59
N LYS B 128 -7.13 -39.66 64.38
CA LYS B 128 -6.37 -40.08 65.55
C LYS B 128 -7.33 -40.53 66.64
N ILE B 129 -7.22 -41.80 67.04
CA ILE B 129 -8.14 -42.38 68.02
C ILE B 129 -7.48 -43.64 68.57
N ASN B 130 -7.96 -44.10 69.73
CA ASN B 130 -7.37 -45.21 70.45
C ASN B 130 -7.97 -46.56 70.04
N ASP B 131 -8.43 -46.70 68.80
CA ASP B 131 -8.94 -47.97 68.29
C ASP B 131 -7.83 -48.89 67.80
N LYS B 132 -6.60 -48.70 68.31
CA LYS B 132 -5.46 -49.50 67.91
C LYS B 132 -5.73 -50.99 67.98
N ASP B 133 -6.59 -51.42 68.91
CA ASP B 133 -7.01 -52.82 69.01
C ASP B 133 -8.12 -53.06 67.99
N TRP B 134 -7.70 -53.18 66.72
CA TRP B 134 -8.66 -53.41 65.65
C TRP B 134 -9.38 -54.74 65.76
N THR B 135 -8.84 -55.67 66.55
CA THR B 135 -9.55 -56.91 66.82
C THR B 135 -10.84 -56.61 67.58
N GLY B 136 -11.95 -57.17 67.11
CA GLY B 136 -13.25 -56.84 67.63
C GLY B 136 -13.91 -55.64 66.99
N LYS B 137 -13.19 -54.90 66.16
CA LYS B 137 -13.72 -53.78 65.40
C LYS B 137 -13.76 -54.05 63.91
N ILE B 138 -12.73 -54.70 63.36
CA ILE B 138 -12.68 -55.09 61.96
C ILE B 138 -12.30 -56.56 61.88
N LEU B 139 -12.61 -57.16 60.73
CA LEU B 139 -12.42 -58.60 60.56
C LEU B 139 -10.95 -58.96 60.49
N LEU B 140 -10.60 -60.10 61.10
CA LEU B 140 -9.23 -60.62 61.06
C LEU B 140 -9.17 -61.75 60.04
N PRO B 141 -8.35 -61.64 59.00
CA PRO B 141 -8.34 -62.69 57.96
C PRO B 141 -7.98 -64.07 58.48
N LEU B 142 -7.11 -64.17 59.49
CA LEU B 142 -6.70 -65.48 59.98
C LEU B 142 -7.87 -66.23 60.62
N THR B 143 -8.65 -65.54 61.45
CA THR B 143 -9.72 -66.20 62.20
C THR B 143 -10.95 -66.47 61.35
N LEU B 144 -11.10 -65.79 60.22
CA LEU B 144 -12.31 -65.90 59.42
C LEU B 144 -12.51 -67.33 58.93
N PRO B 145 -13.66 -67.95 59.20
CA PRO B 145 -13.92 -69.29 58.65
C PRO B 145 -14.08 -69.24 57.13
N ASP B 146 -13.80 -70.37 56.50
CA ASP B 146 -13.86 -70.47 55.04
C ASP B 146 -14.91 -71.44 54.54
N ALA B 147 -15.08 -72.59 55.19
CA ALA B 147 -16.00 -73.63 54.73
C ALA B 147 -17.41 -73.27 55.18
N HIS B 148 -18.05 -72.41 54.41
CA HIS B 148 -19.43 -71.97 54.67
C HIS B 148 -19.95 -71.29 53.41
N ASN B 149 -21.11 -70.66 53.52
CA ASN B 149 -21.62 -69.78 52.48
C ASN B 149 -21.22 -68.35 52.79
N PHE B 150 -20.56 -67.69 51.83
CA PHE B 150 -19.95 -66.38 52.02
C PHE B 150 -20.53 -65.35 51.07
N PHE B 151 -21.85 -65.38 50.88
CA PHE B 151 -22.53 -64.46 49.97
C PHE B 151 -22.47 -63.05 50.56
N THR B 152 -21.58 -62.22 50.02
CA THR B 152 -21.40 -60.84 50.46
C THR B 152 -21.13 -59.92 49.29
N PHE B 153 -21.56 -60.30 48.09
CA PHE B 153 -21.17 -59.63 46.86
C PHE B 153 -22.37 -58.94 46.22
N GLU B 154 -22.07 -57.95 45.38
CA GLU B 154 -23.06 -57.24 44.59
C GLU B 154 -22.62 -57.27 43.13
N LYS B 155 -23.59 -57.17 42.23
CA LYS B 155 -23.31 -57.31 40.80
C LYS B 155 -23.73 -56.07 40.02
N VAL B 156 -23.43 -54.88 40.53
CA VAL B 156 -23.73 -53.63 39.83
C VAL B 156 -22.50 -53.08 39.11
N THR B 157 -21.35 -53.05 39.80
CA THR B 157 -20.10 -52.60 39.20
C THR B 157 -18.95 -53.43 39.74
N CYS B 167 -23.17 -64.23 57.63
CA CYS B 167 -22.65 -62.97 58.15
C CYS B 167 -23.62 -62.37 59.17
N ASN B 168 -24.89 -62.78 59.09
CA ASN B 168 -25.91 -62.21 59.95
C ASN B 168 -25.62 -62.45 61.42
N THR B 169 -25.23 -63.67 61.78
CA THR B 169 -24.95 -64.06 63.16
C THR B 169 -23.63 -64.81 63.25
N ILE B 170 -22.59 -64.27 62.63
CA ILE B 170 -21.27 -64.87 62.71
C ILE B 170 -20.59 -64.39 63.99
N SER B 171 -19.97 -65.33 64.70
CA SER B 171 -19.27 -65.04 65.96
C SER B 171 -17.77 -65.12 65.67
N ILE B 172 -17.16 -63.96 65.44
CA ILE B 172 -15.76 -63.88 65.03
C ILE B 172 -15.08 -62.76 65.81
N ASP B 173 -13.75 -62.84 65.88
CA ASP B 173 -12.91 -61.82 66.52
C ASP B 173 -13.20 -61.68 68.01
N GLY B 174 -13.53 -62.80 68.66
CA GLY B 174 -13.82 -62.78 70.09
C GLY B 174 -15.22 -62.31 70.40
N LYS B 175 -15.65 -61.26 69.72
CA LYS B 175 -17.01 -60.74 69.89
C LYS B 175 -17.99 -61.77 69.37
N PRO B 176 -18.99 -62.17 70.17
CA PRO B 176 -19.94 -63.20 69.70
C PRO B 176 -20.84 -62.71 68.58
N ALA B 177 -21.79 -63.56 68.15
CA ALA B 177 -22.57 -63.29 66.95
C ALA B 177 -23.29 -61.94 67.02
N ALA B 178 -24.26 -61.82 67.92
CA ALA B 178 -24.98 -60.58 68.18
C ALA B 178 -25.30 -59.80 66.91
N GLU B 179 -24.57 -58.72 66.67
CA GLU B 179 -24.76 -57.84 65.52
C GLU B 179 -23.44 -57.60 64.81
N THR B 180 -22.74 -58.69 64.49
CA THR B 180 -21.43 -58.62 63.86
C THR B 180 -21.48 -57.97 62.47
N LEU B 181 -22.68 -57.86 61.87
CA LEU B 181 -22.82 -57.11 60.62
C LEU B 181 -22.24 -55.70 60.76
N SER B 182 -22.37 -55.10 61.94
CA SER B 182 -21.75 -53.80 62.17
C SER B 182 -20.24 -53.89 62.04
N ILE B 183 -19.64 -54.95 62.57
CA ILE B 183 -18.19 -55.15 62.44
C ILE B 183 -17.81 -55.33 60.98
N VAL B 184 -18.62 -56.07 60.23
CA VAL B 184 -18.33 -56.28 58.81
C VAL B 184 -18.38 -54.96 58.04
N THR B 185 -19.41 -54.16 58.31
CA THR B 185 -19.53 -52.85 57.63
C THR B 185 -18.38 -51.94 58.03
N LYS B 186 -17.96 -51.97 59.30
CA LYS B 186 -16.81 -51.18 59.72
C LYS B 186 -15.54 -51.65 59.02
N THR B 187 -15.38 -52.95 58.84
CA THR B 187 -14.24 -53.47 58.09
C THR B 187 -14.25 -52.98 56.66
N ILE B 188 -15.42 -52.98 56.02
CA ILE B 188 -15.53 -52.48 54.66
C ILE B 188 -15.18 -50.99 54.60
N GLU B 189 -15.68 -50.22 55.57
CA GLU B 189 -15.45 -48.78 55.59
C GLU B 189 -13.97 -48.45 55.76
N VAL B 190 -13.32 -49.11 56.74
CA VAL B 190 -11.91 -48.84 56.97
C VAL B 190 -11.06 -49.33 55.80
N LEU B 191 -11.35 -50.52 55.28
CA LEU B 191 -10.59 -51.07 54.17
C LEU B 191 -10.93 -50.37 52.85
N ASN B 192 -12.16 -49.87 52.71
CA ASN B 192 -12.62 -49.19 51.50
C ASN B 192 -12.49 -50.11 50.28
N LEU B 193 -13.26 -51.20 50.31
CA LEU B 193 -13.21 -52.22 49.27
C LEU B 193 -13.94 -51.81 48.00
N ASN B 194 -14.36 -50.56 47.88
CA ASN B 194 -15.06 -50.08 46.70
C ASN B 194 -14.35 -48.88 46.05
N CYS B 195 -13.05 -48.75 46.28
CA CYS B 195 -12.30 -47.66 45.66
C CYS B 195 -12.22 -47.84 44.15
N SER B 196 -12.07 -46.72 43.45
CA SER B 196 -12.00 -46.74 41.99
C SER B 196 -10.76 -47.47 41.47
N ARG B 197 -9.79 -47.75 42.33
CA ARG B 197 -8.61 -48.50 41.90
C ARG B 197 -9.00 -49.86 41.34
N LEU B 198 -9.64 -50.70 42.16
CA LEU B 198 -9.94 -52.08 41.77
C LEU B 198 -11.43 -52.34 41.60
N ASN B 199 -12.29 -51.33 41.68
CA ASN B 199 -13.72 -51.59 41.53
C ASN B 199 -14.06 -52.02 40.10
N ASN B 200 -13.53 -51.29 39.12
CA ASN B 200 -13.73 -51.67 37.72
C ASN B 200 -13.10 -53.02 37.43
N ALA B 201 -11.94 -53.30 38.04
CA ALA B 201 -11.31 -54.60 37.89
C ALA B 201 -12.18 -55.71 38.47
N ARG B 202 -12.81 -55.46 39.62
CA ARG B 202 -13.71 -56.43 40.21
C ARG B 202 -14.89 -56.71 39.28
N ARG B 203 -15.43 -55.66 38.66
CA ARG B 203 -16.48 -55.87 37.66
C ARG B 203 -15.96 -56.68 36.49
N LYS B 204 -14.74 -56.38 36.03
CA LYS B 204 -14.15 -57.07 34.89
C LYS B 204 -13.83 -58.53 35.18
N LEU B 205 -13.67 -58.89 36.46
CA LEU B 205 -13.32 -60.26 36.81
C LEU B 205 -14.28 -61.27 36.19
N LEU B 206 -15.55 -60.92 36.08
CA LEU B 206 -16.53 -61.79 35.43
C LEU B 206 -16.45 -61.56 33.92
N PHE B 207 -15.37 -62.08 33.34
CA PHE B 207 -15.14 -61.98 31.90
C PHE B 207 -15.05 -63.34 31.23
N HIS B 208 -14.18 -64.22 31.70
CA HIS B 208 -14.01 -65.54 31.10
C HIS B 208 -15.28 -66.38 31.23
N PHE B 209 -15.95 -66.31 32.37
CA PHE B 209 -17.17 -67.06 32.58
C PHE B 209 -18.19 -66.77 31.50
N ASN B 210 -18.40 -65.49 31.20
CA ASN B 210 -19.34 -65.12 30.14
C ASN B 210 -18.77 -65.37 28.75
N ASN B 211 -17.44 -65.26 28.59
CA ASN B 211 -16.85 -65.55 27.29
C ASN B 211 -17.05 -67.01 26.91
N CYS B 212 -17.18 -67.90 27.89
CA CYS B 212 -17.37 -69.31 27.60
C CYS B 212 -18.80 -69.81 27.80
N ALA B 213 -19.61 -69.14 28.61
CA ALA B 213 -20.96 -69.62 28.88
C ALA B 213 -21.92 -69.35 27.72
N ARG B 214 -21.71 -68.25 26.99
CA ARG B 214 -22.60 -67.93 25.87
C ARG B 214 -22.50 -68.96 24.75
N GLU B 215 -21.47 -69.80 24.75
CA GLU B 215 -21.32 -70.85 23.76
C GLU B 215 -22.22 -72.05 24.03
N ARG B 216 -22.89 -72.08 25.19
CA ARG B 216 -23.90 -73.09 25.53
C ARG B 216 -23.27 -74.44 25.81
N ASN B 217 -21.95 -74.56 25.58
CA ASN B 217 -21.23 -75.80 25.86
C ASN B 217 -21.12 -75.96 27.37
N LEU B 218 -21.94 -76.85 27.93
CA LEU B 218 -21.98 -77.01 29.39
C LEU B 218 -20.72 -77.66 29.93
N ARG B 219 -20.05 -78.49 29.13
CA ARG B 219 -18.87 -79.22 29.58
C ARG B 219 -17.82 -78.27 30.14
N LYS B 220 -17.23 -77.45 29.26
CA LYS B 220 -16.26 -76.47 29.73
C LYS B 220 -16.91 -75.45 30.65
N LEU B 221 -18.21 -75.20 30.47
CA LEU B 221 -18.90 -74.24 31.31
C LEU B 221 -18.79 -74.59 32.78
N HIS B 222 -18.83 -75.88 33.12
CA HIS B 222 -18.64 -76.26 34.52
C HIS B 222 -17.23 -76.74 34.83
N ASN B 223 -16.43 -77.13 33.82
CA ASN B 223 -15.04 -77.49 34.10
C ASN B 223 -14.21 -76.26 34.45
N LEU B 224 -14.46 -75.12 33.80
CA LEU B 224 -13.69 -73.93 34.11
C LEU B 224 -13.99 -73.40 35.50
N LEU B 225 -15.14 -73.78 36.08
CA LEU B 225 -15.42 -73.40 37.46
C LEU B 225 -14.41 -74.00 38.43
N LEU B 226 -13.80 -75.12 38.06
CA LEU B 226 -12.73 -75.69 38.88
C LEU B 226 -11.52 -74.77 38.91
N GLN B 227 -11.19 -74.16 37.78
CA GLN B 227 -10.10 -73.18 37.74
C GLN B 227 -10.52 -71.86 38.36
N TRP B 228 -11.83 -71.57 38.36
CA TRP B 228 -12.45 -70.36 38.90
C TRP B 228 -11.59 -69.12 38.67
N ASN B 229 -11.44 -68.29 39.71
CA ASN B 229 -10.60 -67.10 39.66
C ASN B 229 -9.70 -67.13 40.89
N GLN B 230 -8.55 -67.77 40.76
CA GLN B 230 -7.62 -67.85 41.88
C GLN B 230 -6.95 -66.51 42.16
N GLY B 231 -7.00 -65.57 41.21
CA GLY B 231 -6.48 -64.24 41.47
C GLY B 231 -7.23 -63.55 42.60
N GLU B 232 -8.55 -63.63 42.59
CA GLU B 232 -9.41 -63.16 43.67
C GLU B 232 -10.24 -64.35 44.15
N PRO B 233 -9.77 -65.07 45.17
CA PRO B 233 -10.49 -66.27 45.62
C PRO B 233 -11.92 -66.03 46.08
N LYS B 234 -12.33 -64.77 46.26
CA LYS B 234 -13.71 -64.45 46.62
C LYS B 234 -14.54 -64.40 45.34
N PHE B 235 -14.97 -65.57 44.91
CA PHE B 235 -15.84 -65.71 43.75
C PHE B 235 -17.20 -66.25 44.18
N PHE B 236 -18.28 -65.62 43.70
CA PHE B 236 -19.61 -66.02 44.09
C PHE B 236 -19.94 -67.44 43.61
N GLN B 237 -19.54 -67.78 42.39
CA GLN B 237 -19.64 -69.13 41.83
C GLN B 237 -21.09 -69.61 41.71
N THR B 238 -22.07 -68.73 41.94
CA THR B 238 -23.46 -69.12 41.82
C THR B 238 -23.84 -69.29 40.36
N THR B 239 -24.39 -70.45 40.02
CA THR B 239 -24.79 -70.74 38.65
C THR B 239 -26.20 -71.30 38.59
N ASP C 4 -59.56 6.99 -42.38
CA ASP C 4 -59.69 6.03 -43.47
C ASP C 4 -58.89 4.76 -43.16
N ILE C 5 -58.57 4.56 -41.88
CA ILE C 5 -57.78 3.40 -41.47
C ILE C 5 -58.71 2.35 -40.87
N GLU C 6 -59.49 2.74 -39.87
CA GLU C 6 -60.41 1.79 -39.23
C GLU C 6 -61.49 1.34 -40.19
N THR C 7 -61.88 2.18 -41.16
CA THR C 7 -62.93 1.82 -42.10
C THR C 7 -62.50 0.64 -42.97
N THR C 8 -61.26 0.64 -43.45
CA THR C 8 -60.76 -0.41 -44.33
C THR C 8 -59.89 -1.43 -43.60
N LEU C 9 -59.80 -1.35 -42.28
CA LEU C 9 -58.95 -2.27 -41.53
C LEU C 9 -59.46 -3.70 -41.62
N GLN C 10 -60.77 -3.90 -41.49
CA GLN C 10 -61.36 -5.23 -41.46
C GLN C 10 -61.73 -5.76 -42.84
N LYS C 11 -61.54 -4.96 -43.89
CA LYS C 11 -61.89 -5.42 -45.24
C LYS C 11 -61.04 -6.60 -45.67
N ALA C 12 -59.75 -6.56 -45.39
CA ALA C 12 -58.82 -7.65 -45.71
C ALA C 12 -58.39 -8.33 -44.43
N TYR C 13 -58.51 -9.67 -44.41
CA TYR C 13 -58.17 -10.48 -43.25
C TYR C 13 -58.98 -10.00 -42.04
N PRO C 14 -60.29 -10.28 -42.01
CA PRO C 14 -61.14 -9.71 -40.95
C PRO C 14 -60.84 -10.28 -39.57
N ASP C 15 -59.60 -10.12 -39.11
CA ASP C 15 -59.19 -10.52 -37.77
C ASP C 15 -58.73 -9.32 -36.95
N PHE C 16 -59.20 -8.12 -37.29
CA PHE C 16 -58.79 -6.93 -36.55
C PHE C 16 -59.44 -6.85 -35.17
N ASP C 17 -60.54 -7.57 -34.95
CA ASP C 17 -61.14 -7.59 -33.62
C ASP C 17 -60.18 -8.18 -32.59
N VAL C 18 -59.56 -9.31 -32.92
CA VAL C 18 -58.46 -9.85 -32.14
C VAL C 18 -57.19 -9.13 -32.56
N LEU C 19 -56.12 -9.30 -31.79
CA LEU C 19 -54.82 -8.66 -31.99
C LEU C 19 -54.87 -7.16 -31.73
N LEU C 20 -56.04 -6.60 -31.41
CA LEU C 20 -56.13 -5.20 -31.01
C LEU C 20 -55.80 -5.04 -29.53
N LYS C 21 -56.37 -5.88 -28.69
CA LYS C 21 -56.08 -5.87 -27.26
C LYS C 21 -54.90 -6.76 -26.88
N SER C 22 -54.43 -7.62 -27.78
CA SER C 22 -53.32 -8.53 -27.47
C SER C 22 -51.98 -7.92 -27.89
N ARG C 23 -51.76 -6.66 -27.50
CA ARG C 23 -50.51 -5.91 -27.62
C ARG C 23 -49.75 -6.23 -28.90
N PRO C 24 -50.27 -5.85 -30.06
CA PRO C 24 -49.55 -6.15 -31.32
C PRO C 24 -48.19 -5.48 -31.42
N ALA C 25 -47.96 -4.37 -30.70
CA ALA C 25 -46.64 -3.77 -30.68
C ALA C 25 -45.61 -4.69 -30.04
N THR C 26 -46.05 -5.57 -29.13
CA THR C 26 -45.16 -6.54 -28.52
C THR C 26 -44.71 -7.60 -29.52
N HIS C 27 -45.44 -7.79 -30.61
CA HIS C 27 -45.15 -8.84 -31.57
C HIS C 27 -43.90 -8.52 -32.37
N TYR C 28 -42.75 -8.49 -31.70
CA TYR C 28 -41.50 -8.06 -32.33
C TYR C 28 -40.39 -9.00 -31.93
N LYS C 29 -39.62 -9.47 -32.90
CA LYS C 29 -38.45 -10.30 -32.66
C LYS C 29 -37.20 -9.43 -32.67
N VAL C 30 -36.37 -9.57 -31.65
CA VAL C 30 -35.14 -8.80 -31.51
C VAL C 30 -33.96 -9.71 -31.80
N TYR C 31 -33.14 -9.31 -32.77
CA TYR C 31 -31.87 -9.96 -33.02
C TYR C 31 -30.80 -8.89 -33.15
N LYS C 32 -29.58 -9.28 -33.55
CA LYS C 32 -28.47 -8.36 -33.56
C LYS C 32 -27.56 -8.69 -34.73
N ILE C 33 -27.26 -7.69 -35.56
CA ILE C 33 -26.39 -7.90 -36.72
C ILE C 33 -25.01 -7.30 -36.42
N PRO C 34 -23.94 -7.92 -36.89
CA PRO C 34 -22.60 -7.37 -36.64
C PRO C 34 -22.27 -6.25 -37.64
N LYS C 35 -21.74 -5.15 -37.11
CA LYS C 35 -21.25 -4.08 -37.97
C LYS C 35 -19.89 -4.45 -38.53
N ARG C 36 -19.46 -3.68 -39.54
CA ARG C 36 -18.13 -3.87 -40.09
C ARG C 36 -17.05 -3.57 -39.05
N THR C 37 -17.36 -2.69 -38.11
CA THR C 37 -16.43 -2.30 -37.06
C THR C 37 -17.15 -2.48 -35.72
N ILE C 38 -16.53 -1.94 -34.66
CA ILE C 38 -17.12 -1.97 -33.31
C ILE C 38 -18.60 -1.63 -33.36
N GLY C 39 -19.39 -2.44 -32.66
CA GLY C 39 -20.81 -2.15 -32.50
C GLY C 39 -21.71 -3.32 -32.85
N TYR C 40 -22.78 -3.45 -32.08
CA TYR C 40 -23.84 -4.40 -32.36
C TYR C 40 -25.14 -3.63 -32.57
N ARG C 41 -25.86 -3.96 -33.63
CA ARG C 41 -27.06 -3.22 -34.02
C ARG C 41 -28.29 -4.07 -33.68
N ILE C 42 -29.04 -3.62 -32.67
CA ILE C 42 -30.30 -4.27 -32.34
C ILE C 42 -31.35 -3.92 -33.38
N ILE C 43 -32.05 -4.94 -33.87
CA ILE C 43 -33.13 -4.76 -34.83
C ILE C 43 -34.34 -5.55 -34.35
N ALA C 44 -35.47 -4.87 -34.25
CA ALA C 44 -36.73 -5.50 -33.87
C ALA C 44 -37.68 -5.44 -35.06
N GLN C 45 -38.07 -6.60 -35.57
CA GLN C 45 -38.99 -6.68 -36.70
C GLN C 45 -40.26 -7.39 -36.29
N PRO C 46 -41.39 -7.06 -36.90
CA PRO C 46 -42.67 -7.67 -36.51
C PRO C 46 -42.78 -9.10 -37.01
N THR C 47 -43.79 -9.79 -36.51
CA THR C 47 -44.12 -11.12 -36.97
C THR C 47 -44.58 -11.05 -38.43
N PRO C 48 -44.41 -12.15 -39.20
CA PRO C 48 -44.77 -12.10 -40.63
C PRO C 48 -46.18 -11.61 -40.94
N ARG C 49 -47.06 -11.60 -39.94
CA ARG C 49 -48.43 -11.12 -40.15
C ARG C 49 -48.55 -9.61 -40.01
N VAL C 50 -47.82 -9.01 -39.07
CA VAL C 50 -47.97 -7.57 -38.83
C VAL C 50 -47.41 -6.76 -39.98
N LYS C 51 -46.39 -7.27 -40.68
CA LYS C 51 -45.81 -6.49 -41.78
C LYS C 51 -46.82 -6.21 -42.88
N ALA C 52 -47.72 -7.16 -43.14
CA ALA C 52 -48.74 -6.93 -44.16
C ALA C 52 -49.65 -5.77 -43.76
N ILE C 53 -50.08 -5.75 -42.49
CA ILE C 53 -50.94 -4.67 -42.02
C ILE C 53 -50.20 -3.35 -42.06
N GLN C 54 -48.92 -3.35 -41.69
CA GLN C 54 -48.14 -2.12 -41.70
C GLN C 54 -47.95 -1.60 -43.12
N ARG C 55 -47.68 -2.49 -44.08
CA ARG C 55 -47.57 -2.06 -45.46
C ARG C 55 -48.88 -1.49 -45.98
N ASP C 56 -50.00 -2.14 -45.63
CA ASP C 56 -51.31 -1.63 -46.04
C ASP C 56 -51.56 -0.24 -45.45
N ILE C 57 -51.22 -0.04 -44.18
CA ILE C 57 -51.48 1.25 -43.56
C ILE C 57 -50.53 2.31 -44.10
N ILE C 58 -49.31 1.91 -44.52
CA ILE C 58 -48.42 2.84 -45.21
C ILE C 58 -49.06 3.29 -46.52
N GLU C 59 -49.63 2.34 -47.28
CA GLU C 59 -50.27 2.68 -48.54
C GLU C 59 -51.47 3.59 -48.30
N ILE C 60 -52.24 3.34 -47.24
CA ILE C 60 -53.36 4.21 -46.91
C ILE C 60 -52.88 5.61 -46.54
N LEU C 61 -51.82 5.69 -45.74
CA LEU C 61 -51.31 6.99 -45.31
C LEU C 61 -50.76 7.79 -46.49
N LYS C 62 -50.13 7.10 -47.45
CA LYS C 62 -49.55 7.80 -48.60
C LYS C 62 -50.60 8.53 -49.44
N GLN C 63 -51.87 8.18 -49.27
CA GLN C 63 -52.93 8.81 -50.07
C GLN C 63 -53.01 10.31 -49.81
N HIS C 64 -52.93 10.73 -48.53
CA HIS C 64 -52.98 12.15 -48.17
C HIS C 64 -51.76 12.48 -47.30
N THR C 65 -50.62 12.70 -47.97
CA THR C 65 -49.40 13.21 -47.35
C THR C 65 -48.60 13.94 -48.42
N HIS C 66 -47.61 14.72 -47.98
CA HIS C 66 -46.61 15.26 -48.89
C HIS C 66 -45.25 15.22 -48.20
N ILE C 67 -44.24 14.83 -48.95
CA ILE C 67 -42.87 14.72 -48.45
C ILE C 67 -42.04 15.80 -49.12
N HIS C 68 -41.38 16.63 -48.32
CA HIS C 68 -40.58 17.71 -48.85
C HIS C 68 -39.36 17.17 -49.59
N ASP C 69 -38.94 17.89 -50.62
CA ASP C 69 -37.81 17.49 -51.43
C ASP C 69 -36.51 17.66 -50.65
N ALA C 70 -35.40 17.38 -51.32
CA ALA C 70 -34.06 17.39 -50.75
C ALA C 70 -33.90 16.39 -49.62
N ALA C 71 -34.84 15.47 -49.46
CA ALA C 71 -34.77 14.41 -48.46
C ALA C 71 -34.94 13.09 -49.20
N THR C 72 -33.83 12.55 -49.70
CA THR C 72 -33.86 11.30 -50.46
C THR C 72 -33.89 10.10 -49.53
N ALA C 73 -34.80 10.13 -48.56
CA ALA C 73 -34.90 9.09 -47.54
C ALA C 73 -36.09 8.18 -47.88
N TYR C 74 -35.83 7.16 -48.68
CA TYR C 74 -36.76 6.07 -48.93
C TYR C 74 -38.01 6.53 -49.70
N VAL C 75 -37.86 7.47 -50.60
CA VAL C 75 -38.96 7.87 -51.47
C VAL C 75 -38.84 7.09 -52.78
N ASP C 76 -39.99 6.75 -53.37
CA ASP C 76 -40.02 5.84 -54.50
C ASP C 76 -39.24 6.39 -55.69
N GLY C 77 -38.48 5.52 -56.34
CA GLY C 77 -37.71 5.90 -57.52
C GLY C 77 -36.63 6.94 -57.25
N LYS C 78 -35.91 6.80 -56.14
CA LYS C 78 -34.84 7.72 -55.81
C LYS C 78 -33.75 6.93 -55.07
N ASN C 79 -32.72 6.55 -55.80
CA ASN C 79 -31.62 5.75 -55.27
C ASN C 79 -30.63 6.65 -54.53
N ILE C 80 -29.47 6.09 -54.17
CA ILE C 80 -28.44 6.87 -53.50
C ILE C 80 -27.66 7.77 -54.42
N LEU C 81 -27.80 7.60 -55.74
CA LEU C 81 -27.04 8.44 -56.67
C LEU C 81 -27.51 9.88 -56.67
N ASP C 82 -28.83 10.10 -56.66
CA ASP C 82 -29.33 11.46 -56.68
C ASP C 82 -28.94 12.23 -55.43
N ASN C 83 -28.61 11.51 -54.35
CA ASN C 83 -28.07 12.15 -53.15
C ASN C 83 -26.74 12.84 -53.46
N ALA C 84 -25.88 12.17 -54.22
CA ALA C 84 -24.59 12.75 -54.59
C ALA C 84 -24.68 13.64 -55.83
N LYS C 85 -25.75 13.51 -56.62
CA LYS C 85 -25.91 14.35 -57.80
C LYS C 85 -26.08 15.81 -57.42
N ILE C 86 -26.84 16.08 -56.36
CA ILE C 86 -27.02 17.45 -55.89
C ILE C 86 -25.70 18.01 -55.37
N HIS C 87 -24.87 17.17 -54.77
CA HIS C 87 -23.67 17.60 -54.07
C HIS C 87 -22.43 17.61 -54.95
N GLN C 88 -22.56 17.33 -56.26
CA GLN C 88 -21.39 17.21 -57.11
C GLN C 88 -20.74 18.57 -57.38
N SER C 89 -21.52 19.64 -57.44
CA SER C 89 -21.02 20.94 -57.82
C SER C 89 -20.40 21.73 -56.66
N SER C 90 -20.39 21.16 -55.47
CA SER C 90 -19.86 21.87 -54.30
C SER C 90 -18.37 21.59 -54.12
N VAL C 91 -17.76 22.33 -53.20
CA VAL C 91 -16.32 22.24 -52.95
C VAL C 91 -16.08 21.75 -51.53
N TYR C 92 -17.01 22.05 -50.63
CA TYR C 92 -16.87 21.73 -49.22
C TYR C 92 -18.03 20.84 -48.79
N LEU C 93 -17.86 20.16 -47.66
CA LEU C 93 -18.95 19.36 -47.11
C LEU C 93 -18.85 19.33 -45.58
N LEU C 94 -20.03 19.25 -44.95
CA LEU C 94 -20.15 19.15 -43.50
C LEU C 94 -21.14 18.03 -43.24
N LYS C 95 -20.64 16.85 -42.86
CA LYS C 95 -21.48 15.66 -42.71
C LYS C 95 -21.98 15.57 -41.28
N LEU C 96 -23.27 15.82 -41.09
CA LEU C 96 -23.91 15.51 -39.82
C LEU C 96 -24.14 14.00 -39.71
N ASP C 97 -24.30 13.53 -38.48
CA ASP C 97 -24.81 12.20 -38.22
C ASP C 97 -25.67 12.27 -36.97
N LEU C 98 -26.96 12.03 -37.13
CA LEU C 98 -27.88 12.11 -36.00
C LEU C 98 -27.70 10.91 -35.09
N VAL C 99 -27.92 11.11 -33.80
CA VAL C 99 -27.82 10.07 -32.82
C VAL C 99 -29.22 9.56 -32.52
N ASN C 100 -29.32 8.44 -31.80
CA ASN C 100 -30.59 7.81 -31.46
C ASN C 100 -31.34 7.40 -32.74
N PHE C 101 -30.75 6.39 -33.40
CA PHE C 101 -31.17 6.00 -34.74
C PHE C 101 -32.57 5.41 -34.71
N PHE C 102 -33.57 6.26 -34.93
CA PHE C 102 -34.97 5.86 -35.09
C PHE C 102 -35.56 5.26 -33.83
N ASN C 103 -34.73 5.07 -32.79
CA ASN C 103 -35.17 4.39 -31.58
C ASN C 103 -35.67 5.35 -30.51
N LYS C 104 -35.75 6.64 -30.82
CA LYS C 104 -36.23 7.62 -29.87
C LYS C 104 -37.36 8.46 -30.43
N ILE C 105 -37.82 8.17 -31.65
CA ILE C 105 -38.95 8.88 -32.25
C ILE C 105 -40.23 8.32 -31.65
N THR C 106 -40.74 8.97 -30.62
CA THR C 106 -41.93 8.53 -29.91
C THR C 106 -43.19 8.84 -30.71
N PRO C 107 -44.29 8.12 -30.46
CA PRO C 107 -45.54 8.43 -31.17
C PRO C 107 -46.11 9.80 -30.82
N GLU C 108 -45.68 10.41 -29.72
CA GLU C 108 -46.12 11.76 -29.39
C GLU C 108 -45.64 12.77 -30.42
N LEU C 109 -44.54 12.46 -31.11
CA LEU C 109 -43.92 13.37 -32.06
C LEU C 109 -44.39 13.13 -33.50
N LEU C 110 -45.30 12.20 -33.72
CA LEU C 110 -45.88 11.98 -35.05
C LEU C 110 -47.28 12.57 -35.18
N PHE C 111 -48.10 12.49 -34.15
CA PHE C 111 -49.44 13.05 -34.23
C PHE C 111 -49.40 14.56 -34.36
N LYS C 112 -48.54 15.23 -33.59
CA LYS C 112 -48.41 16.68 -33.72
C LYS C 112 -47.71 17.06 -35.02
N ALA C 113 -46.80 16.21 -35.52
CA ALA C 113 -46.23 16.45 -36.84
C ALA C 113 -47.28 16.40 -37.92
N LEU C 114 -48.22 15.45 -37.83
CA LEU C 114 -49.33 15.39 -38.77
C LEU C 114 -50.26 16.58 -38.59
N ALA C 115 -50.46 17.03 -37.35
CA ALA C 115 -51.28 18.22 -37.11
C ALA C 115 -50.68 19.44 -37.78
N ARG C 116 -49.36 19.62 -37.67
CA ARG C 116 -48.69 20.68 -38.41
C ARG C 116 -48.78 20.44 -39.91
N GLN C 117 -48.79 19.18 -40.34
CA GLN C 117 -48.95 18.80 -41.73
C GLN C 117 -50.35 19.13 -42.26
N LYS C 118 -51.29 19.47 -41.37
CA LYS C 118 -52.66 19.81 -41.73
C LYS C 118 -53.41 18.61 -42.31
N VAL C 119 -53.35 17.50 -41.57
CA VAL C 119 -54.16 16.31 -41.86
C VAL C 119 -54.87 15.91 -40.58
N ASP C 120 -56.15 15.59 -40.69
CA ASP C 120 -56.96 15.23 -39.53
C ASP C 120 -57.03 13.72 -39.36
N ILE C 121 -56.90 13.26 -38.12
CA ILE C 121 -56.89 11.84 -37.80
C ILE C 121 -57.86 11.59 -36.66
N SER C 122 -58.59 10.47 -36.73
CA SER C 122 -59.56 10.13 -35.70
C SER C 122 -58.87 9.63 -34.44
N ASP C 123 -59.56 9.78 -33.31
CA ASP C 123 -59.02 9.29 -32.05
C ASP C 123 -58.84 7.79 -32.05
N THR C 124 -59.83 7.05 -32.55
CA THR C 124 -59.67 5.62 -32.73
C THR C 124 -58.56 5.31 -33.74
N ASN C 125 -58.51 6.08 -34.83
CA ASN C 125 -57.42 5.93 -35.79
C ASN C 125 -56.08 6.30 -35.17
N LYS C 126 -56.07 7.29 -34.27
CA LYS C 126 -54.84 7.63 -33.56
C LYS C 126 -54.38 6.46 -32.69
N ASN C 127 -55.31 5.81 -31.99
CA ASN C 127 -54.96 4.64 -31.19
C ASN C 127 -54.44 3.51 -32.09
N LEU C 128 -55.06 3.33 -33.25
CA LEU C 128 -54.60 2.30 -34.19
C LEU C 128 -53.17 2.59 -34.65
N LEU C 129 -52.88 3.84 -34.98
CA LEU C 129 -51.52 4.23 -35.37
C LEU C 129 -50.53 4.00 -34.24
N LYS C 130 -50.91 4.38 -33.02
CA LYS C 130 -50.01 4.21 -31.89
C LYS C 130 -49.77 2.74 -31.57
N GLN C 131 -50.74 1.88 -31.85
CA GLN C 131 -50.67 0.49 -31.40
C GLN C 131 -50.07 -0.44 -32.45
N PHE C 132 -50.32 -0.20 -33.74
CA PHE C 132 -49.89 -1.12 -34.80
C PHE C 132 -48.65 -0.68 -35.55
N CYS C 133 -48.04 0.45 -35.19
CA CYS C 133 -46.91 0.97 -35.95
C CYS C 133 -45.78 1.40 -35.03
N PHE C 134 -45.58 0.69 -33.92
CA PHE C 134 -44.52 1.03 -32.98
C PHE C 134 -44.14 -0.22 -32.21
N TRP C 135 -43.08 -0.10 -31.41
CA TRP C 135 -42.49 -1.23 -30.71
C TRP C 135 -42.29 -0.89 -29.24
N ASN C 136 -42.66 -1.82 -28.37
CA ASN C 136 -42.50 -1.69 -26.92
C ASN C 136 -41.29 -2.52 -26.50
N ARG C 137 -40.24 -1.85 -26.03
CA ARG C 137 -39.04 -2.58 -25.62
C ARG C 137 -39.25 -3.30 -24.29
N THR C 138 -39.89 -2.63 -23.32
CA THR C 138 -40.09 -3.23 -22.01
C THR C 138 -41.04 -4.42 -22.06
N LYS C 139 -41.82 -4.55 -23.13
CA LYS C 139 -42.76 -5.66 -23.32
C LYS C 139 -43.81 -5.72 -22.23
N ARG C 140 -44.08 -4.60 -21.57
CA ARG C 140 -45.05 -4.54 -20.48
C ARG C 140 -46.16 -3.56 -20.83
N LYS C 141 -47.28 -3.70 -20.13
CA LYS C 141 -48.42 -2.83 -20.36
C LYS C 141 -48.11 -1.40 -19.96
N ASN C 142 -48.66 -0.45 -20.70
CA ASN C 142 -48.47 0.98 -20.47
C ASN C 142 -47.00 1.36 -20.47
N GLY C 143 -46.24 0.75 -21.38
CA GLY C 143 -44.82 1.03 -21.51
C GLY C 143 -44.54 2.21 -22.41
N ALA C 144 -43.25 2.38 -22.72
CA ALA C 144 -42.79 3.46 -23.59
C ALA C 144 -42.67 2.93 -25.01
N LEU C 145 -43.30 3.64 -25.96
CA LEU C 145 -43.34 3.22 -27.35
C LEU C 145 -42.29 3.98 -28.15
N VAL C 146 -41.44 3.25 -28.85
CA VAL C 146 -40.39 3.83 -29.67
C VAL C 146 -40.39 3.15 -31.03
N LEU C 147 -40.08 3.93 -32.06
CA LEU C 147 -39.96 3.40 -33.42
C LEU C 147 -38.75 2.47 -33.50
N SER C 148 -38.87 1.44 -34.32
CA SER C 148 -37.86 0.39 -34.41
C SER C 148 -37.18 0.41 -35.78
N VAL C 149 -35.87 0.17 -35.78
CA VAL C 149 -35.09 0.05 -37.01
C VAL C 149 -35.31 -1.36 -37.53
N GLY C 150 -36.13 -1.51 -38.56
CA GLY C 150 -36.40 -2.82 -39.12
C GLY C 150 -37.86 -3.02 -39.51
N ALA C 151 -38.74 -2.28 -38.86
CA ALA C 151 -40.15 -2.34 -39.22
C ALA C 151 -40.35 -1.79 -40.64
N PRO C 152 -41.23 -2.40 -41.43
CA PRO C 152 -41.49 -1.86 -42.77
C PRO C 152 -42.12 -0.48 -42.74
N SER C 153 -42.68 -0.06 -41.62
CA SER C 153 -43.30 1.25 -41.49
C SER C 153 -42.33 2.30 -40.97
N SER C 154 -41.08 1.93 -40.73
CA SER C 154 -40.10 2.91 -40.22
C SER C 154 -39.79 4.02 -41.21
N PRO C 155 -39.49 3.75 -42.50
CA PRO C 155 -39.05 4.85 -43.37
C PRO C 155 -40.02 6.01 -43.50
N PHE C 156 -41.29 5.73 -43.80
CA PHE C 156 -42.20 6.82 -44.11
C PHE C 156 -42.53 7.66 -42.89
N ILE C 157 -42.73 7.02 -41.73
CA ILE C 157 -42.93 7.79 -40.51
C ILE C 157 -41.68 8.59 -40.16
N SER C 158 -40.51 7.99 -40.33
CA SER C 158 -39.27 8.73 -40.10
C SER C 158 -39.16 9.93 -41.02
N ASN C 159 -39.76 9.86 -42.21
CA ASN C 159 -39.78 11.01 -43.10
C ASN C 159 -40.79 12.07 -42.65
N ILE C 160 -41.99 11.64 -42.24
CA ILE C 160 -43.01 12.61 -41.84
C ILE C 160 -42.60 13.36 -40.57
N VAL C 161 -41.95 12.66 -39.63
CA VAL C 161 -41.58 13.32 -38.38
C VAL C 161 -40.56 14.42 -38.61
N MET C 162 -39.86 14.40 -39.74
CA MET C 162 -38.91 15.46 -40.11
C MET C 162 -39.31 16.00 -41.47
N SER C 163 -40.27 16.93 -41.48
CA SER C 163 -40.69 17.56 -42.73
C SER C 163 -40.57 19.09 -42.68
N SER C 164 -40.96 19.72 -41.56
CA SER C 164 -40.79 21.17 -41.46
C SER C 164 -39.34 21.54 -41.25
N PHE C 165 -38.61 20.73 -40.48
CA PHE C 165 -37.17 20.92 -40.33
C PHE C 165 -36.47 20.93 -41.69
N ASP C 166 -36.82 19.96 -42.55
CA ASP C 166 -36.19 19.89 -43.86
C ASP C 166 -36.54 21.11 -44.70
N GLU C 167 -37.79 21.55 -44.66
CA GLU C 167 -38.19 22.72 -45.45
C GLU C 167 -37.44 23.97 -45.00
N GLU C 168 -37.36 24.19 -43.68
CA GLU C 168 -36.70 25.40 -43.19
C GLU C 168 -35.19 25.34 -43.44
N ILE C 169 -34.58 24.17 -43.28
CA ILE C 169 -33.13 24.08 -43.52
C ILE C 169 -32.84 24.27 -45.01
N SER C 170 -33.73 23.78 -45.89
CA SER C 170 -33.55 24.02 -47.31
C SER C 170 -33.71 25.50 -47.64
N SER C 171 -34.68 26.17 -47.02
CA SER C 171 -34.85 27.60 -47.24
C SER C 171 -33.62 28.38 -46.79
N PHE C 172 -33.07 28.02 -45.63
CA PHE C 172 -31.86 28.68 -45.15
C PHE C 172 -30.68 28.40 -46.07
N CYS C 173 -30.54 27.16 -46.54
CA CYS C 173 -29.41 26.81 -47.40
C CYS C 173 -29.49 27.48 -48.75
N LYS C 174 -30.71 27.76 -49.24
CA LYS C 174 -30.86 28.44 -50.52
C LYS C 174 -30.25 29.83 -50.49
N GLU C 175 -30.42 30.55 -49.37
CA GLU C 175 -29.94 31.93 -49.28
C GLU C 175 -28.43 32.03 -49.12
N ASN C 176 -27.75 30.94 -48.74
CA ASN C 176 -26.31 30.95 -48.53
C ASN C 176 -25.57 30.11 -49.56
N LYS C 177 -26.24 29.72 -50.65
CA LYS C 177 -25.65 28.89 -51.70
C LYS C 177 -25.12 27.57 -51.12
N ILE C 178 -25.98 26.90 -50.35
CA ILE C 178 -25.64 25.64 -49.70
C ILE C 178 -26.60 24.58 -50.21
N SER C 179 -26.05 23.41 -50.56
CA SER C 179 -26.85 22.30 -51.05
C SER C 179 -27.22 21.38 -49.89
N TYR C 180 -28.49 20.99 -49.82
CA TYR C 180 -29.01 20.15 -48.77
C TYR C 180 -29.38 18.77 -49.28
N SER C 181 -29.12 17.75 -48.46
CA SER C 181 -29.57 16.39 -48.74
C SER C 181 -29.57 15.62 -47.43
N ARG C 182 -30.36 14.55 -47.38
CA ARG C 182 -30.49 13.76 -46.17
C ARG C 182 -31.00 12.37 -46.51
N TYR C 183 -30.27 11.35 -46.07
CA TYR C 183 -30.68 9.95 -46.19
C TYR C 183 -30.89 9.42 -44.78
N ALA C 184 -32.15 9.29 -44.38
CA ALA C 184 -32.52 8.90 -43.03
C ALA C 184 -31.85 9.82 -42.02
N ASP C 185 -30.70 9.40 -41.48
CA ASP C 185 -29.85 10.27 -40.67
C ASP C 185 -28.43 10.23 -41.25
N ASP C 186 -28.23 10.93 -42.35
CA ASP C 186 -26.88 11.16 -42.88
C ASP C 186 -26.76 12.59 -43.42
N LEU C 187 -27.28 13.55 -42.64
CA LEU C 187 -27.36 14.94 -43.10
C LEU C 187 -26.01 15.46 -43.55
N THR C 188 -25.90 15.79 -44.83
CA THR C 188 -24.67 16.32 -45.41
C THR C 188 -24.94 17.74 -45.94
N PHE C 189 -24.09 18.67 -45.53
CA PHE C 189 -24.18 20.06 -45.95
C PHE C 189 -22.98 20.38 -46.83
N SER C 190 -23.24 20.96 -47.99
CA SER C 190 -22.18 21.31 -48.93
C SER C 190 -22.36 22.73 -49.43
N THR C 191 -21.24 23.41 -49.67
CA THR C 191 -21.27 24.80 -50.10
C THR C 191 -20.09 25.06 -51.01
N ASN C 192 -20.16 26.18 -51.72
CA ASN C 192 -19.05 26.65 -52.55
C ASN C 192 -18.30 27.81 -51.91
N GLU C 193 -18.97 28.61 -51.10
CA GLU C 193 -18.30 29.69 -50.38
C GLU C 193 -17.44 29.12 -49.25
N ARG C 194 -16.45 29.92 -48.84
CA ARG C 194 -15.50 29.52 -47.82
C ARG C 194 -15.91 30.09 -46.47
N ASP C 195 -15.81 29.24 -45.43
CA ASP C 195 -16.08 29.63 -44.05
C ASP C 195 -17.53 30.10 -43.88
N VAL C 196 -18.46 29.24 -44.28
CA VAL C 196 -19.88 29.52 -44.13
C VAL C 196 -20.56 28.30 -43.49
N LEU C 197 -19.85 27.17 -43.49
CA LEU C 197 -20.42 25.95 -42.91
C LEU C 197 -20.66 26.05 -41.41
N GLY C 198 -19.90 26.91 -40.72
CA GLY C 198 -20.18 27.11 -39.30
C GLY C 198 -21.57 27.68 -39.06
N LEU C 199 -21.98 28.64 -39.90
CA LEU C 199 -23.32 29.18 -39.80
C LEU C 199 -24.38 28.11 -40.06
N ALA C 200 -24.13 27.25 -41.05
CA ALA C 200 -25.06 26.16 -41.34
C ALA C 200 -25.17 25.20 -40.17
N HIS C 201 -24.04 24.86 -39.54
CA HIS C 201 -24.07 23.97 -38.38
C HIS C 201 -24.82 24.60 -37.22
N GLN C 202 -24.57 25.89 -36.95
CA GLN C 202 -25.30 26.56 -35.89
C GLN C 202 -26.79 26.61 -36.18
N LYS C 203 -27.16 26.87 -37.44
CA LYS C 203 -28.58 26.94 -37.80
C LYS C 203 -29.24 25.58 -37.64
N VAL C 204 -28.59 24.51 -38.10
CA VAL C 204 -29.20 23.19 -37.99
C VAL C 204 -29.30 22.78 -36.52
N LYS C 205 -28.32 23.16 -35.70
CA LYS C 205 -28.40 22.84 -34.28
C LYS C 205 -29.54 23.60 -33.60
N THR C 206 -29.71 24.88 -33.94
CA THR C 206 -30.76 25.67 -33.27
C THR C 206 -32.15 25.36 -33.81
N THR C 207 -32.27 24.82 -35.02
CA THR C 207 -33.58 24.42 -35.51
C THR C 207 -33.93 22.98 -35.19
N LEU C 208 -32.94 22.14 -34.88
CA LEU C 208 -33.23 20.78 -34.43
C LEU C 208 -33.74 20.75 -33.00
N ILE C 209 -33.54 21.82 -32.24
CA ILE C 209 -33.92 21.87 -30.84
C ILE C 209 -35.13 22.77 -30.60
N ARG C 210 -35.76 23.27 -31.66
CA ARG C 210 -36.86 24.22 -31.52
C ARG C 210 -38.18 23.64 -32.02
N PHE C 211 -38.24 23.16 -33.26
CA PHE C 211 -39.46 22.51 -33.74
C PHE C 211 -39.60 21.11 -33.16
N PHE C 212 -38.67 20.22 -33.49
CA PHE C 212 -38.76 18.83 -33.08
C PHE C 212 -38.43 18.65 -31.61
N GLY C 213 -37.90 19.68 -30.95
CA GLY C 213 -37.59 19.62 -29.54
C GLY C 213 -36.18 19.16 -29.27
N THR C 214 -35.89 18.99 -27.98
CA THR C 214 -34.62 18.49 -27.51
C THR C 214 -34.51 16.98 -27.60
N ARG C 215 -35.38 16.35 -28.40
CA ARG C 215 -35.47 14.90 -28.42
C ARG C 215 -34.21 14.27 -29.03
N ILE C 216 -33.90 14.64 -30.27
CA ILE C 216 -32.68 14.19 -30.93
C ILE C 216 -31.68 15.33 -30.92
N ILE C 217 -30.39 14.99 -30.92
CA ILE C 217 -29.32 15.97 -30.88
C ILE C 217 -28.28 15.59 -31.92
N ILE C 218 -27.37 16.53 -32.16
CA ILE C 218 -26.27 16.32 -33.10
C ILE C 218 -25.19 15.51 -32.41
N ASN C 219 -24.77 14.42 -33.04
CA ASN C 219 -23.67 13.60 -32.51
C ASN C 219 -22.40 14.42 -32.56
N ASN C 220 -21.96 14.93 -31.42
CA ASN C 220 -20.75 15.75 -31.41
C ASN C 220 -19.52 14.87 -31.30
N ASN C 221 -19.44 13.87 -32.16
CA ASN C 221 -18.27 13.01 -32.32
C ASN C 221 -17.92 12.79 -33.78
N LYS C 222 -18.93 12.61 -34.64
CA LYS C 222 -18.72 12.30 -36.04
C LYS C 222 -18.91 13.50 -36.95
N ILE C 223 -19.01 14.71 -36.39
CA ILE C 223 -19.04 15.92 -37.19
C ILE C 223 -17.71 16.03 -37.92
N VAL C 224 -17.73 15.89 -39.23
CA VAL C 224 -16.52 15.79 -40.03
C VAL C 224 -16.54 16.84 -41.13
N TYR C 225 -15.37 17.44 -41.36
CA TYR C 225 -15.17 18.43 -42.41
C TYR C 225 -14.34 17.82 -43.53
N SER C 226 -14.51 18.33 -44.74
CA SER C 226 -13.74 17.85 -45.87
C SER C 226 -13.74 18.90 -46.97
N SER C 227 -12.81 18.74 -47.90
CA SER C 227 -12.69 19.63 -49.05
C SER C 227 -12.11 18.83 -50.21
N LYS C 228 -11.68 19.53 -51.26
CA LYS C 228 -10.97 18.86 -52.35
C LYS C 228 -9.56 18.44 -51.93
N ALA C 229 -9.04 18.99 -50.84
CA ALA C 229 -7.72 18.62 -50.36
C ALA C 229 -7.68 17.14 -49.99
N HIS C 230 -8.70 16.66 -49.29
CA HIS C 230 -8.78 15.30 -48.82
C HIS C 230 -9.95 14.59 -49.50
N ASN C 231 -10.18 13.34 -49.08
CA ASN C 231 -11.26 12.55 -49.64
C ASN C 231 -12.62 13.12 -49.24
N ARG C 232 -13.55 13.13 -50.19
CA ARG C 232 -14.90 13.64 -49.96
C ARG C 232 -15.92 12.63 -50.46
N HIS C 233 -16.87 12.27 -49.59
CA HIS C 233 -17.89 11.28 -49.91
C HIS C 233 -19.26 11.77 -49.46
N VAL C 234 -20.28 11.36 -50.21
CA VAL C 234 -21.68 11.58 -49.85
C VAL C 234 -22.41 10.26 -50.03
N THR C 235 -22.54 9.50 -48.96
CA THR C 235 -23.28 8.23 -48.92
C THR C 235 -22.71 7.25 -49.96
N GLY C 236 -21.46 6.86 -49.70
CA GLY C 236 -20.81 5.82 -50.48
C GLY C 236 -20.23 6.29 -51.80
N VAL C 237 -20.80 7.34 -52.37
CA VAL C 237 -20.34 7.85 -53.66
C VAL C 237 -19.17 8.79 -53.44
N THR C 238 -18.09 8.56 -54.18
CA THR C 238 -16.90 9.39 -54.07
C THR C 238 -16.96 10.52 -55.10
N LEU C 239 -16.76 11.74 -54.64
CA LEU C 239 -16.74 12.92 -55.51
C LEU C 239 -15.28 13.25 -55.84
N THR C 240 -14.96 13.27 -57.13
CA THR C 240 -13.60 13.50 -57.55
C THR C 240 -13.28 14.99 -57.55
N ASN C 241 -11.98 15.30 -57.56
CA ASN C 241 -11.55 16.68 -57.69
C ASN C 241 -11.88 17.26 -59.07
N ASN C 242 -12.10 16.40 -60.06
CA ASN C 242 -12.49 16.82 -61.40
C ASN C 242 -14.01 16.88 -61.58
N ASN C 243 -14.76 16.93 -60.48
CA ASN C 243 -16.22 17.01 -60.50
C ASN C 243 -16.83 15.81 -61.24
N LYS C 244 -16.57 14.63 -60.69
CA LYS C 244 -17.13 13.38 -61.20
C LYS C 244 -17.55 12.51 -60.04
N LEU C 245 -18.51 11.62 -60.30
CA LEU C 245 -19.01 10.68 -59.30
C LEU C 245 -18.50 9.28 -59.64
N SER C 246 -17.60 8.77 -58.80
CA SER C 246 -17.03 7.45 -58.97
C SER C 246 -17.06 6.71 -57.63
N LEU C 247 -16.78 5.40 -57.69
CA LEU C 247 -16.79 4.61 -56.46
C LEU C 247 -15.56 4.85 -55.61
N GLY C 248 -14.39 4.92 -56.24
CA GLY C 248 -13.13 5.03 -55.51
C GLY C 248 -12.14 4.04 -56.07
N ARG C 249 -10.85 4.40 -56.02
CA ARG C 249 -9.85 3.63 -56.74
C ARG C 249 -9.78 2.19 -56.27
N GLU C 250 -9.89 1.95 -54.96
CA GLU C 250 -9.79 0.58 -54.45
C GLU C 250 -10.87 -0.32 -55.04
N ARG C 251 -12.14 0.11 -54.94
CA ARG C 251 -13.22 -0.67 -55.54
C ARG C 251 -13.11 -0.70 -57.06
N LYS C 252 -12.69 0.41 -57.66
CA LYS C 252 -12.58 0.47 -59.11
C LYS C 252 -11.60 -0.57 -59.63
N ARG C 253 -10.52 -0.81 -58.89
CA ARG C 253 -9.55 -1.82 -59.28
C ARG C 253 -9.98 -3.21 -58.86
N TYR C 254 -10.70 -3.34 -57.75
CA TYR C 254 -11.20 -4.66 -57.34
C TYR C 254 -12.15 -5.24 -58.39
N ILE C 255 -13.11 -4.44 -58.86
CA ILE C 255 -14.07 -4.94 -59.83
C ILE C 255 -13.37 -5.31 -61.15
N THR C 256 -12.43 -4.48 -61.61
CA THR C 256 -11.77 -4.79 -62.87
C THR C 256 -10.85 -6.00 -62.73
N SER C 257 -10.21 -6.18 -61.57
CA SER C 257 -9.42 -7.39 -61.36
C SER C 257 -10.30 -8.63 -61.39
N LEU C 258 -11.47 -8.57 -60.75
CA LEU C 258 -12.37 -9.71 -60.78
C LEU C 258 -12.86 -10.03 -62.18
N VAL C 259 -13.27 -9.00 -62.93
CA VAL C 259 -13.79 -9.26 -64.27
C VAL C 259 -12.68 -9.74 -65.19
N PHE C 260 -11.43 -9.32 -64.95
CA PHE C 260 -10.32 -9.86 -65.71
C PHE C 260 -10.06 -11.31 -65.37
N LYS C 261 -10.08 -11.65 -64.08
CA LYS C 261 -9.90 -13.05 -63.67
C LYS C 261 -11.00 -13.93 -64.22
N PHE C 262 -12.19 -13.37 -64.48
CA PHE C 262 -13.24 -14.14 -65.12
C PHE C 262 -12.77 -14.70 -66.45
N LYS C 263 -12.09 -13.88 -67.26
CA LYS C 263 -11.65 -14.32 -68.58
C LYS C 263 -10.69 -15.49 -68.50
N GLU C 264 -9.75 -15.44 -67.55
CA GLU C 264 -8.78 -16.53 -67.42
C GLU C 264 -9.40 -17.80 -66.82
N GLY C 265 -10.62 -17.71 -66.29
CA GLY C 265 -11.29 -18.88 -65.74
C GLY C 265 -10.60 -19.49 -64.53
N LYS C 266 -10.14 -18.66 -63.60
CA LYS C 266 -9.52 -19.13 -62.36
C LYS C 266 -10.34 -18.76 -61.13
N LEU C 267 -11.64 -18.54 -61.31
CA LEU C 267 -12.52 -18.09 -60.23
C LEU C 267 -13.59 -19.13 -59.95
N SER C 268 -13.86 -19.34 -58.67
CA SER C 268 -14.89 -20.28 -58.24
C SER C 268 -16.28 -19.68 -58.48
N ASN C 269 -17.29 -20.55 -58.36
CA ASN C 269 -18.67 -20.12 -58.60
C ASN C 269 -19.21 -19.23 -57.48
N VAL C 270 -18.59 -19.27 -56.30
CA VAL C 270 -19.06 -18.45 -55.19
C VAL C 270 -18.92 -16.96 -55.51
N ASP C 271 -17.77 -16.58 -56.06
CA ASP C 271 -17.54 -15.18 -56.39
C ASP C 271 -18.16 -14.75 -57.72
N ILE C 272 -18.69 -15.68 -58.51
CA ILE C 272 -19.41 -15.28 -59.71
C ILE C 272 -20.63 -14.46 -59.34
N ASN C 273 -21.34 -14.86 -58.29
CA ASN C 273 -22.44 -14.06 -57.78
C ASN C 273 -21.95 -12.72 -57.24
N HIS C 274 -20.75 -12.70 -56.65
CA HIS C 274 -20.15 -11.45 -56.19
C HIS C 274 -19.97 -10.48 -57.35
N LEU C 275 -19.36 -10.95 -58.43
CA LEU C 275 -19.21 -10.10 -59.63
C LEU C 275 -20.56 -9.73 -60.22
N ARG C 276 -21.53 -10.63 -60.21
CA ARG C 276 -22.86 -10.29 -60.69
C ARG C 276 -23.43 -9.10 -59.92
N GLY C 277 -23.38 -9.18 -58.59
CA GLY C 277 -23.88 -8.08 -57.79
C GLY C 277 -23.09 -6.80 -57.98
N LEU C 278 -21.76 -6.90 -58.07
CA LEU C 278 -20.94 -5.71 -58.21
C LEU C 278 -21.16 -5.02 -59.55
N ILE C 279 -21.26 -5.80 -60.64
CA ILE C 279 -21.52 -5.21 -61.95
C ILE C 279 -22.92 -4.61 -61.99
N GLY C 280 -23.91 -5.30 -61.39
CA GLY C 280 -25.24 -4.72 -61.32
C GLY C 280 -25.27 -3.43 -60.52
N PHE C 281 -24.46 -3.35 -59.48
CA PHE C 281 -24.42 -2.13 -58.67
C PHE C 281 -23.64 -1.02 -59.36
N ALA C 282 -22.67 -1.38 -60.21
CA ALA C 282 -21.95 -0.38 -60.98
C ALA C 282 -22.76 0.00 -62.20
N TYR C 283 -24.06 0.20 -61.99
CA TYR C 283 -24.97 0.81 -62.95
C TYR C 283 -25.83 1.88 -62.30
N ASN C 284 -25.94 1.88 -60.97
CA ASN C 284 -26.78 2.77 -60.21
C ASN C 284 -26.02 3.97 -59.63
N ILE C 285 -24.70 3.87 -59.53
CA ILE C 285 -23.85 5.00 -59.11
C ILE C 285 -23.08 5.57 -60.29
N GLU C 286 -22.22 4.75 -60.92
CA GLU C 286 -21.49 5.22 -62.08
C GLU C 286 -22.06 4.55 -63.32
N PRO C 287 -22.89 5.23 -64.12
CA PRO C 287 -23.43 4.61 -65.33
C PRO C 287 -22.39 4.35 -66.40
N ALA C 288 -21.14 4.76 -66.19
CA ALA C 288 -20.12 4.71 -67.22
C ALA C 288 -19.17 3.53 -67.08
N PHE C 289 -18.76 3.21 -65.85
CA PHE C 289 -17.66 2.28 -65.57
C PHE C 289 -17.75 1.02 -66.43
N ILE C 290 -18.96 0.44 -66.53
CA ILE C 290 -19.12 -0.75 -67.37
C ILE C 290 -18.84 -0.45 -68.83
N GLU C 291 -19.19 0.75 -69.29
CA GLU C 291 -18.84 1.14 -70.65
C GLU C 291 -17.32 1.21 -70.82
N ARG C 292 -16.61 1.67 -69.80
CA ARG C 292 -15.15 1.68 -69.86
C ARG C 292 -14.60 0.26 -69.90
N LEU C 293 -15.19 -0.66 -69.13
CA LEU C 293 -14.78 -2.06 -69.21
C LEU C 293 -15.01 -2.63 -70.60
N GLU C 294 -16.15 -2.28 -71.21
CA GLU C 294 -16.42 -2.68 -72.59
C GLU C 294 -15.37 -2.11 -73.54
N LYS C 295 -14.99 -0.85 -73.33
CA LYS C 295 -13.98 -0.21 -74.17
C LYS C 295 -12.62 -0.87 -74.01
N LYS C 296 -12.31 -1.38 -72.82
CA LYS C 296 -11.01 -1.99 -72.54
C LYS C 296 -11.02 -3.50 -72.79
N TYR C 297 -11.90 -4.23 -72.12
CA TYR C 297 -11.92 -5.69 -72.25
C TYR C 297 -12.81 -6.17 -73.40
N GLY C 298 -13.94 -5.50 -73.63
CA GLY C 298 -14.82 -5.90 -74.71
C GLY C 298 -16.23 -6.24 -74.27
N GLU C 299 -17.18 -6.15 -75.20
CA GLU C 299 -18.56 -6.50 -74.90
C GLU C 299 -18.72 -7.99 -74.60
N SER C 300 -17.92 -8.84 -75.26
CA SER C 300 -18.01 -10.27 -75.02
C SER C 300 -17.65 -10.64 -73.58
N THR C 301 -16.82 -9.83 -72.93
CA THR C 301 -16.47 -10.10 -71.53
C THR C 301 -17.61 -9.70 -70.59
N ILE C 302 -18.17 -8.50 -70.80
CA ILE C 302 -19.21 -8.02 -69.90
C ILE C 302 -20.47 -8.84 -70.05
N LYS C 303 -20.86 -9.17 -71.28
CA LYS C 303 -22.10 -9.90 -71.54
C LYS C 303 -21.92 -11.40 -71.32
N SER C 304 -21.24 -11.74 -70.22
CA SER C 304 -21.14 -13.14 -69.81
C SER C 304 -21.47 -13.27 -68.33
N ILE C 305 -21.35 -12.18 -67.57
CA ILE C 305 -21.70 -12.22 -66.15
C ILE C 305 -23.14 -11.76 -65.92
N LYS C 306 -23.58 -10.73 -66.66
CA LYS C 306 -24.93 -10.20 -66.50
C LYS C 306 -25.98 -11.24 -66.86
N LYS C 307 -25.61 -12.22 -67.70
CA LYS C 307 -26.48 -13.33 -68.08
C LYS C 307 -25.78 -14.65 -67.84
N TYR C 308 -25.07 -14.77 -66.72
CA TYR C 308 -24.34 -15.99 -66.42
C TYR C 308 -25.30 -17.12 -66.05
N SER C 309 -24.90 -18.34 -66.38
CA SER C 309 -25.70 -19.52 -66.08
C SER C 309 -24.98 -20.43 -65.10
N LEU F 5 36.80 64.49 26.16
CA LEU F 5 36.25 63.96 24.93
C LEU F 5 36.76 64.73 23.71
N PRO F 6 37.20 64.00 22.69
CA PRO F 6 37.68 64.64 21.47
C PRO F 6 36.54 65.35 20.73
N SER F 7 36.94 66.33 19.90
CA SER F 7 35.96 67.08 19.11
C SER F 7 35.19 66.18 18.15
N ARG F 8 35.76 65.03 17.78
CA ARG F 8 35.03 64.09 16.94
C ARG F 8 33.79 63.57 17.65
N ILE F 9 33.89 63.35 18.96
CA ILE F 9 32.73 62.91 19.73
C ILE F 9 31.64 63.97 19.72
N THR F 10 32.02 65.24 19.89
CA THR F 10 31.04 66.32 19.85
C THR F 10 30.40 66.42 18.47
N LYS F 11 31.19 66.28 17.41
CA LYS F 11 30.63 66.32 16.06
C LYS F 11 29.67 65.16 15.83
N LEU F 12 30.02 63.97 16.33
CA LEU F 12 29.13 62.82 16.20
C LEU F 12 27.82 63.04 16.96
N ILE F 13 27.91 63.63 18.16
CA ILE F 13 26.71 63.92 18.93
C ILE F 13 25.83 64.93 18.18
N LYS F 14 26.45 65.97 17.63
CA LYS F 14 25.68 66.96 16.88
C LYS F 14 25.02 66.35 15.65
N LYS F 15 25.73 65.47 14.94
CA LYS F 15 25.14 64.79 13.78
C LYS F 15 24.00 63.87 14.20
N SER F 16 24.18 63.17 15.32
CA SER F 16 23.13 62.27 15.81
C SER F 16 21.90 63.04 16.26
N GLU F 17 22.08 64.27 16.73
CA GLU F 17 20.94 65.08 17.14
C GLU F 17 20.00 65.37 15.97
N SER F 18 20.54 65.47 14.76
CA SER F 18 19.74 65.73 13.57
C SER F 18 19.31 64.44 12.87
N GLY F 19 18.72 63.52 13.63
CA GLY F 19 18.19 62.29 13.10
C GLY F 19 19.19 61.43 12.36
N ASP F 20 20.17 60.87 13.08
CA ASP F 20 21.18 60.00 12.48
C ASP F 20 21.37 58.79 13.39
N PHE F 21 20.81 57.65 12.99
CA PHE F 21 20.96 56.43 13.78
C PHE F 21 22.41 55.94 13.74
N ALA F 22 23.10 56.15 12.61
CA ALA F 22 24.47 55.67 12.49
C ALA F 22 25.37 56.29 13.55
N SER F 23 25.27 57.60 13.71
CA SER F 23 26.07 58.29 14.73
C SER F 23 25.70 57.83 16.13
N SER F 24 24.40 57.63 16.39
CA SER F 24 23.96 57.18 17.70
C SER F 24 24.54 55.81 18.04
N TYR F 25 24.50 54.88 17.08
CA TYR F 25 25.03 53.55 17.35
C TYR F 25 26.55 53.56 17.42
N GLN F 26 27.21 54.42 16.64
CA GLN F 26 28.65 54.55 16.77
C GLN F 26 29.05 55.07 18.15
N LEU F 27 28.31 56.05 18.67
CA LEU F 27 28.58 56.52 20.02
C LEU F 27 28.24 55.46 21.07
N TYR F 28 27.22 54.65 20.82
CA TYR F 28 26.94 53.53 21.71
C TYR F 28 28.13 52.57 21.76
N LYS F 29 28.67 52.22 20.59
CA LYS F 29 29.84 51.33 20.56
C LYS F 29 31.04 51.96 21.22
N VAL F 30 31.23 53.27 21.01
CA VAL F 30 32.36 53.97 21.63
C VAL F 30 32.24 53.96 23.14
N PHE F 31 31.03 54.24 23.66
CA PHE F 31 30.83 54.23 25.10
C PHE F 31 30.96 52.84 25.69
N GLY F 32 30.56 51.81 24.94
CA GLY F 32 30.73 50.45 25.41
C GLY F 32 32.16 49.94 25.38
N SER F 33 33.07 50.68 24.76
CA SER F 33 34.47 50.29 24.68
C SER F 33 35.37 51.45 25.07
N LYS F 34 36.68 51.33 24.83
CA LYS F 34 37.64 52.38 25.08
C LYS F 34 38.08 53.09 23.80
N GLU F 35 37.19 53.17 22.81
CA GLU F 35 37.55 53.77 21.54
C GLU F 35 37.74 55.28 21.68
N TYR F 36 38.78 55.79 21.00
CA TYR F 36 39.07 57.23 20.95
C TYR F 36 39.31 57.82 22.34
N GLY F 37 39.75 57.00 23.29
CA GLY F 37 40.04 57.48 24.63
C GLY F 37 38.84 58.07 25.35
N VAL F 38 37.68 57.42 25.24
CA VAL F 38 36.46 57.89 25.86
C VAL F 38 36.22 57.10 27.14
N GLU F 39 35.96 57.80 28.24
CA GLU F 39 35.75 57.14 29.51
C GLU F 39 34.49 56.27 29.45
N PRO F 40 34.54 55.05 29.98
CA PRO F 40 33.37 54.17 29.93
C PRO F 40 32.25 54.64 30.86
N ASP F 41 31.15 55.11 30.27
CA ASP F 41 29.99 55.55 31.03
C ASP F 41 28.74 54.94 30.41
N GLU F 42 28.12 54.00 31.13
CA GLU F 42 26.91 53.36 30.62
C GLU F 42 25.71 54.29 30.62
N LYS F 43 25.75 55.38 31.40
CA LYS F 43 24.63 56.30 31.43
C LYS F 43 24.45 57.02 30.10
N MET F 44 25.54 57.58 29.57
CA MET F 44 25.46 58.22 28.26
C MET F 44 25.21 57.19 27.16
N SER F 45 25.66 55.94 27.36
CA SER F 45 25.34 54.89 26.39
C SER F 45 23.84 54.62 26.36
N ASP F 46 23.21 54.55 27.54
CA ASP F 46 21.76 54.37 27.59
C ASP F 46 21.02 55.57 26.99
N TYR F 47 21.53 56.78 27.25
CA TYR F 47 20.92 57.96 26.64
C TYR F 47 21.02 57.92 25.12
N PHE F 48 22.17 57.50 24.60
CA PHE F 48 22.33 57.39 23.15
C PHE F 48 21.42 56.29 22.59
N LYS F 49 21.26 55.19 23.32
CA LYS F 49 20.34 54.14 22.88
C LYS F 49 18.90 54.66 22.83
N GLU F 50 18.49 55.42 23.83
CA GLU F 50 17.15 56.01 23.82
C GLU F 50 16.98 56.97 22.65
N LEU F 51 18.01 57.78 22.38
CA LEU F 51 17.94 58.70 21.24
C LEU F 51 17.85 57.93 19.93
N SER F 52 18.59 56.83 19.81
CA SER F 52 18.56 56.02 18.59
C SER F 52 17.23 55.32 18.42
N ALA F 53 16.59 54.93 19.53
CA ALA F 53 15.29 54.26 19.44
C ALA F 53 14.24 55.14 18.77
N LYS F 54 14.39 56.45 18.87
CA LYS F 54 13.50 57.39 18.21
C LYS F 54 13.90 57.70 16.78
N GLN F 55 15.01 57.13 16.29
CA GLN F 55 15.48 57.35 14.93
C GLN F 55 15.54 55.99 14.24
N LEU F 56 14.41 55.55 13.71
CA LEU F 56 14.31 54.34 12.89
C LEU F 56 13.29 54.57 11.78
N GLU F 57 13.37 55.70 11.10
CA GLU F 57 12.43 56.03 10.03
C GLU F 57 12.51 55.03 8.88
N GLY F 58 13.60 54.29 8.77
CA GLY F 58 13.75 53.28 7.75
C GLY F 58 15.21 53.07 7.38
N GLY F 59 15.63 51.80 7.30
CA GLY F 59 17.03 51.50 7.08
C GLY F 59 17.30 50.56 5.92
N GLN F 60 16.24 50.03 5.32
CA GLN F 60 16.35 49.08 4.21
C GLN F 60 17.28 47.92 4.59
N LEU F 61 16.83 47.14 5.58
CA LEU F 61 17.63 46.04 6.08
C LEU F 61 17.94 45.03 4.98
N ARG F 62 19.21 44.67 4.85
CA ARG F 62 19.68 43.79 3.79
C ARG F 62 20.41 42.60 4.41
N VAL F 63 20.99 41.77 3.54
CA VAL F 63 21.77 40.61 3.95
C VAL F 63 23.24 40.74 3.58
N ALA F 64 23.60 41.79 2.85
CA ALA F 64 24.97 42.09 2.44
C ALA F 64 25.75 40.86 1.97
N ASP F 65 26.52 40.25 2.86
CA ASP F 65 27.43 39.17 2.51
C ASP F 65 26.93 37.82 3.03
N ILE F 66 27.63 36.77 2.60
CA ILE F 66 27.35 35.40 3.06
C ILE F 66 28.68 34.65 3.09
N HIS F 67 28.82 33.76 4.08
CA HIS F 67 30.00 32.94 4.23
C HIS F 67 29.56 31.52 4.55
N LEU F 68 29.86 30.58 3.65
CA LEU F 68 29.49 29.18 3.81
C LEU F 68 30.75 28.33 3.78
N GLU F 69 30.84 27.37 4.71
CA GLU F 69 31.97 26.46 4.80
C GLU F 69 31.45 25.05 4.99
N ASN F 70 31.72 24.17 4.03
CA ASN F 70 31.34 22.77 4.08
C ASN F 70 29.84 22.60 4.30
N TYR F 71 29.04 23.41 3.61
CA TYR F 71 27.59 23.32 3.65
C TYR F 71 27.06 22.77 2.32
N LYS F 72 26.17 21.78 2.42
CA LYS F 72 25.49 21.19 1.28
C LYS F 72 26.52 20.63 0.31
N GLY F 73 26.89 21.40 -0.71
CA GLY F 73 27.85 20.94 -1.70
C GLY F 73 28.95 21.93 -1.99
N PHE F 74 28.97 23.04 -1.24
CA PHE F 74 29.98 24.07 -1.41
C PHE F 74 31.04 23.97 -0.32
N GLU F 75 32.24 24.43 -0.65
CA GLU F 75 33.37 24.44 0.28
C GLU F 75 33.64 25.83 0.84
N SER F 76 33.72 26.84 -0.02
CA SER F 76 33.90 28.22 0.42
C SER F 76 33.29 29.11 -0.65
N LEU F 77 32.23 29.84 -0.29
CA LEU F 77 31.43 30.59 -1.24
C LEU F 77 31.16 32.00 -0.72
N ILE F 78 32.22 32.70 -0.31
CA ILE F 78 32.11 34.10 0.09
C ILE F 78 31.49 34.89 -1.06
N MET F 79 30.32 35.48 -0.82
CA MET F 79 29.58 36.17 -1.85
C MET F 79 29.07 37.50 -1.31
N ASP F 80 29.05 38.50 -2.17
CA ASP F 80 28.64 39.86 -1.79
C ASP F 80 27.38 40.22 -2.57
N PHE F 81 26.24 40.13 -1.90
CA PHE F 81 24.98 40.54 -2.51
C PHE F 81 24.93 42.05 -2.66
N SER F 82 24.19 42.51 -3.66
CA SER F 82 24.17 43.93 -4.00
C SER F 82 23.54 44.74 -2.87
N MET F 83 23.99 45.99 -2.75
CA MET F 83 23.50 46.91 -1.73
C MET F 83 22.83 48.14 -2.31
N LYS F 84 23.41 48.75 -3.35
CA LYS F 84 22.83 49.92 -3.97
C LYS F 84 21.63 49.61 -4.85
N LYS F 85 21.55 48.38 -5.38
CA LYS F 85 20.43 47.95 -6.20
C LYS F 85 19.73 46.80 -5.49
N ASN F 86 18.40 46.86 -5.43
CA ASN F 86 17.61 45.93 -4.64
C ASN F 86 17.20 44.69 -5.44
N SER F 87 18.18 44.00 -6.02
CA SER F 87 17.90 42.78 -6.77
C SER F 87 19.17 41.97 -6.91
N THR F 88 19.00 40.67 -7.09
CA THR F 88 20.11 39.75 -7.33
C THR F 88 19.55 38.47 -7.94
N ILE F 89 20.04 38.11 -9.12
CA ILE F 89 19.57 36.94 -9.84
C ILE F 89 20.65 35.88 -9.72
N LEU F 90 20.35 34.78 -9.03
CA LEU F 90 21.30 33.68 -8.87
C LEU F 90 20.99 32.66 -9.96
N VAL F 91 21.81 32.67 -11.02
CA VAL F 91 21.50 31.95 -12.25
C VAL F 91 21.81 30.47 -12.12
N GLY F 92 23.09 30.14 -11.91
CA GLY F 92 23.53 28.78 -11.71
C GLY F 92 23.07 27.78 -12.75
N ASN F 93 23.02 26.50 -12.35
CA ASN F 93 22.55 25.41 -13.21
C ASN F 93 21.73 24.46 -12.37
N ASN F 94 21.13 23.47 -13.02
CA ASN F 94 20.35 22.45 -12.32
C ASN F 94 21.32 21.46 -11.69
N GLY F 95 21.43 21.49 -10.38
CA GLY F 95 22.39 20.66 -9.66
C GLY F 95 23.65 21.36 -9.24
N CYS F 96 23.74 22.68 -9.41
CA CYS F 96 24.94 23.44 -9.03
C CYS F 96 24.82 24.08 -7.66
N GLY F 97 23.61 24.28 -7.14
CA GLY F 97 23.47 24.78 -5.78
C GLY F 97 22.80 26.12 -5.63
N LYS F 98 21.84 26.44 -6.50
CA LYS F 98 21.09 27.68 -6.33
C LYS F 98 20.38 27.71 -4.98
N SER F 99 19.61 26.67 -4.67
CA SER F 99 18.84 26.63 -3.44
C SER F 99 19.71 26.52 -2.19
N THR F 100 21.00 26.20 -2.35
CA THR F 100 21.88 26.12 -1.19
C THR F 100 22.00 27.47 -0.50
N ILE F 101 22.32 28.51 -1.27
CA ILE F 101 22.48 29.85 -0.69
C ILE F 101 21.17 30.32 -0.09
N LEU F 102 20.05 30.13 -0.80
CA LEU F 102 18.76 30.59 -0.29
C LEU F 102 18.38 29.86 0.99
N ASP F 103 18.65 28.56 1.05
CA ASP F 103 18.39 27.79 2.27
C ASP F 103 19.27 28.27 3.42
N ALA F 104 20.54 28.59 3.13
CA ALA F 104 21.39 29.13 4.17
C ALA F 104 20.86 30.46 4.70
N ILE F 105 20.41 31.33 3.80
CA ILE F 105 19.85 32.61 4.25
C ILE F 105 18.59 32.40 5.06
N GLN F 106 17.76 31.40 4.72
CA GLN F 106 16.53 31.24 5.49
C GLN F 106 16.81 30.63 6.86
N LYS F 107 17.78 29.72 6.97
CA LYS F 107 18.18 29.26 8.30
C LYS F 107 18.79 30.38 9.12
N GLY F 108 19.55 31.27 8.48
CA GLY F 108 20.03 32.44 9.21
C GLY F 108 18.90 33.37 9.62
N LEU F 109 17.91 33.52 8.75
CA LEU F 109 16.84 34.48 8.93
C LEU F 109 15.78 34.02 9.92
N THR F 110 15.70 32.72 10.21
CA THR F 110 14.73 32.29 11.20
C THR F 110 15.06 32.85 12.59
N HIS F 111 16.36 32.94 12.91
CA HIS F 111 16.76 33.55 14.18
C HIS F 111 16.34 35.01 14.25
N LEU F 112 16.55 35.74 13.15
CA LEU F 112 16.17 37.15 13.11
C LEU F 112 14.65 37.28 13.26
N SER F 113 13.89 36.46 12.53
CA SER F 113 12.43 36.53 12.62
C SER F 113 11.96 36.22 14.02
N SER F 114 12.62 35.28 14.71
CA SER F 114 12.29 35.02 16.10
C SER F 114 12.58 36.25 16.96
N ARG F 115 13.76 36.83 16.82
CA ARG F 115 14.14 37.92 17.71
C ARG F 115 13.42 39.24 17.40
N LEU F 116 12.73 39.36 16.27
CA LEU F 116 11.83 40.48 16.09
C LEU F 116 10.53 40.30 16.86
N SER F 117 9.75 39.27 16.53
CA SER F 117 8.43 39.08 17.16
C SER F 117 8.35 37.70 17.77
N THR F 118 8.95 37.54 18.95
CA THR F 118 8.85 36.42 19.90
C THR F 118 9.44 36.92 21.20
N ARG F 119 9.66 36.00 22.12
CA ARG F 119 10.59 36.17 23.23
C ARG F 119 11.60 35.02 23.17
N SER F 120 12.55 35.02 24.10
CA SER F 120 13.61 34.02 24.14
C SER F 120 14.41 34.02 22.85
N HIS F 121 15.16 32.93 22.61
CA HIS F 121 16.04 32.84 21.44
C HIS F 121 15.91 31.43 20.87
N ASN F 122 15.19 31.29 19.77
CA ASN F 122 14.98 30.00 19.11
C ASN F 122 15.41 30.09 17.65
N GLY F 123 16.09 29.05 17.19
CA GLY F 123 16.56 29.01 15.82
C GLY F 123 16.98 27.62 15.43
N ASP F 124 17.13 27.40 14.13
CA ASP F 124 17.48 26.10 13.58
C ASP F 124 18.93 26.08 13.12
N GLY F 125 19.62 24.99 13.43
CA GLY F 125 21.00 24.79 13.04
C GLY F 125 21.16 23.76 11.95
N ILE F 126 22.42 23.48 11.63
CA ILE F 126 22.73 22.52 10.58
C ILE F 126 22.38 21.12 11.07
N GLU F 127 21.63 20.39 10.25
CA GLU F 127 21.21 19.03 10.58
C GLU F 127 22.25 18.01 10.13
N LYS F 128 21.94 16.73 10.32
CA LYS F 128 22.90 15.68 9.97
C LYS F 128 23.02 15.49 8.46
N HIS F 129 21.92 15.69 7.73
CA HIS F 129 21.92 15.47 6.28
C HIS F 129 22.40 16.68 5.50
N GLU F 130 22.72 17.79 6.18
CA GLU F 130 23.18 19.00 5.53
C GLU F 130 24.69 19.13 5.50
N LEU F 131 25.38 18.51 6.46
CA LEU F 131 26.84 18.54 6.49
C LEU F 131 27.42 17.89 5.24
N ARG F 132 28.48 18.50 4.73
CA ARG F 132 29.14 17.95 3.54
C ARG F 132 29.73 16.59 3.84
N LYS F 133 29.59 15.67 2.89
CA LYS F 133 30.05 14.30 3.07
C LYS F 133 31.57 14.26 2.94
N GLY F 134 32.26 14.11 4.06
CA GLY F 134 33.71 14.01 4.06
C GLY F 134 34.38 14.81 5.16
N GLN F 135 33.81 15.95 5.53
CA GLN F 135 34.36 16.79 6.59
C GLN F 135 33.21 17.28 7.47
N ASN F 136 33.55 17.64 8.71
CA ASN F 136 32.58 18.16 9.68
C ASN F 136 33.13 19.46 10.29
N TYR F 137 32.99 20.55 9.55
CA TYR F 137 33.31 21.88 10.07
C TYR F 137 32.31 22.89 9.50
N ALA F 138 31.02 22.54 9.52
CA ALA F 138 30.02 23.36 8.85
C ALA F 138 29.79 24.68 9.57
N SER F 139 29.49 25.71 8.79
CA SER F 139 29.22 27.05 9.35
C SER F 139 28.54 27.95 8.32
N ILE F 140 27.46 28.59 8.73
CA ILE F 140 26.80 29.65 7.95
C ILE F 140 27.09 30.98 8.62
N ALA F 141 27.59 31.94 7.85
CA ALA F 141 27.90 33.27 8.39
C ALA F 141 27.36 34.30 7.41
N ILE F 142 26.22 34.90 7.75
CA ILE F 142 25.62 35.98 6.96
C ILE F 142 25.78 37.27 7.75
N ASN F 143 26.41 38.26 7.13
CA ASN F 143 26.63 39.55 7.77
C ASN F 143 25.51 40.49 7.35
N TYR F 144 24.60 40.78 8.27
CA TYR F 144 23.52 41.69 7.97
C TYR F 144 24.04 43.13 7.87
N ASP F 145 23.20 44.02 7.35
CA ASP F 145 23.60 45.41 7.17
C ASP F 145 22.37 46.29 7.34
N TYR F 146 22.29 46.97 8.48
CA TYR F 146 21.28 48.00 8.69
C TYR F 146 21.78 49.29 8.05
N MET F 147 21.14 50.42 8.35
CA MET F 147 21.54 51.69 7.74
C MET F 147 22.87 52.14 8.36
N GLY F 148 23.97 51.61 7.80
CA GLY F 148 25.30 52.03 8.16
C GLY F 148 26.03 51.15 9.14
N ILE F 149 25.37 50.13 9.69
CA ILE F 149 25.98 49.26 10.68
C ILE F 149 25.75 47.80 10.30
N ARG F 150 26.63 46.94 10.80
CA ARG F 150 26.63 45.52 10.44
C ARG F 150 26.61 44.67 11.71
N PHE F 151 25.87 43.57 11.67
CA PHE F 151 25.74 42.65 12.79
C PHE F 151 26.18 41.25 12.37
N PRO F 152 27.34 40.77 12.81
CA PRO F 152 27.75 39.41 12.46
C PRO F 152 26.85 38.35 13.10
N MET F 153 26.77 37.20 12.42
CA MET F 153 26.05 36.04 12.93
C MET F 153 26.59 34.79 12.26
N ILE F 154 26.98 33.80 13.05
CA ILE F 154 27.49 32.54 12.53
C ILE F 154 26.69 31.41 13.14
N ILE F 155 26.09 30.58 12.30
CA ILE F 155 25.43 29.34 12.71
C ILE F 155 26.39 28.20 12.42
N ALA F 156 26.71 27.42 13.45
CA ALA F 156 27.75 26.41 13.33
C ALA F 156 27.31 25.10 13.96
N THR F 157 27.92 24.02 13.51
CA THR F 157 27.68 22.69 14.06
C THR F 157 29.00 21.93 14.07
N THR F 158 29.03 20.86 14.87
CA THR F 158 30.23 20.06 15.02
C THR F 158 29.84 18.63 15.38
N GLU F 159 30.46 17.66 14.72
CA GLU F 159 30.17 16.27 15.02
C GLU F 159 30.66 15.91 16.43
N PRO F 160 29.98 14.98 17.10
CA PRO F 160 30.38 14.64 18.48
C PRO F 160 31.79 14.10 18.59
N GLY F 161 32.29 13.40 17.58
CA GLY F 161 33.59 12.77 17.67
C GLY F 161 34.75 13.68 17.28
N TYR F 162 34.49 14.98 17.21
CA TYR F 162 35.51 15.94 16.81
C TYR F 162 35.10 17.30 17.37
N GLU F 163 36.05 18.24 17.37
CA GLU F 163 35.79 19.59 17.85
C GLU F 163 36.52 20.58 16.93
N ASP F 164 35.82 21.07 15.92
CA ASP F 164 36.36 22.08 15.03
C ASP F 164 36.20 23.47 15.64
N ARG F 165 36.79 24.46 14.97
CA ARG F 165 36.65 25.85 15.40
C ARG F 165 35.37 26.46 14.85
N ALA F 166 34.25 25.77 15.04
CA ALA F 166 32.95 26.23 14.61
C ALA F 166 32.19 26.79 15.80
N LYS F 167 32.69 27.91 16.32
CA LYS F 167 32.15 28.54 17.51
C LYS F 167 31.01 29.46 17.08
N SER F 168 29.78 28.98 17.21
CA SER F 168 28.62 29.79 16.84
C SER F 168 28.51 30.99 17.77
N ASN F 169 28.39 32.17 17.20
CA ASN F 169 28.43 33.42 17.97
C ASN F 169 27.05 33.95 18.33
N TYR F 170 26.22 34.25 17.32
CA TYR F 170 24.93 34.92 17.52
C TYR F 170 25.12 36.24 18.26
N SER F 171 26.28 36.86 18.10
CA SER F 171 26.66 38.02 18.91
C SER F 171 25.93 39.29 18.47
N GLY F 172 25.74 39.49 17.18
CA GLY F 172 25.26 40.76 16.68
C GLY F 172 23.76 40.94 16.67
N ILE F 173 23.03 39.89 16.30
CA ILE F 173 21.58 39.99 16.13
C ILE F 173 20.87 40.31 17.44
N ASN F 174 21.50 40.00 18.57
CA ASN F 174 20.92 40.37 19.85
C ASN F 174 20.79 41.89 19.98
N GLU F 175 21.80 42.63 19.50
CA GLU F 175 21.73 44.08 19.53
C GLU F 175 20.59 44.61 18.65
N LEU F 176 20.41 44.01 17.47
CA LEU F 176 19.33 44.43 16.58
C LEU F 176 17.96 44.19 17.23
N GLY F 177 17.80 43.00 17.81
CA GLY F 177 16.56 42.71 18.52
C GLY F 177 16.33 43.67 19.67
N SER F 178 17.38 43.98 20.43
CA SER F 178 17.25 44.89 21.56
C SER F 178 16.84 46.29 21.10
N ILE F 179 17.46 46.78 20.02
CA ILE F 179 17.15 48.15 19.59
C ILE F 179 15.73 48.22 19.03
N PHE F 180 15.30 47.21 18.28
CA PHE F 180 13.91 47.20 17.83
C PHE F 180 12.94 47.09 19.01
N LYS F 181 13.28 46.29 20.02
CA LYS F 181 12.40 46.17 21.18
C LYS F 181 12.29 47.50 21.91
N THR F 182 13.41 48.21 22.10
CA THR F 182 13.37 49.50 22.75
C THR F 182 12.59 50.52 21.92
N ALA F 183 12.78 50.52 20.60
CA ALA F 183 12.06 51.46 19.75
C ALA F 183 10.57 51.16 19.66
N HIS F 184 10.17 49.91 19.90
CA HIS F 184 8.76 49.57 19.81
C HIS F 184 7.94 50.29 20.87
N SER F 185 8.42 50.31 22.11
CA SER F 185 7.65 50.84 23.23
C SER F 185 7.94 52.31 23.50
N ILE F 186 7.87 53.13 22.46
CA ILE F 186 7.84 54.58 22.64
C ILE F 186 6.71 55.13 21.76
N ASN F 187 6.44 54.43 20.65
CA ASN F 187 5.40 54.79 19.70
C ASN F 187 5.00 53.54 18.93
N PRO F 188 3.87 52.90 19.28
CA PRO F 188 3.50 51.61 18.69
C PRO F 188 3.10 51.70 17.22
N ASN F 189 3.92 52.39 16.42
CA ASN F 189 3.81 52.40 14.96
C ASN F 189 5.23 52.51 14.41
N VAL F 190 5.82 51.36 14.11
CA VAL F 190 7.19 51.28 13.63
C VAL F 190 7.24 50.39 12.40
N SER F 191 8.17 50.70 11.50
CA SER F 191 8.34 49.93 10.26
C SER F 191 9.26 48.74 10.56
N PHE F 192 8.67 47.64 11.02
CA PHE F 192 9.44 46.45 11.31
C PHE F 192 9.96 45.82 10.03
N PRO F 193 11.15 45.22 10.06
CA PRO F 193 11.66 44.52 8.88
C PRO F 193 10.77 43.35 8.48
N LEU F 194 10.67 43.14 7.17
CA LEU F 194 9.90 42.03 6.62
C LEU F 194 10.80 40.85 6.33
N ILE F 195 10.33 39.65 6.70
CA ILE F 195 11.06 38.41 6.49
C ILE F 195 10.12 37.40 5.84
N ALA F 196 10.53 36.84 4.71
CA ALA F 196 9.73 35.86 4.00
C ALA F 196 10.61 35.14 2.99
N MET F 197 10.57 33.82 3.00
CA MET F 197 11.25 33.00 2.01
C MET F 197 10.20 32.08 1.39
N TYR F 198 10.21 31.97 0.07
CA TYR F 198 9.13 31.32 -0.66
C TYR F 198 9.74 30.26 -1.57
N THR F 199 9.52 28.99 -1.23
CA THR F 199 10.08 27.88 -1.99
C THR F 199 9.24 27.65 -3.25
N VAL F 200 9.52 26.54 -3.94
CA VAL F 200 8.73 26.14 -5.10
C VAL F 200 7.46 25.41 -4.70
N GLU F 201 7.24 25.21 -3.39
CA GLU F 201 6.07 24.51 -2.90
C GLU F 201 4.79 25.33 -3.01
N ARG F 202 4.85 26.55 -3.55
CA ARG F 202 3.64 27.32 -3.77
C ARG F 202 2.83 26.81 -4.95
N ALA F 203 3.29 25.76 -5.63
CA ALA F 203 2.54 25.20 -6.75
C ALA F 203 1.19 24.67 -6.29
N ASN F 204 1.15 24.01 -5.13
CA ASN F 204 -0.11 23.54 -4.56
C ASN F 204 -0.80 24.66 -3.78
N ASP F 205 -1.02 25.77 -4.48
CA ASP F 205 -1.65 26.97 -3.97
C ASP F 205 -3.17 26.81 -3.96
N VAL F 206 -3.87 27.95 -3.99
CA VAL F 206 -5.29 28.10 -3.66
C VAL F 206 -6.12 26.92 -4.12
N SER F 207 -6.90 26.35 -3.19
CA SER F 207 -7.75 25.20 -3.47
C SER F 207 -8.96 25.27 -2.56
N THR F 208 -9.85 24.29 -2.70
CA THR F 208 -11.07 24.26 -1.91
C THR F 208 -10.77 24.07 -0.42
N ARG F 209 -9.66 23.39 -0.10
CA ARG F 209 -9.35 23.05 1.28
C ARG F 209 -9.15 24.28 2.15
N ASP F 210 -8.85 25.44 1.57
CA ASP F 210 -8.69 26.67 2.32
C ASP F 210 -9.94 27.54 2.32
N ILE F 211 -10.61 27.68 1.18
CA ILE F 211 -11.80 28.52 1.11
C ILE F 211 -12.96 27.88 1.85
N GLU F 212 -13.18 26.58 1.66
CA GLU F 212 -14.30 25.91 2.30
C GLU F 212 -14.16 25.84 3.82
N ASN F 213 -12.95 26.02 4.35
CA ASN F 213 -12.71 25.95 5.79
C ASN F 213 -12.79 27.32 6.46
N SER F 214 -13.40 28.31 5.80
CA SER F 214 -13.53 29.63 6.40
C SER F 214 -14.40 29.59 7.65
N GLU F 215 -15.49 28.86 7.60
CA GLU F 215 -16.39 28.76 8.75
C GLU F 215 -15.93 27.68 9.72
N ALA F 220 -12.46 37.94 17.04
CA ALA F 220 -11.30 37.15 16.67
C ALA F 220 -10.01 37.94 16.90
N GLN F 221 -8.92 37.47 16.30
CA GLN F 221 -7.64 38.16 16.41
C GLN F 221 -7.70 39.53 15.74
N ILE F 222 -6.97 40.48 16.32
CA ILE F 222 -7.01 41.87 15.87
C ILE F 222 -5.89 42.19 14.89
N TRP F 223 -5.17 41.18 14.40
CA TRP F 223 -4.11 41.35 13.43
C TRP F 223 -3.03 42.32 13.93
N ASP F 224 -2.37 41.90 15.02
CA ASP F 224 -1.31 42.71 15.59
C ASP F 224 -0.08 42.68 14.69
N LYS F 225 0.84 43.61 14.96
CA LYS F 225 2.04 43.73 14.14
C LYS F 225 2.90 42.48 14.20
N PHE F 226 2.98 41.86 15.38
CA PHE F 226 3.82 40.69 15.60
C PHE F 226 3.28 39.43 14.92
N LYS F 227 2.17 39.52 14.18
CA LYS F 227 1.57 38.34 13.57
C LYS F 227 2.25 37.96 12.27
N ALA F 228 2.42 38.91 11.36
CA ALA F 228 2.77 38.58 9.98
C ALA F 228 4.12 37.87 9.86
N TYR F 229 4.97 37.95 10.89
CA TYR F 229 6.17 37.10 10.91
C TYR F 229 5.81 35.62 10.99
N ASN F 230 4.65 35.31 11.56
CA ASN F 230 4.26 33.91 11.78
C ASN F 230 4.02 33.22 10.44
N LYS F 231 4.55 32.01 10.31
CA LYS F 231 4.33 31.16 9.14
C LYS F 231 4.71 31.91 7.87
N SER F 232 5.88 32.55 7.91
CA SER F 232 6.39 33.33 6.79
C SER F 232 7.54 32.63 6.07
N LEU F 233 8.57 32.24 6.80
CA LEU F 233 9.74 31.56 6.24
C LEU F 233 9.56 30.05 6.20
N THR F 234 8.41 29.61 5.69
CA THR F 234 8.07 28.20 5.56
C THR F 234 8.26 27.69 4.15
N GLY F 235 7.75 28.41 3.15
CA GLY F 235 7.95 28.04 1.77
C GLY F 235 6.69 27.96 0.94
N LYS F 236 5.56 28.40 1.51
CA LYS F 236 4.29 28.36 0.82
C LYS F 236 3.55 29.68 1.04
N ALA F 237 2.89 30.17 -0.01
CA ALA F 237 2.05 31.35 0.09
C ALA F 237 0.67 30.89 0.54
N ASP F 238 0.46 30.86 1.84
CA ASP F 238 -0.76 30.33 2.44
C ASP F 238 -1.92 31.26 2.12
N PHE F 239 -2.77 30.85 1.18
CA PHE F 239 -3.96 31.63 0.86
C PHE F 239 -4.99 31.59 1.98
N LYS F 240 -4.91 30.61 2.89
CA LYS F 240 -5.89 30.50 3.96
C LYS F 240 -5.80 31.71 4.89
N LEU F 241 -4.58 32.13 5.24
CA LEU F 241 -4.40 33.30 6.08
C LEU F 241 -4.90 34.56 5.38
N PHE F 242 -4.62 34.69 4.08
CA PHE F 242 -5.10 35.85 3.34
C PHE F 242 -6.62 35.89 3.30
N PHE F 243 -7.25 34.73 3.10
CA PHE F 243 -8.71 34.68 3.06
C PHE F 243 -9.29 35.05 4.42
N ARG F 244 -8.68 34.55 5.50
CA ARG F 244 -9.14 34.91 6.84
C ARG F 244 -9.00 36.40 7.08
N TRP F 245 -7.88 36.99 6.64
CA TRP F 245 -7.70 38.43 6.79
C TRP F 245 -8.76 39.20 5.99
N PHE F 246 -9.04 38.74 4.77
CA PHE F 246 -10.06 39.35 3.94
C PHE F 246 -11.41 39.35 4.65
N LYS F 247 -11.80 38.19 5.18
CA LYS F 247 -13.07 38.06 5.89
C LYS F 247 -13.10 38.97 7.11
N GLU F 248 -12.03 38.96 7.90
CA GLU F 248 -12.00 39.77 9.12
C GLU F 248 -12.08 41.25 8.80
N LEU F 249 -11.36 41.71 7.78
CA LEU F 249 -11.37 43.13 7.43
C LEU F 249 -12.73 43.55 6.91
N ILE F 250 -13.37 42.71 6.07
CA ILE F 250 -14.62 43.16 5.48
C ILE F 250 -15.81 42.96 6.42
N GLU F 251 -15.69 42.08 7.41
CA GLU F 251 -16.76 41.93 8.40
C GLU F 251 -17.01 43.21 9.19
N ILE F 252 -16.03 44.10 9.24
CA ILE F 252 -16.19 45.40 9.90
C ILE F 252 -17.02 46.27 8.97
N GLU F 253 -18.32 46.37 9.23
CA GLU F 253 -19.22 47.14 8.39
C GLU F 253 -20.18 47.98 9.22
N THR F 261 -27.58 38.94 10.44
CA THR F 261 -27.73 37.81 11.34
C THR F 261 -29.09 37.14 11.15
N ALA F 262 -30.12 37.96 10.92
CA ALA F 262 -31.45 37.42 10.69
C ALA F 262 -31.49 36.57 9.41
N LEU F 263 -30.81 37.02 8.36
CA LEU F 263 -30.74 36.24 7.13
C LEU F 263 -30.00 34.93 7.37
N ARG F 264 -28.90 34.98 8.13
CA ARG F 264 -28.15 33.77 8.43
C ARG F 264 -29.00 32.78 9.22
N ALA F 265 -29.78 33.28 10.19
CA ALA F 265 -30.69 32.42 10.92
C ALA F 265 -31.75 31.84 9.99
N GLU F 266 -32.24 32.63 9.04
CA GLU F 266 -33.17 32.12 8.05
C GLU F 266 -32.53 31.03 7.19
N ILE F 267 -31.25 31.21 6.83
CA ILE F 267 -30.55 30.19 6.06
C ILE F 267 -30.43 28.90 6.86
N ARG F 268 -30.19 29.01 8.16
CA ARG F 268 -30.12 27.81 9.00
C ARG F 268 -31.48 27.12 9.07
N ALA F 269 -32.56 27.88 9.23
CA ALA F 269 -33.88 27.28 9.35
C ALA F 269 -34.33 26.64 8.05
N LYS F 270 -34.10 27.31 6.91
CA LYS F 270 -34.49 26.77 5.62
C LYS F 270 -33.71 25.52 5.25
N GLU F 271 -32.43 25.45 5.64
CA GLU F 271 -31.65 24.26 5.37
C GLU F 271 -32.18 23.05 6.14
N LYS F 272 -32.54 23.25 7.41
CA LYS F 272 -33.05 22.15 8.21
C LYS F 272 -34.43 21.70 7.73
N ASP F 273 -35.28 22.65 7.34
CA ASP F 273 -36.65 22.30 6.94
C ASP F 273 -36.67 21.59 5.60
N LEU F 274 -35.92 22.08 4.62
CA LEU F 274 -35.96 21.53 3.28
C LEU F 274 -35.21 20.21 3.15
N ASP F 275 -34.42 19.82 4.17
CA ASP F 275 -33.65 18.59 4.13
C ASP F 275 -34.22 17.52 5.08
N ASN F 276 -35.46 17.70 5.54
CA ASN F 276 -36.05 16.74 6.45
C ASN F 276 -36.27 15.40 5.74
N PRO F 277 -36.04 14.28 6.43
CA PRO F 277 -36.31 12.98 5.81
C PRO F 277 -37.77 12.78 5.40
N LEU F 278 -38.70 13.37 6.16
CA LEU F 278 -40.11 13.23 5.81
C LEU F 278 -40.41 13.89 4.46
N LEU F 279 -39.80 15.06 4.20
CA LEU F 279 -39.99 15.71 2.91
C LEU F 279 -39.45 14.86 1.78
N LYS F 280 -38.28 14.24 1.98
CA LYS F 280 -37.72 13.36 0.96
C LYS F 280 -38.62 12.16 0.71
N ALA F 281 -39.15 11.57 1.78
CA ALA F 281 -40.06 10.44 1.63
C ALA F 281 -41.33 10.84 0.88
N LEU F 282 -41.87 12.02 1.19
CA LEU F 282 -43.06 12.50 0.49
C LEU F 282 -42.76 12.74 -0.98
N LEU F 283 -41.60 13.32 -1.29
CA LEU F 283 -41.24 13.55 -2.68
C LEU F 283 -41.06 12.24 -3.44
N ALA F 284 -40.44 11.25 -2.80
CA ALA F 284 -40.24 9.95 -3.45
C ALA F 284 -41.55 9.20 -3.64
N GLU F 285 -42.48 9.34 -2.69
CA GLU F 285 -43.74 8.60 -2.77
C GLU F 285 -44.56 9.04 -3.98
N ASN F 286 -44.62 10.35 -4.23
CA ASN F 286 -45.43 10.91 -5.32
C ASN F 286 -44.50 11.59 -6.32
N LYS F 287 -44.05 10.83 -7.32
CA LYS F 287 -43.22 11.41 -8.37
C LYS F 287 -44.00 12.44 -9.18
N ASN F 288 -45.26 12.15 -9.50
CA ASN F 288 -46.12 13.06 -10.24
C ASN F 288 -46.71 14.06 -9.25
N SER F 289 -45.95 15.13 -8.99
CA SER F 289 -46.29 16.14 -7.99
C SER F 289 -46.11 17.54 -8.58
N GLU F 290 -46.69 17.75 -9.77
CA GLU F 290 -46.54 19.04 -10.44
C GLU F 290 -47.07 20.18 -9.57
N THR F 291 -48.19 19.96 -8.88
CA THR F 291 -48.67 20.95 -7.93
C THR F 291 -47.66 21.20 -6.82
N THR F 292 -47.06 20.12 -6.29
CA THR F 292 -45.99 20.27 -5.30
C THR F 292 -44.70 20.74 -5.97
N LYS F 293 -44.49 20.41 -7.24
CA LYS F 293 -43.30 20.88 -7.95
C LYS F 293 -43.32 22.40 -8.08
N LYS F 294 -44.51 22.99 -8.26
CA LYS F 294 -44.60 24.45 -8.32
C LYS F 294 -44.15 25.07 -7.01
N LEU F 295 -44.58 24.50 -5.88
CA LEU F 295 -44.13 25.00 -4.58
C LEU F 295 -42.63 24.79 -4.40
N LEU F 296 -42.10 23.67 -4.90
CA LEU F 296 -40.66 23.44 -4.81
C LEU F 296 -39.87 24.47 -5.59
N GLU F 297 -40.32 24.80 -6.80
CA GLU F 297 -39.65 25.84 -7.58
C GLU F 297 -39.81 27.22 -6.92
N ASP F 298 -40.96 27.47 -6.28
CA ASP F 298 -41.11 28.71 -5.51
C ASP F 298 -40.11 28.77 -4.37
N HIS F 299 -39.90 27.65 -3.68
CA HIS F 299 -38.90 27.61 -2.63
C HIS F 299 -37.50 27.84 -3.18
N GLN F 300 -37.19 27.26 -4.34
CA GLN F 300 -35.87 27.50 -4.94
C GLN F 300 -35.71 28.96 -5.36
N ASN F 301 -36.78 29.59 -5.85
CA ASN F 301 -36.73 31.02 -6.16
C ASN F 301 -36.48 31.84 -4.90
N SER F 302 -37.11 31.46 -3.79
CA SER F 302 -36.84 32.12 -2.52
C SER F 302 -35.39 31.91 -2.10
N LEU F 303 -34.85 30.71 -2.31
CA LEU F 303 -33.43 30.45 -2.07
C LEU F 303 -32.57 31.44 -2.83
N LYS F 304 -32.82 31.57 -4.13
CA LYS F 304 -32.02 32.46 -4.97
C LYS F 304 -32.16 33.90 -4.53
N VAL F 305 -33.38 34.34 -4.20
CA VAL F 305 -33.61 35.72 -3.79
C VAL F 305 -32.88 36.03 -2.49
N LEU F 306 -32.97 35.12 -1.52
CA LEU F 306 -32.29 35.34 -0.24
C LEU F 306 -30.78 35.37 -0.41
N LYS F 307 -30.23 34.44 -1.20
CA LYS F 307 -28.79 34.44 -1.42
C LYS F 307 -28.34 35.70 -2.16
N GLU F 308 -29.12 36.14 -3.14
CA GLU F 308 -28.78 37.36 -3.87
C GLU F 308 -28.82 38.58 -2.96
N LYS F 309 -29.81 38.66 -2.08
CA LYS F 309 -29.86 39.78 -1.14
C LYS F 309 -28.68 39.74 -0.17
N LEU F 310 -28.34 38.56 0.34
CA LEU F 310 -27.23 38.45 1.26
C LEU F 310 -25.91 38.85 0.59
N ASN F 311 -25.73 38.47 -0.67
CA ASN F 311 -24.52 38.87 -1.38
C ASN F 311 -24.54 40.34 -1.76
N SER F 312 -25.72 40.90 -2.04
CA SER F 312 -25.82 42.33 -2.33
C SER F 312 -25.52 43.16 -1.10
N TYR F 313 -25.74 42.61 0.09
CA TYR F 313 -25.32 43.28 1.32
C TYR F 313 -23.80 43.33 1.47
N TYR F 314 -23.05 42.85 0.48
CA TYR F 314 -21.60 42.82 0.54
C TYR F 314 -20.94 43.73 -0.50
N SER F 315 -21.23 43.53 -1.78
CA SER F 315 -20.46 44.16 -2.86
C SER F 315 -20.88 45.63 -3.04
N VAL F 316 -20.61 46.42 -2.00
CA VAL F 316 -20.94 47.84 -2.01
C VAL F 316 -19.69 48.67 -1.73
N ASN F 317 -19.09 48.48 -0.57
CA ASN F 317 -17.99 49.32 -0.09
C ASN F 317 -16.82 48.45 0.36
N SER F 318 -15.72 49.12 0.71
CA SER F 318 -14.50 48.47 1.13
C SER F 318 -13.79 49.38 2.12
N LYS F 319 -12.53 49.10 2.42
CA LYS F 319 -11.76 49.88 3.40
C LYS F 319 -10.34 50.03 2.87
N THR F 320 -9.38 50.20 3.79
CA THR F 320 -7.96 50.34 3.44
C THR F 320 -7.45 49.12 2.69
N LEU F 321 -8.27 48.08 2.61
CA LEU F 321 -7.97 46.91 1.80
C LEU F 321 -7.87 47.25 0.32
N HIS F 322 -8.38 48.40 -0.10
CA HIS F 322 -8.30 48.79 -1.51
C HIS F 322 -6.85 48.95 -1.96
N THR F 323 -6.00 49.51 -1.10
CA THR F 323 -4.58 49.66 -1.46
C THR F 323 -3.93 48.30 -1.66
N VAL F 324 -4.24 47.34 -0.79
CA VAL F 324 -3.72 45.99 -0.96
C VAL F 324 -4.27 45.37 -2.24
N GLU F 325 -5.54 45.66 -2.55
CA GLU F 325 -6.16 45.08 -3.74
C GLU F 325 -5.51 45.59 -5.01
N ASP F 326 -5.13 46.88 -5.04
CA ASP F 326 -4.47 47.44 -6.22
C ASP F 326 -3.14 46.76 -6.52
N ALA F 327 -2.54 46.09 -5.55
CA ALA F 327 -1.26 45.43 -5.79
C ALA F 327 -1.41 44.20 -6.67
N MET F 328 -2.54 43.50 -6.59
CA MET F 328 -2.74 42.26 -7.33
C MET F 328 -3.45 42.45 -8.66
N TYR F 329 -4.01 43.63 -8.93
CA TYR F 329 -4.58 43.91 -10.24
C TYR F 329 -3.53 44.32 -11.27
N SER F 330 -2.32 44.68 -10.84
CA SER F 330 -1.28 45.11 -11.76
C SER F 330 -0.51 43.94 -12.35
N PHE F 331 -0.28 42.89 -11.55
CA PHE F 331 0.49 41.74 -12.02
C PHE F 331 -0.33 40.82 -12.93
N LEU F 332 -1.65 40.91 -12.88
CA LEU F 332 -2.54 40.09 -13.69
C LEU F 332 -3.48 41.02 -14.45
N PRO F 333 -3.11 41.45 -15.66
CA PRO F 333 -3.96 42.36 -16.41
C PRO F 333 -5.28 41.72 -16.77
N GLY F 334 -6.33 42.55 -16.81
CA GLY F 334 -7.67 42.07 -17.10
C GLY F 334 -8.42 41.52 -15.91
N PHE F 335 -7.96 41.77 -14.69
CA PHE F 335 -8.60 41.27 -13.49
C PHE F 335 -9.15 42.43 -12.67
N SER F 336 -10.38 42.28 -12.19
CA SER F 336 -11.02 43.33 -11.42
C SER F 336 -12.16 42.72 -10.60
N ASN F 337 -12.64 43.49 -9.63
CA ASN F 337 -13.81 43.15 -8.82
C ASN F 337 -13.61 41.82 -8.08
N LEU F 338 -12.66 41.83 -7.15
CA LEU F 338 -12.39 40.67 -6.31
C LEU F 338 -13.19 40.78 -5.02
N LYS F 339 -14.22 39.95 -4.90
CA LYS F 339 -15.02 39.79 -3.68
C LYS F 339 -15.18 38.30 -3.42
N LEU F 340 -15.89 37.96 -2.36
CA LEU F 340 -16.34 36.58 -2.14
C LEU F 340 -17.87 36.55 -2.17
N GLN F 341 -18.41 35.35 -1.97
CA GLN F 341 -19.84 35.11 -2.09
C GLN F 341 -20.38 34.61 -0.76
N ARG F 342 -21.42 35.29 -0.26
CA ARG F 342 -22.04 34.89 1.00
C ARG F 342 -22.90 33.64 0.87
N ALA F 343 -23.11 33.15 -0.35
CA ALA F 343 -23.65 31.83 -0.63
C ALA F 343 -22.52 30.84 -0.32
N PRO F 344 -22.65 29.50 -0.58
CA PRO F 344 -21.52 28.59 -0.33
C PRO F 344 -20.17 29.16 -0.75
N LEU F 345 -19.25 29.20 0.21
CA LEU F 345 -18.11 30.10 0.16
C LEU F 345 -17.25 29.88 -1.08
N ASP F 346 -16.89 30.98 -1.73
CA ASP F 346 -15.99 31.00 -2.88
C ASP F 346 -15.56 32.45 -3.12
N LEU F 347 -14.39 32.60 -3.73
CA LEU F 347 -13.87 33.91 -4.07
C LEU F 347 -14.06 34.16 -5.56
N ILE F 348 -14.53 35.36 -5.91
CA ILE F 348 -14.99 35.67 -7.26
C ILE F 348 -14.11 36.76 -7.85
N VAL F 349 -13.62 36.52 -9.07
CA VAL F 349 -12.91 37.52 -9.85
C VAL F 349 -13.75 37.90 -11.05
N ASP F 350 -13.26 38.84 -11.85
CA ASP F 350 -13.89 39.21 -13.12
C ASP F 350 -12.80 39.30 -14.18
N LYS F 351 -12.85 38.41 -15.16
CA LYS F 351 -11.86 38.34 -16.23
C LYS F 351 -12.56 38.61 -17.57
N ASN F 352 -12.28 39.77 -18.15
CA ASN F 352 -12.87 40.17 -19.43
C ASN F 352 -14.39 40.14 -19.38
N ASN F 353 -14.94 40.77 -18.34
CA ASN F 353 -16.38 40.85 -18.12
C ASN F 353 -17.01 39.46 -18.01
N VAL F 354 -16.28 38.53 -17.38
CA VAL F 354 -16.76 37.18 -17.11
C VAL F 354 -16.48 36.91 -15.63
N SER F 355 -17.49 37.08 -14.78
CA SER F 355 -17.33 36.79 -13.37
C SER F 355 -17.21 35.29 -13.15
N LEU F 356 -16.19 34.87 -12.40
CA LEU F 356 -15.92 33.46 -12.20
C LEU F 356 -15.13 33.28 -10.92
N SER F 357 -15.10 32.04 -10.43
CA SER F 357 -14.52 31.73 -9.13
C SER F 357 -13.00 31.63 -9.21
N VAL F 358 -12.35 31.91 -8.07
CA VAL F 358 -10.90 31.85 -7.99
C VAL F 358 -10.39 30.41 -8.12
N LEU F 359 -11.17 29.44 -7.64
CA LEU F 359 -10.73 28.05 -7.64
C LEU F 359 -10.46 27.51 -9.04
N GLN F 360 -11.00 28.16 -10.08
CA GLN F 360 -10.85 27.68 -11.45
C GLN F 360 -9.96 28.60 -12.29
N LEU F 361 -9.14 29.43 -11.65
CA LEU F 361 -8.16 30.22 -12.38
C LEU F 361 -7.02 29.34 -12.87
N SER F 362 -6.18 29.93 -13.74
CA SER F 362 -5.02 29.21 -14.25
C SER F 362 -3.98 29.00 -13.15
N GLN F 363 -3.10 28.02 -13.37
CA GLN F 363 -2.09 27.69 -12.37
C GLN F 363 -1.15 28.85 -12.12
N GLY F 364 -0.60 29.44 -13.19
CA GLY F 364 0.28 30.58 -13.02
C GLY F 364 -0.43 31.79 -12.47
N GLU F 365 -1.68 32.00 -12.89
CA GLU F 365 -2.46 33.12 -12.36
C GLU F 365 -2.66 32.97 -10.86
N LYS F 366 -3.02 31.76 -10.41
CA LYS F 366 -3.18 31.53 -8.98
C LYS F 366 -1.87 31.67 -8.24
N THR F 367 -0.77 31.21 -8.84
CA THR F 367 0.54 31.35 -8.20
C THR F 367 0.88 32.81 -7.96
N ILE F 368 0.77 33.63 -9.02
CA ILE F 368 1.08 35.06 -8.88
C ILE F 368 0.13 35.73 -7.90
N LEU F 369 -1.17 35.39 -7.98
CA LEU F 369 -2.15 36.00 -7.09
C LEU F 369 -1.82 35.68 -5.63
N ALA F 370 -1.57 34.42 -5.31
CA ALA F 370 -1.26 34.03 -3.94
C ALA F 370 0.02 34.70 -3.46
N LEU F 371 1.05 34.72 -4.32
CA LEU F 371 2.32 35.31 -3.93
C LEU F 371 2.16 36.79 -3.59
N ILE F 372 1.56 37.55 -4.52
CA ILE F 372 1.41 38.99 -4.30
C ILE F 372 0.49 39.27 -3.13
N ALA F 373 -0.59 38.50 -2.99
CA ALA F 373 -1.52 38.71 -1.88
C ALA F 373 -0.83 38.47 -0.54
N ASP F 374 -0.03 37.41 -0.45
CA ASP F 374 0.65 37.12 0.80
C ASP F 374 1.66 38.22 1.14
N ILE F 375 2.45 38.64 0.16
CA ILE F 375 3.42 39.70 0.43
C ILE F 375 2.73 41.00 0.84
N ALA F 376 1.63 41.34 0.16
CA ALA F 376 0.91 42.55 0.48
C ALA F 376 0.31 42.48 1.89
N ARG F 377 -0.24 41.32 2.26
CA ARG F 377 -0.77 41.15 3.61
C ARG F 377 0.32 41.33 4.65
N ARG F 378 1.49 40.73 4.42
CA ARG F 378 2.58 40.90 5.36
C ARG F 378 2.95 42.38 5.48
N LEU F 379 3.09 43.06 4.34
CA LEU F 379 3.54 44.45 4.36
C LEU F 379 2.52 45.35 5.05
N THR F 380 1.22 45.09 4.88
CA THR F 380 0.24 45.95 5.54
C THR F 380 0.11 45.64 7.02
N LEU F 381 0.35 44.39 7.45
CA LEU F 381 0.31 44.10 8.88
C LEU F 381 1.54 44.64 9.61
N LEU F 382 2.73 44.57 9.01
CA LEU F 382 3.89 45.15 9.67
C LEU F 382 3.78 46.67 9.80
N ASN F 383 3.24 47.35 8.79
CA ASN F 383 3.14 48.80 8.84
C ASN F 383 1.72 49.20 9.25
N PRO F 384 1.49 49.57 10.51
CA PRO F 384 0.12 49.85 10.95
C PRO F 384 -0.48 51.11 10.35
N ASN F 385 0.23 52.23 10.46
CA ASN F 385 -0.29 53.54 10.07
C ASN F 385 0.72 54.23 9.15
N SER F 386 0.46 54.20 7.85
CA SER F 386 1.28 54.90 6.88
C SER F 386 0.42 55.32 5.71
N VAL F 387 0.78 56.44 5.08
CA VAL F 387 0.09 56.86 3.87
C VAL F 387 0.35 55.89 2.74
N ASN F 388 1.53 55.27 2.72
CA ASN F 388 1.93 54.30 1.69
C ASN F 388 2.41 52.99 2.34
N PRO F 389 1.49 52.22 2.91
CA PRO F 389 1.91 51.00 3.62
C PRO F 389 2.62 49.98 2.75
N LEU F 390 2.39 50.00 1.44
CA LEU F 390 2.79 48.90 0.58
C LEU F 390 4.27 48.94 0.20
N ASP F 391 4.99 50.00 0.50
CA ASP F 391 6.43 50.05 0.24
C ASP F 391 7.18 50.05 1.57
N GLY F 392 7.38 48.85 2.11
CA GLY F 392 8.10 48.66 3.35
C GLY F 392 9.53 48.21 3.14
N THR F 393 10.19 47.92 4.25
CA THR F 393 11.57 47.45 4.25
C THR F 393 11.62 46.02 4.73
N GLY F 394 12.29 45.16 3.97
CA GLY F 394 12.38 43.76 4.36
C GLY F 394 13.09 42.95 3.30
N ILE F 395 13.01 41.62 3.48
CA ILE F 395 13.68 40.66 2.63
C ILE F 395 12.65 39.64 2.16
N VAL F 396 12.58 39.42 0.84
CA VAL F 396 11.72 38.41 0.25
C VAL F 396 12.57 37.53 -0.65
N LEU F 397 12.49 36.22 -0.45
CA LEU F 397 13.24 35.25 -1.23
C LEU F 397 12.26 34.40 -2.04
N ILE F 398 12.52 34.26 -3.34
CA ILE F 398 11.68 33.49 -4.24
C ILE F 398 12.54 32.43 -4.90
N ASP F 399 12.05 31.19 -4.90
CA ASP F 399 12.75 30.07 -5.53
C ASP F 399 11.99 29.65 -6.79
N GLU F 400 12.71 29.56 -7.91
CA GLU F 400 12.14 29.17 -9.19
C GLU F 400 10.98 30.08 -9.58
N ILE F 401 11.31 31.36 -9.80
CA ILE F 401 10.31 32.36 -10.13
C ILE F 401 9.63 32.07 -11.46
N ASP F 402 10.28 31.30 -12.34
CA ASP F 402 9.73 30.97 -13.66
C ASP F 402 9.04 29.61 -13.69
N LEU F 403 8.45 29.19 -12.57
CA LEU F 403 7.84 27.86 -12.51
C LEU F 403 6.63 27.77 -13.44
N HIS F 404 5.60 28.58 -13.20
CA HIS F 404 4.41 28.61 -14.06
C HIS F 404 4.22 30.06 -14.51
N LEU F 405 4.91 30.44 -15.59
CA LEU F 405 4.79 31.77 -16.16
C LEU F 405 5.06 31.70 -17.64
N HIS F 406 4.26 32.44 -18.42
CA HIS F 406 4.49 32.58 -19.84
C HIS F 406 5.67 33.51 -20.09
N PRO F 407 6.40 33.32 -21.20
CA PRO F 407 7.53 34.22 -21.48
C PRO F 407 7.15 35.69 -21.57
N SER F 408 5.89 36.00 -21.89
CA SER F 408 5.45 37.39 -21.87
C SER F 408 5.53 37.98 -20.46
N TRP F 409 5.16 37.19 -19.46
CA TRP F 409 5.26 37.61 -18.07
C TRP F 409 6.67 37.44 -17.50
N GLN F 410 7.52 36.66 -18.15
CA GLN F 410 8.84 36.39 -17.60
C GLN F 410 9.76 37.60 -17.71
N GLN F 411 9.65 38.36 -18.81
CA GLN F 411 10.44 39.56 -18.98
C GLN F 411 9.82 40.78 -18.32
N ASN F 412 8.69 40.61 -17.64
CA ASN F 412 7.99 41.70 -16.97
C ASN F 412 7.84 41.47 -15.48
N ILE F 413 8.02 40.23 -15.00
CA ILE F 413 7.73 39.90 -13.61
C ILE F 413 8.59 40.74 -12.65
N ILE F 414 9.88 40.86 -12.94
CA ILE F 414 10.81 41.54 -12.03
C ILE F 414 10.73 43.07 -12.13
N PRO F 415 10.72 43.67 -13.33
CA PRO F 415 10.62 45.14 -13.37
C PRO F 415 9.36 45.69 -12.71
N ARG F 416 8.24 44.97 -12.79
CA ARG F 416 7.05 45.38 -12.05
C ARG F 416 7.16 45.03 -10.57
N LEU F 417 7.85 43.93 -10.24
CA LEU F 417 8.01 43.55 -8.84
C LEU F 417 8.81 44.59 -8.07
N GLU F 418 9.87 45.12 -8.69
CA GLU F 418 10.68 46.15 -8.05
C GLU F 418 9.96 47.49 -7.98
N LYS F 419 8.90 47.68 -8.78
CA LYS F 419 8.18 48.93 -8.76
C LYS F 419 7.02 48.92 -7.77
N THR F 420 6.25 47.83 -7.72
CA THR F 420 5.20 47.72 -6.73
C THR F 420 5.78 47.69 -5.32
N PHE F 421 6.85 46.92 -5.12
CA PHE F 421 7.57 46.88 -3.86
C PHE F 421 8.94 47.52 -4.07
N LYS F 422 9.19 48.63 -3.39
CA LYS F 422 10.38 49.44 -3.67
C LYS F 422 11.57 49.01 -2.82
N ASN F 423 11.45 49.11 -1.49
CA ASN F 423 12.57 48.84 -0.59
C ASN F 423 12.53 47.40 -0.09
N ILE F 424 12.52 46.45 -1.03
CA ILE F 424 12.49 45.03 -0.72
C ILE F 424 13.57 44.34 -1.54
N GLN F 425 14.42 43.57 -0.87
CA GLN F 425 15.42 42.77 -1.56
C GLN F 425 14.77 41.51 -2.10
N PHE F 426 15.18 41.11 -3.31
CA PHE F 426 14.50 40.08 -4.07
C PHE F 426 15.49 39.07 -4.64
N ILE F 427 16.34 38.53 -3.76
CA ILE F 427 17.27 37.47 -4.16
C ILE F 427 16.48 36.26 -4.63
N VAL F 428 16.54 35.95 -5.92
CA VAL F 428 15.74 34.88 -6.50
C VAL F 428 16.63 34.01 -7.38
N THR F 429 16.11 32.84 -7.72
CA THR F 429 16.76 31.89 -8.61
C THR F 429 15.88 31.68 -9.84
N THR F 430 16.51 31.64 -11.02
CA THR F 430 15.79 31.55 -12.28
C THR F 430 16.30 30.38 -13.10
N HIS F 431 15.50 29.98 -14.09
CA HIS F 431 15.85 28.90 -15.00
C HIS F 431 15.44 29.22 -16.44
N SER F 432 15.38 30.51 -16.79
CA SER F 432 14.97 30.88 -18.14
C SER F 432 15.64 32.18 -18.56
N PRO F 433 16.05 32.29 -19.83
CA PRO F 433 16.73 33.51 -20.27
C PRO F 433 15.83 34.74 -20.27
N GLN F 434 14.53 34.57 -20.51
CA GLN F 434 13.64 35.72 -20.64
C GLN F 434 13.56 36.52 -19.34
N VAL F 435 13.50 35.83 -18.20
CA VAL F 435 13.47 36.53 -16.93
C VAL F 435 14.84 37.12 -16.60
N CYS F 436 15.91 36.44 -16.98
CA CYS F 436 17.26 36.90 -16.66
C CYS F 436 17.87 37.68 -17.83
N HIS F 437 17.12 38.66 -18.35
CA HIS F 437 17.72 39.68 -19.19
C HIS F 437 17.08 41.05 -18.94
N THR F 438 16.45 41.24 -17.79
CA THR F 438 15.93 42.54 -17.36
C THR F 438 16.70 43.10 -16.17
N ILE F 439 17.79 42.45 -15.77
CA ILE F 439 18.61 42.87 -14.65
C ILE F 439 20.02 43.12 -15.15
N ASP F 440 20.66 44.17 -14.63
CA ASP F 440 21.98 44.57 -15.11
C ASP F 440 23.01 43.47 -14.82
N SER F 441 24.04 43.41 -15.65
CA SER F 441 24.98 42.30 -15.64
C SER F 441 25.77 42.19 -14.35
N GLN F 442 25.86 43.26 -13.55
CA GLN F 442 26.67 43.21 -12.35
C GLN F 442 25.91 42.66 -11.14
N ASN F 443 24.62 42.41 -11.27
CA ASN F 443 23.81 41.94 -10.15
C ASN F 443 23.19 40.57 -10.40
N ILE F 444 23.73 39.80 -11.35
CA ILE F 444 23.29 38.44 -11.60
C ILE F 444 24.48 37.52 -11.39
N TRP F 445 24.29 36.48 -10.58
CA TRP F 445 25.37 35.63 -10.11
C TRP F 445 25.24 34.25 -10.75
N LEU F 446 26.35 33.72 -11.22
CA LEU F 446 26.40 32.41 -11.87
C LEU F 446 27.18 31.44 -11.00
N LEU F 447 26.56 30.31 -10.66
CA LEU F 447 27.20 29.27 -9.87
C LEU F 447 27.74 28.20 -10.82
N LYS F 448 29.06 28.15 -10.95
CA LYS F 448 29.71 27.14 -11.77
C LYS F 448 29.80 25.83 -11.01
N ASN F 449 30.65 24.92 -11.48
CA ASN F 449 30.80 23.62 -10.84
C ASN F 449 31.10 23.76 -9.35
N GLY F 450 32.04 24.63 -8.99
CA GLY F 450 32.36 24.83 -7.59
C GLY F 450 32.69 26.25 -7.18
N GLN F 451 32.63 27.20 -8.11
CA GLN F 451 33.02 28.57 -7.84
C GLN F 451 31.98 29.54 -8.37
N LYS F 452 31.98 30.75 -7.82
CA LYS F 452 31.07 31.80 -8.23
C LYS F 452 31.71 32.64 -9.33
N PHE F 453 30.94 32.91 -10.38
CA PHE F 453 31.39 33.73 -11.49
C PHE F 453 30.36 34.81 -11.78
N LYS F 454 30.84 35.92 -12.34
CA LYS F 454 30.00 37.05 -12.70
C LYS F 454 29.67 37.02 -14.19
N ALA F 455 28.48 37.51 -14.52
CA ALA F 455 28.05 37.51 -15.90
C ALA F 455 28.86 38.51 -16.73
N PRO F 456 29.07 38.23 -18.02
CA PRO F 456 29.72 39.21 -18.88
C PRO F 456 28.80 40.40 -19.16
N LYS F 457 29.44 41.49 -19.58
CA LYS F 457 28.69 42.71 -19.85
C LYS F 457 27.74 42.53 -21.02
N GLY F 458 26.62 43.26 -20.99
CA GLY F 458 25.64 43.18 -22.04
C GLY F 458 24.51 42.21 -21.75
N VAL F 459 23.86 42.38 -20.60
CA VAL F 459 22.73 41.54 -20.24
C VAL F 459 21.46 42.35 -19.96
N ARG F 460 21.59 43.65 -19.66
CA ARG F 460 20.43 44.44 -19.23
C ARG F 460 19.37 44.51 -20.32
N GLY F 461 19.78 44.60 -21.59
CA GLY F 461 18.83 44.67 -22.68
C GLY F 461 19.22 43.87 -23.90
N ALA F 462 19.92 42.76 -23.70
CA ALA F 462 20.43 41.97 -24.81
C ALA F 462 19.38 41.00 -25.33
N ILE F 463 19.70 40.38 -26.46
CA ILE F 463 18.82 39.37 -27.07
C ILE F 463 18.87 38.10 -26.25
N SER F 464 17.73 37.41 -26.15
CA SER F 464 17.65 36.18 -25.38
C SER F 464 18.62 35.12 -25.89
N SER F 465 18.87 35.09 -27.20
CA SER F 465 19.80 34.12 -27.74
C SER F 465 21.21 34.34 -27.21
N TRP F 466 21.64 35.60 -27.12
CA TRP F 466 22.95 35.90 -26.56
C TRP F 466 23.04 35.48 -25.10
N VAL F 467 21.97 35.72 -24.34
CA VAL F 467 21.95 35.33 -22.92
C VAL F 467 22.06 33.82 -22.79
N LEU F 468 21.32 33.07 -23.61
CA LEU F 468 21.42 31.62 -23.59
C LEU F 468 22.82 31.16 -23.96
N GLU F 469 23.43 31.80 -24.95
CA GLU F 469 24.70 31.29 -25.49
C GLU F 469 25.86 31.59 -24.54
N ASN F 470 25.87 32.77 -23.91
CA ASN F 470 27.00 33.17 -23.08
C ASN F 470 26.67 33.28 -21.59
N LEU F 471 25.53 32.75 -21.15
CA LEU F 471 25.26 32.75 -19.72
C LEU F 471 24.78 31.38 -19.23
N PHE F 472 24.16 30.61 -20.13
CA PHE F 472 23.66 29.30 -19.78
C PHE F 472 24.39 28.16 -20.47
N GLU F 473 25.28 28.47 -21.41
CA GLU F 473 26.07 27.48 -22.15
C GLU F 473 25.13 26.48 -22.85
N VAL F 474 24.36 27.00 -23.79
CA VAL F 474 23.48 26.19 -24.63
C VAL F 474 23.44 26.80 -26.01
N ALA F 475 23.46 25.94 -27.04
CA ALA F 475 23.45 26.41 -28.41
C ALA F 475 22.03 26.82 -28.81
N GLN F 476 21.95 27.86 -29.64
CA GLN F 476 20.66 28.32 -30.13
C GLN F 476 20.04 27.31 -31.09
N ARG F 477 20.86 26.47 -31.73
CA ARG F 477 20.42 25.40 -32.60
C ARG F 477 20.69 24.06 -31.95
N PRO F 478 19.69 23.18 -31.82
CA PRO F 478 19.89 21.90 -31.15
C PRO F 478 20.95 21.07 -31.85
N PRO F 479 22.07 20.79 -31.18
CA PRO F 479 23.17 20.10 -31.87
C PRO F 479 22.96 18.59 -31.94
N GLU F 480 21.73 18.16 -32.23
CA GLU F 480 21.45 16.75 -32.47
C GLU F 480 20.47 16.49 -33.60
N ASP F 481 19.62 17.45 -33.98
CA ASP F 481 18.57 17.20 -34.95
C ASP F 481 19.15 17.02 -36.35
N LYS F 482 18.38 16.32 -37.18
CA LYS F 482 18.82 16.06 -38.56
C LYS F 482 18.92 17.35 -39.36
N TYR F 483 17.94 18.25 -39.19
CA TYR F 483 17.94 19.48 -39.96
C TYR F 483 19.09 20.40 -39.57
N THR F 484 19.44 20.43 -38.28
CA THR F 484 20.58 21.23 -37.86
C THR F 484 21.88 20.71 -38.48
N LYS F 485 22.06 19.39 -38.50
CA LYS F 485 23.24 18.81 -39.13
C LYS F 485 23.25 19.08 -40.63
N LEU F 486 22.09 19.02 -41.27
CA LEU F 486 22.00 19.34 -42.70
C LEU F 486 22.40 20.79 -42.96
N LEU F 487 21.93 21.71 -42.12
CA LEU F 487 22.32 23.11 -42.27
C LEU F 487 23.81 23.29 -42.05
N GLN F 488 24.37 22.58 -41.07
CA GLN F 488 25.82 22.66 -40.83
C GLN F 488 26.61 22.18 -42.04
N GLU F 489 26.18 21.06 -42.63
CA GLU F 489 26.85 20.55 -43.82
C GLU F 489 26.70 21.52 -45.00
N TYR F 490 25.53 22.15 -45.11
CA TYR F 490 25.29 23.12 -46.18
C TYR F 490 26.21 24.33 -46.04
N LYS F 491 26.35 24.85 -44.81
CA LYS F 491 27.25 25.96 -44.56
C LYS F 491 28.72 25.57 -44.72
N ASN F 492 29.04 24.30 -44.46
CA ASN F 492 30.40 23.84 -44.73
C ASN F 492 30.67 23.78 -46.23
N LEU F 493 29.68 23.33 -47.02
CA LEU F 493 29.88 23.13 -48.45
C LEU F 493 29.88 24.45 -49.21
N VAL F 494 29.10 25.44 -48.78
CA VAL F 494 29.03 26.69 -49.52
C VAL F 494 30.39 27.39 -49.56
N PHE F 495 31.12 27.36 -48.44
CA PHE F 495 32.41 28.03 -48.34
C PHE F 495 33.58 27.13 -48.69
N SER F 496 33.32 25.89 -49.13
CA SER F 496 34.37 24.93 -49.43
C SER F 496 34.72 24.90 -50.92
N GLU F 497 34.53 26.02 -51.62
CA GLU F 497 34.86 26.22 -53.02
C GLU F 497 33.99 25.41 -53.97
N LYS F 498 33.06 24.59 -53.47
CA LYS F 498 32.08 23.90 -54.30
C LYS F 498 30.70 24.38 -53.86
N TYR F 499 30.24 25.48 -54.45
CA TYR F 499 28.95 26.04 -54.14
C TYR F 499 27.82 25.48 -55.00
N ALA F 500 28.13 24.68 -56.02
CA ALA F 500 27.09 24.11 -56.88
C ALA F 500 27.36 22.67 -57.26
N SER F 501 28.00 21.89 -56.38
CA SER F 501 28.37 20.53 -56.75
C SER F 501 27.28 19.52 -56.39
N GLU F 502 26.04 19.85 -56.78
CA GLU F 502 24.88 18.95 -56.77
C GLU F 502 24.41 18.62 -55.36
N ASP F 503 25.27 18.81 -54.37
CA ASP F 503 24.91 18.54 -52.99
C ASP F 503 24.51 19.81 -52.26
N ALA F 504 25.20 20.91 -52.55
CA ALA F 504 24.63 22.22 -52.24
C ALA F 504 23.24 22.34 -52.88
N ARG F 505 23.09 21.83 -54.10
CA ARG F 505 21.79 21.84 -54.76
C ARG F 505 20.76 21.04 -53.98
N LYS F 506 21.09 19.79 -53.64
CA LYS F 506 20.13 18.95 -52.91
C LYS F 506 19.76 19.57 -51.56
N LEU F 507 20.76 19.95 -50.77
CA LEU F 507 20.49 20.50 -49.45
C LEU F 507 19.81 21.86 -49.51
N GLY F 508 20.09 22.68 -50.51
CA GLY F 508 19.38 23.93 -50.66
C GLY F 508 17.92 23.70 -51.02
N ALA F 509 17.67 22.76 -51.94
CA ALA F 509 16.30 22.44 -52.28
C ALA F 509 15.53 21.89 -51.08
N THR F 510 16.24 21.22 -50.17
CA THR F 510 15.58 20.73 -48.95
C THR F 510 15.32 21.87 -47.97
N LEU F 511 16.36 22.64 -47.65
CA LEU F 511 16.25 23.65 -46.59
C LEU F 511 15.39 24.83 -46.99
N SER F 512 15.41 25.24 -48.26
CA SER F 512 14.55 26.32 -48.70
C SER F 512 13.08 25.94 -48.59
N GLN F 513 12.75 24.68 -48.91
CA GLN F 513 11.38 24.22 -48.76
C GLN F 513 11.00 24.08 -47.28
N HIS F 514 11.95 23.66 -46.45
CA HIS F 514 11.64 23.46 -45.03
C HIS F 514 11.47 24.80 -44.30
N PHE F 515 12.54 25.60 -44.25
CA PHE F 515 12.49 26.85 -43.49
C PHE F 515 11.68 27.91 -44.19
N GLY F 516 11.66 27.90 -45.52
CA GLY F 516 11.04 28.95 -46.29
C GLY F 516 12.08 29.84 -46.93
N PRO F 517 11.72 30.51 -48.04
CA PRO F 517 12.70 31.36 -48.74
C PRO F 517 13.03 32.64 -48.00
N ASP F 518 12.35 32.95 -46.91
CA ASP F 518 12.55 34.21 -46.18
C ASP F 518 12.88 33.95 -44.72
N ASP F 519 14.16 33.70 -44.45
CA ASP F 519 14.67 33.59 -43.09
C ASP F 519 16.11 34.09 -43.08
N GLU F 520 16.49 34.78 -42.01
CA GLU F 520 17.81 35.40 -41.94
C GLU F 520 18.88 34.39 -41.48
N THR F 521 18.77 33.19 -41.99
CA THR F 521 19.87 32.23 -41.89
C THR F 521 20.25 31.68 -43.26
N LEU F 522 19.27 31.48 -44.14
CA LEU F 522 19.53 30.99 -45.49
C LEU F 522 19.55 32.09 -46.54
N VAL F 523 18.97 33.26 -46.25
CA VAL F 523 19.04 34.39 -47.18
C VAL F 523 20.49 34.86 -47.31
N GLU F 524 21.19 34.98 -46.19
CA GLU F 524 22.60 35.35 -46.21
C GLU F 524 23.41 34.36 -47.03
N LEU F 525 23.18 33.08 -46.81
CA LEU F 525 24.03 32.08 -47.44
C LEU F 525 23.71 31.94 -48.93
N LYS F 526 22.44 32.13 -49.29
CA LYS F 526 22.08 32.19 -50.70
C LYS F 526 22.66 33.42 -51.38
N LEU F 527 22.74 34.55 -50.66
CA LEU F 527 23.43 35.72 -51.19
C LEU F 527 24.90 35.42 -51.44
N GLU F 528 25.52 34.69 -50.52
CA GLU F 528 26.91 34.27 -50.72
C GLU F 528 27.04 33.37 -51.94
N ILE F 529 26.08 32.45 -52.12
CA ILE F 529 26.10 31.58 -53.30
C ILE F 529 25.96 32.39 -54.58
N GLU F 530 25.10 33.41 -54.57
CA GLU F 530 24.95 34.26 -55.74
C GLU F 530 26.24 35.02 -56.04
N LYS F 531 26.91 35.51 -54.98
CA LYS F 531 28.20 36.17 -55.18
C LYS F 531 29.22 35.20 -55.77
N ARG F 532 29.23 33.96 -55.29
CA ARG F 532 30.13 32.95 -55.85
C ARG F 532 29.80 32.67 -57.31
N ILE F 533 28.52 32.62 -57.65
CA ILE F 533 28.11 32.43 -59.04
C ILE F 533 28.63 33.56 -59.91
N TRP F 534 28.50 34.80 -59.43
CA TRP F 534 29.03 35.94 -60.16
C TRP F 534 30.55 35.87 -60.29
N GLU F 535 31.22 35.34 -59.28
CA GLU F 535 32.68 35.31 -59.28
C GLU F 535 33.27 34.44 -60.39
N ASP F 536 32.48 33.53 -60.96
CA ASP F 536 32.95 32.63 -62.00
C ASP F 536 32.53 33.08 -63.40
N ASP F 537 32.28 34.38 -63.58
CA ASP F 537 31.91 34.94 -64.88
C ASP F 537 33.09 35.57 -65.59
N PHE F 538 33.80 36.49 -64.92
CA PHE F 538 34.94 37.15 -65.52
C PHE F 538 36.18 36.26 -65.58
N GLU F 539 36.19 35.16 -64.85
CA GLU F 539 37.34 34.26 -64.83
C GLU F 539 37.35 33.28 -65.99
N LYS F 540 36.30 33.26 -66.81
CA LYS F 540 36.26 32.33 -67.95
C LYS F 540 37.37 32.64 -68.94
N ASP F 541 37.62 33.92 -69.22
CA ASP F 541 38.68 34.29 -70.15
C ASP F 541 40.07 34.01 -69.60
N GLN F 542 40.21 33.85 -68.29
CA GLN F 542 41.50 33.58 -67.68
C GLN F 542 41.96 32.15 -67.98
N LEU G 3 47.00 41.81 -35.44
CA LEU G 3 47.85 42.95 -35.12
C LEU G 3 48.20 43.75 -36.37
N LYS G 4 47.62 44.94 -36.48
CA LYS G 4 47.85 45.79 -37.65
C LYS G 4 49.21 46.48 -37.62
N ARG G 5 49.94 46.41 -36.50
CA ARG G 5 51.26 47.00 -36.33
C ARG G 5 51.18 48.52 -36.25
N ILE G 6 52.02 49.13 -35.41
CA ILE G 6 52.02 50.57 -35.20
C ILE G 6 53.44 51.10 -35.42
N ASN G 7 53.54 52.42 -35.47
CA ASN G 7 54.80 53.13 -35.70
C ASN G 7 55.19 53.98 -34.50
N LYS G 8 56.00 53.39 -33.61
CA LYS G 8 56.44 54.09 -32.40
C LYS G 8 57.15 55.38 -32.76
N THR G 9 56.58 56.49 -32.30
CA THR G 9 57.11 57.82 -32.64
C THR G 9 58.26 58.17 -31.71
N ALA G 10 58.74 59.42 -31.80
CA ALA G 10 59.84 59.88 -30.98
C ALA G 10 59.43 59.95 -29.51
N GLU G 11 60.41 59.82 -28.63
CA GLU G 11 60.15 59.86 -27.20
C GLU G 11 59.70 61.25 -26.78
N ASP G 12 58.76 61.28 -25.83
CA ASP G 12 58.17 62.51 -25.32
C ASP G 12 58.90 62.96 -24.06
N GLN G 13 58.71 64.22 -23.68
CA GLN G 13 59.53 64.83 -22.64
C GLN G 13 59.03 64.54 -21.23
N PHE G 14 57.72 64.63 -20.97
CA PHE G 14 57.29 64.51 -19.58
C PHE G 14 57.51 63.11 -19.03
N LEU G 15 57.50 62.09 -19.89
CA LEU G 15 57.87 60.75 -19.45
C LEU G 15 59.30 60.73 -18.95
N ILE G 16 60.21 61.38 -19.68
CA ILE G 16 61.61 61.45 -19.23
C ILE G 16 61.72 62.26 -17.95
N ASN G 17 60.92 63.31 -17.82
CA ASN G 17 60.94 64.13 -16.61
C ASN G 17 60.53 63.31 -15.39
N PHE G 18 59.48 62.50 -15.53
CA PHE G 18 59.08 61.64 -14.42
C PHE G 18 60.10 60.52 -14.19
N LYS G 19 60.73 60.05 -15.25
CA LYS G 19 61.78 59.03 -15.11
C LYS G 19 62.95 59.56 -14.29
N ALA G 20 63.31 60.83 -14.51
CA ALA G 20 64.47 61.40 -13.82
C ALA G 20 64.26 61.46 -12.31
N GLN G 21 63.06 61.87 -11.88
CA GLN G 21 62.83 62.10 -10.45
C GLN G 21 62.93 60.81 -9.65
N ASN G 22 62.25 59.75 -10.10
CA ASN G 22 62.30 58.44 -9.47
C ASN G 22 62.79 57.41 -10.46
N PRO G 23 64.08 57.08 -10.46
CA PRO G 23 64.57 56.04 -11.38
C PRO G 23 64.00 54.66 -11.10
N ASN G 24 63.50 54.42 -9.89
CA ASN G 24 62.85 53.16 -9.53
C ASN G 24 61.42 53.48 -9.13
N GLY G 25 60.49 53.34 -10.07
CA GLY G 25 59.09 53.64 -9.81
C GLY G 25 58.18 52.68 -10.54
N THR G 26 56.96 52.56 -10.02
CA THR G 26 55.95 51.68 -10.58
C THR G 26 55.00 52.46 -11.49
N TRP G 27 54.21 51.71 -12.26
CA TRP G 27 53.24 52.34 -13.14
C TRP G 27 52.17 53.08 -12.33
N ASP G 28 51.77 52.51 -11.18
CA ASP G 28 50.82 53.19 -10.32
C ASP G 28 51.38 54.50 -9.79
N GLU G 29 52.69 54.55 -9.52
CA GLU G 29 53.31 55.80 -9.11
C GLU G 29 53.19 56.86 -10.20
N PHE G 30 53.42 56.48 -11.45
CA PHE G 30 53.27 57.42 -12.56
C PHE G 30 51.83 57.84 -12.75
N ARG G 31 50.88 56.93 -12.53
CA ARG G 31 49.47 57.26 -12.72
C ARG G 31 48.97 58.19 -11.63
N ASN G 32 49.38 57.96 -10.38
CA ASN G 32 48.85 58.74 -9.26
C ASN G 32 49.48 60.13 -9.18
N HIS G 33 50.73 60.27 -9.62
CA HIS G 33 51.46 61.50 -9.42
C HIS G 33 50.85 62.65 -10.21
N GLU G 34 50.76 63.81 -9.56
CA GLU G 34 50.25 65.04 -10.16
C GLU G 34 48.85 64.84 -10.76
N GLN G 35 47.99 64.16 -10.00
CA GLN G 35 46.60 63.92 -10.38
C GLN G 35 46.48 63.14 -11.68
N GLY G 36 47.57 62.54 -12.16
CA GLY G 36 47.52 61.77 -13.38
C GLY G 36 47.49 62.58 -14.66
N ILE G 37 47.85 63.87 -14.59
CA ILE G 37 47.87 64.69 -15.80
C ILE G 37 48.87 64.13 -16.80
N LEU G 38 50.08 63.81 -16.32
CA LEU G 38 51.06 63.16 -17.18
C LEU G 38 50.60 61.78 -17.60
N TYR G 39 49.83 61.09 -16.75
CA TYR G 39 49.33 59.77 -17.09
C TYR G 39 48.41 59.83 -18.31
N LYS G 40 47.39 60.70 -18.27
CA LYS G 40 46.51 60.80 -19.42
C LYS G 40 47.22 61.43 -20.62
N ARG G 41 48.20 62.31 -20.38
CA ARG G 41 48.96 62.85 -21.51
C ARG G 41 49.70 61.74 -22.25
N LEU G 42 50.36 60.86 -21.51
CA LEU G 42 51.06 59.73 -22.12
C LEU G 42 50.07 58.78 -22.77
N LYS G 43 48.90 58.58 -22.16
CA LYS G 43 47.88 57.74 -22.77
C LYS G 43 47.42 58.30 -24.11
N GLN G 44 47.19 59.61 -24.18
CA GLN G 44 46.82 60.24 -25.43
C GLN G 44 47.94 60.11 -26.46
N HIS G 45 49.19 60.29 -26.04
CA HIS G 45 50.30 60.12 -26.98
C HIS G 45 50.32 58.71 -27.57
N ILE G 46 50.26 57.70 -26.71
CA ILE G 46 50.32 56.32 -27.17
C ILE G 46 49.14 56.00 -28.08
N CYS G 47 47.94 56.46 -27.72
CA CYS G 47 46.76 56.14 -28.50
C CYS G 47 46.74 56.89 -29.83
N ASN G 48 47.24 58.12 -29.85
CA ASN G 48 47.35 58.85 -31.11
C ASN G 48 48.37 58.21 -32.04
N ASP G 49 49.47 57.68 -31.47
CA ASP G 49 50.40 56.91 -32.26
C ASP G 49 49.68 55.73 -32.92
N GLN G 50 48.80 55.08 -32.18
CA GLN G 50 48.15 53.84 -32.58
C GLN G 50 46.85 54.08 -33.36
N MET G 51 46.46 55.33 -33.56
CA MET G 51 45.25 55.70 -34.31
C MET G 51 43.97 55.17 -33.66
N TYR G 52 43.97 55.09 -32.33
CA TYR G 52 42.77 54.76 -31.56
C TYR G 52 42.18 53.41 -31.98
N LEU G 53 43.04 52.43 -32.22
CA LEU G 53 42.61 51.07 -32.46
C LEU G 53 43.26 50.14 -31.45
N CYS G 54 42.52 49.11 -31.03
CA CYS G 54 43.01 48.21 -30.01
C CYS G 54 44.23 47.43 -30.51
N ALA G 55 45.15 47.12 -29.58
CA ALA G 55 46.43 46.54 -29.96
C ALA G 55 46.25 45.14 -30.52
N TYR G 56 45.74 44.21 -29.72
CA TYR G 56 45.55 42.84 -30.16
C TYR G 56 44.11 42.53 -30.56
N CYS G 57 43.16 43.35 -30.11
CA CYS G 57 41.75 43.05 -30.29
C CYS G 57 41.12 43.81 -31.45
N GLU G 58 41.66 44.97 -31.82
CA GLU G 58 41.24 45.74 -32.98
C GLU G 58 39.75 46.11 -32.91
N ILE G 59 39.42 46.92 -31.90
CA ILE G 59 38.08 47.45 -31.71
C ILE G 59 38.16 48.97 -31.70
N ASP G 60 37.06 49.62 -32.08
CA ASP G 60 37.02 51.07 -32.19
C ASP G 60 37.09 51.70 -30.80
N LEU G 61 38.30 52.08 -30.39
CA LEU G 61 38.46 52.75 -29.11
C LEU G 61 37.75 54.09 -29.13
N ASP G 62 37.14 54.45 -28.00
CA ASP G 62 36.28 55.63 -27.95
C ASP G 62 37.10 56.90 -28.14
N ARG G 63 36.59 57.80 -28.97
CA ARG G 63 37.26 59.08 -29.21
C ARG G 63 37.15 60.00 -28.01
N GLU G 64 35.96 60.10 -27.41
CA GLU G 64 35.68 61.11 -26.39
C GLU G 64 36.03 60.64 -24.99
N ASN G 65 35.40 59.55 -24.54
CA ASN G 65 35.61 59.06 -23.18
C ASN G 65 36.91 58.26 -23.11
N GLU G 66 37.80 58.67 -22.21
CA GLU G 66 39.07 58.01 -22.02
C GLU G 66 39.05 56.97 -20.91
N HIS G 67 37.88 56.67 -20.35
CA HIS G 67 37.75 55.60 -19.37
C HIS G 67 37.56 54.24 -20.01
N GLU G 68 37.38 54.18 -21.32
CA GLU G 68 37.22 52.92 -22.04
C GLU G 68 38.55 52.37 -22.55
N ILE G 69 39.67 53.04 -22.29
CA ILE G 69 40.97 52.65 -22.81
C ILE G 69 41.89 52.33 -21.64
N LYS G 70 42.61 51.22 -21.74
CA LYS G 70 43.57 50.81 -20.73
C LYS G 70 44.97 50.76 -21.34
N VAL G 71 45.97 50.92 -20.48
CA VAL G 71 47.38 50.86 -20.88
C VAL G 71 48.02 49.68 -20.17
N GLU G 72 48.65 48.80 -20.93
CA GLU G 72 49.25 47.59 -20.40
C GLU G 72 50.66 47.43 -20.95
N HIS G 73 51.37 46.41 -20.47
CA HIS G 73 52.76 46.19 -20.82
C HIS G 73 52.93 44.80 -21.43
N PHE G 74 53.71 44.73 -22.51
CA PHE G 74 53.95 43.44 -23.16
C PHE G 74 54.58 42.45 -22.19
N LYS G 75 55.52 42.90 -21.37
CA LYS G 75 56.07 42.11 -20.28
C LYS G 75 55.34 42.47 -18.99
N SER G 76 54.93 41.46 -18.23
CA SER G 76 54.11 41.69 -17.05
C SER G 76 54.82 42.60 -16.06
N LYS G 77 54.09 43.57 -15.53
CA LYS G 77 54.64 44.54 -14.60
C LYS G 77 54.88 43.90 -13.23
N ASN G 86 63.91 48.71 -15.31
CA ASN G 86 62.54 49.04 -14.89
C ASN G 86 61.60 49.04 -16.09
N TRP G 87 60.88 47.93 -16.26
CA TRP G 87 59.94 47.81 -17.37
C TRP G 87 58.75 48.75 -17.25
N HIS G 88 58.47 49.26 -16.05
CA HIS G 88 57.33 50.14 -15.84
C HIS G 88 57.51 51.49 -16.51
N LEU G 89 58.74 51.85 -16.89
CA LEU G 89 59.02 53.13 -17.51
C LEU G 89 59.53 53.03 -18.94
N GLU G 90 59.90 51.85 -19.41
CA GLU G 90 60.48 51.71 -20.73
C GLU G 90 59.44 51.97 -21.81
N TRP G 91 59.89 52.59 -22.91
CA TRP G 91 59.00 52.91 -24.03
C TRP G 91 58.65 51.69 -24.86
N SER G 92 59.54 50.70 -24.92
CA SER G 92 59.32 49.52 -25.75
C SER G 92 58.35 48.53 -25.13
N ASN G 93 57.61 48.92 -24.10
CA ASN G 93 56.70 48.03 -23.40
C ASN G 93 55.27 48.52 -23.32
N LEU G 94 55.03 49.83 -23.46
CA LEU G 94 53.68 50.37 -23.26
C LEU G 94 52.84 50.18 -24.51
N LEU G 95 51.59 49.73 -24.31
CA LEU G 95 50.63 49.56 -25.38
C LEU G 95 49.24 49.89 -24.85
N ALA G 96 48.33 50.22 -25.77
CA ALA G 96 46.96 50.55 -25.44
C ALA G 96 46.04 49.43 -25.93
N VAL G 97 45.16 48.95 -25.06
CA VAL G 97 44.32 47.79 -25.35
C VAL G 97 42.89 48.09 -24.96
N CYS G 98 41.99 47.21 -25.39
CA CYS G 98 40.58 47.33 -25.08
C CYS G 98 40.32 47.04 -23.60
N LEU G 99 39.07 47.27 -23.18
CA LEU G 99 38.68 46.94 -21.82
C LEU G 99 38.65 45.43 -21.58
N GLY G 100 38.50 44.64 -22.64
CA GLY G 100 38.50 43.20 -22.53
C GLY G 100 37.23 42.58 -22.00
N GLY G 101 36.14 43.35 -21.90
CA GLY G 101 34.91 42.88 -21.32
C GLY G 101 34.81 43.04 -19.82
N THR G 102 35.89 43.45 -19.16
CA THR G 102 35.91 43.69 -17.73
C THR G 102 35.56 45.16 -17.46
N ASN G 103 35.84 45.63 -16.25
CA ASN G 103 35.59 46.98 -15.72
C ASN G 103 34.13 47.12 -15.30
N THR G 104 33.28 46.11 -15.55
CA THR G 104 31.99 46.05 -14.87
C THR G 104 32.15 45.47 -13.48
N GLY G 105 32.82 44.32 -13.37
CA GLY G 105 33.33 43.83 -12.11
C GLY G 105 34.77 44.27 -11.93
N ASP G 106 35.49 43.52 -11.09
CA ASP G 106 36.92 43.78 -10.91
C ASP G 106 37.77 42.62 -11.41
N ASP G 107 37.64 41.43 -10.80
CA ASP G 107 38.38 40.28 -11.30
C ASP G 107 37.61 38.97 -11.23
N PHE G 108 36.36 38.96 -10.78
CA PHE G 108 35.63 37.70 -10.57
C PHE G 108 34.68 37.44 -11.73
N GLU G 109 35.25 37.26 -12.93
CA GLU G 109 34.47 37.15 -14.14
C GLU G 109 34.72 35.81 -14.83
N LEU G 110 33.69 35.29 -15.48
CA LEU G 110 33.78 34.00 -16.16
C LEU G 110 34.85 34.04 -17.25
N PRO G 111 35.80 33.11 -17.26
CA PRO G 111 36.78 33.06 -18.36
C PRO G 111 36.15 32.54 -19.65
N ALA G 112 36.98 32.32 -20.67
CA ALA G 112 36.59 31.86 -22.00
C ALA G 112 35.72 32.87 -22.75
N ASN G 113 35.53 34.06 -22.20
CA ASN G 113 34.85 35.16 -22.87
C ASN G 113 35.68 36.43 -22.94
N LEU G 114 36.60 36.63 -22.02
CA LEU G 114 37.49 37.79 -22.03
C LEU G 114 38.39 37.74 -23.26
N SER G 115 38.74 38.92 -23.78
CA SER G 115 39.34 39.00 -25.11
C SER G 115 40.78 39.48 -25.10
N CYS G 116 41.06 40.68 -24.59
CA CYS G 116 42.32 41.36 -24.95
C CYS G 116 43.45 41.13 -23.96
N ASP G 117 43.30 41.60 -22.72
CA ASP G 117 44.44 41.60 -21.80
C ASP G 117 44.08 40.99 -20.45
N SER G 118 42.82 41.14 -20.04
CA SER G 118 42.40 40.53 -18.78
C SER G 118 42.45 39.01 -18.87
N TYR G 119 42.14 38.46 -20.04
CA TYR G 119 42.37 37.04 -20.27
C TYR G 119 43.85 36.70 -20.21
N LYS G 120 44.72 37.62 -20.65
CA LYS G 120 46.15 37.39 -20.56
C LYS G 120 46.58 37.24 -19.10
N SER G 121 46.11 38.13 -18.23
CA SER G 121 46.43 38.04 -16.81
C SER G 121 45.84 36.78 -16.19
N HIS G 122 44.60 36.44 -16.56
CA HIS G 122 43.97 35.24 -16.02
C HIS G 122 44.75 33.99 -16.41
N TYR G 123 45.17 33.91 -17.68
CA TYR G 123 45.96 32.77 -18.13
C TYR G 123 47.32 32.73 -17.44
N GLU G 124 47.94 33.91 -17.24
CA GLU G 124 49.21 33.95 -16.54
C GLU G 124 49.09 33.43 -15.12
N ASP G 125 48.01 33.81 -14.42
CA ASP G 125 47.86 33.38 -13.03
C ASP G 125 47.48 31.91 -12.93
N LYS G 126 46.54 31.44 -13.75
CA LYS G 126 46.16 30.02 -13.71
C LYS G 126 47.20 29.11 -14.33
N ASN G 127 48.19 29.63 -15.05
CA ASN G 127 49.22 28.79 -15.63
C ASN G 127 50.50 28.79 -14.79
N LYS G 128 50.68 29.80 -13.92
CA LYS G 128 51.87 29.94 -13.09
C LYS G 128 53.12 30.08 -13.95
N ILE G 129 53.09 31.06 -14.84
CA ILE G 129 54.22 31.35 -15.72
C ILE G 129 55.17 32.28 -14.98
N ASN G 130 56.33 31.76 -14.59
CA ASN G 130 57.29 32.57 -13.86
C ASN G 130 57.96 33.60 -14.77
N ASP G 131 58.36 33.18 -15.97
CA ASP G 131 59.05 34.07 -16.90
C ASP G 131 58.02 34.96 -17.58
N LYS G 132 57.94 36.21 -17.13
CA LYS G 132 56.96 37.15 -17.65
C LYS G 132 57.38 37.78 -18.98
N ASP G 133 58.59 37.52 -19.45
CA ASP G 133 59.08 38.08 -20.71
C ASP G 133 58.45 37.32 -21.86
N TRP G 134 57.37 37.87 -22.42
CA TRP G 134 56.68 37.25 -23.55
C TRP G 134 57.39 37.45 -24.88
N THR G 135 58.44 38.29 -24.92
CA THR G 135 59.20 38.46 -26.15
C THR G 135 59.83 37.14 -26.56
N GLY G 136 59.67 36.78 -27.82
CA GLY G 136 60.12 35.50 -28.31
C GLY G 136 59.13 34.36 -28.10
N LYS G 137 58.02 34.61 -27.43
CA LYS G 137 56.98 33.61 -27.21
C LYS G 137 55.69 33.91 -27.95
N ILE G 138 55.28 35.18 -28.00
CA ILE G 138 54.13 35.62 -28.77
C ILE G 138 54.53 36.85 -29.56
N LEU G 139 53.75 37.14 -30.61
CA LEU G 139 54.09 38.23 -31.51
C LEU G 139 53.99 39.58 -30.82
N LEU G 140 54.94 40.46 -31.11
CA LEU G 140 54.95 41.82 -30.59
C LEU G 140 54.54 42.77 -31.70
N PRO G 141 53.48 43.58 -31.52
CA PRO G 141 53.03 44.46 -32.61
C PRO G 141 54.10 45.43 -33.08
N LEU G 142 55.01 45.85 -32.20
CA LEU G 142 56.04 46.81 -32.60
C LEU G 142 56.98 46.21 -33.66
N THR G 143 57.35 44.95 -33.49
CA THR G 143 58.35 44.31 -34.35
C THR G 143 57.75 43.68 -35.60
N LEU G 144 56.42 43.63 -35.72
CA LEU G 144 55.81 43.01 -36.88
C LEU G 144 56.05 43.85 -38.13
N PRO G 145 56.16 43.21 -39.30
CA PRO G 145 56.34 43.96 -40.55
C PRO G 145 55.09 44.74 -40.93
N ASP G 146 55.27 45.64 -41.89
CA ASP G 146 54.15 46.45 -42.35
C ASP G 146 53.06 45.60 -42.98
N ALA G 147 53.44 44.61 -43.79
CA ALA G 147 52.50 43.74 -44.47
C ALA G 147 52.84 42.29 -44.12
N HIS G 148 51.95 41.65 -43.37
CA HIS G 148 52.12 40.25 -42.98
C HIS G 148 50.87 39.48 -43.33
N ASN G 149 51.05 38.26 -43.84
CA ASN G 149 49.90 37.42 -44.17
C ASN G 149 49.36 36.74 -42.91
N PHE G 150 50.16 35.85 -42.32
CA PHE G 150 49.87 35.23 -41.03
C PHE G 150 48.43 34.75 -40.88
N PHE G 151 47.63 35.54 -40.16
CA PHE G 151 46.34 35.09 -39.65
C PHE G 151 45.32 35.03 -40.79
N THR G 152 44.89 33.82 -41.13
CA THR G 152 43.76 33.60 -42.02
C THR G 152 42.58 33.03 -41.22
N PHE G 153 41.38 33.22 -41.76
CA PHE G 153 40.19 32.78 -41.06
C PHE G 153 39.22 32.13 -42.02
N GLU G 154 38.58 31.05 -41.58
CA GLU G 154 37.55 30.39 -42.36
C GLU G 154 36.27 31.23 -42.34
N LYS G 155 35.56 31.22 -43.48
CA LYS G 155 34.35 32.03 -43.59
C LYS G 155 33.18 31.46 -42.80
N VAL G 156 33.29 30.24 -42.30
CA VAL G 156 32.17 29.62 -41.58
C VAL G 156 32.01 30.25 -40.21
N THR G 157 33.03 30.11 -39.36
CA THR G 157 32.97 30.61 -37.99
C THR G 157 33.72 31.92 -37.77
N GLY G 158 34.60 32.30 -38.71
CA GLY G 158 35.36 33.51 -38.55
C GLY G 158 36.55 33.41 -37.62
N LYS G 159 36.95 32.20 -37.24
CA LYS G 159 38.07 32.02 -36.32
C LYS G 159 39.39 32.20 -37.07
N LEU G 160 40.23 33.11 -36.59
CA LEU G 160 41.52 33.33 -37.22
C LEU G 160 42.46 32.17 -36.94
N LEU G 161 43.12 31.68 -37.97
CA LEU G 161 44.03 30.56 -37.87
C LEU G 161 45.35 30.88 -38.56
N PRO G 162 46.46 30.29 -38.09
CA PRO G 162 47.75 30.56 -38.72
C PRO G 162 47.84 29.99 -40.12
N ASN G 163 48.67 30.64 -40.94
CA ASN G 163 48.98 30.17 -42.29
C ASN G 163 50.39 29.60 -42.30
N GLU G 164 50.50 28.30 -42.56
CA GLU G 164 51.81 27.64 -42.51
C GLU G 164 52.74 28.18 -43.58
N SER G 165 52.21 28.44 -44.78
CA SER G 165 53.07 28.81 -45.91
C SER G 165 53.82 30.10 -45.64
N TYR G 166 53.13 31.13 -45.14
CA TYR G 166 53.80 32.40 -44.89
C TYR G 166 54.65 32.35 -43.63
N CYS G 167 54.22 31.61 -42.61
CA CYS G 167 55.00 31.49 -41.39
C CYS G 167 56.33 30.78 -41.63
N ASN G 168 56.33 29.77 -42.50
CA ASN G 168 57.54 29.00 -42.76
C ASN G 168 58.61 29.81 -43.50
N THR G 169 58.27 30.98 -44.03
CA THR G 169 59.22 31.78 -44.80
C THR G 169 59.47 33.14 -44.16
N ILE G 170 59.48 33.20 -42.84
CA ILE G 170 59.74 34.45 -42.12
C ILE G 170 60.15 34.10 -40.70
N SER G 171 60.97 34.97 -40.10
CA SER G 171 61.41 34.84 -38.72
C SER G 171 60.90 36.02 -37.91
N ILE G 172 60.61 35.78 -36.64
CA ILE G 172 60.02 36.78 -35.76
C ILE G 172 60.70 36.73 -34.40
N ASP G 173 60.91 37.91 -33.81
CA ASP G 173 61.44 38.05 -32.45
C ASP G 173 62.81 37.37 -32.30
N GLY G 174 63.62 37.42 -33.36
CA GLY G 174 64.94 36.83 -33.31
C GLY G 174 64.94 35.35 -33.01
N LYS G 175 64.04 34.61 -33.64
CA LYS G 175 63.86 33.18 -33.40
C LYS G 175 63.93 32.44 -34.73
N PRO G 176 64.29 31.17 -34.72
CA PRO G 176 64.34 30.41 -35.99
C PRO G 176 62.98 30.36 -36.66
N ALA G 177 62.99 30.42 -37.99
CA ALA G 177 61.75 30.47 -38.76
C ALA G 177 60.96 29.17 -38.66
N ALA G 178 61.58 28.07 -38.23
CA ALA G 178 60.86 26.80 -38.12
C ALA G 178 59.77 26.87 -37.07
N GLU G 179 60.02 27.55 -35.95
CA GLU G 179 59.09 27.60 -34.83
C GLU G 179 58.16 28.81 -34.90
N THR G 180 58.21 29.60 -35.97
CA THR G 180 57.36 30.78 -36.08
C THR G 180 55.89 30.42 -36.02
N LEU G 181 55.52 29.30 -36.66
CA LEU G 181 54.13 28.83 -36.60
C LEU G 181 53.73 28.52 -35.17
N SER G 182 54.63 27.91 -34.40
CA SER G 182 54.35 27.66 -32.99
C SER G 182 54.16 28.96 -32.22
N ILE G 183 54.95 29.99 -32.54
CA ILE G 183 54.79 31.29 -31.91
C ILE G 183 53.42 31.88 -32.23
N VAL G 184 52.97 31.74 -33.48
CA VAL G 184 51.66 32.27 -33.86
C VAL G 184 50.55 31.52 -33.12
N THR G 185 50.67 30.19 -33.03
CA THR G 185 49.67 29.42 -32.30
C THR G 185 49.65 29.81 -30.82
N LYS G 186 50.82 30.02 -30.23
CA LYS G 186 50.87 30.47 -28.84
C LYS G 186 50.23 31.85 -28.68
N THR G 187 50.46 32.73 -29.67
CA THR G 187 49.81 34.03 -29.66
C THR G 187 48.30 33.89 -29.64
N ILE G 188 47.77 33.03 -30.50
CA ILE G 188 46.33 32.77 -30.53
C ILE G 188 45.85 32.25 -29.18
N GLU G 189 46.57 31.28 -28.62
CA GLU G 189 46.12 30.67 -27.37
C GLU G 189 46.13 31.66 -26.22
N VAL G 190 47.19 32.46 -26.09
CA VAL G 190 47.28 33.39 -24.97
C VAL G 190 46.29 34.54 -25.11
N LEU G 191 46.18 35.11 -26.31
CA LEU G 191 45.38 36.32 -26.47
C LEU G 191 43.92 36.05 -26.78
N ASN G 192 43.50 34.78 -26.84
CA ASN G 192 42.09 34.42 -26.95
C ASN G 192 41.40 35.17 -28.08
N LEU G 193 42.00 35.10 -29.27
CA LEU G 193 41.51 35.84 -30.43
C LEU G 193 40.42 35.11 -31.19
N ASN G 194 39.71 34.18 -30.53
CA ASN G 194 38.66 33.41 -31.16
C ASN G 194 37.40 33.38 -30.31
N CYS G 195 37.18 34.42 -29.51
CA CYS G 195 35.99 34.47 -28.67
C CYS G 195 34.76 34.75 -29.53
N SER G 196 33.58 34.57 -28.92
CA SER G 196 32.32 34.65 -29.66
C SER G 196 32.10 36.05 -30.21
N ARG G 197 32.40 37.08 -29.42
CA ARG G 197 32.12 38.46 -29.84
C ARG G 197 32.93 38.85 -31.06
N LEU G 198 34.23 38.56 -31.05
CA LEU G 198 35.08 38.93 -32.18
C LEU G 198 34.78 38.07 -33.40
N ASN G 199 34.43 36.79 -33.19
CA ASN G 199 34.02 35.95 -34.31
C ASN G 199 32.76 36.49 -34.97
N ASN G 200 31.79 36.92 -34.16
CA ASN G 200 30.57 37.51 -34.72
C ASN G 200 30.87 38.81 -35.44
N ALA G 201 31.79 39.62 -34.90
CA ALA G 201 32.16 40.86 -35.57
C ALA G 201 32.80 40.58 -36.93
N ARG G 202 33.69 39.59 -37.00
CA ARG G 202 34.28 39.22 -38.28
C ARG G 202 33.22 38.70 -39.25
N ARG G 203 32.28 37.90 -38.74
CA ARG G 203 31.23 37.35 -39.58
C ARG G 203 30.37 38.46 -40.17
N LYS G 204 30.05 39.48 -39.38
CA LYS G 204 29.25 40.57 -39.93
C LYS G 204 30.07 41.51 -40.81
N LEU G 205 31.38 41.59 -40.59
CA LEU G 205 32.23 42.26 -41.57
C LEU G 205 32.15 41.56 -42.93
N LEU G 206 32.19 40.23 -42.92
CA LEU G 206 31.99 39.48 -44.15
C LEU G 206 30.59 39.70 -44.72
N PHE G 207 29.58 39.79 -43.83
CA PHE G 207 28.22 40.13 -44.24
C PHE G 207 28.19 41.43 -45.04
N HIS G 208 28.78 42.49 -44.51
CA HIS G 208 28.74 43.78 -45.19
C HIS G 208 29.65 43.84 -46.41
N PHE G 209 30.70 43.02 -46.47
CA PHE G 209 31.45 42.91 -47.71
C PHE G 209 30.62 42.23 -48.79
N ASN G 210 29.85 41.21 -48.40
CA ASN G 210 29.07 40.43 -49.35
C ASN G 210 27.82 41.17 -49.82
N ASN G 211 27.23 41.99 -48.94
CA ASN G 211 25.95 42.62 -49.26
C ASN G 211 26.06 43.51 -50.49
N CYS G 212 27.10 44.33 -50.56
CA CYS G 212 27.25 45.26 -51.67
C CYS G 212 27.57 44.55 -52.98
N ALA G 213 27.93 43.27 -52.93
CA ALA G 213 28.32 42.52 -54.12
C ALA G 213 27.16 41.83 -54.82
N ARG G 214 25.94 41.91 -54.28
CA ARG G 214 24.80 41.26 -54.94
C ARG G 214 24.50 41.91 -56.29
N GLU G 215 24.57 43.23 -56.36
CA GLU G 215 24.29 43.96 -57.59
C GLU G 215 25.35 43.73 -58.66
N ARG G 216 26.52 43.20 -58.29
CA ARG G 216 27.66 43.04 -59.19
C ARG G 216 28.07 44.37 -59.81
N ASN G 217 27.70 45.48 -59.19
CA ASN G 217 28.06 46.81 -59.68
C ASN G 217 29.53 47.05 -59.35
N LEU G 218 30.38 46.95 -60.37
CA LEU G 218 31.81 47.11 -60.16
C LEU G 218 32.17 48.52 -59.69
N ARG G 219 31.33 49.51 -59.95
CA ARG G 219 31.60 50.86 -59.45
C ARG G 219 31.50 50.89 -57.93
N LYS G 220 30.42 50.34 -57.37
CA LYS G 220 30.29 50.30 -55.91
C LYS G 220 31.32 49.36 -55.28
N LEU G 221 31.69 48.29 -55.98
CA LEU G 221 32.74 47.41 -55.46
C LEU G 221 34.07 48.14 -55.39
N HIS G 222 34.41 48.90 -56.44
CA HIS G 222 35.63 49.69 -56.40
C HIS G 222 35.55 50.77 -55.34
N ASN G 223 34.34 51.32 -55.11
CA ASN G 223 34.16 52.26 -54.00
C ASN G 223 34.48 51.59 -52.67
N LEU G 224 34.03 50.34 -52.49
CA LEU G 224 34.33 49.61 -51.27
C LEU G 224 35.83 49.37 -51.11
N LEU G 225 36.50 48.98 -52.20
CA LEU G 225 37.96 48.80 -52.14
C LEU G 225 38.67 50.10 -51.79
N LEU G 226 38.26 51.21 -52.40
CA LEU G 226 38.89 52.49 -52.10
C LEU G 226 38.62 52.91 -50.66
N GLN G 227 37.41 52.62 -50.16
CA GLN G 227 37.04 53.00 -48.80
C GLN G 227 37.78 52.18 -47.77
N TRP G 228 38.07 50.91 -48.07
CA TRP G 228 38.77 50.06 -47.11
C TRP G 228 40.28 50.24 -47.19
N ASN G 229 40.86 50.00 -48.36
CA ASN G 229 42.32 49.97 -48.49
C ASN G 229 42.93 51.34 -48.22
N GLN G 230 42.31 52.40 -48.73
CA GLN G 230 42.85 53.75 -48.56
C GLN G 230 42.26 54.42 -47.32
N GLY G 231 42.80 55.59 -47.01
CA GLY G 231 42.35 56.35 -45.85
C GLY G 231 42.97 55.86 -44.56
N GLU G 232 42.50 56.45 -43.46
CA GLU G 232 42.99 56.05 -42.15
C GLU G 232 42.56 54.61 -41.85
N PRO G 233 43.43 53.81 -41.23
CA PRO G 233 43.06 52.43 -40.90
C PRO G 233 41.87 52.38 -39.96
N LYS G 234 41.00 51.40 -40.18
CA LYS G 234 39.81 51.19 -39.38
C LYS G 234 39.97 49.93 -38.54
N PHE G 235 38.98 49.67 -37.68
CA PHE G 235 39.02 48.51 -36.81
C PHE G 235 38.87 47.22 -37.62
N PHE G 236 39.45 46.15 -37.08
CA PHE G 236 39.54 44.85 -37.76
C PHE G 236 40.23 44.96 -39.11
N GLN G 237 41.31 45.73 -39.16
CA GLN G 237 42.04 45.94 -40.42
C GLN G 237 42.55 44.62 -40.98
N THR G 238 42.98 43.71 -40.11
CA THR G 238 43.49 42.42 -40.57
C THR G 238 42.41 41.64 -41.31
N THR G 239 41.18 41.64 -40.78
CA THR G 239 40.09 40.93 -41.44
C THR G 239 39.79 41.52 -42.81
N ARG G 240 39.78 42.86 -42.90
CA ARG G 240 39.56 43.50 -44.19
C ARG G 240 40.65 43.11 -45.19
N ASP G 241 41.90 43.11 -44.74
CA ASP G 241 43.00 42.76 -45.64
C ASP G 241 42.89 41.31 -46.11
N ILE G 242 42.55 40.40 -45.20
CA ILE G 242 42.43 38.99 -45.57
C ILE G 242 41.29 38.80 -46.56
N ILE G 243 40.14 39.46 -46.32
CA ILE G 243 39.03 39.34 -47.25
C ILE G 243 39.40 39.89 -48.62
N ILE G 244 40.08 41.04 -48.65
CA ILE G 244 40.42 41.66 -49.93
C ILE G 244 41.40 40.78 -50.71
N ARG G 245 42.41 40.24 -50.04
CA ARG G 245 43.40 39.42 -50.74
C ARG G 245 42.81 38.08 -51.17
N ASP G 246 41.97 37.47 -50.33
CA ASP G 246 41.43 36.16 -50.63
C ASP G 246 40.53 36.20 -51.88
N ASP G 247 39.71 37.23 -52.00
CA ASP G 247 38.78 37.31 -53.12
C ASP G 247 39.54 37.63 -54.40
N ARG G 248 39.31 36.82 -55.44
CA ARG G 248 40.05 36.98 -56.69
C ARG G 248 39.62 38.24 -57.44
N ILE G 249 38.32 38.55 -57.43
CA ILE G 249 37.84 39.71 -58.17
C ILE G 249 38.37 41.01 -57.56
N CYS G 250 38.54 41.06 -56.24
CA CYS G 250 39.13 42.24 -55.63
C CYS G 250 40.57 42.45 -56.09
N GLN G 251 41.34 41.37 -56.15
CA GLN G 251 42.71 41.46 -56.64
C GLN G 251 42.75 41.88 -58.11
N GLY G 252 41.84 41.33 -58.92
CA GLY G 252 41.78 41.72 -60.32
C GLY G 252 41.39 43.17 -60.52
N LEU G 253 40.53 43.70 -59.64
CA LEU G 253 40.16 45.10 -59.72
C LEU G 253 41.30 46.00 -59.25
N LEU G 254 42.05 45.56 -58.24
CA LEU G 254 43.12 46.38 -57.70
C LEU G 254 44.28 46.52 -58.69
N ASN G 255 44.61 45.45 -59.41
CA ASN G 255 45.74 45.46 -60.33
C ASN G 255 45.39 46.00 -61.70
N GLY G 256 44.13 46.34 -61.95
CA GLY G 256 43.73 46.93 -63.21
C GLY G 256 43.24 45.97 -64.26
N THR G 257 43.04 44.69 -63.93
CA THR G 257 42.56 43.73 -64.91
C THR G 257 41.12 44.05 -65.33
N ILE G 258 40.30 44.53 -64.40
CA ILE G 258 38.90 44.82 -64.64
C ILE G 258 38.71 46.33 -64.60
N ARG G 259 38.07 46.87 -65.64
CA ARG G 259 37.82 48.29 -65.75
C ARG G 259 36.33 48.53 -65.98
N TYR G 260 35.82 49.62 -65.42
CA TYR G 260 34.41 49.97 -65.57
C TYR G 260 34.26 51.38 -66.12
N LEU H 5 44.44 -27.40 60.08
CA LEU H 5 43.13 -27.10 59.52
C LEU H 5 42.09 -28.14 59.97
N PRO H 6 40.92 -27.67 60.38
CA PRO H 6 39.95 -28.54 61.08
C PRO H 6 39.24 -29.50 60.14
N SER H 7 39.50 -30.80 60.32
CA SER H 7 38.64 -31.87 59.83
C SER H 7 38.25 -31.76 58.36
N ARG H 8 37.05 -31.23 58.08
CA ARG H 8 36.45 -31.36 56.76
C ARG H 8 37.27 -30.65 55.67
N ILE H 9 37.98 -29.58 56.03
CA ILE H 9 38.79 -28.88 55.02
C ILE H 9 39.85 -29.81 54.43
N THR H 10 40.28 -30.82 55.19
CA THR H 10 41.26 -31.77 54.67
C THR H 10 40.76 -32.42 53.38
N LYS H 11 39.52 -32.90 53.40
CA LYS H 11 38.93 -33.46 52.18
C LYS H 11 38.40 -32.38 51.25
N LEU H 12 38.15 -31.16 51.75
CA LEU H 12 37.72 -30.09 50.86
C LEU H 12 38.83 -29.64 49.92
N ILE H 13 40.09 -29.73 50.35
CA ILE H 13 41.19 -29.42 49.44
C ILE H 13 41.17 -30.33 48.23
N LYS H 14 40.91 -31.63 48.45
CA LYS H 14 40.78 -32.56 47.32
C LYS H 14 39.48 -32.34 46.57
N LYS H 15 38.42 -31.94 47.27
CA LYS H 15 37.16 -31.60 46.61
C LYS H 15 37.30 -30.39 45.70
N SER H 16 38.33 -29.56 45.94
CA SER H 16 38.57 -28.43 45.06
C SER H 16 38.80 -28.88 43.61
N GLU H 17 39.47 -30.01 43.41
CA GLU H 17 39.68 -30.54 42.07
C GLU H 17 38.75 -31.69 41.73
N SER H 18 38.13 -32.35 42.71
CA SER H 18 37.14 -33.36 42.38
C SER H 18 35.74 -32.77 42.26
N GLY H 19 35.32 -32.00 43.27
CA GLY H 19 34.07 -31.27 43.21
C GLY H 19 34.24 -29.95 42.48
N ASP H 20 34.26 -30.00 41.15
CA ASP H 20 34.64 -28.88 40.30
C ASP H 20 34.10 -27.53 40.77
N PHE H 21 32.78 -27.41 40.91
CA PHE H 21 32.21 -26.14 41.34
C PHE H 21 31.41 -26.23 42.63
N ALA H 22 30.60 -27.27 42.80
CA ALA H 22 29.75 -27.36 43.99
C ALA H 22 30.59 -27.42 45.25
N SER H 23 31.57 -28.32 45.28
CA SER H 23 32.49 -28.38 46.43
C SER H 23 33.35 -27.13 46.50
N SER H 24 33.77 -26.61 45.34
CA SER H 24 34.55 -25.37 45.33
C SER H 24 33.75 -24.22 45.93
N TYR H 25 32.45 -24.14 45.61
CA TYR H 25 31.58 -23.18 46.26
C TYR H 25 31.43 -23.49 47.75
N GLN H 26 31.48 -24.77 48.13
CA GLN H 26 31.37 -25.15 49.53
C GLN H 26 32.55 -24.63 50.34
N LEU H 27 33.75 -24.65 49.76
CA LEU H 27 34.93 -24.12 50.44
C LEU H 27 34.68 -22.74 51.04
N TYR H 28 34.37 -21.76 50.21
CA TYR H 28 34.21 -20.38 50.68
C TYR H 28 32.75 -20.04 51.01
N LYS H 29 31.91 -21.05 51.24
CA LYS H 29 30.51 -20.81 51.55
C LYS H 29 30.35 -19.93 52.79
N VAL H 30 30.76 -20.45 53.94
CA VAL H 30 30.70 -19.69 55.19
C VAL H 30 32.03 -19.83 55.90
N PHE H 31 32.91 -20.69 55.36
CA PHE H 31 34.19 -21.01 56.00
C PHE H 31 35.21 -19.90 55.78
N GLY H 32 34.84 -18.70 56.21
CA GLY H 32 35.71 -17.55 56.13
C GLY H 32 35.57 -16.64 57.34
N SER H 33 35.00 -17.18 58.41
CA SER H 33 34.78 -16.46 59.66
C SER H 33 35.67 -17.04 60.75
N LYS H 34 35.51 -16.51 61.96
CA LYS H 34 36.32 -16.97 63.09
C LYS H 34 35.91 -18.36 63.55
N GLU H 35 34.63 -18.67 63.50
CA GLU H 35 34.13 -19.97 63.97
C GLU H 35 34.43 -21.04 62.94
N TYR H 36 33.88 -22.24 63.16
CA TYR H 36 34.11 -23.44 62.35
C TYR H 36 35.57 -23.90 62.37
N GLY H 37 36.40 -23.29 63.21
CA GLY H 37 37.82 -23.62 63.26
C GLY H 37 38.65 -23.03 62.14
N VAL H 38 38.05 -22.22 61.28
CA VAL H 38 38.75 -21.68 60.13
C VAL H 38 39.16 -20.24 60.42
N GLU H 39 40.05 -19.71 59.59
CA GLU H 39 40.57 -18.36 59.68
C GLU H 39 39.86 -17.46 58.68
N PRO H 40 39.87 -16.14 58.90
CA PRO H 40 39.14 -15.23 57.99
C PRO H 40 39.80 -15.13 56.62
N ASP H 41 39.58 -16.12 55.77
CA ASP H 41 40.11 -16.12 54.41
C ASP H 41 39.09 -16.83 53.52
N GLU H 42 38.14 -16.07 52.99
CA GLU H 42 37.14 -16.59 52.05
C GLU H 42 37.14 -15.85 50.72
N LYS H 43 37.03 -14.52 50.74
CA LYS H 43 36.93 -13.76 49.49
C LYS H 43 38.30 -13.50 48.89
N MET H 44 39.26 -13.09 49.71
CA MET H 44 40.63 -12.93 49.21
C MET H 44 41.29 -14.28 48.93
N SER H 45 40.66 -15.39 49.31
CA SER H 45 41.06 -16.71 48.86
C SER H 45 40.63 -16.85 47.40
N ASP H 46 41.45 -16.26 46.52
CA ASP H 46 41.15 -16.31 45.09
C ASP H 46 41.15 -17.74 44.58
N TYR H 47 42.08 -18.56 45.06
CA TYR H 47 42.23 -19.96 44.64
C TYR H 47 41.06 -20.83 45.09
N PHE H 48 40.08 -20.30 45.82
CA PHE H 48 38.78 -20.94 45.95
C PHE H 48 37.64 -20.15 45.33
N LYS H 49 37.72 -18.82 45.31
CA LYS H 49 36.61 -18.01 44.84
C LYS H 49 36.61 -17.89 43.32
N GLU H 50 37.71 -17.40 42.74
CA GLU H 50 37.81 -17.27 41.29
C GLU H 50 37.96 -18.63 40.62
N LEU H 51 38.47 -19.63 41.33
CA LEU H 51 38.54 -20.98 40.79
C LEU H 51 37.14 -21.51 40.49
N SER H 52 36.18 -21.21 41.36
CA SER H 52 34.79 -21.62 41.17
C SER H 52 34.03 -20.68 40.23
N ALA H 53 34.69 -20.27 39.16
CA ALA H 53 34.01 -19.54 38.10
C ALA H 53 34.43 -20.01 36.72
N LYS H 54 35.29 -21.02 36.63
CA LYS H 54 35.68 -21.56 35.34
C LYS H 54 34.91 -22.82 34.96
N GLN H 55 34.38 -23.55 35.95
CA GLN H 55 33.60 -24.76 35.68
C GLN H 55 32.17 -24.41 35.30
N LEU H 56 32.00 -23.49 34.35
CA LEU H 56 30.69 -23.19 33.79
C LEU H 56 30.44 -24.00 32.52
N GLU H 57 30.67 -25.30 32.63
CA GLU H 57 30.40 -26.25 31.58
C GLU H 57 28.97 -26.74 31.75
N GLY H 58 28.61 -27.84 31.08
CA GLY H 58 27.26 -28.37 31.15
C GLY H 58 26.74 -28.44 32.58
N GLY H 59 25.74 -27.61 32.87
CA GLY H 59 25.26 -27.44 34.23
C GLY H 59 23.77 -27.60 34.37
N GLN H 60 23.21 -27.11 35.47
CA GLN H 60 21.81 -27.35 35.77
C GLN H 60 21.32 -26.24 36.71
N LEU H 61 20.58 -25.28 36.16
CA LEU H 61 19.87 -24.28 36.96
C LEU H 61 18.39 -24.61 36.91
N ARG H 62 17.88 -25.23 37.96
CA ARG H 62 16.49 -25.67 38.03
C ARG H 62 15.77 -24.96 39.15
N VAL H 63 14.53 -24.53 38.88
CA VAL H 63 13.69 -23.96 39.94
C VAL H 63 13.39 -25.05 40.97
N ALA H 64 13.37 -24.65 42.23
CA ALA H 64 13.30 -25.60 43.34
C ALA H 64 12.09 -25.24 44.20
N ASP H 65 12.02 -25.85 45.38
CA ASP H 65 10.86 -25.73 46.27
C ASP H 65 10.36 -24.29 46.38
N ILE H 66 9.04 -24.15 46.40
CA ILE H 66 8.38 -22.87 46.62
C ILE H 66 7.61 -22.95 47.93
N HIS H 67 7.75 -21.92 48.76
CA HIS H 67 7.08 -21.84 50.05
C HIS H 67 6.21 -20.58 50.04
N LEU H 68 4.93 -20.74 49.78
CA LEU H 68 4.00 -19.64 49.67
C LEU H 68 3.11 -19.60 50.91
N GLU H 69 3.12 -18.48 51.62
CA GLU H 69 2.32 -18.29 52.81
C GLU H 69 1.38 -17.11 52.60
N ASN H 70 0.09 -17.34 52.83
CA ASN H 70 -0.94 -16.29 52.81
C ASN H 70 -0.94 -15.54 51.47
N TYR H 71 -1.26 -16.29 50.41
CA TYR H 71 -1.34 -15.72 49.07
C TYR H 71 -2.81 -15.62 48.67
N LYS H 72 -3.05 -15.11 47.46
CA LYS H 72 -4.41 -14.85 47.00
C LYS H 72 -5.23 -16.14 46.96
N GLY H 73 -4.66 -17.21 46.41
CA GLY H 73 -5.42 -18.41 46.16
C GLY H 73 -5.55 -19.39 47.30
N PHE H 74 -4.71 -19.27 48.33
CA PHE H 74 -4.61 -20.29 49.37
C PHE H 74 -3.87 -19.70 50.56
N GLU H 75 -3.56 -20.56 51.55
CA GLU H 75 -2.83 -20.18 52.75
C GLU H 75 -1.42 -20.72 52.76
N SER H 76 -1.24 -22.03 52.60
CA SER H 76 0.08 -22.65 52.65
C SER H 76 0.07 -23.88 51.75
N LEU H 77 0.88 -23.86 50.70
CA LEU H 77 0.89 -24.93 49.70
C LEU H 77 2.34 -25.29 49.38
N ILE H 78 3.12 -25.59 50.42
CA ILE H 78 4.48 -26.07 50.22
C ILE H 78 4.48 -27.25 49.27
N MET H 79 5.39 -27.21 48.29
CA MET H 79 5.47 -28.24 47.27
C MET H 79 6.89 -28.29 46.73
N ASP H 80 7.31 -29.47 46.27
CA ASP H 80 8.68 -29.72 45.87
C ASP H 80 8.68 -30.17 44.41
N PHE H 81 9.51 -29.55 43.59
CA PHE H 81 9.61 -29.86 42.18
C PHE H 81 10.48 -31.11 41.98
N SER H 82 10.89 -31.36 40.74
CA SER H 82 11.73 -32.51 40.43
C SER H 82 13.03 -32.03 39.79
N MET H 83 14.10 -32.77 40.06
CA MET H 83 15.43 -32.45 39.55
C MET H 83 15.82 -33.31 38.36
N LYS H 84 15.73 -34.64 38.49
CA LYS H 84 16.10 -35.52 37.39
C LYS H 84 15.08 -35.52 36.25
N LYS H 85 13.89 -34.98 36.47
CA LYS H 85 12.86 -34.92 35.45
C LYS H 85 12.80 -33.53 34.84
N ASN H 86 12.63 -33.48 33.52
CA ASN H 86 12.60 -32.23 32.77
C ASN H 86 11.19 -31.78 32.42
N SER H 87 10.17 -32.32 33.10
CA SER H 87 8.79 -31.93 32.84
C SER H 87 7.97 -32.16 34.10
N THR H 88 7.41 -31.08 34.64
CA THR H 88 6.51 -31.15 35.80
C THR H 88 5.27 -30.34 35.44
N ILE H 89 4.23 -31.02 34.99
CA ILE H 89 3.00 -30.39 34.53
C ILE H 89 2.02 -30.29 35.69
N LEU H 90 1.34 -29.14 35.80
CA LEU H 90 0.37 -28.88 36.84
C LEU H 90 -1.03 -28.94 36.26
N VAL H 91 -1.96 -29.52 37.02
CA VAL H 91 -3.33 -29.76 36.55
C VAL H 91 -4.30 -29.40 37.67
N GLY H 92 -5.38 -28.72 37.31
CA GLY H 92 -6.43 -28.40 38.25
C GLY H 92 -7.66 -27.89 37.54
N ASN H 93 -8.73 -27.77 38.31
CA ASN H 93 -10.01 -27.31 37.77
C ASN H 93 -10.02 -25.78 37.71
N ASN H 94 -11.18 -25.21 37.38
CA ASN H 94 -11.30 -23.76 37.26
C ASN H 94 -11.14 -23.10 38.63
N GLY H 95 -10.29 -22.09 38.69
CA GLY H 95 -10.07 -21.36 39.93
C GLY H 95 -9.18 -22.06 40.93
N CYS H 96 -8.57 -23.19 40.57
CA CYS H 96 -7.69 -23.89 41.50
C CYS H 96 -6.48 -23.04 41.87
N GLY H 97 -5.88 -22.39 40.89
CA GLY H 97 -4.76 -21.51 41.16
C GLY H 97 -3.47 -21.87 40.45
N LYS H 98 -3.57 -22.53 39.29
CA LYS H 98 -2.37 -22.79 38.50
C LYS H 98 -1.74 -21.49 38.02
N SER H 99 -2.56 -20.49 37.70
CA SER H 99 -2.01 -19.18 37.34
C SER H 99 -1.30 -18.53 38.52
N THR H 100 -1.83 -18.72 39.73
CA THR H 100 -1.21 -18.13 40.91
C THR H 100 0.18 -18.71 41.15
N ILE H 101 0.33 -20.03 41.01
CA ILE H 101 1.64 -20.66 41.21
C ILE H 101 2.62 -20.17 40.15
N LEU H 102 2.18 -20.12 38.89
CA LEU H 102 3.04 -19.62 37.83
C LEU H 102 3.39 -18.16 38.04
N ASP H 103 2.43 -17.37 38.53
CA ASP H 103 2.70 -15.95 38.80
C ASP H 103 3.73 -15.81 39.92
N ALA H 104 3.64 -16.64 40.96
CA ALA H 104 4.64 -16.59 42.03
C ALA H 104 6.01 -16.99 41.52
N ILE H 105 6.07 -18.03 40.68
CA ILE H 105 7.37 -18.43 40.12
C ILE H 105 7.94 -17.31 39.26
N GLN H 106 7.09 -16.62 38.49
CA GLN H 106 7.56 -15.50 37.69
C GLN H 106 8.05 -14.36 38.57
N LYS H 107 7.37 -14.10 39.69
CA LYS H 107 7.81 -13.07 40.62
C LYS H 107 9.17 -13.42 41.20
N GLY H 108 9.40 -14.70 41.48
CA GLY H 108 10.74 -15.11 41.87
C GLY H 108 11.76 -14.96 40.76
N LEU H 109 11.34 -15.23 39.52
CA LEU H 109 12.26 -15.22 38.39
C LEU H 109 12.72 -13.81 38.05
N THR H 110 11.84 -12.82 38.16
CA THR H 110 12.17 -11.47 37.71
C THR H 110 13.32 -10.88 38.51
N HIS H 111 13.42 -11.23 39.80
CA HIS H 111 14.51 -10.68 40.61
C HIS H 111 15.86 -11.22 40.17
N LEU H 112 15.93 -12.53 39.90
CA LEU H 112 17.19 -13.09 39.40
C LEU H 112 17.51 -12.57 38.02
N SER H 113 16.48 -12.33 37.19
CA SER H 113 16.74 -11.75 35.87
C SER H 113 17.31 -10.35 35.99
N SER H 114 16.79 -9.56 36.93
CA SER H 114 17.33 -8.23 37.16
C SER H 114 18.73 -8.28 37.77
N ARG H 115 19.02 -9.31 38.57
CA ARG H 115 20.32 -9.41 39.23
C ARG H 115 21.42 -9.85 38.27
N LEU H 116 21.22 -10.99 37.59
CA LEU H 116 22.24 -11.52 36.69
C LEU H 116 22.49 -10.62 35.49
N SER H 117 21.56 -9.74 35.17
CA SER H 117 21.73 -8.76 34.11
C SER H 117 22.17 -7.44 34.71
N THR H 118 23.17 -6.81 34.08
CA THR H 118 23.69 -5.55 34.59
C THR H 118 22.64 -4.44 34.59
N ARG H 119 21.63 -4.53 33.73
CA ARG H 119 20.57 -3.53 33.68
C ARG H 119 19.57 -3.76 34.80
N GLY H 123 12.30 -6.44 41.13
CA GLY H 123 11.54 -5.53 41.97
C GLY H 123 10.04 -5.59 41.75
N ASP H 124 9.48 -6.78 41.91
CA ASP H 124 8.04 -6.95 41.72
C ASP H 124 7.27 -6.25 42.82
N GLY H 125 6.30 -5.44 42.44
CA GLY H 125 5.51 -4.69 43.40
C GLY H 125 4.34 -5.45 43.96
N ILE H 126 4.60 -6.40 44.85
CA ILE H 126 3.54 -7.16 45.50
C ILE H 126 2.79 -6.22 46.44
N GLU H 127 1.52 -5.98 46.15
CA GLU H 127 0.73 -5.00 46.90
C GLU H 127 -0.63 -5.60 47.22
N LYS H 128 -1.55 -4.76 47.69
CA LYS H 128 -2.87 -5.22 48.09
C LYS H 128 -3.70 -5.73 46.92
N HIS H 129 -3.37 -5.34 45.69
CA HIS H 129 -4.10 -5.85 44.53
C HIS H 129 -3.92 -7.36 44.39
N GLU H 130 -2.70 -7.86 44.62
CA GLU H 130 -2.43 -9.29 44.61
C GLU H 130 -2.32 -9.86 46.03
N LEU H 131 -3.09 -9.32 46.97
CA LEU H 131 -3.01 -9.73 48.36
C LEU H 131 -3.81 -11.02 48.58
N ARG H 132 -3.73 -11.54 49.80
CA ARG H 132 -4.42 -12.76 50.18
C ARG H 132 -5.88 -12.47 50.49
N LYS H 133 -6.58 -13.43 51.07
CA LYS H 133 -7.98 -13.28 51.47
C LYS H 133 -8.18 -12.36 52.66
N GLY H 134 -7.16 -11.61 53.11
CA GLY H 134 -7.31 -10.74 54.25
C GLY H 134 -6.15 -10.81 55.21
N GLN H 135 -5.13 -11.59 54.87
CA GLN H 135 -3.95 -11.72 55.70
C GLN H 135 -2.95 -10.59 55.41
N ASN H 136 -1.90 -10.52 56.22
CA ASN H 136 -0.87 -9.50 56.06
C ASN H 136 0.55 -10.06 56.10
N TYR H 137 0.74 -11.34 56.41
CA TYR H 137 2.07 -11.96 56.49
C TYR H 137 2.40 -12.72 55.23
N ALA H 138 2.00 -12.20 54.06
CA ALA H 138 2.25 -12.86 52.79
C ALA H 138 3.75 -13.07 52.56
N SER H 139 4.19 -14.32 52.58
CA SER H 139 5.59 -14.67 52.36
C SER H 139 5.71 -15.43 51.04
N ILE H 140 6.48 -14.87 50.11
CA ILE H 140 6.64 -15.47 48.79
C ILE H 140 8.07 -15.98 48.67
N ALA H 141 8.29 -17.25 49.02
CA ALA H 141 9.62 -17.84 49.05
C ALA H 141 9.73 -18.82 47.88
N ILE H 142 10.59 -18.50 46.92
CA ILE H 142 10.89 -19.39 45.81
C ILE H 142 12.35 -19.80 45.96
N ASN H 143 12.57 -20.95 46.61
CA ASN H 143 13.93 -21.46 46.75
C ASN H 143 14.44 -21.95 45.41
N TYR H 144 15.71 -21.66 45.13
CA TYR H 144 16.34 -22.09 43.88
C TYR H 144 17.34 -23.21 44.17
N ASP H 145 17.80 -23.83 43.09
CA ASP H 145 18.83 -24.85 43.16
C ASP H 145 19.71 -24.74 41.91
N TYR H 146 20.95 -25.21 42.04
CA TYR H 146 21.88 -25.20 40.93
C TYR H 146 22.69 -26.49 41.05
N MET H 147 23.82 -26.57 40.33
CA MET H 147 24.62 -27.79 40.27
C MET H 147 25.34 -28.00 41.59
N GLY H 148 24.59 -28.48 42.59
CA GLY H 148 25.14 -28.77 43.89
C GLY H 148 25.09 -27.64 44.89
N ILE H 149 24.17 -26.69 44.73
CA ILE H 149 24.08 -25.53 45.61
C ILE H 149 22.64 -25.41 46.10
N ARG H 150 22.49 -24.89 47.32
CA ARG H 150 21.20 -24.59 47.94
C ARG H 150 20.82 -23.13 47.74
N PHE H 151 21.14 -22.60 46.56
CA PHE H 151 21.04 -21.21 46.14
C PHE H 151 19.70 -20.62 46.56
N PRO H 152 19.69 -19.74 47.58
CA PRO H 152 18.42 -19.34 48.21
C PRO H 152 17.80 -18.06 47.67
N MET H 153 16.57 -17.80 48.10
CA MET H 153 15.81 -16.59 47.75
C MET H 153 14.53 -16.57 48.56
N ILE H 154 14.14 -15.37 49.00
CA ILE H 154 12.88 -15.18 49.70
C ILE H 154 12.49 -13.71 49.62
N ILE H 155 11.20 -13.46 49.37
CA ILE H 155 10.63 -12.11 49.40
C ILE H 155 9.30 -12.18 50.13
N ALA H 156 8.83 -11.02 50.57
CA ALA H 156 7.58 -10.93 51.32
C ALA H 156 7.04 -9.51 51.23
N THR H 157 5.78 -9.36 51.64
CA THR H 157 5.11 -8.07 51.66
C THR H 157 4.31 -7.95 52.95
N THR H 158 3.95 -6.70 53.28
CA THR H 158 3.23 -6.40 54.51
C THR H 158 2.03 -5.52 54.21
N GLU H 159 1.32 -5.16 55.27
CA GLU H 159 0.13 -4.30 55.25
C GLU H 159 0.50 -2.98 55.92
N PRO H 160 -0.41 -2.00 55.99
CA PRO H 160 -0.16 -0.84 56.86
C PRO H 160 0.32 -1.29 58.23
N GLY H 161 1.36 -0.63 58.72
CA GLY H 161 2.26 -1.21 59.70
C GLY H 161 1.65 -1.69 61.01
N TYR H 162 1.60 -3.00 61.14
CA TYR H 162 1.24 -3.80 62.32
C TYR H 162 2.00 -5.11 62.36
N GLU H 163 2.17 -5.74 61.21
CA GLU H 163 2.99 -6.94 61.07
C GLU H 163 4.35 -6.51 60.54
N ASP H 164 5.18 -5.93 61.41
CA ASP H 164 6.50 -5.49 61.03
C ASP H 164 7.56 -6.59 61.17
N ARG H 165 7.17 -7.76 61.68
CA ARG H 165 8.11 -8.87 61.79
C ARG H 165 8.42 -9.48 60.44
N ALA H 166 7.59 -9.21 59.43
CA ALA H 166 7.82 -9.75 58.08
C ALA H 166 8.85 -8.92 57.33
N LYS H 167 10.03 -8.76 57.93
CA LYS H 167 11.13 -8.05 57.30
C LYS H 167 12.11 -9.02 56.62
N SER H 168 11.71 -10.28 56.47
CA SER H 168 12.54 -11.34 55.90
C SER H 168 12.79 -11.18 54.41
N ASN H 169 12.39 -10.06 53.81
CA ASN H 169 12.67 -9.82 52.40
C ASN H 169 14.17 -9.80 52.15
N TYR H 170 14.59 -10.47 51.08
CA TYR H 170 16.00 -10.51 50.67
C TYR H 170 16.90 -11.03 51.79
N SER H 171 16.47 -12.11 52.44
CA SER H 171 17.23 -12.70 53.53
C SER H 171 18.43 -13.52 53.07
N GLY H 172 18.47 -13.94 51.82
CA GLY H 172 19.56 -14.77 51.35
C GLY H 172 20.03 -14.48 49.95
N ILE H 173 19.71 -13.28 49.44
CA ILE H 173 19.99 -12.94 48.05
C ILE H 173 20.92 -11.74 48.03
N ASN H 174 21.61 -11.57 46.90
CA ASN H 174 22.57 -10.54 46.54
C ASN H 174 23.93 -10.76 47.21
N GLU H 175 24.06 -11.73 48.10
CA GLU H 175 25.35 -12.16 48.62
C GLU H 175 25.64 -13.61 48.29
N LEU H 176 24.70 -14.51 48.58
CA LEU H 176 24.75 -15.89 48.10
C LEU H 176 23.62 -16.23 47.13
N GLY H 177 22.53 -15.47 47.15
CA GLY H 177 21.43 -15.61 46.21
C GLY H 177 21.61 -14.83 44.94
N SER H 178 22.78 -14.23 44.71
CA SER H 178 23.13 -13.63 43.42
C SER H 178 24.64 -13.79 43.28
N ILE H 179 25.04 -14.86 42.61
CA ILE H 179 26.47 -15.17 42.51
C ILE H 179 27.18 -14.11 41.67
N PHE H 180 26.50 -13.49 40.72
CA PHE H 180 27.07 -12.46 39.87
C PHE H 180 28.33 -13.00 39.18
N LYS H 181 28.10 -13.87 38.20
CA LYS H 181 29.17 -14.62 37.55
C LYS H 181 30.40 -13.76 37.26
N THR H 182 31.54 -14.19 37.79
CA THR H 182 32.79 -13.51 37.47
C THR H 182 33.40 -14.01 36.17
N ALA H 183 32.76 -14.98 35.51
CA ALA H 183 33.14 -15.34 34.15
C ALA H 183 32.81 -14.24 33.17
N HIS H 184 32.05 -13.23 33.58
CA HIS H 184 31.93 -12.01 32.78
C HIS H 184 33.27 -11.28 32.68
N SER H 185 34.18 -11.52 33.62
CA SER H 185 35.50 -10.88 33.60
C SER H 185 36.51 -11.67 32.79
N ILE H 186 36.36 -13.00 32.71
CA ILE H 186 37.27 -13.85 31.94
C ILE H 186 36.45 -14.56 30.86
N ASN H 187 36.80 -14.32 29.60
CA ASN H 187 36.06 -14.85 28.44
C ASN H 187 34.59 -14.51 28.57
N PRO H 188 34.20 -13.23 28.38
CA PRO H 188 32.79 -12.87 28.53
C PRO H 188 31.89 -13.46 27.45
N ASN H 189 31.91 -14.80 27.31
CA ASN H 189 31.05 -15.48 26.36
C ASN H 189 30.45 -16.76 26.93
N VAL H 190 30.39 -16.86 28.26
CA VAL H 190 29.94 -18.08 28.93
C VAL H 190 28.44 -18.27 28.73
N SER H 191 27.96 -19.47 29.05
CA SER H 191 26.55 -19.83 28.83
C SER H 191 25.73 -19.37 30.02
N PHE H 192 25.16 -18.17 29.89
CA PHE H 192 24.22 -17.70 30.91
C PHE H 192 22.92 -18.48 30.83
N PRO H 193 22.25 -18.69 31.96
CA PRO H 193 21.02 -19.49 31.95
C PRO H 193 19.89 -18.78 31.24
N LEU H 194 18.96 -19.58 30.71
CA LEU H 194 17.81 -19.08 29.97
C LEU H 194 16.65 -18.82 30.92
N ILE H 195 16.03 -17.66 30.80
CA ILE H 195 14.86 -17.28 31.57
C ILE H 195 13.75 -16.91 30.58
N ALA H 196 12.58 -17.53 30.73
CA ALA H 196 11.51 -17.30 29.78
C ALA H 196 10.15 -17.52 30.44
N MET H 197 9.24 -16.57 30.21
CA MET H 197 7.85 -16.67 30.62
C MET H 197 6.96 -16.29 29.43
N TYR H 198 5.87 -17.04 29.26
CA TYR H 198 4.86 -16.72 28.26
C TYR H 198 3.48 -16.80 28.90
N THR H 199 2.76 -15.68 28.87
CA THR H 199 1.43 -15.57 29.44
C THR H 199 0.42 -16.16 28.45
N VAL H 200 -0.83 -16.31 28.88
CA VAL H 200 -1.87 -16.90 28.05
C VAL H 200 -2.11 -16.13 26.76
N GLU H 201 -1.49 -14.97 26.58
CA GLU H 201 -1.64 -14.13 25.39
C GLU H 201 -0.48 -14.31 24.43
N ARG H 202 0.01 -15.54 24.27
CA ARG H 202 1.14 -15.82 23.39
C ARG H 202 0.90 -15.26 22.00
N ALA H 203 -0.24 -15.58 21.40
CA ALA H 203 -0.62 -15.09 20.07
C ALA H 203 -1.52 -13.89 20.25
N ASN H 204 -1.04 -12.71 19.82
CA ASN H 204 -1.81 -11.48 19.95
C ASN H 204 -2.06 -10.88 18.58
N TRP H 223 25.37 -7.68 20.31
CA TRP H 223 25.38 -9.06 20.75
C TRP H 223 26.22 -9.20 22.01
N ASP H 224 25.69 -8.68 23.13
CA ASP H 224 26.38 -8.70 24.41
C ASP H 224 25.63 -9.54 25.45
N LYS H 225 24.72 -10.41 24.99
CA LYS H 225 24.05 -11.41 25.82
C LYS H 225 23.02 -10.80 26.77
N PHE H 226 22.97 -9.47 26.86
CA PHE H 226 22.05 -8.80 27.78
C PHE H 226 21.07 -7.86 27.09
N LYS H 227 21.23 -7.62 25.79
CA LYS H 227 20.30 -6.75 25.08
C LYS H 227 18.99 -7.45 24.71
N ALA H 228 18.97 -8.78 24.75
CA ALA H 228 17.75 -9.55 24.55
C ALA H 228 17.33 -10.35 25.77
N TYR H 229 18.18 -10.42 26.80
CA TYR H 229 17.81 -11.13 28.02
C TYR H 229 16.64 -10.47 28.73
N ASN H 230 16.49 -9.15 28.58
CA ASN H 230 15.41 -8.42 29.21
C ASN H 230 14.17 -8.40 28.30
N LYS H 231 13.06 -7.94 28.87
CA LYS H 231 11.76 -7.92 28.20
C LYS H 231 11.31 -9.32 27.77
N SER H 232 11.83 -10.36 28.42
CA SER H 232 11.45 -11.74 28.16
C SER H 232 10.56 -12.33 29.23
N LEU H 233 10.45 -11.67 30.39
CA LEU H 233 9.61 -12.16 31.47
C LEU H 233 8.12 -12.05 31.15
N THR H 234 7.75 -11.36 30.09
CA THR H 234 6.36 -11.32 29.62
C THR H 234 6.12 -12.37 28.55
N GLY H 235 6.87 -12.31 27.46
CA GLY H 235 6.82 -13.33 26.43
C GLY H 235 5.84 -13.04 25.32
N LYS H 236 6.28 -13.26 24.07
CA LYS H 236 5.43 -13.10 22.91
C LYS H 236 5.74 -14.23 21.94
N ALA H 237 4.68 -14.83 21.37
CA ALA H 237 4.85 -15.93 20.43
C ALA H 237 3.71 -15.85 19.40
N ASP H 238 3.98 -15.19 18.28
CA ASP H 238 3.03 -15.08 17.21
C ASP H 238 3.76 -15.13 15.87
N PHE H 239 3.04 -15.52 14.83
CA PHE H 239 3.65 -15.72 13.52
C PHE H 239 3.78 -14.41 12.74
N LYS H 240 2.97 -13.40 13.05
CA LYS H 240 3.07 -12.13 12.34
C LYS H 240 4.41 -11.46 12.58
N LEU H 241 4.87 -11.45 13.83
CA LEU H 241 6.18 -10.88 14.15
C LEU H 241 7.32 -11.86 13.92
N PHE H 242 7.02 -13.13 13.64
CA PHE H 242 8.06 -14.07 13.27
C PHE H 242 8.35 -14.07 11.77
N PHE H 243 7.34 -13.85 10.93
CA PHE H 243 7.58 -13.79 9.50
C PHE H 243 8.47 -12.60 9.14
N ARG H 244 8.14 -11.42 9.66
CA ARG H 244 8.94 -10.24 9.40
C ARG H 244 10.34 -10.36 9.99
N TRP H 245 10.49 -11.05 11.12
CA TRP H 245 11.80 -11.25 11.71
C TRP H 245 12.65 -12.20 10.86
N PHE H 246 12.08 -13.35 10.50
CA PHE H 246 12.83 -14.34 9.71
C PHE H 246 13.15 -13.80 8.33
N LYS H 247 12.28 -12.96 7.77
CA LYS H 247 12.54 -12.37 6.46
C LYS H 247 13.81 -11.52 6.50
N GLU H 248 13.90 -10.61 7.48
CA GLU H 248 15.09 -9.78 7.62
C GLU H 248 16.30 -10.64 7.96
N LEU H 249 16.12 -11.65 8.80
CA LEU H 249 17.25 -12.48 9.21
C LEU H 249 17.84 -13.26 8.03
N ILE H 250 16.98 -13.73 7.11
CA ILE H 250 17.47 -14.45 5.96
C ILE H 250 17.95 -13.50 4.86
N GLU H 251 17.46 -12.26 4.84
CA GLU H 251 17.90 -11.34 3.80
C GLU H 251 19.13 -10.52 4.21
N ILE H 252 19.14 -9.99 5.43
CA ILE H 252 20.29 -9.21 5.89
C ILE H 252 21.53 -10.09 5.95
N GLU H 253 21.37 -11.35 6.37
CA GLU H 253 22.50 -12.26 6.41
C GLU H 253 23.07 -12.51 5.01
N ASN H 254 22.23 -12.48 3.99
CA ASN H 254 22.67 -12.80 2.64
C ASN H 254 23.04 -11.56 1.84
N SER H 255 22.46 -10.40 2.18
CA SER H 255 22.79 -9.17 1.47
C SER H 255 24.28 -8.83 1.62
N ASP H 256 24.71 -8.54 2.84
CA ASP H 256 26.13 -8.39 3.13
C ASP H 256 26.70 -9.75 3.52
N ASN H 257 27.90 -9.77 4.08
CA ASN H 257 28.59 -11.01 4.42
C ASN H 257 28.80 -11.84 3.16
N ALA H 258 27.88 -12.76 2.90
CA ALA H 258 27.84 -13.64 1.73
C ALA H 258 28.94 -14.69 1.73
N ASP H 259 29.84 -14.68 2.71
CA ASP H 259 30.81 -15.75 2.87
C ASP H 259 30.32 -16.84 3.80
N ILE H 260 29.51 -16.48 4.79
CA ILE H 260 28.95 -17.47 5.70
C ILE H 260 27.80 -18.25 5.04
N THR H 261 27.17 -17.67 4.02
CA THR H 261 26.05 -18.35 3.35
C THR H 261 26.51 -19.65 2.72
N ALA H 262 27.63 -19.63 2.01
CA ALA H 262 28.14 -20.84 1.38
C ALA H 262 28.50 -21.90 2.42
N LEU H 263 29.13 -21.48 3.51
CA LEU H 263 29.48 -22.43 4.57
C LEU H 263 28.24 -23.06 5.17
N ARG H 264 27.21 -22.26 5.46
CA ARG H 264 25.99 -22.79 6.05
C ARG H 264 25.26 -23.72 5.08
N ALA H 265 25.23 -23.36 3.79
CA ALA H 265 24.60 -24.23 2.80
C ALA H 265 25.34 -25.55 2.68
N GLU H 266 26.68 -25.52 2.75
CA GLU H 266 27.42 -26.77 2.63
C GLU H 266 27.29 -27.59 3.91
N ILE H 267 27.09 -26.92 5.06
CA ILE H 267 26.72 -27.64 6.28
C ILE H 267 25.40 -28.37 6.08
N ARG H 268 24.41 -27.68 5.51
CA ARG H 268 23.14 -28.33 5.22
C ARG H 268 23.33 -29.53 4.31
N ALA H 269 24.13 -29.37 3.25
CA ALA H 269 24.35 -30.46 2.30
C ALA H 269 25.01 -31.65 2.98
N LYS H 270 26.08 -31.40 3.74
CA LYS H 270 26.79 -32.49 4.41
C LYS H 270 25.97 -33.14 5.50
N GLU H 271 25.12 -32.38 6.19
CA GLU H 271 24.29 -32.92 7.26
C GLU H 271 23.11 -33.71 6.73
N LYS H 272 22.59 -33.36 5.55
CA LYS H 272 21.46 -34.09 4.99
C LYS H 272 21.88 -35.21 4.03
N ASP H 273 23.12 -35.20 3.54
CA ASP H 273 23.55 -36.27 2.65
C ASP H 273 24.00 -37.52 3.41
N LEU H 274 24.32 -37.39 4.70
CA LEU H 274 24.67 -38.57 5.49
C LEU H 274 23.48 -39.51 5.63
N ASP H 275 22.27 -38.95 5.75
CA ASP H 275 21.06 -39.74 5.91
C ASP H 275 20.58 -40.27 4.55
N ASN H 276 21.48 -41.00 3.89
CA ASN H 276 21.17 -41.65 2.63
C ASN H 276 20.82 -43.11 2.92
N PRO H 277 19.59 -43.56 2.67
CA PRO H 277 19.22 -44.93 3.08
C PRO H 277 20.10 -46.01 2.50
N LEU H 278 20.57 -45.85 1.27
CA LEU H 278 21.45 -46.85 0.66
C LEU H 278 22.76 -46.97 1.43
N LEU H 279 23.49 -45.87 1.52
CA LEU H 279 24.76 -45.89 2.24
C LEU H 279 24.56 -46.16 3.72
N LYS H 280 23.43 -45.73 4.29
CA LYS H 280 23.14 -46.05 5.68
C LYS H 280 23.00 -47.56 5.88
N ALA H 281 22.29 -48.24 4.97
CA ALA H 281 22.16 -49.68 5.05
C ALA H 281 23.51 -50.37 4.85
N LEU H 282 24.33 -49.86 3.92
CA LEU H 282 25.65 -50.46 3.72
C LEU H 282 26.51 -50.30 4.98
N LEU H 283 26.45 -49.14 5.64
CA LEU H 283 27.17 -48.96 6.89
C LEU H 283 26.66 -49.90 7.97
N ALA H 284 25.33 -50.05 8.06
CA ALA H 284 24.73 -50.95 9.04
C ALA H 284 24.98 -52.42 8.73
N GLU H 285 25.43 -52.74 7.52
CA GLU H 285 25.70 -54.12 7.14
C GLU H 285 27.06 -54.54 7.72
N ASN H 286 27.57 -55.67 7.26
CA ASN H 286 28.85 -56.18 7.76
C ASN H 286 29.96 -55.16 7.56
N LYS H 287 30.53 -54.69 8.66
CA LYS H 287 31.54 -53.64 8.66
C LYS H 287 32.77 -54.10 9.43
N ASN H 288 33.23 -55.32 9.17
CA ASN H 288 34.43 -55.83 9.83
C ASN H 288 35.66 -55.02 9.45
N SER H 289 35.76 -54.58 8.19
CA SER H 289 36.89 -53.76 7.78
C SER H 289 36.83 -52.40 8.46
N GLU H 290 37.99 -51.93 8.92
CA GLU H 290 38.10 -50.65 9.59
C GLU H 290 38.01 -49.46 8.63
N THR H 291 38.06 -49.71 7.33
CA THR H 291 38.01 -48.62 6.36
C THR H 291 36.69 -47.86 6.43
N THR H 292 35.58 -48.59 6.59
CA THR H 292 34.28 -47.93 6.67
C THR H 292 34.14 -47.14 7.96
N LYS H 293 34.69 -47.65 9.06
CA LYS H 293 34.69 -46.91 10.31
C LYS H 293 35.51 -45.64 10.19
N LYS H 294 36.68 -45.74 9.53
CA LYS H 294 37.49 -44.55 9.30
C LYS H 294 36.75 -43.54 8.44
N LEU H 295 36.04 -44.01 7.41
CA LEU H 295 35.28 -43.10 6.55
C LEU H 295 34.17 -42.39 7.32
N LEU H 296 33.44 -43.13 8.15
CA LEU H 296 32.36 -42.51 8.92
C LEU H 296 32.92 -41.50 9.92
N GLU H 297 34.02 -41.85 10.59
CA GLU H 297 34.67 -40.90 11.49
C GLU H 297 35.15 -39.67 10.72
N ASP H 298 35.62 -39.86 9.49
CA ASP H 298 36.12 -38.74 8.71
C ASP H 298 35.00 -37.79 8.31
N HIS H 299 33.86 -38.31 7.85
CA HIS H 299 32.81 -37.36 7.49
C HIS H 299 32.03 -36.87 8.71
N GLN H 300 32.22 -37.48 9.88
CA GLN H 300 31.76 -36.83 11.11
C GLN H 300 32.68 -35.67 11.49
N ASN H 301 33.99 -35.88 11.39
CA ASN H 301 34.94 -34.80 11.66
C ASN H 301 34.79 -33.67 10.65
N SER H 302 34.34 -33.98 9.45
CA SER H 302 34.06 -32.92 8.47
C SER H 302 33.02 -31.95 9.02
N LEU H 303 31.90 -32.48 9.51
CA LEU H 303 30.88 -31.63 10.13
C LEU H 303 31.42 -30.95 11.37
N LYS H 304 32.24 -31.65 12.15
CA LYS H 304 32.80 -31.05 13.36
C LYS H 304 33.62 -29.80 13.03
N VAL H 305 34.57 -29.92 12.10
CA VAL H 305 35.41 -28.79 11.72
C VAL H 305 34.59 -27.72 11.02
N LEU H 306 33.58 -28.11 10.24
CA LEU H 306 32.76 -27.12 9.54
C LEU H 306 31.98 -26.25 10.52
N LYS H 307 31.31 -26.89 11.48
CA LYS H 307 30.61 -26.14 12.52
C LYS H 307 31.57 -25.35 13.39
N GLU H 308 32.78 -25.87 13.60
CA GLU H 308 33.79 -25.11 14.34
C GLU H 308 34.17 -23.84 13.58
N LYS H 309 34.28 -23.93 12.25
CA LYS H 309 34.59 -22.74 11.45
C LYS H 309 33.46 -21.72 11.53
N LEU H 310 32.21 -22.18 11.42
CA LEU H 310 31.08 -21.25 11.54
C LEU H 310 31.09 -20.60 12.91
N ASN H 311 31.36 -21.38 13.96
CA ASN H 311 31.46 -20.83 15.30
C ASN H 311 32.57 -19.79 15.39
N SER H 312 33.72 -20.07 14.78
CA SER H 312 34.82 -19.12 14.76
C SER H 312 34.41 -17.81 14.11
N TYR H 313 33.54 -17.87 13.11
CA TYR H 313 32.93 -16.66 12.57
C TYR H 313 31.89 -16.15 13.56
N TYR H 314 32.37 -15.50 14.62
CA TYR H 314 31.50 -14.85 15.59
C TYR H 314 30.66 -13.78 14.91
N SER H 315 29.35 -14.00 14.81
CA SER H 315 28.48 -13.05 14.11
C SER H 315 27.05 -13.26 14.55
N VAL H 316 26.45 -12.21 15.12
CA VAL H 316 25.01 -12.20 15.34
C VAL H 316 24.31 -11.92 14.01
N ASN H 317 23.05 -12.36 13.91
CA ASN H 317 22.22 -12.25 12.72
C ASN H 317 22.68 -13.17 11.60
N SER H 318 23.64 -14.05 11.87
CA SER H 318 24.14 -14.98 10.85
C SER H 318 24.17 -16.41 11.39
N LYS H 319 24.30 -16.56 12.70
CA LYS H 319 24.29 -17.88 13.32
C LYS H 319 22.93 -18.23 13.95
N THR H 320 22.16 -17.22 14.37
CA THR H 320 20.84 -17.50 14.90
C THR H 320 19.90 -18.08 13.86
N LEU H 321 20.10 -17.77 12.57
CA LEU H 321 19.29 -18.36 11.52
C LEU H 321 19.48 -19.88 11.45
N HIS H 322 20.71 -20.35 11.53
CA HIS H 322 20.97 -21.78 11.45
C HIS H 322 20.32 -22.51 12.63
N THR H 323 20.43 -21.95 13.83
CA THR H 323 19.85 -22.60 15.01
C THR H 323 18.32 -22.56 14.96
N VAL H 324 17.73 -21.43 14.54
CA VAL H 324 16.27 -21.37 14.49
C VAL H 324 15.74 -22.31 13.41
N GLU H 325 16.46 -22.48 12.31
CA GLU H 325 16.08 -23.48 11.32
C GLU H 325 16.18 -24.88 11.91
N ASP H 326 17.24 -25.16 12.67
CA ASP H 326 17.36 -26.46 13.31
C ASP H 326 16.24 -26.72 14.31
N ALA H 327 15.72 -25.66 14.94
CA ALA H 327 14.62 -25.83 15.88
C ALA H 327 13.38 -26.35 15.16
N MET H 328 13.08 -25.81 13.98
CA MET H 328 11.95 -26.30 13.19
C MET H 328 12.28 -27.57 12.42
N TYR H 329 13.57 -27.88 12.25
CA TYR H 329 13.95 -29.14 11.60
C TYR H 329 13.77 -30.33 12.53
N SER H 330 13.68 -30.11 13.83
CA SER H 330 13.55 -31.18 14.81
C SER H 330 12.17 -31.23 15.46
N PHE H 331 11.61 -30.08 15.85
CA PHE H 331 10.27 -30.07 16.42
C PHE H 331 9.19 -30.50 15.43
N LEU H 332 9.47 -30.43 14.13
CA LEU H 332 8.55 -30.90 13.10
C LEU H 332 9.28 -32.00 12.36
N PRO H 333 9.09 -33.26 12.78
CA PRO H 333 9.99 -34.33 12.34
C PRO H 333 10.00 -34.52 10.83
N GLY H 334 11.19 -34.78 10.30
CA GLY H 334 11.35 -35.19 8.92
C GLY H 334 11.27 -34.08 7.89
N PHE H 335 11.17 -32.83 8.30
CA PHE H 335 11.02 -31.75 7.32
C PHE H 335 12.40 -31.29 6.84
N SER H 336 12.51 -31.07 5.53
CA SER H 336 13.76 -30.76 4.89
C SER H 336 13.98 -29.24 4.87
N ASN H 337 14.92 -28.80 4.03
CA ASN H 337 15.33 -27.40 3.97
C ASN H 337 14.14 -26.45 3.86
N LEU H 338 14.33 -25.24 4.40
CA LEU H 338 13.29 -24.22 4.43
C LEU H 338 13.79 -23.00 3.67
N LYS H 339 13.11 -22.65 2.58
CA LYS H 339 13.45 -21.50 1.78
C LYS H 339 12.43 -20.39 2.00
N LEU H 340 12.65 -19.26 1.34
CA LEU H 340 11.72 -18.13 1.42
C LEU H 340 11.61 -17.51 0.03
N GLN H 341 10.52 -17.82 -0.67
CA GLN H 341 10.24 -17.22 -1.96
C GLN H 341 9.83 -15.76 -1.77
N ARG H 342 9.85 -15.00 -2.86
CA ARG H 342 9.54 -13.57 -2.77
C ARG H 342 8.40 -13.12 -3.67
N ALA H 343 8.32 -13.59 -4.93
CA ALA H 343 7.25 -13.12 -5.80
C ALA H 343 5.88 -13.42 -5.20
N PRO H 344 5.56 -14.66 -4.79
CA PRO H 344 4.70 -14.82 -3.62
C PRO H 344 5.52 -15.07 -2.37
N LEU H 345 5.14 -14.49 -1.23
CA LEU H 345 5.95 -14.61 -0.03
C LEU H 345 6.15 -16.07 0.36
N ASP H 346 5.07 -16.73 0.77
CA ASP H 346 4.97 -18.19 0.83
C ASP H 346 6.23 -18.84 1.39
N LEU H 347 6.46 -18.63 2.69
CA LEU H 347 7.57 -19.29 3.35
C LEU H 347 7.32 -20.80 3.35
N ILE H 348 8.03 -21.53 2.50
CA ILE H 348 7.74 -22.92 2.23
C ILE H 348 8.58 -23.83 3.11
N VAL H 349 7.98 -24.93 3.56
CA VAL H 349 8.66 -26.00 4.28
C VAL H 349 8.66 -27.23 3.38
N ASP H 350 9.83 -27.84 3.22
CA ASP H 350 10.01 -28.91 2.24
C ASP H 350 9.89 -30.26 2.93
N LYS H 351 8.81 -30.98 2.62
CA LYS H 351 8.72 -32.41 2.85
C LYS H 351 9.18 -33.12 1.57
N ASN H 352 8.89 -34.42 1.45
CA ASN H 352 9.01 -35.04 0.13
C ASN H 352 8.09 -34.38 -0.87
N ASN H 353 7.05 -33.68 -0.41
CA ASN H 353 6.23 -32.82 -1.23
C ASN H 353 6.24 -31.41 -0.63
N VAL H 354 6.11 -30.41 -1.49
CA VAL H 354 6.23 -29.01 -1.07
C VAL H 354 4.95 -28.57 -0.39
N SER H 355 5.10 -27.80 0.69
CA SER H 355 3.97 -27.21 1.39
C SER H 355 4.29 -25.76 1.75
N LEU H 356 3.30 -25.08 2.32
CA LEU H 356 3.40 -23.66 2.61
C LEU H 356 2.98 -23.40 4.06
N SER H 357 3.71 -22.55 4.76
CA SER H 357 3.46 -22.29 6.16
C SER H 357 2.57 -21.08 6.40
N VAL H 358 2.75 -20.02 5.62
CA VAL H 358 1.96 -18.81 5.81
C VAL H 358 0.48 -19.04 5.53
N LEU H 359 0.16 -19.97 4.64
CA LEU H 359 -1.23 -20.27 4.28
C LEU H 359 -1.75 -21.49 5.02
N GLN H 360 -1.05 -22.62 4.90
CA GLN H 360 -1.44 -23.87 5.53
C GLN H 360 -0.80 -23.96 6.92
N LEU H 361 -0.79 -25.16 7.50
CA LEU H 361 -0.21 -25.42 8.83
C LEU H 361 -1.08 -24.82 9.94
N SER H 362 -2.41 -24.88 9.75
CA SER H 362 -3.37 -24.58 10.80
C SER H 362 -3.18 -23.19 11.41
N GLN H 363 -3.68 -23.00 12.63
CA GLN H 363 -3.59 -21.73 13.34
C GLN H 363 -2.63 -21.79 14.51
N GLY H 364 -2.68 -22.87 15.31
CA GLY H 364 -1.82 -23.00 16.46
C GLY H 364 -0.46 -23.60 16.14
N GLU H 365 -0.37 -24.29 15.00
CA GLU H 365 0.92 -24.79 14.53
C GLU H 365 1.85 -23.68 14.07
N LYS H 366 1.35 -22.45 14.01
CA LYS H 366 2.19 -21.28 13.83
C LYS H 366 2.56 -20.62 15.15
N THR H 367 1.63 -20.57 16.11
CA THR H 367 1.94 -20.02 17.42
C THR H 367 3.01 -20.85 18.14
N ILE H 368 2.88 -22.17 18.09
CA ILE H 368 3.85 -23.02 18.78
C ILE H 368 5.21 -22.92 18.09
N LEU H 369 5.23 -22.87 16.76
CA LEU H 369 6.49 -22.69 16.04
C LEU H 369 7.12 -21.33 16.35
N ALA H 370 6.31 -20.29 16.50
CA ALA H 370 6.85 -18.99 16.90
C ALA H 370 7.47 -19.06 18.29
N LEU H 371 6.82 -19.75 19.22
CA LEU H 371 7.39 -19.92 20.55
C LEU H 371 8.71 -20.68 20.50
N ILE H 372 8.77 -21.75 19.71
CA ILE H 372 10.01 -22.52 19.57
C ILE H 372 11.11 -21.66 18.97
N ALA H 373 10.78 -20.88 17.95
CA ALA H 373 11.76 -20.01 17.32
C ALA H 373 12.28 -18.96 18.29
N ASP H 374 11.38 -18.37 19.09
CA ASP H 374 11.82 -17.39 20.09
C ASP H 374 12.75 -18.03 21.11
N ILE H 375 12.41 -19.24 21.58
CA ILE H 375 13.28 -19.93 22.53
C ILE H 375 14.64 -20.18 21.92
N ALA H 376 14.67 -20.66 20.66
CA ALA H 376 15.94 -20.96 20.02
C ALA H 376 16.79 -19.71 19.85
N ARG H 377 16.18 -18.62 19.41
CA ARG H 377 16.94 -17.38 19.22
C ARG H 377 17.49 -16.88 20.54
N ARG H 378 16.65 -16.88 21.58
CA ARG H 378 17.08 -16.35 22.87
C ARG H 378 18.19 -17.20 23.47
N LEU H 379 18.08 -18.53 23.35
CA LEU H 379 19.13 -19.40 23.86
C LEU H 379 20.43 -19.23 23.07
N THR H 380 20.32 -19.06 21.75
CA THR H 380 21.53 -18.86 20.94
C THR H 380 22.22 -17.55 21.32
N LEU H 381 21.44 -16.47 21.49
CA LEU H 381 22.03 -15.20 21.87
C LEU H 381 22.64 -15.27 23.27
N LEU H 382 21.98 -15.97 24.20
CA LEU H 382 22.50 -16.08 25.55
C LEU H 382 23.73 -16.98 25.64
N ASN H 383 24.01 -17.77 24.62
CA ASN H 383 25.04 -18.81 24.67
C ASN H 383 25.99 -18.66 23.50
N PRO H 384 26.99 -17.79 23.61
CA PRO H 384 28.03 -17.71 22.57
C PRO H 384 28.82 -19.00 22.50
N ASN H 385 29.47 -19.20 21.36
CA ASN H 385 30.17 -20.46 21.04
C ASN H 385 29.12 -21.56 21.12
N SER H 386 29.37 -22.68 21.81
CA SER H 386 28.35 -23.70 22.06
C SER H 386 27.78 -24.22 20.73
N VAL H 387 28.63 -24.98 20.03
CA VAL H 387 28.38 -25.47 18.67
C VAL H 387 26.93 -25.94 18.48
N ASN H 388 26.32 -26.47 19.55
CA ASN H 388 24.88 -26.74 19.57
C ASN H 388 24.24 -25.70 20.49
N PRO H 389 23.91 -24.51 19.98
CA PRO H 389 23.43 -23.44 20.87
C PRO H 389 22.15 -23.78 21.61
N LEU H 390 21.31 -24.64 21.04
CA LEU H 390 20.07 -25.05 21.69
C LEU H 390 20.32 -26.18 22.69
N ASP H 391 21.35 -26.01 23.53
CA ASP H 391 21.67 -26.97 24.58
C ASP H 391 22.05 -26.23 25.86
N GLY H 392 21.30 -25.18 26.18
CA GLY H 392 21.51 -24.42 27.40
C GLY H 392 20.83 -25.05 28.59
N THR H 393 20.51 -24.23 29.58
CA THR H 393 19.80 -24.71 30.76
C THR H 393 19.11 -23.52 31.42
N GLY H 394 17.87 -23.74 31.86
CA GLY H 394 17.15 -22.68 32.55
C GLY H 394 15.68 -22.98 32.65
N ILE H 395 14.91 -21.95 32.97
CA ILE H 395 13.46 -22.04 33.18
C ILE H 395 12.74 -21.43 31.99
N VAL H 396 11.73 -22.15 31.50
CA VAL H 396 10.81 -21.65 30.48
C VAL H 396 9.40 -22.07 30.88
N LEU H 397 8.61 -21.14 31.41
CA LEU H 397 7.27 -21.45 31.89
C LEU H 397 6.25 -21.09 30.83
N ILE H 398 5.36 -22.04 30.53
CA ILE H 398 4.29 -21.85 29.55
C ILE H 398 2.97 -22.11 30.25
N ASP H 399 2.02 -21.19 30.09
CA ASP H 399 0.71 -21.31 30.70
C ASP H 399 -0.29 -21.75 29.66
N GLU H 400 -1.08 -22.78 29.98
CA GLU H 400 -2.03 -23.39 29.06
C GLU H 400 -1.33 -23.80 27.76
N ILE H 401 -0.43 -24.77 27.89
CA ILE H 401 0.26 -25.33 26.74
C ILE H 401 -0.69 -25.98 25.75
N ASP H 402 -1.94 -26.23 26.15
CA ASP H 402 -2.95 -26.83 25.29
C ASP H 402 -3.73 -25.79 24.48
N LEU H 403 -3.13 -24.64 24.21
CA LEU H 403 -3.81 -23.52 23.59
C LEU H 403 -3.64 -23.59 22.08
N HIS H 404 -4.76 -23.65 21.36
CA HIS H 404 -4.79 -23.82 19.90
C HIS H 404 -3.97 -25.03 19.47
N LEU H 405 -4.42 -26.22 19.89
CA LEU H 405 -3.79 -27.45 19.48
C LEU H 405 -4.82 -28.44 18.97
N HIS H 406 -4.47 -29.15 17.90
CA HIS H 406 -5.25 -30.29 17.45
C HIS H 406 -4.90 -31.51 18.31
N PRO H 407 -5.87 -32.41 18.54
CA PRO H 407 -5.62 -33.49 19.50
C PRO H 407 -4.46 -34.40 19.14
N SER H 408 -4.23 -34.65 17.84
CA SER H 408 -3.14 -35.54 17.46
C SER H 408 -1.78 -34.90 17.70
N TRP H 409 -1.63 -33.64 17.27
CA TRP H 409 -0.35 -32.96 17.41
C TRP H 409 -0.15 -32.39 18.81
N GLN H 410 -1.22 -32.31 19.61
CA GLN H 410 -1.10 -31.96 21.02
C GLN H 410 -0.50 -33.12 21.82
N GLN H 411 -0.85 -34.36 21.44
CA GLN H 411 -0.45 -35.52 22.24
C GLN H 411 1.07 -35.66 22.30
N ASN H 412 1.78 -35.15 21.30
CA ASN H 412 3.24 -35.25 21.24
C ASN H 412 3.90 -33.87 21.35
N ILE H 413 3.41 -33.04 22.28
CA ILE H 413 4.02 -31.74 22.50
C ILE H 413 5.28 -31.87 23.35
N ILE H 414 5.14 -32.41 24.57
CA ILE H 414 6.28 -32.50 25.48
C ILE H 414 7.37 -33.43 24.97
N PRO H 415 7.09 -34.69 24.60
CA PRO H 415 8.20 -35.58 24.21
C PRO H 415 8.93 -35.14 22.95
N ARG H 416 8.31 -34.32 22.11
CA ARG H 416 9.00 -33.78 20.94
C ARG H 416 9.67 -32.45 21.24
N LEU H 417 9.04 -31.60 22.04
CA LEU H 417 9.62 -30.32 22.40
C LEU H 417 10.83 -30.47 23.31
N GLU H 418 10.94 -31.60 24.01
CA GLU H 418 12.15 -31.89 24.76
C GLU H 418 13.21 -32.63 23.96
N LYS H 419 12.87 -33.15 22.78
CA LYS H 419 13.88 -33.74 21.92
C LYS H 419 14.81 -32.67 21.36
N THR H 420 14.28 -31.48 21.09
CA THR H 420 15.13 -30.36 20.67
C THR H 420 15.89 -29.81 21.86
N PHE H 421 15.18 -29.32 22.87
CA PHE H 421 15.77 -28.79 24.09
C PHE H 421 15.76 -29.91 25.13
N LYS H 422 16.88 -30.62 25.23
CA LYS H 422 16.99 -31.78 26.11
C LYS H 422 17.54 -31.44 27.48
N ASN H 423 17.74 -30.15 27.78
CA ASN H 423 18.19 -29.72 29.10
C ASN H 423 17.27 -28.70 29.76
N ILE H 424 16.47 -27.95 29.00
CA ILE H 424 15.50 -27.04 29.59
C ILE H 424 14.39 -27.87 30.21
N GLN H 425 14.31 -27.88 31.55
CA GLN H 425 13.18 -28.55 32.19
C GLN H 425 11.97 -27.64 32.09
N PHE H 426 10.86 -28.21 31.66
CA PHE H 426 9.74 -27.45 31.09
C PHE H 426 8.54 -27.58 32.01
N ILE H 427 8.20 -26.49 32.70
CA ILE H 427 7.11 -26.46 33.65
C ILE H 427 5.93 -25.79 32.98
N VAL H 428 4.88 -26.55 32.70
CA VAL H 428 3.73 -26.06 31.96
C VAL H 428 2.45 -26.49 32.67
N THR H 429 1.37 -25.79 32.37
CA THR H 429 0.04 -26.12 32.86
C THR H 429 -0.86 -26.45 31.68
N THR H 430 -1.74 -27.44 31.85
CA THR H 430 -2.64 -27.84 30.79
C THR H 430 -4.04 -28.04 31.36
N HIS H 431 -5.04 -27.75 30.53
CA HIS H 431 -6.45 -27.96 30.88
C HIS H 431 -7.08 -29.06 30.04
N SER H 432 -6.26 -29.92 29.43
CA SER H 432 -6.77 -30.96 28.55
C SER H 432 -6.17 -32.31 28.91
N PRO H 433 -6.92 -33.40 28.73
CA PRO H 433 -6.40 -34.74 29.01
C PRO H 433 -5.72 -35.37 27.80
N GLN H 434 -4.78 -34.64 27.20
CA GLN H 434 -4.02 -35.13 26.06
C GLN H 434 -2.52 -35.01 26.23
N VAL H 435 -2.04 -34.19 27.14
CA VAL H 435 -0.61 -34.00 27.38
C VAL H 435 -0.22 -34.79 28.62
N CYS H 436 -1.16 -34.92 29.55
CA CYS H 436 -0.88 -35.56 30.84
C CYS H 436 -0.55 -37.04 30.67
N HIS H 437 -1.10 -37.69 29.65
CA HIS H 437 -0.94 -39.12 29.46
C HIS H 437 0.35 -39.48 28.74
N THR H 438 1.35 -38.60 28.76
CA THR H 438 2.68 -38.89 28.22
C THR H 438 3.80 -38.62 29.22
N ILE H 439 3.48 -38.44 30.50
CA ILE H 439 4.46 -38.08 31.52
C ILE H 439 4.34 -39.03 32.70
N ASP H 440 5.44 -39.17 33.44
CA ASP H 440 5.48 -40.07 34.59
C ASP H 440 4.53 -39.58 35.68
N SER H 441 4.05 -40.53 36.49
CA SER H 441 3.08 -40.21 37.53
C SER H 441 3.68 -39.40 38.67
N GLN H 442 4.99 -39.51 38.91
CA GLN H 442 5.63 -38.78 40.00
C GLN H 442 5.88 -37.32 39.66
N ASN H 443 5.65 -36.90 38.42
CA ASN H 443 5.90 -35.53 37.99
C ASN H 443 4.63 -34.71 37.86
N ILE H 444 3.53 -35.32 37.41
CA ILE H 444 2.26 -34.62 37.30
C ILE H 444 1.76 -34.21 38.69
N TRP H 445 1.33 -32.96 38.81
CA TRP H 445 0.79 -32.42 40.04
C TRP H 445 -0.70 -32.14 39.86
N LEU H 446 -1.47 -32.48 40.88
CA LEU H 446 -2.93 -32.37 40.84
C LEU H 446 -3.34 -31.31 41.86
N LEU H 447 -3.39 -30.06 41.39
CA LEU H 447 -3.79 -28.93 42.24
C LEU H 447 -5.30 -28.86 42.28
N LYS H 448 -5.88 -29.31 43.38
CA LYS H 448 -7.33 -29.46 43.46
C LYS H 448 -7.77 -29.34 44.90
N ASN H 449 -9.07 -29.06 45.08
CA ASN H 449 -9.69 -28.91 46.41
C ASN H 449 -9.04 -27.82 47.24
N GLY H 450 -8.41 -26.84 46.58
CA GLY H 450 -7.72 -25.79 47.30
C GLY H 450 -6.56 -26.27 48.13
N GLN H 451 -5.86 -27.30 47.67
CA GLN H 451 -4.74 -27.88 48.41
C GLN H 451 -3.88 -28.67 47.42
N LYS H 452 -2.96 -29.47 47.94
CA LYS H 452 -1.96 -30.17 47.14
C LYS H 452 -2.25 -31.67 47.13
N PHE H 453 -2.13 -32.27 45.94
CA PHE H 453 -2.20 -33.72 45.78
C PHE H 453 -1.37 -34.10 44.57
N LYS H 454 -0.75 -35.27 44.61
CA LYS H 454 0.20 -35.62 43.56
C LYS H 454 -0.49 -36.15 42.31
N ALA H 455 -1.03 -37.37 42.38
CA ALA H 455 -1.64 -38.04 41.24
C ALA H 455 -2.12 -39.44 41.59
N PRO H 456 -3.10 -39.97 40.87
CA PRO H 456 -3.23 -41.43 40.78
C PRO H 456 -1.99 -42.01 40.13
N LYS H 457 -1.59 -43.19 40.58
CA LYS H 457 -0.40 -43.84 40.02
C LYS H 457 -0.74 -44.54 38.72
N GLY H 458 0.09 -44.32 37.70
CA GLY H 458 -0.09 -44.97 36.42
C GLY H 458 -0.67 -44.06 35.35
N VAL H 459 -0.20 -42.83 35.29
CA VAL H 459 -0.71 -41.88 34.31
C VAL H 459 0.00 -42.01 32.96
N ARG H 460 1.30 -42.31 32.96
CA ARG H 460 2.03 -42.42 31.70
C ARG H 460 1.60 -43.67 30.96
N GLY H 461 1.12 -43.49 29.73
CA GLY H 461 0.60 -44.61 28.96
C GLY H 461 -0.80 -45.01 29.34
N ALA H 462 -1.64 -44.07 29.71
CA ALA H 462 -3.00 -44.33 30.14
C ALA H 462 -3.99 -43.86 29.08
N ILE H 463 -5.23 -44.31 29.24
CA ILE H 463 -6.31 -43.96 28.31
C ILE H 463 -6.88 -42.60 28.69
N SER H 464 -7.40 -41.88 27.68
CA SER H 464 -7.96 -40.55 27.93
C SER H 464 -9.13 -40.63 28.90
N SER H 465 -9.98 -41.65 28.76
CA SER H 465 -11.09 -41.82 29.70
C SER H 465 -10.58 -42.07 31.11
N TRP H 466 -9.51 -42.85 31.24
CA TRP H 466 -8.95 -43.16 32.55
C TRP H 466 -8.44 -41.90 33.24
N VAL H 467 -7.66 -41.08 32.51
CA VAL H 467 -7.12 -39.86 33.11
C VAL H 467 -8.24 -38.85 33.38
N LEU H 468 -9.26 -38.81 32.51
CA LEU H 468 -10.39 -37.93 32.77
C LEU H 468 -11.12 -38.34 34.05
N GLU H 469 -11.30 -39.65 34.26
CA GLU H 469 -12.03 -40.11 35.43
C GLU H 469 -11.22 -39.91 36.71
N ASN H 470 -9.92 -40.20 36.67
CA ASN H 470 -9.13 -40.24 37.90
C ASN H 470 -8.38 -38.94 38.20
N LEU H 471 -8.30 -38.01 37.25
CA LEU H 471 -7.57 -36.76 37.46
C LEU H 471 -8.49 -35.56 37.65
N PHE H 472 -9.44 -35.35 36.73
CA PHE H 472 -10.30 -34.18 36.77
C PHE H 472 -11.62 -34.44 37.46
N GLU H 473 -11.86 -35.67 37.93
CA GLU H 473 -13.15 -36.09 38.47
C GLU H 473 -14.27 -35.77 37.47
N VAL H 474 -14.08 -36.27 36.24
CA VAL H 474 -15.04 -36.11 35.17
C VAL H 474 -15.47 -37.49 34.70
N ALA H 475 -16.77 -37.72 34.64
CA ALA H 475 -17.28 -39.02 34.23
C ALA H 475 -16.89 -39.32 32.80
N GLN H 476 -16.68 -40.60 32.51
CA GLN H 476 -16.28 -41.03 31.17
C GLN H 476 -17.34 -40.64 30.15
N ARG H 477 -18.58 -40.84 30.48
CA ARG H 477 -19.76 -40.46 29.72
C ARG H 477 -20.41 -39.24 30.36
N PRO H 478 -21.15 -38.43 29.60
CA PRO H 478 -21.69 -37.19 30.16
C PRO H 478 -22.61 -37.47 31.32
N PRO H 479 -22.65 -36.59 32.32
CA PRO H 479 -23.47 -36.85 33.51
C PRO H 479 -24.96 -36.80 33.22
N GLU H 480 -25.42 -35.73 32.59
CA GLU H 480 -26.82 -35.59 32.22
C GLU H 480 -26.94 -35.63 30.70
N ASP H 481 -27.76 -36.55 30.20
CA ASP H 481 -27.98 -36.75 28.77
C ASP H 481 -29.08 -37.79 28.61
N LYS H 482 -29.80 -37.69 27.49
CA LYS H 482 -30.92 -38.59 27.23
C LYS H 482 -30.47 -40.01 26.88
N TYR H 483 -29.19 -40.22 26.58
CA TYR H 483 -28.71 -41.53 26.15
C TYR H 483 -27.94 -42.27 27.22
N THR H 484 -26.92 -41.65 27.81
CA THR H 484 -26.15 -42.34 28.85
C THR H 484 -27.02 -42.62 30.07
N LYS H 485 -28.05 -41.81 30.31
CA LYS H 485 -29.00 -42.13 31.37
C LYS H 485 -29.73 -43.42 31.06
N LEU H 486 -30.12 -43.63 29.80
CA LEU H 486 -30.73 -44.89 29.41
C LEU H 486 -29.73 -46.04 29.54
N LEU H 487 -28.47 -45.80 29.21
CA LEU H 487 -27.44 -46.82 29.43
C LEU H 487 -27.39 -47.24 30.90
N GLN H 488 -27.33 -46.26 31.81
CA GLN H 488 -27.26 -46.58 33.24
C GLN H 488 -28.54 -47.28 33.70
N GLU H 489 -29.70 -46.81 33.26
CA GLU H 489 -30.95 -47.41 33.68
C GLU H 489 -31.06 -48.85 33.20
N TYR H 490 -30.66 -49.12 31.95
CA TYR H 490 -30.74 -50.48 31.43
C TYR H 490 -29.71 -51.39 32.08
N LYS H 491 -28.53 -50.85 32.41
CA LYS H 491 -27.54 -51.63 33.14
C LYS H 491 -28.06 -52.01 34.53
N ASN H 492 -28.74 -51.07 35.20
CA ASN H 492 -29.35 -51.39 36.48
C ASN H 492 -30.46 -52.42 36.31
N LEU H 493 -31.27 -52.28 35.26
CA LEU H 493 -32.40 -53.18 35.04
C LEU H 493 -31.95 -54.61 34.77
N VAL H 494 -30.92 -54.77 33.94
CA VAL H 494 -30.48 -56.12 33.58
C VAL H 494 -29.90 -56.84 34.78
N PHE H 495 -29.33 -56.11 35.73
CA PHE H 495 -28.78 -56.70 36.94
C PHE H 495 -29.78 -56.78 38.09
N SER H 496 -31.02 -56.37 37.86
CA SER H 496 -32.04 -56.35 38.90
C SER H 496 -33.16 -57.36 38.63
N GLU H 497 -32.82 -58.47 37.98
CA GLU H 497 -33.71 -59.62 37.79
C GLU H 497 -34.79 -59.32 36.76
N LYS H 498 -34.90 -58.06 36.32
CA LYS H 498 -35.87 -57.68 35.30
C LYS H 498 -35.26 -57.88 33.92
N TYR H 499 -35.00 -59.15 33.60
CA TYR H 499 -34.35 -59.51 32.35
C TYR H 499 -35.32 -59.52 31.17
N ALA H 500 -36.59 -59.85 31.40
CA ALA H 500 -37.56 -60.00 30.32
C ALA H 500 -38.66 -58.94 30.39
N SER H 501 -38.44 -57.85 31.12
CA SER H 501 -39.44 -56.80 31.20
C SER H 501 -39.63 -56.14 29.84
N GLU H 502 -40.87 -55.78 29.53
CA GLU H 502 -41.17 -55.14 28.25
C GLU H 502 -40.46 -53.80 28.13
N ASP H 503 -40.46 -52.99 29.19
CA ASP H 503 -39.78 -51.71 29.15
C ASP H 503 -38.27 -51.89 28.99
N ALA H 504 -37.69 -52.85 29.71
CA ALA H 504 -36.26 -53.08 29.59
C ALA H 504 -35.89 -53.52 28.18
N ARG H 505 -36.69 -54.42 27.59
CA ARG H 505 -36.45 -54.86 26.22
C ARG H 505 -36.59 -53.70 25.25
N LYS H 506 -37.57 -52.83 25.46
CA LYS H 506 -37.77 -51.69 24.56
C LYS H 506 -36.57 -50.74 24.62
N LEU H 507 -36.12 -50.41 25.83
CA LEU H 507 -34.95 -49.53 25.96
C LEU H 507 -33.71 -50.16 25.36
N GLY H 508 -33.50 -51.46 25.61
CA GLY H 508 -32.35 -52.13 25.02
C GLY H 508 -32.40 -52.11 23.50
N ALA H 509 -33.59 -52.35 22.93
CA ALA H 509 -33.74 -52.30 21.48
C ALA H 509 -33.45 -50.90 20.94
N THR H 510 -33.94 -49.87 21.61
CA THR H 510 -33.67 -48.50 21.15
C THR H 510 -32.18 -48.18 21.18
N LEU H 511 -31.51 -48.58 22.26
CA LEU H 511 -30.07 -48.31 22.35
C LEU H 511 -29.31 -49.07 21.28
N SER H 512 -29.58 -50.36 21.13
CA SER H 512 -28.90 -51.15 20.10
C SER H 512 -29.25 -50.69 18.69
N GLN H 513 -30.39 -50.02 18.52
CA GLN H 513 -30.77 -49.52 17.20
C GLN H 513 -30.03 -48.23 16.88
N HIS H 514 -30.07 -47.24 17.77
CA HIS H 514 -29.53 -45.94 17.42
C HIS H 514 -28.05 -45.79 17.76
N PHE H 515 -27.63 -46.22 18.94
CA PHE H 515 -26.27 -46.01 19.39
C PHE H 515 -25.30 -47.02 18.79
N GLY H 516 -25.82 -48.01 18.05
CA GLY H 516 -24.98 -48.98 17.38
C GLY H 516 -25.35 -50.41 17.69
N PRO H 517 -25.71 -51.18 16.66
CA PRO H 517 -26.01 -52.61 16.88
C PRO H 517 -24.81 -53.39 17.39
N ASP H 518 -23.69 -53.33 16.67
CA ASP H 518 -22.44 -53.94 17.13
C ASP H 518 -21.61 -52.92 17.89
N ASP H 519 -22.18 -52.46 19.01
CA ASP H 519 -21.57 -51.41 19.80
C ASP H 519 -20.31 -51.92 20.48
N GLU H 520 -19.61 -51.00 21.16
CA GLU H 520 -18.33 -51.34 21.77
C GLU H 520 -18.52 -52.01 23.13
N THR H 521 -19.44 -51.48 23.95
CA THR H 521 -19.72 -52.08 25.25
C THR H 521 -21.06 -52.80 25.32
N LEU H 522 -21.97 -52.53 24.38
CA LEU H 522 -23.24 -53.23 24.37
C LEU H 522 -23.13 -54.66 23.87
N VAL H 523 -22.04 -55.02 23.19
CA VAL H 523 -21.81 -56.42 22.88
C VAL H 523 -21.48 -57.19 24.15
N GLU H 524 -20.75 -56.57 25.07
CA GLU H 524 -20.44 -57.17 26.36
C GLU H 524 -21.50 -56.92 27.41
N LEU H 525 -22.49 -56.09 27.11
CA LEU H 525 -23.60 -55.85 28.03
C LEU H 525 -24.86 -56.61 27.63
N LYS H 526 -25.03 -56.92 26.35
CA LYS H 526 -26.03 -57.88 25.89
C LYS H 526 -25.51 -59.29 26.15
N LEU H 527 -25.22 -59.53 27.41
CA LEU H 527 -24.50 -60.71 27.86
C LEU H 527 -25.12 -61.38 29.06
N GLU H 528 -25.91 -60.68 29.86
CA GLU H 528 -26.61 -61.26 30.99
C GLU H 528 -27.96 -61.85 30.61
N ILE H 529 -28.64 -61.25 29.61
CA ILE H 529 -29.96 -61.74 29.22
C ILE H 529 -29.87 -63.16 28.68
N GLU H 530 -28.87 -63.43 27.84
CA GLU H 530 -28.73 -64.77 27.28
C GLU H 530 -28.46 -65.81 28.36
N LYS H 531 -27.82 -65.42 29.46
CA LYS H 531 -27.54 -66.38 30.52
C LYS H 531 -28.75 -66.56 31.43
N ARG H 532 -29.49 -65.48 31.73
CA ARG H 532 -30.75 -65.66 32.45
C ARG H 532 -31.79 -66.39 31.62
N ILE H 533 -31.61 -66.50 30.31
CA ILE H 533 -32.48 -67.35 29.50
C ILE H 533 -31.99 -68.79 29.48
N TRP H 534 -30.70 -68.99 29.20
CA TRP H 534 -30.17 -70.35 29.04
C TRP H 534 -30.04 -71.06 30.39
N GLU H 535 -29.51 -70.36 31.40
CA GLU H 535 -29.29 -71.02 32.69
C GLU H 535 -30.59 -71.29 33.41
N ASP H 536 -31.57 -70.39 33.29
CA ASP H 536 -32.85 -70.57 33.96
C ASP H 536 -33.68 -71.70 33.36
N ASP H 537 -33.28 -72.23 32.21
CA ASP H 537 -33.98 -73.34 31.58
C ASP H 537 -33.92 -74.59 32.44
N LEU I 5 -59.59 -18.40 -10.71
CA LEU I 5 -58.39 -18.75 -9.97
C LEU I 5 -58.36 -20.24 -9.64
N PRO I 6 -57.17 -20.84 -9.70
CA PRO I 6 -57.06 -22.28 -9.38
C PRO I 6 -57.18 -22.56 -7.88
N SER I 7 -57.11 -23.83 -7.51
CA SER I 7 -57.20 -24.19 -6.09
C SER I 7 -56.03 -23.64 -5.30
N ARG I 8 -54.87 -23.45 -5.94
CA ARG I 8 -53.71 -22.93 -5.25
C ARG I 8 -53.99 -21.56 -4.66
N ILE I 9 -54.46 -20.62 -5.48
CA ILE I 9 -54.73 -19.28 -5.00
C ILE I 9 -55.92 -19.27 -4.04
N THR I 10 -56.92 -20.11 -4.31
CA THR I 10 -58.10 -20.17 -3.45
C THR I 10 -57.71 -20.58 -2.03
N LYS I 11 -56.82 -21.58 -1.90
CA LYS I 11 -56.35 -21.97 -0.58
C LYS I 11 -55.40 -20.94 0.01
N LEU I 12 -54.53 -20.37 -0.84
CA LEU I 12 -53.49 -19.46 -0.34
C LEU I 12 -54.07 -18.18 0.22
N ILE I 13 -55.12 -17.64 -0.41
CA ILE I 13 -55.73 -16.41 0.10
C ILE I 13 -56.30 -16.63 1.48
N LYS I 14 -57.04 -17.73 1.67
CA LYS I 14 -57.63 -18.03 2.97
C LYS I 14 -56.55 -18.29 4.01
N LYS I 15 -55.48 -19.01 3.63
CA LYS I 15 -54.41 -19.27 4.59
C LYS I 15 -53.71 -17.99 5.00
N SER I 16 -53.44 -17.10 4.04
CA SER I 16 -52.78 -15.84 4.35
C SER I 16 -53.65 -14.95 5.24
N GLU I 17 -54.95 -14.90 4.97
CA GLU I 17 -55.85 -14.14 5.84
C GLU I 17 -55.91 -14.75 7.23
N SER I 18 -55.91 -16.08 7.33
CA SER I 18 -55.95 -16.75 8.62
C SER I 18 -54.69 -16.52 9.44
N GLY I 19 -53.57 -16.21 8.80
CA GLY I 19 -52.34 -15.96 9.52
C GLY I 19 -51.17 -16.83 9.10
N ASP I 20 -51.20 -17.33 7.87
CA ASP I 20 -50.08 -18.09 7.33
C ASP I 20 -49.13 -17.16 6.62
N PHE I 21 -47.83 -17.38 6.82
CA PHE I 21 -46.79 -16.46 6.36
C PHE I 21 -46.15 -16.91 5.05
N ALA I 22 -45.89 -18.20 4.88
CA ALA I 22 -45.32 -18.69 3.63
C ALA I 22 -46.28 -18.48 2.47
N SER I 23 -47.57 -18.77 2.68
CA SER I 23 -48.56 -18.52 1.64
C SER I 23 -48.67 -17.04 1.32
N SER I 24 -48.35 -16.17 2.27
CA SER I 24 -48.36 -14.74 2.00
C SER I 24 -47.34 -14.38 0.93
N TYR I 25 -46.11 -14.87 1.06
CA TYR I 25 -45.12 -14.63 0.02
C TYR I 25 -45.42 -15.41 -1.26
N GLN I 26 -46.07 -16.57 -1.15
CA GLN I 26 -46.51 -17.27 -2.36
C GLN I 26 -47.44 -16.38 -3.17
N LEU I 27 -48.47 -15.84 -2.53
CA LEU I 27 -49.40 -14.95 -3.21
C LEU I 27 -48.70 -13.67 -3.67
N TYR I 28 -47.77 -13.15 -2.87
CA TYR I 28 -47.05 -11.95 -3.26
C TYR I 28 -46.24 -12.18 -4.53
N LYS I 29 -45.57 -13.33 -4.64
CA LYS I 29 -44.83 -13.65 -5.84
C LYS I 29 -45.75 -13.89 -7.03
N VAL I 30 -46.88 -14.55 -6.81
CA VAL I 30 -47.82 -14.79 -7.90
C VAL I 30 -48.37 -13.47 -8.45
N PHE I 31 -48.77 -12.56 -7.57
CA PHE I 31 -49.36 -11.30 -8.00
C PHE I 31 -48.32 -10.23 -8.32
N GLY I 32 -47.05 -10.46 -8.05
CA GLY I 32 -46.02 -9.48 -8.34
C GLY I 32 -45.07 -9.89 -9.45
N SER I 33 -45.22 -11.13 -9.93
CA SER I 33 -44.39 -11.65 -11.00
C SER I 33 -45.28 -12.40 -11.98
N LYS I 34 -44.64 -13.11 -12.92
CA LYS I 34 -45.35 -13.86 -13.95
C LYS I 34 -45.48 -15.34 -13.60
N GLU I 35 -45.55 -15.66 -12.31
CA GLU I 35 -45.71 -17.05 -11.89
C GLU I 35 -47.07 -17.57 -12.31
N TYR I 36 -47.07 -18.77 -12.92
CA TYR I 36 -48.27 -19.45 -13.41
C TYR I 36 -49.02 -18.66 -14.46
N GLY I 37 -48.42 -17.61 -15.02
CA GLY I 37 -49.06 -16.81 -16.04
C GLY I 37 -50.13 -15.87 -15.53
N VAL I 38 -50.26 -15.71 -14.22
CA VAL I 38 -51.29 -14.83 -13.67
C VAL I 38 -50.90 -13.38 -13.91
N GLU I 39 -51.84 -12.59 -14.40
CA GLU I 39 -51.58 -11.17 -14.63
C GLU I 39 -51.29 -10.49 -13.30
N PRO I 40 -50.23 -9.69 -13.19
CA PRO I 40 -49.89 -9.08 -11.91
C PRO I 40 -50.95 -8.09 -11.46
N ASP I 41 -51.14 -8.02 -10.15
CA ASP I 41 -52.06 -7.08 -9.51
C ASP I 41 -51.26 -6.30 -8.47
N GLU I 42 -50.91 -5.06 -8.80
CA GLU I 42 -50.04 -4.28 -7.93
C GLU I 42 -50.69 -4.01 -6.57
N LYS I 43 -51.97 -3.66 -6.57
CA LYS I 43 -52.66 -3.39 -5.31
C LYS I 43 -52.73 -4.65 -4.45
N MET I 44 -53.09 -5.78 -5.07
CA MET I 44 -53.17 -7.03 -4.31
C MET I 44 -51.81 -7.46 -3.81
N SER I 45 -50.77 -7.31 -4.63
CA SER I 45 -49.42 -7.67 -4.21
C SER I 45 -48.96 -6.80 -3.04
N ASP I 46 -49.22 -5.49 -3.11
CA ASP I 46 -48.84 -4.60 -2.02
C ASP I 46 -49.60 -4.93 -0.74
N TYR I 47 -50.90 -5.22 -0.86
CA TYR I 47 -51.68 -5.60 0.31
C TYR I 47 -51.17 -6.89 0.92
N PHE I 48 -50.82 -7.87 0.08
CA PHE I 48 -50.27 -9.13 0.59
C PHE I 48 -48.94 -8.91 1.28
N LYS I 49 -48.08 -8.07 0.72
CA LYS I 49 -46.79 -7.77 1.35
C LYS I 49 -46.99 -7.08 2.69
N GLU I 50 -47.92 -6.13 2.75
CA GLU I 50 -48.17 -5.43 4.02
C GLU I 50 -48.74 -6.39 5.07
N LEU I 51 -49.64 -7.28 4.66
CA LEU I 51 -50.18 -8.26 5.59
C LEU I 51 -49.10 -9.23 6.07
N SER I 52 -48.22 -9.66 5.18
CA SER I 52 -47.12 -10.53 5.57
C SER I 52 -46.19 -9.83 6.56
N ALA I 53 -45.93 -8.54 6.34
CA ALA I 53 -45.13 -7.78 7.29
C ALA I 53 -45.81 -7.72 8.65
N LYS I 54 -47.15 -7.64 8.66
CA LYS I 54 -47.90 -7.59 9.90
C LYS I 54 -47.91 -8.92 10.64
N GLN I 55 -47.45 -10.00 10.03
CA GLN I 55 -47.46 -11.33 10.64
C GLN I 55 -46.07 -11.93 10.59
N LEU I 56 -45.06 -11.16 10.99
CA LEU I 56 -43.68 -11.64 11.01
C LEU I 56 -43.25 -12.15 12.38
N GLU I 57 -43.99 -11.83 13.43
CA GLU I 57 -43.59 -12.23 14.77
C GLU I 57 -43.69 -13.74 14.94
N GLY I 58 -42.80 -14.28 15.79
CA GLY I 58 -42.76 -15.70 16.05
C GLY I 58 -41.85 -16.50 15.15
N GLY I 59 -41.09 -15.84 14.27
CA GLY I 59 -40.20 -16.53 13.36
C GLY I 59 -38.77 -16.63 13.88
N GLN I 60 -38.00 -17.48 13.21
CA GLN I 60 -36.59 -17.69 13.53
C GLN I 60 -35.77 -17.62 12.26
N LEU I 61 -34.54 -17.14 12.39
CA LEU I 61 -33.61 -16.98 11.27
C LEU I 61 -32.48 -17.97 11.44
N ARG I 62 -32.27 -18.82 10.43
CA ARG I 62 -31.23 -19.83 10.44
C ARG I 62 -30.55 -19.86 9.09
N VAL I 63 -29.52 -20.70 8.97
CA VAL I 63 -28.79 -20.89 7.72
C VAL I 63 -29.14 -22.26 7.16
N ALA I 64 -29.61 -22.28 5.91
CA ALA I 64 -30.06 -23.52 5.30
C ALA I 64 -28.88 -24.39 4.86
N ASP I 65 -28.08 -23.89 3.94
CA ASP I 65 -26.95 -24.65 3.42
C ASP I 65 -25.85 -23.69 2.98
N ILE I 66 -24.66 -24.25 2.77
CA ILE I 66 -23.49 -23.49 2.38
C ILE I 66 -22.81 -24.18 1.21
N HIS I 67 -22.42 -23.40 0.21
CA HIS I 67 -21.78 -23.93 -1.00
C HIS I 67 -20.53 -23.10 -1.28
N LEU I 68 -19.37 -23.77 -1.28
CA LEU I 68 -18.10 -23.12 -1.57
C LEU I 68 -17.59 -23.62 -2.92
N GLU I 69 -17.14 -22.70 -3.76
CA GLU I 69 -16.58 -23.03 -5.07
C GLU I 69 -15.22 -22.34 -5.20
N ASN I 70 -14.15 -23.12 -5.09
CA ASN I 70 -12.78 -22.64 -5.29
C ASN I 70 -12.45 -21.50 -4.32
N TYR I 71 -12.71 -21.73 -3.04
CA TYR I 71 -12.40 -20.76 -1.99
C TYR I 71 -11.38 -21.38 -1.05
N LYS I 72 -10.22 -20.72 -0.92
CA LYS I 72 -9.11 -21.22 -0.12
C LYS I 72 -8.74 -22.65 -0.52
N GLY I 73 -8.88 -23.59 0.41
CA GLY I 73 -8.52 -24.97 0.13
C GLY I 73 -9.65 -25.79 -0.46
N PHE I 74 -10.89 -25.31 -0.30
CA PHE I 74 -12.05 -26.03 -0.81
C PHE I 74 -12.29 -25.69 -2.27
N GLU I 75 -12.56 -26.71 -3.07
CA GLU I 75 -12.91 -26.52 -4.48
C GLU I 75 -14.38 -26.74 -4.77
N SER I 76 -15.05 -27.62 -4.03
CA SER I 76 -16.48 -27.84 -4.18
C SER I 76 -16.98 -28.46 -2.88
N LEU I 77 -17.71 -27.69 -2.07
CA LEU I 77 -18.13 -28.14 -0.75
C LEU I 77 -19.58 -27.69 -0.53
N ILE I 78 -20.50 -28.64 -0.64
CA ILE I 78 -21.90 -28.44 -0.30
C ILE I 78 -22.17 -29.12 1.04
N MET I 79 -22.88 -28.44 1.93
CA MET I 79 -23.12 -28.98 3.25
C MET I 79 -24.39 -28.37 3.82
N ASP I 80 -25.30 -29.23 4.27
CA ASP I 80 -26.60 -28.80 4.79
C ASP I 80 -26.56 -28.70 6.31
N PHE I 81 -27.36 -27.77 6.83
CA PHE I 81 -27.48 -27.55 8.27
C PHE I 81 -28.84 -28.02 8.75
N SER I 82 -28.85 -28.78 9.84
CA SER I 82 -30.09 -29.32 10.36
C SER I 82 -31.02 -28.21 10.85
N MET I 83 -32.31 -28.35 10.56
CA MET I 83 -33.31 -27.39 10.97
C MET I 83 -34.09 -27.82 12.20
N LYS I 84 -34.18 -29.13 12.46
CA LYS I 84 -34.90 -29.60 13.64
C LYS I 84 -34.17 -29.21 14.92
N LYS I 85 -32.85 -29.24 14.91
CA LYS I 85 -32.05 -29.00 16.09
C LYS I 85 -31.12 -27.82 15.87
N ASN I 86 -30.99 -26.97 16.88
CA ASN I 86 -30.35 -25.67 16.72
C ASN I 86 -28.85 -25.81 16.51
N SER I 87 -28.17 -26.59 17.35
CA SER I 87 -26.72 -26.58 17.40
C SER I 87 -26.11 -27.54 16.38
N THR I 88 -25.06 -27.08 15.71
CA THR I 88 -24.25 -27.90 14.83
C THR I 88 -22.79 -27.75 15.23
N ILE I 89 -22.02 -28.82 15.01
CA ILE I 89 -20.63 -28.90 15.46
C ILE I 89 -19.73 -29.16 14.27
N LEU I 90 -18.61 -28.45 14.22
CA LEU I 90 -17.59 -28.63 13.21
C LEU I 90 -16.33 -29.18 13.85
N VAL I 91 -15.85 -30.31 13.35
CA VAL I 91 -14.71 -31.03 13.90
C VAL I 91 -13.65 -31.18 12.82
N GLY I 92 -12.41 -30.85 13.15
CA GLY I 92 -11.32 -30.88 12.18
C GLY I 92 -10.22 -31.84 12.60
N ASN I 93 -9.62 -32.50 11.61
CA ASN I 93 -8.51 -33.40 11.80
C ASN I 93 -7.20 -32.66 11.56
N ASN I 94 -6.10 -33.40 11.46
CA ASN I 94 -4.83 -32.82 11.06
C ASN I 94 -4.99 -32.14 9.71
N GLY I 95 -4.49 -30.90 9.59
CA GLY I 95 -4.73 -30.11 8.41
C GLY I 95 -6.20 -29.79 8.23
N CYS I 96 -6.83 -29.29 9.29
CA CYS I 96 -8.27 -29.08 9.31
C CYS I 96 -8.65 -27.93 8.39
N GLY I 97 -9.95 -27.62 8.37
CA GLY I 97 -10.46 -26.54 7.56
C GLY I 97 -11.54 -25.74 8.25
N LYS I 98 -11.58 -25.76 9.58
CA LYS I 98 -12.57 -24.97 10.30
C LYS I 98 -12.09 -23.54 10.47
N SER I 99 -11.67 -22.93 9.37
CA SER I 99 -11.37 -21.50 9.30
C SER I 99 -11.85 -20.88 8.00
N THR I 100 -12.32 -21.68 7.05
CA THR I 100 -12.81 -21.22 5.75
C THR I 100 -14.33 -21.08 5.72
N ILE I 101 -15.04 -22.11 6.18
CA ILE I 101 -16.49 -22.05 6.26
C ILE I 101 -16.93 -20.93 7.20
N LEU I 102 -16.24 -20.81 8.34
CA LEU I 102 -16.56 -19.75 9.29
C LEU I 102 -16.33 -18.37 8.68
N ASP I 103 -15.25 -18.20 7.91
CA ASP I 103 -14.99 -16.92 7.26
C ASP I 103 -16.07 -16.60 6.23
N ALA I 104 -16.47 -17.59 5.42
CA ALA I 104 -17.51 -17.35 4.43
C ALA I 104 -18.83 -16.99 5.10
N ILE I 105 -19.18 -17.69 6.17
CA ILE I 105 -20.41 -17.38 6.89
C ILE I 105 -20.31 -16.01 7.55
N GLN I 106 -19.12 -15.63 8.02
CA GLN I 106 -18.91 -14.30 8.55
C GLN I 106 -19.20 -13.23 7.50
N LYS I 107 -18.68 -13.43 6.29
CA LYS I 107 -18.92 -12.47 5.22
C LYS I 107 -20.41 -12.37 4.89
N GLY I 108 -21.08 -13.52 4.77
CA GLY I 108 -22.50 -13.50 4.48
C GLY I 108 -23.32 -12.84 5.58
N LEU I 109 -22.97 -13.12 6.83
CA LEU I 109 -23.68 -12.52 7.95
C LEU I 109 -23.43 -11.02 8.03
N THR I 110 -22.23 -10.56 7.66
CA THR I 110 -22.00 -9.12 7.60
C THR I 110 -22.86 -8.48 6.51
N HIS I 111 -22.94 -9.14 5.35
CA HIS I 111 -23.83 -8.64 4.30
C HIS I 111 -25.28 -8.55 4.78
N LEU I 112 -25.74 -9.58 5.49
CA LEU I 112 -27.10 -9.56 6.02
C LEU I 112 -27.28 -8.45 7.05
N SER I 113 -26.34 -8.32 7.98
CA SER I 113 -26.47 -7.36 9.07
C SER I 113 -26.42 -5.92 8.56
N SER I 114 -25.72 -5.69 7.46
CA SER I 114 -25.73 -4.35 6.87
C SER I 114 -27.14 -3.95 6.45
N ARG I 115 -27.88 -4.88 5.84
CA ARG I 115 -29.21 -4.57 5.34
C ARG I 115 -30.27 -4.61 6.43
N LEU I 116 -30.11 -5.48 7.42
CA LEU I 116 -31.14 -5.59 8.47
C LEU I 116 -31.24 -4.35 9.34
N SER I 117 -30.27 -3.44 9.26
CA SER I 117 -30.30 -2.19 10.00
C SER I 117 -30.49 -1.02 9.05
N THR I 118 -30.79 0.14 9.63
CA THR I 118 -30.90 1.38 8.87
C THR I 118 -29.54 1.96 8.48
N ARG I 119 -28.46 1.23 8.71
CA ARG I 119 -27.12 1.70 8.40
C ARG I 119 -26.81 1.46 6.93
N SER I 120 -25.52 1.47 6.58
CA SER I 120 -25.08 1.32 5.21
C SER I 120 -25.51 -0.04 4.63
N HIS I 121 -25.43 -0.14 3.31
CA HIS I 121 -26.04 -1.25 2.58
C HIS I 121 -25.08 -2.38 2.24
N ASN I 122 -23.77 -2.11 2.12
CA ASN I 122 -22.84 -3.11 1.66
C ASN I 122 -21.57 -3.10 2.51
N GLY I 123 -20.85 -4.23 2.47
CA GLY I 123 -19.61 -4.37 3.19
C GLY I 123 -18.92 -5.70 2.98
N ASP I 124 -17.58 -5.70 2.99
CA ASP I 124 -16.76 -6.90 2.89
C ASP I 124 -16.87 -7.59 1.53
N GLY I 125 -15.93 -8.48 1.24
CA GLY I 125 -15.91 -9.19 -0.02
C GLY I 125 -14.75 -10.15 -0.07
N ILE I 126 -14.62 -10.82 -1.21
CA ILE I 126 -13.57 -11.81 -1.42
C ILE I 126 -12.32 -11.11 -1.93
N GLU I 127 -11.17 -11.43 -1.33
CA GLU I 127 -9.90 -10.86 -1.74
C GLU I 127 -9.12 -11.86 -2.58
N LYS I 128 -8.04 -11.36 -3.20
CA LYS I 128 -7.24 -12.17 -4.09
C LYS I 128 -6.52 -13.29 -3.35
N HIS I 129 -6.04 -13.01 -2.14
CA HIS I 129 -5.28 -14.01 -1.39
C HIS I 129 -6.13 -15.19 -0.96
N GLU I 130 -7.46 -15.04 -0.95
CA GLU I 130 -8.35 -16.13 -0.61
C GLU I 130 -8.61 -17.07 -1.79
N LEU I 131 -8.21 -16.68 -2.99
CA LEU I 131 -8.42 -17.52 -4.16
C LEU I 131 -7.55 -18.77 -4.10
N ARG I 132 -8.10 -19.89 -4.55
CA ARG I 132 -7.34 -21.12 -4.63
C ARG I 132 -6.26 -21.00 -5.70
N LYS I 133 -5.12 -21.63 -5.45
CA LYS I 133 -3.99 -21.54 -6.37
C LYS I 133 -4.34 -22.17 -7.71
N GLY I 134 -3.99 -21.48 -8.79
CA GLY I 134 -4.20 -21.98 -10.13
C GLY I 134 -5.61 -21.85 -10.66
N GLN I 135 -6.51 -21.22 -9.91
CA GLN I 135 -7.90 -21.09 -10.33
C GLN I 135 -8.31 -19.62 -10.28
N ASN I 136 -9.41 -19.30 -10.96
CA ASN I 136 -9.82 -17.93 -11.18
C ASN I 136 -11.09 -17.55 -10.43
N TYR I 137 -12.17 -18.31 -10.58
CA TYR I 137 -13.44 -17.93 -9.99
C TYR I 137 -13.53 -18.39 -8.55
N ALA I 138 -14.44 -17.76 -7.81
CA ALA I 138 -14.73 -18.13 -6.43
C ALA I 138 -16.12 -17.64 -6.08
N SER I 139 -16.90 -18.47 -5.41
CA SER I 139 -18.28 -18.12 -5.08
C SER I 139 -18.66 -18.74 -3.75
N ILE I 140 -19.32 -17.95 -2.91
CA ILE I 140 -19.96 -18.43 -1.69
C ILE I 140 -21.47 -18.31 -1.89
N ALA I 141 -22.18 -19.42 -1.72
CA ALA I 141 -23.60 -19.46 -2.05
C ALA I 141 -24.45 -19.89 -0.85
N ILE I 142 -24.20 -19.27 0.31
CA ILE I 142 -25.00 -19.59 1.48
C ILE I 142 -26.45 -19.20 1.26
N ASN I 143 -27.37 -20.01 1.79
CA ASN I 143 -28.79 -19.78 1.67
C ASN I 143 -29.38 -19.61 3.07
N TYR I 144 -30.16 -18.55 3.26
CA TYR I 144 -30.80 -18.28 4.53
C TYR I 144 -32.26 -18.73 4.50
N ASP I 145 -32.88 -18.69 5.67
CA ASP I 145 -34.28 -19.08 5.82
C ASP I 145 -34.86 -18.37 7.04
N TYR I 146 -36.12 -17.98 6.94
CA TYR I 146 -36.86 -17.41 8.06
C TYR I 146 -38.16 -18.22 8.15
N MET I 147 -38.07 -19.37 8.80
CA MET I 147 -39.18 -20.30 9.06
C MET I 147 -40.12 -20.43 7.86
N GLY I 148 -39.58 -20.32 6.65
CA GLY I 148 -40.41 -20.30 5.46
C GLY I 148 -39.64 -20.26 4.15
N ILE I 149 -40.03 -19.36 3.26
CA ILE I 149 -39.43 -19.29 1.93
C ILE I 149 -37.93 -19.03 2.04
N ARG I 150 -37.16 -19.75 1.23
CA ARG I 150 -35.71 -19.64 1.25
C ARG I 150 -35.29 -18.32 0.61
N PHE I 151 -34.37 -17.62 1.27
CA PHE I 151 -33.85 -16.34 0.76
C PHE I 151 -32.37 -16.49 0.43
N PRO I 152 -32.01 -16.66 -0.84
CA PRO I 152 -30.64 -17.00 -1.21
C PRO I 152 -29.73 -15.78 -1.29
N MET I 153 -28.43 -16.06 -1.45
CA MET I 153 -27.38 -15.07 -1.68
C MET I 153 -26.17 -15.78 -2.24
N ILE I 154 -25.55 -15.16 -3.25
CA ILE I 154 -24.29 -15.64 -3.81
C ILE I 154 -23.29 -14.50 -3.75
N ILE I 155 -22.17 -14.72 -3.06
CA ILE I 155 -21.08 -13.76 -2.99
C ILE I 155 -19.95 -14.33 -3.84
N ALA I 156 -19.64 -13.65 -4.95
CA ALA I 156 -18.66 -14.13 -5.90
C ALA I 156 -17.68 -13.03 -6.25
N THR I 157 -16.45 -13.44 -6.58
CA THR I 157 -15.41 -12.52 -7.02
C THR I 157 -14.52 -13.24 -8.00
N THR I 158 -14.42 -12.72 -9.22
CA THR I 158 -13.61 -13.32 -10.27
C THR I 158 -12.54 -12.34 -10.72
N GLU I 159 -11.38 -12.86 -11.07
CA GLU I 159 -10.33 -12.03 -11.63
C GLU I 159 -10.79 -11.47 -12.97
N PRO I 160 -10.39 -10.24 -13.31
CA PRO I 160 -10.72 -9.70 -14.63
C PRO I 160 -10.18 -10.61 -15.73
N GLY I 161 -10.94 -10.71 -16.81
CA GLY I 161 -10.72 -11.81 -17.74
C GLY I 161 -11.84 -12.82 -17.68
N TYR I 162 -11.63 -13.91 -16.96
CA TYR I 162 -12.67 -14.92 -16.80
C TYR I 162 -13.77 -14.36 -15.89
N GLU I 163 -14.70 -13.63 -16.49
CA GLU I 163 -15.69 -12.84 -15.76
C GLU I 163 -17.09 -13.44 -15.78
N ASP I 164 -17.43 -14.25 -16.77
CA ASP I 164 -18.76 -14.80 -16.93
C ASP I 164 -18.99 -16.08 -16.15
N ARG I 165 -17.96 -16.64 -15.52
CA ARG I 165 -18.08 -17.94 -14.85
C ARG I 165 -18.64 -17.85 -13.44
N ALA I 166 -18.72 -16.65 -12.86
CA ALA I 166 -19.28 -16.51 -11.51
C ALA I 166 -19.66 -15.06 -11.28
N LYS I 167 -20.92 -14.82 -10.93
CA LYS I 167 -21.42 -13.49 -10.62
C LYS I 167 -22.25 -13.54 -9.34
N SER I 168 -22.29 -12.41 -8.64
CA SER I 168 -23.03 -12.30 -7.40
C SER I 168 -24.49 -11.96 -7.66
N ASN I 169 -25.34 -12.34 -6.71
CA ASN I 169 -26.78 -12.07 -6.79
C ASN I 169 -27.29 -11.87 -5.38
N TYR I 170 -27.72 -10.64 -5.07
CA TYR I 170 -28.16 -10.28 -3.73
C TYR I 170 -29.67 -10.04 -3.68
N SER I 171 -30.42 -10.72 -4.55
CA SER I 171 -31.85 -10.44 -4.68
C SER I 171 -32.62 -10.81 -3.43
N GLY I 172 -32.43 -12.03 -2.92
CA GLY I 172 -33.22 -12.47 -1.79
C GLY I 172 -32.94 -11.71 -0.51
N ILE I 173 -31.66 -11.43 -0.25
CA ILE I 173 -31.29 -10.75 1.00
C ILE I 173 -31.75 -9.31 0.97
N ASN I 174 -31.69 -8.66 -0.19
CA ASN I 174 -32.24 -7.31 -0.31
C ASN I 174 -33.74 -7.32 -0.02
N GLU I 175 -34.45 -8.33 -0.54
CA GLU I 175 -35.88 -8.45 -0.26
C GLU I 175 -36.13 -8.64 1.23
N LEU I 176 -35.32 -9.48 1.89
CA LEU I 176 -35.52 -9.74 3.30
C LEU I 176 -35.26 -8.49 4.14
N GLY I 177 -34.22 -7.73 3.78
CA GLY I 177 -33.96 -6.47 4.44
C GLY I 177 -35.09 -5.48 4.24
N SER I 178 -35.67 -5.46 3.04
CA SER I 178 -36.84 -4.63 2.80
C SER I 178 -38.01 -5.07 3.67
N ILE I 179 -38.16 -6.38 3.88
CA ILE I 179 -39.21 -6.89 4.75
C ILE I 179 -39.04 -6.36 6.17
N PHE I 180 -37.82 -6.48 6.72
CA PHE I 180 -37.61 -5.95 8.06
C PHE I 180 -37.76 -4.43 8.11
N LYS I 181 -37.34 -3.72 7.06
CA LYS I 181 -37.51 -2.27 7.05
C LYS I 181 -38.98 -1.89 7.07
N THR I 182 -39.81 -2.62 6.32
CA THR I 182 -41.26 -2.39 6.38
C THR I 182 -41.81 -2.77 7.74
N ALA I 183 -41.27 -3.82 8.35
CA ALA I 183 -41.73 -4.23 9.68
C ALA I 183 -41.48 -3.16 10.71
N HIS I 184 -40.32 -2.50 10.65
CA HIS I 184 -40.02 -1.43 11.60
C HIS I 184 -40.96 -0.24 11.44
N SER I 185 -41.60 -0.09 10.28
CA SER I 185 -42.51 1.03 10.06
C SER I 185 -43.89 0.74 10.64
N ILE I 186 -44.45 -0.44 10.33
CA ILE I 186 -45.79 -0.77 10.81
C ILE I 186 -45.79 -0.95 12.32
N ASN I 187 -44.74 -1.55 12.87
CA ASN I 187 -44.61 -1.76 14.31
C ASN I 187 -43.25 -1.24 14.74
N PRO I 188 -43.17 -0.11 15.44
CA PRO I 188 -41.86 0.43 15.83
C PRO I 188 -41.03 -0.54 16.65
N ASN I 189 -41.64 -1.23 17.60
CA ASN I 189 -40.92 -2.21 18.42
C ASN I 189 -41.16 -3.63 17.92
N VAL I 190 -40.58 -3.90 16.75
CA VAL I 190 -40.69 -5.21 16.10
C VAL I 190 -39.41 -5.98 16.35
N SER I 191 -39.52 -7.29 16.52
CA SER I 191 -38.38 -8.13 16.86
C SER I 191 -37.46 -8.31 15.66
N PHE I 192 -36.16 -8.26 15.92
CA PHE I 192 -35.10 -8.46 14.94
C PHE I 192 -34.17 -9.59 15.37
N PRO I 193 -33.55 -10.28 14.43
CA PRO I 193 -32.65 -11.38 14.80
C PRO I 193 -31.27 -10.89 15.20
N LEU I 194 -30.53 -11.78 15.85
CA LEU I 194 -29.20 -11.47 16.35
C LEU I 194 -28.15 -12.15 15.48
N ILE I 195 -27.18 -11.37 15.02
CA ILE I 195 -26.09 -11.87 14.19
C ILE I 195 -24.78 -11.40 14.79
N ALA I 196 -23.91 -12.35 15.14
CA ALA I 196 -22.61 -12.02 15.71
C ALA I 196 -21.67 -13.19 15.53
N MET I 197 -20.37 -12.89 15.46
CA MET I 197 -19.33 -13.90 15.38
C MET I 197 -18.23 -13.56 16.37
N TYR I 198 -17.60 -14.60 16.92
CA TYR I 198 -16.53 -14.45 17.90
C TYR I 198 -15.33 -15.27 17.47
N THR I 199 -14.22 -14.60 17.17
CA THR I 199 -12.96 -15.27 16.88
C THR I 199 -12.30 -15.66 18.19
N VAL I 200 -11.01 -16.03 18.13
CA VAL I 200 -10.28 -16.37 19.34
C VAL I 200 -9.96 -15.15 20.18
N GLU I 201 -10.11 -13.95 19.63
CA GLU I 201 -9.70 -12.70 20.27
C GLU I 201 -10.66 -12.23 21.37
N ARG I 202 -11.57 -13.09 21.84
CA ARG I 202 -12.52 -12.67 22.87
C ARG I 202 -11.81 -12.31 24.17
N ALA I 203 -10.87 -13.14 24.60
CA ALA I 203 -10.21 -12.95 25.89
C ALA I 203 -8.74 -12.61 25.78
N ASN I 204 -8.13 -12.72 24.59
CA ASN I 204 -6.71 -12.46 24.45
C ASN I 204 -6.37 -10.97 24.55
N ASP I 205 -7.33 -10.08 24.26
CA ASP I 205 -7.06 -8.65 24.30
C ASP I 205 -8.20 -7.84 24.92
N VAL I 206 -9.16 -8.50 25.59
CA VAL I 206 -10.32 -7.83 26.14
C VAL I 206 -10.44 -8.25 27.60
N SER I 207 -11.19 -7.46 28.37
CA SER I 207 -11.45 -7.64 29.80
C SER I 207 -10.27 -7.23 30.67
N THR I 208 -9.36 -6.42 30.12
CA THR I 208 -8.25 -5.88 30.90
C THR I 208 -8.00 -4.41 30.56
N ARG I 209 -8.95 -3.74 29.90
CA ARG I 209 -8.78 -2.35 29.47
C ARG I 209 -9.71 -1.40 30.19
N ASP I 210 -10.11 -1.74 31.41
CA ASP I 210 -10.97 -0.87 32.20
C ASP I 210 -10.27 0.45 32.51
N ILE I 211 -9.21 0.38 33.31
CA ILE I 211 -8.41 1.53 33.76
C ILE I 211 -9.34 2.70 34.06
N GLU I 212 -9.38 3.68 33.15
CA GLU I 212 -10.32 4.78 33.25
C GLU I 212 -10.87 5.23 31.90
N ASN I 213 -10.52 4.56 30.80
CA ASN I 213 -10.90 5.04 29.48
C ASN I 213 -12.38 4.81 29.18
N SER I 214 -13.04 3.90 29.90
CA SER I 214 -14.46 3.68 29.67
C SER I 214 -15.28 4.92 30.00
N GLU I 215 -14.95 5.58 31.10
CA GLU I 215 -15.64 6.81 31.51
C GLU I 215 -14.94 8.06 31.01
N GLU I 216 -13.83 7.93 30.31
CA GLU I 216 -13.10 9.09 29.80
C GLU I 216 -13.84 9.75 28.64
N GLN I 221 -24.58 7.53 24.90
CA GLN I 221 -25.08 6.43 25.70
C GLN I 221 -26.51 6.07 25.32
N ILE I 222 -26.73 5.82 24.04
CA ILE I 222 -28.05 5.51 23.52
C ILE I 222 -28.20 4.00 23.44
N TRP I 223 -29.46 3.54 23.44
CA TRP I 223 -29.80 2.13 23.38
C TRP I 223 -30.58 1.81 22.11
N ASP I 224 -30.13 2.37 20.98
CA ASP I 224 -30.80 2.12 19.71
C ASP I 224 -30.71 0.63 19.35
N LYS I 225 -31.82 0.09 18.86
CA LYS I 225 -31.84 -1.31 18.45
C LYS I 225 -30.89 -1.56 17.30
N PHE I 226 -30.83 -0.62 16.34
CA PHE I 226 -29.97 -0.79 15.18
C PHE I 226 -28.49 -0.78 15.54
N LYS I 227 -28.11 -0.16 16.66
CA LYS I 227 -26.72 -0.14 17.08
C LYS I 227 -26.25 -1.48 17.63
N ALA I 228 -27.17 -2.44 17.85
CA ALA I 228 -26.77 -3.75 18.33
C ALA I 228 -25.98 -4.55 17.30
N TYR I 229 -26.01 -4.15 16.04
CA TYR I 229 -25.23 -4.80 14.99
C TYR I 229 -23.86 -4.18 14.80
N ASN I 230 -23.50 -3.20 15.63
CA ASN I 230 -22.19 -2.56 15.53
C ASN I 230 -21.12 -3.44 16.15
N LYS I 231 -20.07 -3.73 15.37
CA LYS I 231 -18.92 -4.52 15.80
C LYS I 231 -19.32 -5.93 16.24
N SER I 232 -20.49 -6.41 15.82
CA SER I 232 -20.92 -7.75 16.20
C SER I 232 -20.17 -8.82 15.43
N LEU I 233 -19.84 -8.55 14.16
CA LEU I 233 -19.12 -9.51 13.32
C LEU I 233 -17.62 -9.32 13.38
N THR I 234 -17.11 -8.39 14.19
CA THR I 234 -15.68 -8.15 14.28
C THR I 234 -14.93 -9.30 14.94
N GLY I 235 -15.63 -10.21 15.62
CA GLY I 235 -14.98 -11.33 16.26
C GLY I 235 -14.39 -11.05 17.63
N LYS I 236 -14.60 -9.86 18.17
CA LYS I 236 -14.08 -9.50 19.49
C LYS I 236 -15.26 -9.32 20.44
N ALA I 237 -15.25 -10.07 21.54
CA ALA I 237 -16.29 -9.97 22.55
C ALA I 237 -16.05 -8.69 23.34
N ASP I 238 -16.82 -7.64 23.03
CA ASP I 238 -16.60 -6.33 23.63
C ASP I 238 -17.06 -6.31 25.08
N PHE I 239 -16.20 -6.74 26.00
CA PHE I 239 -16.53 -6.69 27.41
C PHE I 239 -16.56 -5.26 27.94
N LYS I 240 -15.82 -4.35 27.28
CA LYS I 240 -15.84 -2.95 27.68
C LYS I 240 -17.23 -2.35 27.50
N LEU I 241 -17.88 -2.66 26.38
CA LEU I 241 -19.24 -2.17 26.15
C LEU I 241 -20.22 -2.75 27.17
N PHE I 242 -20.05 -4.02 27.52
CA PHE I 242 -20.94 -4.63 28.51
C PHE I 242 -20.73 -4.01 29.89
N PHE I 243 -19.48 -3.71 30.25
CA PHE I 243 -19.22 -3.04 31.51
C PHE I 243 -19.78 -1.62 31.51
N ARG I 244 -19.70 -0.94 30.37
CA ARG I 244 -20.31 0.38 30.25
C ARG I 244 -21.82 0.30 30.44
N TRP I 245 -22.46 -0.72 29.85
CA TRP I 245 -23.88 -0.92 30.07
C TRP I 245 -24.18 -1.20 31.54
N PHE I 246 -23.35 -2.01 32.19
CA PHE I 246 -23.57 -2.34 33.60
C PHE I 246 -23.48 -1.10 34.47
N LYS I 247 -22.51 -0.22 34.19
CA LYS I 247 -22.42 1.03 34.93
C LYS I 247 -23.60 1.94 34.64
N GLU I 248 -24.00 2.04 33.37
CA GLU I 248 -25.02 3.01 32.96
C GLU I 248 -26.43 2.54 33.26
N LEU I 249 -26.62 1.26 33.55
CA LEU I 249 -27.90 0.70 34.00
C LEU I 249 -27.65 0.07 35.36
N ILE I 250 -27.71 0.90 36.40
CA ILE I 250 -27.60 0.47 37.79
C ILE I 250 -28.77 1.09 38.52
N GLU I 251 -29.84 1.38 37.78
CA GLU I 251 -30.99 2.16 38.22
C GLU I 251 -30.54 3.59 38.48
N ILE I 252 -30.06 3.85 39.71
CA ILE I 252 -29.48 5.11 40.22
C ILE I 252 -30.43 6.29 39.96
N GLU I 253 -30.19 7.41 40.65
CA GLU I 253 -31.07 8.56 40.58
C GLU I 253 -30.35 9.75 39.95
N ASN I 254 -30.90 10.25 38.84
CA ASN I 254 -30.46 11.50 38.20
C ASN I 254 -28.96 11.49 37.93
N SER I 255 -28.48 10.40 37.33
CA SER I 255 -27.09 10.28 36.93
C SER I 255 -26.90 10.38 35.43
N ASP I 256 -27.68 9.63 34.65
CA ASP I 256 -27.65 9.68 33.19
C ASP I 256 -28.77 10.52 32.62
N ASN I 257 -29.14 11.60 33.30
CA ASN I 257 -30.24 12.45 32.85
C ASN I 257 -29.95 13.13 31.52
N ALA I 258 -28.68 13.19 31.11
CA ALA I 258 -28.35 13.71 29.79
C ALA I 258 -28.96 12.87 28.69
N ASP I 259 -28.97 11.54 28.87
CA ASP I 259 -29.61 10.65 27.90
C ASP I 259 -31.11 10.93 27.80
N ILE I 260 -31.76 11.12 28.95
CA ILE I 260 -33.19 11.42 28.96
C ILE I 260 -33.44 12.80 28.38
N THR I 261 -32.55 13.76 28.67
CA THR I 261 -32.66 15.08 28.05
C THR I 261 -32.51 14.98 26.54
N ALA I 262 -31.58 14.16 26.07
CA ALA I 262 -31.42 13.96 24.63
C ALA I 262 -32.66 13.32 24.02
N LEU I 263 -33.26 12.36 24.72
CA LEU I 263 -34.48 11.73 24.23
C LEU I 263 -35.62 12.74 24.13
N ARG I 264 -35.77 13.59 25.14
CA ARG I 264 -36.81 14.61 25.10
C ARG I 264 -36.54 15.62 23.99
N ALA I 265 -35.28 15.98 23.78
CA ALA I 265 -34.93 16.87 22.68
C ALA I 265 -35.26 16.24 21.34
N GLU I 266 -35.00 14.95 21.18
CA GLU I 266 -35.35 14.25 19.95
C GLU I 266 -36.86 14.22 19.74
N ILE I 267 -37.61 13.99 20.82
CA ILE I 267 -39.07 13.98 20.73
C ILE I 267 -39.58 15.35 20.28
N ARG I 268 -39.04 16.42 20.88
CA ARG I 268 -39.44 17.77 20.51
C ARG I 268 -39.06 18.07 19.06
N ALA I 269 -37.87 17.64 18.63
CA ALA I 269 -37.47 17.87 17.24
C ALA I 269 -38.40 17.15 16.28
N LYS I 270 -38.76 15.90 16.58
CA LYS I 270 -39.66 15.16 15.70
C LYS I 270 -41.04 15.81 15.65
N GLU I 271 -41.57 16.24 16.81
CA GLU I 271 -42.90 16.85 16.79
C GLU I 271 -42.89 18.20 16.09
N LYS I 272 -41.80 18.96 16.19
CA LYS I 272 -41.69 20.19 15.42
C LYS I 272 -41.58 19.90 13.93
N ASP I 273 -40.85 18.84 13.55
CA ASP I 273 -40.78 18.45 12.15
C ASP I 273 -42.15 18.09 11.60
N LEU I 274 -42.94 17.33 12.37
CA LEU I 274 -44.30 17.03 11.96
C LEU I 274 -45.16 18.29 11.91
N ASP I 275 -44.98 19.20 12.87
CA ASP I 275 -45.75 20.43 12.95
C ASP I 275 -45.07 21.61 12.27
N ASN I 276 -44.21 21.34 11.28
CA ASN I 276 -43.55 22.43 10.56
C ASN I 276 -44.56 23.18 9.71
N PRO I 277 -44.65 24.51 9.83
CA PRO I 277 -45.64 25.25 9.03
C PRO I 277 -45.49 25.06 7.53
N LEU I 278 -44.26 25.00 7.03
CA LEU I 278 -44.05 24.71 5.62
C LEU I 278 -44.50 23.30 5.27
N LEU I 279 -44.20 22.34 6.16
CA LEU I 279 -44.67 20.98 5.94
C LEU I 279 -46.19 20.91 6.02
N LYS I 280 -46.82 21.72 6.87
CA LYS I 280 -48.27 21.77 6.91
C LYS I 280 -48.85 22.35 5.62
N ALA I 281 -48.20 23.38 5.08
CA ALA I 281 -48.64 23.94 3.80
C ALA I 281 -48.53 22.91 2.68
N LEU I 282 -47.44 22.14 2.67
CA LEU I 282 -47.32 21.05 1.71
C LEU I 282 -48.37 19.97 1.97
N LEU I 283 -48.68 19.72 3.24
CA LEU I 283 -49.70 18.75 3.62
C LEU I 283 -51.07 19.13 3.09
N ALA I 284 -51.34 20.44 3.00
CA ALA I 284 -52.67 20.92 2.63
C ALA I 284 -53.11 20.50 1.23
N GLU I 285 -52.24 19.79 0.50
CA GLU I 285 -52.57 19.32 -0.84
C GLU I 285 -53.35 18.01 -0.76
N ASN I 286 -54.26 17.83 -1.72
CA ASN I 286 -55.13 16.65 -1.73
C ASN I 286 -54.34 15.38 -2.03
N LYS I 287 -53.60 15.37 -3.14
CA LYS I 287 -52.80 14.20 -3.48
C LYS I 287 -51.71 13.94 -2.44
N ASN I 288 -51.17 15.00 -1.85
CA ASN I 288 -50.21 14.84 -0.77
C ASN I 288 -50.87 14.36 0.51
N SER I 289 -52.20 14.50 0.63
CA SER I 289 -52.87 14.12 1.87
C SER I 289 -52.98 12.60 2.02
N GLU I 290 -53.10 11.88 0.91
CA GLU I 290 -53.18 10.41 0.97
C GLU I 290 -51.84 9.83 1.42
N THR I 291 -50.75 10.25 0.77
CA THR I 291 -49.44 9.87 1.27
C THR I 291 -49.19 10.48 2.65
N THR I 292 -49.77 11.65 2.92
CA THR I 292 -49.78 12.15 4.29
C THR I 292 -50.56 11.21 5.20
N LYS I 293 -51.70 10.72 4.74
CA LYS I 293 -52.48 9.77 5.54
C LYS I 293 -51.60 8.62 5.99
N LYS I 294 -50.96 7.94 5.03
CA LYS I 294 -50.12 6.79 5.37
C LYS I 294 -48.94 7.21 6.26
N LEU I 295 -48.12 8.14 5.78
CA LEU I 295 -46.88 8.47 6.46
C LEU I 295 -47.14 9.00 7.86
N LEU I 296 -48.13 9.87 8.03
CA LEU I 296 -48.37 10.47 9.33
C LEU I 296 -49.23 9.61 10.24
N GLU I 297 -50.01 8.64 9.73
CA GLU I 297 -50.57 7.68 10.68
C GLU I 297 -49.46 6.81 11.24
N ASP I 298 -48.50 6.41 10.40
CA ASP I 298 -47.33 5.70 10.90
C ASP I 298 -46.53 6.57 11.88
N HIS I 299 -46.39 7.86 11.56
CA HIS I 299 -45.65 8.77 12.42
C HIS I 299 -46.35 8.99 13.76
N GLN I 300 -47.69 9.09 13.75
CA GLN I 300 -48.43 9.25 15.00
C GLN I 300 -48.32 7.99 15.86
N ASN I 301 -48.39 6.81 15.24
CA ASN I 301 -48.18 5.58 16.00
C ASN I 301 -46.77 5.56 16.59
N SER I 302 -45.77 5.97 15.81
CA SER I 302 -44.40 6.01 16.32
C SER I 302 -44.26 7.00 17.47
N LEU I 303 -44.89 8.17 17.36
CA LEU I 303 -44.82 9.16 18.42
C LEU I 303 -45.47 8.63 19.69
N LYS I 304 -46.60 7.95 19.57
CA LYS I 304 -47.25 7.35 20.74
C LYS I 304 -46.36 6.29 21.36
N VAL I 305 -45.71 5.47 20.52
CA VAL I 305 -44.82 4.42 21.04
C VAL I 305 -43.65 5.04 21.79
N LEU I 306 -43.04 6.08 21.24
CA LEU I 306 -41.91 6.73 21.92
C LEU I 306 -42.34 7.45 23.19
N LYS I 307 -43.54 8.04 23.19
CA LYS I 307 -44.03 8.67 24.42
C LYS I 307 -44.26 7.62 25.50
N GLU I 308 -44.85 6.47 25.14
CA GLU I 308 -45.01 5.39 26.10
C GLU I 308 -43.66 4.86 26.56
N LYS I 309 -42.68 4.81 25.66
CA LYS I 309 -41.33 4.39 26.03
C LYS I 309 -40.73 5.34 27.06
N LEU I 310 -40.89 6.65 26.86
CA LEU I 310 -40.40 7.62 27.84
C LEU I 310 -41.13 7.46 29.17
N ASN I 311 -42.44 7.23 29.13
CA ASN I 311 -43.20 7.09 30.37
C ASN I 311 -42.78 5.84 31.14
N SER I 312 -42.54 4.73 30.44
CA SER I 312 -42.24 3.46 31.07
C SER I 312 -40.75 3.13 31.07
N TYR I 313 -39.90 4.12 30.80
CA TYR I 313 -38.46 3.87 30.73
C TYR I 313 -37.91 3.34 32.06
N TYR I 314 -38.30 3.98 33.16
CA TYR I 314 -37.83 3.54 34.47
C TYR I 314 -38.38 2.15 34.81
N SER I 315 -39.63 1.89 34.46
CA SER I 315 -40.25 0.61 34.80
C SER I 315 -39.57 -0.55 34.08
N VAL I 316 -39.23 -0.37 32.80
CA VAL I 316 -38.69 -1.48 32.02
C VAL I 316 -37.21 -1.71 32.33
N ASN I 317 -36.47 -0.66 32.69
CA ASN I 317 -35.04 -0.82 32.93
C ASN I 317 -34.78 -1.75 34.10
N SER I 318 -35.57 -1.63 35.17
CA SER I 318 -35.39 -2.51 36.32
C SER I 318 -35.68 -3.96 35.95
N LYS I 319 -36.72 -4.20 35.16
CA LYS I 319 -37.08 -5.57 34.80
C LYS I 319 -36.03 -6.20 33.90
N THR I 320 -35.56 -5.46 32.88
CA THR I 320 -34.52 -5.99 32.00
C THR I 320 -33.22 -6.21 32.76
N LEU I 321 -32.91 -5.33 33.70
CA LEU I 321 -31.71 -5.51 34.53
C LEU I 321 -31.80 -6.80 35.33
N HIS I 322 -32.99 -7.10 35.86
CA HIS I 322 -33.18 -8.33 36.63
C HIS I 322 -32.95 -9.55 35.76
N THR I 323 -33.48 -9.55 34.52
CA THR I 323 -33.29 -10.67 33.62
C THR I 323 -31.83 -10.82 33.23
N VAL I 324 -31.14 -9.71 32.98
CA VAL I 324 -29.72 -9.76 32.64
C VAL I 324 -28.92 -10.33 33.80
N GLU I 325 -29.22 -9.89 35.03
CA GLU I 325 -28.53 -10.41 36.20
C GLU I 325 -28.80 -11.90 36.37
N ASP I 326 -30.04 -12.34 36.15
CA ASP I 326 -30.35 -13.75 36.21
C ASP I 326 -29.55 -14.55 35.19
N ALA I 327 -29.45 -14.03 33.96
CA ALA I 327 -28.68 -14.70 32.93
C ALA I 327 -27.19 -14.53 33.14
N MET I 328 -26.77 -13.43 33.76
CA MET I 328 -25.35 -13.19 34.00
C MET I 328 -24.76 -14.31 34.85
N TYR I 329 -25.46 -14.70 35.90
CA TYR I 329 -25.02 -15.82 36.74
C TYR I 329 -26.12 -16.87 36.79
N SER I 330 -26.18 -17.71 35.76
CA SER I 330 -27.15 -18.79 35.70
C SER I 330 -26.52 -20.16 35.63
N PHE I 331 -25.60 -20.39 34.70
CA PHE I 331 -25.05 -21.72 34.44
C PHE I 331 -23.56 -21.81 34.75
N LEU I 332 -22.96 -20.75 35.30
CA LEU I 332 -21.61 -20.84 35.81
C LEU I 332 -21.67 -21.19 37.29
N PRO I 333 -21.10 -22.32 37.72
CA PRO I 333 -21.17 -22.70 39.14
C PRO I 333 -20.65 -21.59 40.04
N GLY I 334 -21.40 -21.31 41.11
CA GLY I 334 -21.05 -20.24 42.01
C GLY I 334 -21.58 -18.90 41.52
N PHE I 335 -20.84 -17.84 41.86
CA PHE I 335 -21.00 -16.55 41.21
C PHE I 335 -22.39 -15.96 41.39
N SER I 336 -22.72 -15.44 42.57
CA SER I 336 -24.01 -14.78 42.75
C SER I 336 -23.76 -13.34 43.16
N ASN I 337 -24.84 -12.55 43.20
CA ASN I 337 -24.81 -11.20 43.76
C ASN I 337 -23.84 -10.28 43.01
N LEU I 338 -23.91 -10.28 41.69
CA LEU I 338 -23.06 -9.41 40.88
C LEU I 338 -23.45 -7.94 41.02
N LYS I 339 -22.62 -7.15 41.68
CA LYS I 339 -22.87 -5.73 41.89
C LYS I 339 -21.64 -4.94 41.47
N LEU I 340 -21.88 -3.69 41.03
CA LEU I 340 -20.82 -2.81 40.55
C LEU I 340 -20.50 -1.79 41.63
N GLN I 341 -19.23 -1.75 42.04
CA GLN I 341 -18.77 -0.78 43.01
C GLN I 341 -18.65 0.59 42.38
N ARG I 342 -19.00 1.63 43.14
CA ARG I 342 -19.02 3.00 42.62
C ARG I 342 -17.69 3.72 42.83
N ALA I 343 -17.15 3.68 44.05
CA ALA I 343 -15.91 4.39 44.34
C ALA I 343 -14.73 3.89 43.53
N PRO I 344 -14.42 2.58 43.50
CA PRO I 344 -13.29 2.10 42.68
C PRO I 344 -13.65 1.51 41.32
N LEU I 345 -14.93 1.53 40.92
CA LEU I 345 -15.38 1.03 39.63
C LEU I 345 -14.94 -0.41 39.39
N ASP I 346 -15.44 -1.30 40.25
CA ASP I 346 -15.10 -2.71 40.18
C ASP I 346 -16.36 -3.56 40.13
N LEU I 347 -16.27 -4.69 39.44
CA LEU I 347 -17.37 -5.65 39.36
C LEU I 347 -17.12 -6.76 40.37
N ILE I 348 -18.07 -6.94 41.29
CA ILE I 348 -17.92 -7.84 42.42
C ILE I 348 -18.87 -9.01 42.24
N VAL I 349 -18.34 -10.23 42.42
CA VAL I 349 -19.14 -11.45 42.38
C VAL I 349 -18.85 -12.24 43.65
N ASP I 350 -19.78 -13.14 43.98
CA ASP I 350 -19.68 -13.96 45.18
C ASP I 350 -19.07 -15.30 44.84
N LYS I 351 -17.96 -15.63 45.50
CA LYS I 351 -17.31 -16.92 45.33
C LYS I 351 -16.77 -17.35 46.69
N ASN I 352 -17.42 -18.34 47.29
CA ASN I 352 -17.10 -18.78 48.65
C ASN I 352 -17.16 -17.61 49.63
N ASN I 353 -18.17 -16.76 49.47
CA ASN I 353 -18.41 -15.57 50.28
C ASN I 353 -17.28 -14.55 50.17
N VAL I 354 -16.41 -14.68 49.16
CA VAL I 354 -15.32 -13.74 48.96
C VAL I 354 -15.69 -12.80 47.84
N SER I 355 -15.47 -11.50 48.06
CA SER I 355 -15.80 -10.46 47.09
C SER I 355 -14.78 -10.52 45.95
N LEU I 356 -15.04 -11.41 45.00
CA LEU I 356 -14.16 -11.59 43.85
C LEU I 356 -14.37 -10.46 42.86
N SER I 357 -13.31 -9.73 42.54
CA SER I 357 -13.38 -8.63 41.60
C SER I 357 -13.37 -9.16 40.17
N VAL I 358 -13.43 -8.22 39.21
CA VAL I 358 -13.37 -8.60 37.81
C VAL I 358 -12.02 -9.21 37.44
N LEU I 359 -10.98 -8.94 38.21
CA LEU I 359 -9.65 -9.50 37.99
C LEU I 359 -9.37 -10.70 38.87
N GLN I 360 -10.38 -11.20 39.60
CA GLN I 360 -10.20 -12.35 40.47
C GLN I 360 -10.68 -13.65 39.86
N LEU I 361 -11.54 -13.60 38.85
CA LEU I 361 -12.04 -14.81 38.21
C LEU I 361 -10.94 -15.45 37.36
N SER I 362 -11.09 -16.75 37.13
CA SER I 362 -10.16 -17.47 36.26
C SER I 362 -10.36 -17.05 34.81
N GLN I 363 -9.38 -17.38 33.97
CA GLN I 363 -9.44 -16.99 32.57
C GLN I 363 -10.65 -17.62 31.87
N GLY I 364 -10.91 -18.89 32.14
CA GLY I 364 -12.10 -19.52 31.58
C GLY I 364 -13.38 -18.89 32.09
N GLU I 365 -13.42 -18.56 33.39
CA GLU I 365 -14.57 -17.85 33.92
C GLU I 365 -14.73 -16.49 33.26
N LYS I 366 -13.63 -15.76 33.08
CA LYS I 366 -13.72 -14.45 32.45
C LYS I 366 -14.24 -14.56 31.03
N THR I 367 -13.76 -15.54 30.26
CA THR I 367 -14.21 -15.64 28.88
C THR I 367 -15.65 -16.13 28.78
N ILE I 368 -16.08 -17.03 29.66
CA ILE I 368 -17.47 -17.50 29.59
C ILE I 368 -18.43 -16.39 30.01
N LEU I 369 -18.07 -15.61 31.04
CA LEU I 369 -18.88 -14.46 31.39
C LEU I 369 -18.90 -13.43 30.26
N ALA I 370 -17.76 -13.21 29.59
CA ALA I 370 -17.76 -12.30 28.45
C ALA I 370 -18.72 -12.77 27.38
N LEU I 371 -18.65 -14.05 27.02
CA LEU I 371 -19.54 -14.61 26.01
C LEU I 371 -21.00 -14.41 26.40
N ILE I 372 -21.38 -14.89 27.58
CA ILE I 372 -22.79 -14.86 27.97
C ILE I 372 -23.27 -13.42 28.11
N ALA I 373 -22.46 -12.55 28.71
CA ALA I 373 -22.86 -11.16 28.90
C ALA I 373 -23.05 -10.44 27.57
N ASP I 374 -22.13 -10.65 26.62
CA ASP I 374 -22.26 -9.97 25.34
C ASP I 374 -23.49 -10.45 24.57
N ILE I 375 -23.72 -11.76 24.55
CA ILE I 375 -24.90 -12.26 23.85
C ILE I 375 -26.18 -11.76 24.53
N ALA I 376 -26.21 -11.78 25.86
CA ALA I 376 -27.38 -11.30 26.59
C ALA I 376 -27.63 -9.82 26.33
N ARG I 377 -26.56 -9.01 26.33
CA ARG I 377 -26.71 -7.59 26.05
C ARG I 377 -27.26 -7.35 24.66
N ARG I 378 -26.73 -8.06 23.67
CA ARG I 378 -27.16 -7.85 22.30
C ARG I 378 -28.62 -8.27 22.12
N LEU I 379 -29.00 -9.41 22.70
CA LEU I 379 -30.39 -9.86 22.61
C LEU I 379 -31.33 -8.91 23.32
N THR I 380 -30.93 -8.39 24.49
CA THR I 380 -31.77 -7.46 25.22
C THR I 380 -31.96 -6.16 24.43
N LEU I 381 -30.89 -5.68 23.80
CA LEU I 381 -31.01 -4.50 22.96
C LEU I 381 -31.94 -4.75 21.79
N LEU I 382 -31.88 -5.94 21.20
CA LEU I 382 -32.74 -6.25 20.05
C LEU I 382 -34.19 -6.50 20.44
N ASN I 383 -34.46 -6.82 21.71
CA ASN I 383 -35.81 -7.14 22.18
C ASN I 383 -36.13 -6.31 23.41
N PRO I 384 -36.51 -5.05 23.22
CA PRO I 384 -36.81 -4.18 24.38
C PRO I 384 -38.07 -4.59 25.13
N ASN I 385 -39.18 -4.77 24.41
CA ASN I 385 -40.49 -5.00 25.03
C ASN I 385 -40.84 -6.48 25.15
N SER I 386 -39.95 -7.38 24.77
CA SER I 386 -40.23 -8.80 24.90
C SER I 386 -40.25 -9.21 26.36
N VAL I 387 -41.10 -10.18 26.68
CA VAL I 387 -41.16 -10.72 28.04
C VAL I 387 -39.86 -11.42 28.39
N ASN I 388 -39.26 -12.10 27.42
CA ASN I 388 -38.00 -12.83 27.61
C ASN I 388 -36.97 -12.40 26.57
N PRO I 389 -36.35 -11.23 26.76
CA PRO I 389 -35.34 -10.78 25.79
C PRO I 389 -34.18 -11.76 25.63
N LEU I 390 -33.91 -12.57 26.65
CA LEU I 390 -32.85 -13.56 26.55
C LEU I 390 -33.17 -14.66 25.54
N ASP I 391 -34.43 -14.79 25.12
CA ASP I 391 -34.78 -15.82 24.14
C ASP I 391 -34.45 -15.36 22.73
N GLY I 392 -35.12 -14.31 22.26
CA GLY I 392 -34.93 -13.70 20.96
C GLY I 392 -34.83 -14.72 19.84
N THR I 393 -34.05 -14.37 18.83
CA THR I 393 -33.74 -15.27 17.72
C THR I 393 -32.50 -14.76 17.02
N GLY I 394 -31.88 -15.64 16.25
CA GLY I 394 -30.73 -15.26 15.45
C GLY I 394 -29.72 -16.40 15.39
N ILE I 395 -28.51 -16.04 14.97
CA ILE I 395 -27.43 -17.00 14.76
C ILE I 395 -26.16 -16.45 15.41
N VAL I 396 -25.36 -17.36 15.98
CA VAL I 396 -24.11 -17.01 16.63
C VAL I 396 -23.03 -18.00 16.17
N LEU I 397 -21.88 -17.47 15.78
CA LEU I 397 -20.72 -18.29 15.41
C LEU I 397 -19.67 -18.18 16.51
N ILE I 398 -19.12 -19.32 16.90
CA ILE I 398 -18.10 -19.38 17.94
C ILE I 398 -16.92 -20.18 17.40
N ASP I 399 -15.71 -19.61 17.52
CA ASP I 399 -14.49 -20.26 17.10
C ASP I 399 -13.72 -20.68 18.35
N GLU I 400 -13.33 -21.96 18.40
CA GLU I 400 -12.61 -22.52 19.54
C GLU I 400 -13.41 -22.34 20.83
N ILE I 401 -14.58 -22.99 20.87
CA ILE I 401 -15.43 -22.90 22.06
C ILE I 401 -14.72 -23.49 23.27
N ASP I 402 -13.81 -24.43 23.05
CA ASP I 402 -13.03 -25.05 24.13
C ASP I 402 -11.95 -24.11 24.69
N LEU I 403 -11.96 -22.85 24.29
CA LEU I 403 -10.97 -21.89 24.78
C LEU I 403 -11.08 -21.73 26.29
N HIS I 404 -10.00 -22.06 26.99
CA HIS I 404 -9.82 -21.81 28.41
C HIS I 404 -10.80 -22.59 29.28
N LEU I 405 -11.46 -23.60 28.74
CA LEU I 405 -12.51 -24.33 29.46
C LEU I 405 -11.96 -25.63 30.03
N HIS I 406 -12.26 -25.89 31.30
CA HIS I 406 -11.93 -27.15 31.92
C HIS I 406 -12.75 -28.27 31.28
N PRO I 407 -12.23 -29.49 31.21
CA PRO I 407 -13.05 -30.60 30.70
C PRO I 407 -14.25 -30.92 31.57
N SER I 408 -14.28 -30.44 32.81
CA SER I 408 -15.48 -30.56 33.62
C SER I 408 -16.64 -29.78 33.00
N TRP I 409 -16.35 -28.60 32.44
CA TRP I 409 -17.38 -27.77 31.83
C TRP I 409 -17.51 -27.98 30.33
N GLN I 410 -16.51 -28.53 29.66
CA GLN I 410 -16.62 -28.78 28.23
C GLN I 410 -17.71 -29.80 27.90
N GLN I 411 -18.05 -30.68 28.85
CA GLN I 411 -19.18 -31.57 28.66
C GLN I 411 -20.50 -30.83 28.81
N ASN I 412 -20.54 -29.80 29.65
CA ASN I 412 -21.76 -29.07 29.97
C ASN I 412 -21.72 -27.64 29.43
N ILE I 413 -21.16 -27.45 28.25
CA ILE I 413 -21.09 -26.12 27.64
C ILE I 413 -22.16 -25.92 26.57
N ILE I 414 -22.33 -26.90 25.68
CA ILE I 414 -23.38 -26.83 24.66
C ILE I 414 -24.77 -26.92 25.29
N PRO I 415 -25.04 -27.88 26.20
CA PRO I 415 -26.38 -27.91 26.81
C PRO I 415 -26.74 -26.63 27.56
N ARG I 416 -25.79 -26.08 28.32
CA ARG I 416 -26.08 -24.85 29.06
C ARG I 416 -26.36 -23.68 28.12
N LEU I 417 -25.57 -23.57 27.04
CA LEU I 417 -25.80 -22.52 26.06
C LEU I 417 -27.15 -22.68 25.39
N GLU I 418 -27.54 -23.91 25.07
CA GLU I 418 -28.84 -24.15 24.46
C GLU I 418 -29.97 -23.80 25.40
N LYS I 419 -29.84 -24.15 26.69
CA LYS I 419 -30.89 -23.81 27.65
C LYS I 419 -30.98 -22.32 27.86
N THR I 420 -29.85 -21.61 27.85
CA THR I 420 -29.86 -20.17 28.06
C THR I 420 -30.56 -19.44 26.92
N PHE I 421 -30.28 -19.84 25.68
CA PHE I 421 -30.87 -19.23 24.49
C PHE I 421 -31.59 -20.32 23.69
N LYS I 422 -32.93 -20.26 23.68
CA LYS I 422 -33.72 -21.33 23.07
C LYS I 422 -33.71 -21.27 21.55
N ASN I 423 -33.74 -20.08 20.97
CA ASN I 423 -33.94 -19.90 19.54
C ASN I 423 -32.72 -19.29 18.86
N ILE I 424 -31.53 -19.75 19.21
CA ILE I 424 -30.29 -19.32 18.59
C ILE I 424 -29.61 -20.52 17.97
N GLN I 425 -29.33 -20.44 16.67
CA GLN I 425 -28.62 -21.50 15.98
C GLN I 425 -27.12 -21.30 16.18
N PHE I 426 -26.46 -22.32 16.72
CA PHE I 426 -25.05 -22.23 17.10
C PHE I 426 -24.20 -23.03 16.12
N ILE I 427 -23.17 -22.38 15.58
CA ILE I 427 -22.20 -23.02 14.70
C ILE I 427 -20.84 -22.84 15.36
N VAL I 428 -20.37 -23.87 16.06
CA VAL I 428 -19.16 -23.76 16.85
C VAL I 428 -18.14 -24.76 16.33
N THR I 429 -16.87 -24.43 16.53
CA THR I 429 -15.75 -25.31 16.21
C THR I 429 -15.03 -25.68 17.49
N THR I 430 -14.88 -26.98 17.73
CA THR I 430 -14.23 -27.47 18.94
C THR I 430 -13.22 -28.54 18.59
N HIS I 431 -12.19 -28.65 19.43
CA HIS I 431 -11.18 -29.69 19.30
C HIS I 431 -11.21 -30.69 20.45
N SER I 432 -11.67 -30.27 21.63
CA SER I 432 -11.71 -31.17 22.77
C SER I 432 -12.77 -32.24 22.56
N PRO I 433 -12.46 -33.51 22.88
CA PRO I 433 -13.46 -34.56 22.72
C PRO I 433 -14.68 -34.40 23.61
N GLN I 434 -14.56 -33.67 24.72
CA GLN I 434 -15.67 -33.56 25.66
C GLN I 434 -16.85 -32.80 25.05
N VAL I 435 -16.58 -31.75 24.29
CA VAL I 435 -17.66 -31.00 23.66
C VAL I 435 -18.33 -31.82 22.57
N CYS I 436 -17.60 -32.73 21.93
CA CYS I 436 -18.14 -33.47 20.80
C CYS I 436 -19.24 -34.43 21.22
N HIS I 437 -19.06 -35.14 22.32
CA HIS I 437 -19.96 -36.22 22.69
C HIS I 437 -21.08 -35.76 23.63
N THR I 438 -21.44 -34.47 23.61
CA THR I 438 -22.61 -33.99 24.31
C THR I 438 -23.73 -33.60 23.35
N ILE I 439 -23.59 -33.90 22.06
CA ILE I 439 -24.57 -33.57 21.04
C ILE I 439 -24.78 -34.80 20.17
N ASP I 440 -25.91 -34.81 19.47
CA ASP I 440 -26.24 -35.93 18.59
C ASP I 440 -25.26 -36.00 17.42
N SER I 441 -25.38 -37.09 16.64
CA SER I 441 -24.39 -37.38 15.62
C SER I 441 -24.52 -36.46 14.42
N GLN I 442 -25.71 -36.43 13.80
CA GLN I 442 -25.89 -35.79 12.50
C GLN I 442 -25.63 -34.29 12.52
N ASN I 443 -25.33 -33.72 13.68
CA ASN I 443 -24.98 -32.31 13.78
C ASN I 443 -23.47 -32.07 13.74
N ILE I 444 -22.67 -33.10 13.54
CA ILE I 444 -21.21 -33.00 13.52
C ILE I 444 -20.74 -33.23 12.10
N TRP I 445 -19.90 -32.31 11.60
CA TRP I 445 -19.29 -32.44 10.29
C TRP I 445 -17.78 -32.62 10.46
N LEU I 446 -17.23 -33.65 9.83
CA LEU I 446 -15.83 -34.01 9.97
C LEU I 446 -15.10 -33.55 8.71
N LEU I 447 -14.16 -32.61 8.88
CA LEU I 447 -13.48 -31.98 7.77
C LEU I 447 -12.02 -32.40 7.73
N LYS I 448 -11.59 -32.93 6.59
CA LYS I 448 -10.19 -33.28 6.38
C LYS I 448 -9.90 -33.29 4.90
N ASN I 449 -8.67 -32.90 4.54
CA ASN I 449 -8.18 -32.96 3.17
C ASN I 449 -9.05 -32.18 2.20
N GLY I 450 -9.71 -31.12 2.68
CA GLY I 450 -10.54 -30.30 1.83
C GLY I 450 -11.86 -30.91 1.44
N GLN I 451 -12.27 -32.00 2.08
CA GLN I 451 -13.53 -32.66 1.77
C GLN I 451 -14.32 -32.90 3.05
N LYS I 452 -15.64 -32.84 2.94
CA LYS I 452 -16.50 -33.13 4.07
C LYS I 452 -16.65 -34.64 4.24
N PHE I 453 -17.11 -35.04 5.42
CA PHE I 453 -17.38 -36.44 5.69
C PHE I 453 -18.57 -36.54 6.63
N LYS I 454 -19.42 -37.54 6.39
CA LYS I 454 -20.63 -37.71 7.17
C LYS I 454 -20.29 -38.05 8.62
N ALA I 455 -21.18 -37.64 9.52
CA ALA I 455 -20.94 -37.84 10.95
C ALA I 455 -20.92 -39.33 11.28
N PRO I 456 -19.95 -39.80 12.04
CA PRO I 456 -20.03 -41.16 12.58
C PRO I 456 -21.26 -41.29 13.48
N LYS I 457 -21.91 -42.45 13.40
CA LYS I 457 -23.18 -42.67 14.08
C LYS I 457 -22.93 -43.25 15.47
N GLY I 458 -23.46 -42.59 16.49
CA GLY I 458 -23.33 -43.06 17.85
C GLY I 458 -22.27 -42.32 18.65
N VAL I 459 -22.22 -41.00 18.51
CA VAL I 459 -21.21 -40.23 19.22
C VAL I 459 -21.72 -39.74 20.57
N ARG I 460 -23.01 -39.44 20.70
CA ARG I 460 -23.55 -38.98 21.97
C ARG I 460 -23.58 -40.12 22.98
N GLY I 461 -23.11 -39.83 24.19
CA GLY I 461 -23.12 -40.83 25.25
C GLY I 461 -22.07 -41.89 25.12
N ALA I 462 -21.11 -41.74 24.22
CA ALA I 462 -20.07 -42.73 24.01
C ALA I 462 -18.83 -42.39 24.83
N ILE I 463 -17.92 -43.37 24.93
CA ILE I 463 -16.69 -43.16 25.66
C ILE I 463 -15.83 -42.15 24.93
N SER I 464 -15.18 -41.26 25.70
CA SER I 464 -14.38 -40.20 25.09
C SER I 464 -13.21 -40.78 24.29
N SER I 465 -12.64 -41.89 24.76
CA SER I 465 -11.54 -42.51 24.03
C SER I 465 -11.99 -42.99 22.66
N TRP I 466 -13.19 -43.56 22.58
CA TRP I 466 -13.71 -43.99 21.28
C TRP I 466 -13.95 -42.81 20.36
N VAL I 467 -14.43 -41.69 20.91
CA VAL I 467 -14.64 -40.49 20.11
C VAL I 467 -13.31 -39.99 19.56
N LEU I 468 -12.27 -39.98 20.40
CA LEU I 468 -10.94 -39.59 19.94
C LEU I 468 -10.44 -40.52 18.85
N GLU I 469 -10.64 -41.83 19.02
CA GLU I 469 -10.11 -42.79 18.06
C GLU I 469 -10.85 -42.73 16.73
N ASN I 470 -12.15 -42.44 16.74
CA ASN I 470 -12.94 -42.47 15.52
C ASN I 470 -12.96 -41.11 14.82
N LEU I 471 -13.43 -40.08 15.51
CA LEU I 471 -13.60 -38.77 14.88
C LEU I 471 -12.26 -38.13 14.55
N PHE I 472 -11.44 -37.88 15.57
CA PHE I 472 -10.19 -37.15 15.38
C PHE I 472 -9.08 -37.99 14.78
N GLU I 473 -9.26 -39.32 14.70
CA GLU I 473 -8.23 -40.24 14.23
C GLU I 473 -6.95 -40.02 15.03
N VAL I 474 -7.05 -40.30 16.33
CA VAL I 474 -5.96 -40.13 17.27
C VAL I 474 -5.82 -41.42 18.07
N ALA I 475 -4.59 -41.92 18.18
CA ALA I 475 -4.35 -43.12 18.97
C ALA I 475 -4.68 -42.87 20.44
N GLN I 476 -5.38 -43.84 21.04
CA GLN I 476 -5.78 -43.70 22.44
C GLN I 476 -4.56 -43.69 23.36
N ARG I 477 -3.52 -44.45 23.02
CA ARG I 477 -2.27 -44.45 23.75
C ARG I 477 -1.16 -43.86 22.89
N PRO I 478 -0.12 -43.28 23.50
CA PRO I 478 0.98 -42.71 22.72
C PRO I 478 1.65 -43.76 21.86
N PRO I 479 1.86 -43.49 20.58
CA PRO I 479 2.59 -44.45 19.74
C PRO I 479 4.08 -44.41 19.95
N GLU I 480 4.60 -43.21 20.24
CA GLU I 480 6.05 -43.04 20.42
C GLU I 480 6.54 -43.54 21.77
N ASP I 481 5.67 -43.54 22.78
CA ASP I 481 6.09 -43.90 24.13
C ASP I 481 6.60 -45.33 24.17
N LYS I 482 7.71 -45.54 24.88
CA LYS I 482 8.31 -46.86 24.97
C LYS I 482 7.42 -47.81 25.77
N TYR I 483 6.77 -47.31 26.82
CA TYR I 483 5.95 -48.18 27.65
C TYR I 483 4.74 -48.72 26.89
N THR I 484 4.17 -47.91 26.00
CA THR I 484 3.07 -48.40 25.16
C THR I 484 3.55 -49.51 24.24
N LYS I 485 4.75 -49.36 23.66
CA LYS I 485 5.30 -50.43 22.84
C LYS I 485 5.55 -51.68 23.66
N LEU I 486 6.01 -51.52 24.91
CA LEU I 486 6.20 -52.67 25.79
C LEU I 486 4.88 -53.37 26.06
N LEU I 487 3.81 -52.59 26.30
CA LEU I 487 2.50 -53.19 26.53
C LEU I 487 2.01 -53.93 25.29
N GLN I 488 2.21 -53.34 24.10
CA GLN I 488 1.80 -54.01 22.87
C GLN I 488 2.58 -55.30 22.66
N GLU I 489 3.89 -55.28 22.93
CA GLU I 489 4.69 -56.50 22.79
C GLU I 489 4.26 -57.55 23.80
N TYR I 490 3.92 -57.14 25.03
CA TYR I 490 3.41 -58.08 26.01
C TYR I 490 2.10 -58.71 25.55
N LYS I 491 1.19 -57.91 25.00
CA LYS I 491 -0.07 -58.44 24.50
C LYS I 491 0.17 -59.42 23.35
N ASN I 492 1.12 -59.09 22.46
CA ASN I 492 1.46 -60.01 21.37
C ASN I 492 2.05 -61.31 21.93
N LEU I 493 2.91 -61.21 22.94
CA LEU I 493 3.53 -62.40 23.52
C LEU I 493 2.50 -63.29 24.19
N VAL I 494 1.50 -62.70 24.85
CA VAL I 494 0.44 -63.49 25.47
C VAL I 494 -0.32 -64.29 24.42
N PHE I 495 -0.59 -63.68 23.27
CA PHE I 495 -1.34 -64.32 22.19
C PHE I 495 -0.42 -64.96 21.15
N SER I 496 0.76 -65.44 21.55
CA SER I 496 1.68 -66.08 20.62
C SER I 496 2.28 -67.37 21.19
N GLU I 497 1.68 -67.93 22.24
CA GLU I 497 2.05 -69.22 22.81
C GLU I 497 3.43 -69.17 23.48
N LYS I 498 4.05 -67.99 23.55
CA LYS I 498 5.42 -67.85 24.02
C LYS I 498 5.53 -67.69 25.53
N TYR I 499 4.60 -68.26 26.29
CA TYR I 499 4.66 -68.15 27.75
C TYR I 499 5.95 -68.72 28.32
N ALA I 500 6.58 -69.66 27.62
CA ALA I 500 7.75 -70.35 28.16
C ALA I 500 8.87 -69.37 28.52
N SER I 501 8.97 -68.26 27.80
CA SER I 501 9.97 -67.24 28.10
C SER I 501 9.49 -66.40 29.27
N GLU I 502 10.20 -66.50 30.41
CA GLU I 502 9.83 -65.76 31.60
C GLU I 502 10.15 -64.27 31.50
N ASP I 503 10.89 -63.85 30.46
CA ASP I 503 11.12 -62.43 30.25
C ASP I 503 9.81 -61.68 30.07
N ALA I 504 8.83 -62.31 29.42
CA ALA I 504 7.51 -61.70 29.29
C ALA I 504 6.88 -61.49 30.67
N ARG I 505 7.01 -62.47 31.57
CA ARG I 505 6.42 -62.31 32.89
C ARG I 505 7.16 -61.28 33.73
N LYS I 506 8.49 -61.17 33.59
CA LYS I 506 9.19 -60.14 34.36
C LYS I 506 8.86 -58.74 33.82
N LEU I 507 8.69 -58.60 32.51
CA LEU I 507 8.19 -57.35 31.97
C LEU I 507 6.77 -57.06 32.47
N GLY I 508 5.93 -58.09 32.55
CA GLY I 508 4.61 -57.89 33.12
C GLY I 508 4.66 -57.46 34.56
N ALA I 509 5.61 -57.98 35.32
CA ALA I 509 5.80 -57.53 36.69
C ALA I 509 6.25 -56.07 36.75
N THR I 510 7.12 -55.67 35.81
CA THR I 510 7.54 -54.27 35.76
C THR I 510 6.36 -53.35 35.45
N LEU I 511 5.52 -53.73 34.49
CA LEU I 511 4.33 -52.93 34.21
C LEU I 511 3.31 -53.00 35.33
N SER I 512 3.29 -54.09 36.10
CA SER I 512 2.41 -54.15 37.25
C SER I 512 2.92 -53.25 38.38
N GLN I 513 4.23 -53.04 38.45
CA GLN I 513 4.78 -52.10 39.41
C GLN I 513 4.52 -50.66 38.99
N HIS I 514 4.66 -50.37 37.69
CA HIS I 514 4.52 -48.99 37.24
C HIS I 514 3.05 -48.62 37.03
N PHE I 515 2.38 -49.28 36.09
CA PHE I 515 0.96 -49.00 35.85
C PHE I 515 0.11 -49.38 37.05
N GLY I 516 0.41 -50.50 37.70
CA GLY I 516 -0.40 -51.03 38.76
C GLY I 516 -1.14 -52.29 38.33
N PRO I 517 -1.49 -53.14 39.30
CA PRO I 517 -2.24 -54.35 38.98
C PRO I 517 -3.72 -54.11 38.70
N ASP I 518 -4.17 -52.87 38.77
CA ASP I 518 -5.55 -52.52 38.46
C ASP I 518 -5.81 -52.33 36.98
N ASP I 519 -4.78 -52.43 36.15
CA ASP I 519 -4.96 -52.26 34.70
C ASP I 519 -5.85 -53.36 34.15
N GLU I 520 -6.94 -52.95 33.49
CA GLU I 520 -7.88 -53.92 32.95
C GLU I 520 -7.23 -54.79 31.88
N THR I 521 -6.36 -54.19 31.06
CA THR I 521 -5.65 -54.99 30.06
C THR I 521 -4.76 -56.04 30.71
N LEU I 522 -4.08 -55.68 31.79
CA LEU I 522 -3.24 -56.64 32.50
C LEU I 522 -4.07 -57.77 33.09
N VAL I 523 -5.24 -57.44 33.63
CA VAL I 523 -6.11 -58.47 34.22
C VAL I 523 -6.57 -59.45 33.16
N GLU I 524 -6.96 -58.95 31.98
CA GLU I 524 -7.40 -59.83 30.91
C GLU I 524 -6.27 -60.74 30.46
N LEU I 525 -5.06 -60.21 30.36
CA LEU I 525 -3.90 -61.03 30.00
C LEU I 525 -3.65 -62.09 31.06
N LYS I 526 -3.83 -61.73 32.33
CA LYS I 526 -3.68 -62.71 33.40
C LYS I 526 -4.69 -63.84 33.27
N LEU I 527 -5.95 -63.49 33.00
CA LEU I 527 -6.98 -64.52 32.83
C LEU I 527 -6.67 -65.42 31.63
N GLU I 528 -6.18 -64.83 30.53
CA GLU I 528 -5.82 -65.64 29.38
C GLU I 528 -4.67 -66.59 29.71
N ILE I 529 -3.69 -66.10 30.46
CA ILE I 529 -2.55 -66.93 30.86
C ILE I 529 -3.03 -68.10 31.71
N GLU I 530 -3.91 -67.82 32.68
CA GLU I 530 -4.45 -68.90 33.49
C GLU I 530 -5.31 -69.86 32.66
N LYS I 531 -6.00 -69.35 31.65
CA LYS I 531 -6.76 -70.22 30.76
C LYS I 531 -5.85 -71.23 30.07
N ARG I 532 -4.75 -70.75 29.48
CA ARG I 532 -3.87 -71.69 28.79
C ARG I 532 -3.09 -72.57 29.76
N ILE I 533 -2.82 -72.09 30.98
CA ILE I 533 -2.22 -72.95 31.99
C ILE I 533 -3.17 -74.08 32.37
N TRP I 534 -4.46 -73.76 32.52
CA TRP I 534 -5.47 -74.78 32.76
C TRP I 534 -5.53 -75.78 31.61
N GLU I 535 -5.42 -75.29 30.38
CA GLU I 535 -5.34 -76.20 29.24
C GLU I 535 -4.13 -77.11 29.36
N ASP I 536 -2.98 -76.56 29.77
CA ASP I 536 -1.77 -77.37 29.88
C ASP I 536 -1.92 -78.49 30.90
N ASP I 537 -2.38 -78.17 32.12
CA ASP I 537 -2.43 -79.25 33.10
C ASP I 537 -3.64 -80.15 32.90
N PHE I 538 -4.63 -79.72 32.13
CA PHE I 538 -5.67 -80.64 31.69
C PHE I 538 -5.12 -81.64 30.67
N GLU I 539 -4.25 -81.17 29.77
CA GLU I 539 -3.57 -82.08 28.86
C GLU I 539 -2.67 -83.04 29.63
N LYS I 540 -1.96 -82.53 30.64
CA LYS I 540 -1.08 -83.39 31.43
C LYS I 540 -1.87 -84.36 32.30
N ASP I 541 -3.11 -84.01 32.67
CA ASP I 541 -3.92 -84.90 33.50
C ASP I 541 -4.26 -86.18 32.76
N GLN I 542 -4.59 -86.08 31.48
CA GLN I 542 -4.95 -87.26 30.69
C GLN I 542 -3.71 -88.08 30.35
#